data_7V0O
#
_entry.id   7V0O
#
loop_
_entity.id
_entity.type
_entity.pdbx_description
1 polymer 'Spike glycoprotein E1'
2 polymer 'IgG 94 Fab heavy chain'
3 polymer 'IgG 94 Fab light chain'
4 polymer 'Spike glycoprotein E2'
#
loop_
_entity_poly.entity_id
_entity_poly.type
_entity_poly.pdbx_seq_one_letter_code
_entity_poly.pdbx_strand_id
1 'polypeptide(L)'
;YEHTAVMPNKVGIPYKALVERPGYAPVHLQIQLVNTRIIPSTNLEYITCKYKTKVPSPVVKCCGATQCTSKPHPDYQCQV
FTGVYPFMWGGAYCFCDTENTQMSEAYVERSEECSIDHAKAYKVHTGTVQAMVNITYGSVSWRSADVYVNGETPAKIGDA
KLIIGPLSSAWSPFDNKVVVYGHEVYNYDFPEYGTGKAGSFGDLQSRTSTSNDLYANTNLKLQRPQAGIVHTPFTQAPSG
FERWKRDKGAPLNDVAPFGCSIALEPLRAENCAVGSIPISIDIPDAAFTRISETPTVSDLECKITECTYASDFGGIATVA
YKSSKAGNCPIHSPSGVAVIKENDVTLAESGSFTFHFSTANIHPAFKLQVCTSAVTCKGDCKPPKDHIVDYPAQHTESFT
;
A,B,C,D
2 'polypeptide(L)'
;(UNK)(UNK)(UNK)(UNK)(UNK)(UNK)(UNK)(UNK)(UNK)(UNK)(UNK)(UNK)(UNK)(UNK)(UNK)(UNK)
(UNK)(UNK)(UNK)(UNK)(UNK)(UNK)(UNK)(UNK)(UNK)(UNK)(UNK)(UNK)(UNK)(UNK)(UNK)(UNK)
(UNK)(UNK)(UNK)(UNK)(UNK)(UNK)(UNK)(UNK)(UNK)(UNK)(UNK)(UNK)(UNK)(UNK)(UNK)(UNK)
(UNK)(UNK)(UNK)(UNK)(UNK)(UNK)(UNK)(UNK)(UNK)(UNK)(UNK)(UNK)(UNK)(UNK)(UNK)(UNK)
(UNK)(UNK)(UNK)(UNK)(UNK)(UNK)(UNK)(UNK)(UNK)(UNK)(UNK)(UNK)(UNK)(UNK)(UNK)(UNK)
(UNK)(UNK)(UNK)(UNK)(UNK)(UNK)(UNK)(UNK)(UNK)(UNK)(UNK)(UNK)(UNK)(UNK)(UNK)(UNK)
(UNK)(UNK)(UNK)(UNK)(UNK)(UNK)(UNK)(UNK)(UNK)(UNK)(UNK)(UNK)(UNK)(UNK)(UNK)(UNK)
(UNK)(UNK)(UNK)(UNK)(UNK)(UNK)(UNK)(UNK)(UNK)(UNK)(UNK)(UNK)(UNK)(UNK)(UNK)(UNK)
(UNK)(UNK)(UNK)(UNK)(UNK)(UNK)(UNK)(UNK)(UNK)(UNK)(UNK)(UNK)(UNK)(UNK)(UNK)(UNK)
(UNK)(UNK)(UNK)(UNK)(UNK)(UNK)(UNK)(UNK)(UNK)(UNK)(UNK)(UNK)(UNK)(UNK)(UNK)(UNK)
(UNK)(UNK)(UNK)(UNK)(UNK)(UNK)(UNK)(UNK)(UNK)(UNK)(UNK)(UNK)(UNK)(UNK)(UNK)(UNK)
(UNK)(UNK)(UNK)(UNK)(UNK)(UNK)(UNK)(UNK)(UNK)(UNK)(UNK)(UNK)(UNK)(UNK)(UNK)(UNK)
(UNK)(UNK)(UNK)(UNK)(UNK)(UNK)(UNK)(UNK)(UNK)(UNK)(UNK)(UNK)(UNK)(UNK)(UNK)(UNK)
(UNK)(UNK)(UNK)(UNK)(UNK)(UNK)(UNK)(UNK)(UNK)(UNK)(UNK)(UNK)(UNK)(UNK)
;
E,G,I,K
3 'polypeptide(L)'
;(UNK)(UNK)(UNK)(UNK)(UNK)(UNK)(UNK)(UNK)(UNK)(UNK)(UNK)(UNK)(UNK)(UNK)(UNK)(UNK)
(UNK)(UNK)(UNK)(UNK)(UNK)(UNK)(UNK)(UNK)(UNK)(UNK)(UNK)(UNK)(UNK)(UNK)(UNK)(UNK)
(UNK)(UNK)(UNK)(UNK)(UNK)(UNK)(UNK)(UNK)(UNK)(UNK)(UNK)(UNK)(UNK)(UNK)(UNK)(UNK)
(UNK)(UNK)(UNK)(UNK)(UNK)(UNK)(UNK)(UNK)(UNK)(UNK)(UNK)(UNK)(UNK)(UNK)(UNK)(UNK)
(UNK)(UNK)(UNK)(UNK)(UNK)(UNK)(UNK)(UNK)(UNK)(UNK)(UNK)(UNK)(UNK)(UNK)(UNK)(UNK)
(UNK)(UNK)(UNK)(UNK)(UNK)(UNK)(UNK)(UNK)(UNK)(UNK)(UNK)(UNK)(UNK)(UNK)(UNK)(UNK)
(UNK)(UNK)(UNK)(UNK)(UNK)(UNK)(UNK)(UNK)(UNK)(UNK)(UNK)(UNK)(UNK)(UNK)(UNK)(UNK)
(UNK)(UNK)(UNK)(UNK)(UNK)(UNK)(UNK)(UNK)(UNK)(UNK)(UNK)(UNK)(UNK)(UNK)(UNK)(UNK)
(UNK)(UNK)(UNK)(UNK)(UNK)(UNK)(UNK)(UNK)(UNK)(UNK)(UNK)(UNK)(UNK)(UNK)(UNK)(UNK)
(UNK)(UNK)(UNK)(UNK)(UNK)(UNK)(UNK)(UNK)(UNK)(UNK)(UNK)(UNK)(UNK)(UNK)(UNK)(UNK)
(UNK)(UNK)(UNK)(UNK)(UNK)(UNK)(UNK)(UNK)(UNK)(UNK)(UNK)(UNK)(UNK)(UNK)(UNK)(UNK)
(UNK)(UNK)(UNK)(UNK)(UNK)(UNK)(UNK)(UNK)(UNK)(UNK)(UNK)(UNK)(UNK)(UNK)(UNK)(UNK)
(UNK)(UNK)(UNK)(UNK)(UNK)(UNK)(UNK)(UNK)(UNK)(UNK)(UNK)(UNK)(UNK)(UNK)(UNK)(UNK)
(UNK)(UNK)(UNK)
;
F,H,J,L
4 'polypeptide(L)'
;DLDTHFTQYKLARPYIADCPNCGHSRCDSPIAIEEVRGDAHAGVIRIQTSAMFGLKTDGVDLAYMSFMNGKTQKSIKIDN
LHVRTSAPCSLVSHHGYYILAQCPPGDTVTVGFHDGPNRHTCTVAHKVEFRPVGREKYRHPPEHGVELPCNRYTHKRADQ
GHYVEMHQPGLVADHSLLSIHSAKVKITVPSGAQVKYYCKCPDVREGITSSDHTTTCTDVKQCRAYLIDNKKWVYNSGRL
PRGEGDTFKGKLHVPFVPVKAKCIATLAPEPLVEHKHRTLILHLHPDHPTLLTTRSLGSDANPTRQWIERPTTVNFTVTG
EGLEYTWGNHPPKRVWAQESGE
;
a,b,c,d
#
# COMPACT_ATOMS: atom_id res chain seq x y z
N TYR A 1 51.46 -13.95 20.07
CA TYR A 1 52.00 -12.87 20.96
C TYR A 1 50.90 -12.19 21.75
N GLU A 2 49.72 -12.79 21.82
CA GLU A 2 48.61 -12.14 22.50
C GLU A 2 48.91 -12.13 23.99
N HIS A 3 49.46 -11.02 24.46
CA HIS A 3 50.16 -10.99 25.74
C HIS A 3 49.17 -10.97 26.89
N THR A 4 48.74 -12.17 27.29
CA THR A 4 48.02 -12.32 28.54
C THR A 4 48.86 -11.79 29.69
N ALA A 5 48.18 -11.22 30.68
CA ALA A 5 48.88 -10.73 31.87
C ALA A 5 47.88 -10.52 32.99
N VAL A 6 48.06 -11.27 34.09
CA VAL A 6 47.41 -10.88 35.32
C VAL A 6 47.98 -9.54 35.74
N MET A 7 47.15 -8.72 36.37
CA MET A 7 47.47 -7.32 36.53
C MET A 7 46.76 -6.72 37.73
N PRO A 8 47.48 -6.11 38.68
CA PRO A 8 46.80 -5.60 39.88
C PRO A 8 45.89 -4.44 39.56
N ASN A 9 44.71 -4.47 40.16
CA ASN A 9 43.77 -3.35 40.06
C ASN A 9 44.26 -2.24 40.97
N LYS A 10 44.84 -1.22 40.37
CA LYS A 10 45.29 -0.04 41.09
C LYS A 10 45.49 1.06 40.06
N VAL A 11 45.05 2.26 40.40
CA VAL A 11 44.64 3.18 39.36
C VAL A 11 45.83 3.92 38.77
N GLY A 12 46.62 4.57 39.60
CA GLY A 12 47.39 5.70 39.14
C GLY A 12 48.84 5.41 38.88
N ILE A 13 49.12 4.28 38.24
CA ILE A 13 50.50 3.84 38.11
C ILE A 13 50.62 2.86 36.94
N PRO A 14 51.58 3.01 36.03
CA PRO A 14 51.69 2.08 34.91
C PRO A 14 52.24 0.74 35.35
N TYR A 15 52.15 -0.21 34.43
CA TYR A 15 52.35 -1.63 34.68
C TYR A 15 53.23 -2.23 33.58
N LYS A 16 54.42 -1.66 33.41
CA LYS A 16 55.14 -1.77 32.16
C LYS A 16 55.60 -3.19 31.86
N ALA A 17 54.66 -4.06 31.51
CA ALA A 17 54.99 -5.42 31.12
C ALA A 17 55.81 -5.44 29.83
N LEU A 18 56.22 -6.63 29.40
CA LEU A 18 57.13 -6.80 28.28
C LEU A 18 56.62 -7.89 27.37
N VAL A 19 56.53 -7.61 26.09
CA VAL A 19 56.07 -8.57 25.09
C VAL A 19 57.25 -9.45 24.69
N GLU A 20 57.21 -10.71 25.10
CA GLU A 20 58.23 -11.68 24.70
C GLU A 20 57.73 -12.53 23.54
N ARG A 21 57.55 -11.89 22.40
CA ARG A 21 57.20 -12.62 21.19
C ARG A 21 58.44 -13.39 20.70
N PRO A 22 58.40 -14.71 20.58
CA PRO A 22 59.55 -15.40 19.98
C PRO A 22 59.68 -15.06 18.51
N GLY A 23 60.79 -14.40 18.16
CA GLY A 23 61.16 -14.20 16.77
C GLY A 23 61.54 -12.78 16.42
N TYR A 24 60.83 -11.81 16.98
CA TYR A 24 61.10 -10.40 16.73
C TYR A 24 61.45 -9.72 18.04
N ALA A 25 61.81 -8.46 17.95
CA ALA A 25 62.28 -7.74 19.12
C ALA A 25 61.14 -7.58 20.12
N PRO A 26 61.39 -7.73 21.41
CA PRO A 26 60.32 -7.50 22.38
C PRO A 26 59.94 -6.03 22.43
N VAL A 27 58.76 -5.79 23.00
CA VAL A 27 58.26 -4.44 23.18
C VAL A 27 57.68 -4.34 24.57
N HIS A 28 57.95 -3.21 25.21
CA HIS A 28 57.43 -2.91 26.52
C HIS A 28 55.96 -2.52 26.44
N LEU A 29 55.28 -2.71 27.55
CA LEU A 29 53.98 -2.11 27.79
C LEU A 29 54.12 -0.87 28.65
N GLN A 30 53.06 -0.09 28.71
CA GLN A 30 52.88 0.86 29.80
C GLN A 30 51.38 0.95 30.01
N ILE A 31 50.86 0.12 30.90
CA ILE A 31 49.43 0.01 31.11
C ILE A 31 49.11 0.69 32.42
N GLN A 32 48.50 1.86 32.32
CA GLN A 32 48.09 2.66 33.47
C GLN A 32 46.57 2.69 33.49
N LEU A 33 45.99 1.97 34.45
CA LEU A 33 44.55 1.95 34.63
C LEU A 33 44.10 3.26 35.27
N VAL A 34 44.06 4.31 34.46
CA VAL A 34 43.80 5.67 34.94
C VAL A 34 42.49 5.77 35.71
N ASN A 35 41.55 4.88 35.46
CA ASN A 35 40.30 4.91 36.18
C ASN A 35 39.73 3.50 36.31
N THR A 36 38.89 3.33 37.33
CA THR A 36 38.18 2.08 37.61
C THR A 36 36.73 2.40 37.93
N ARG A 37 36.09 3.19 37.06
CA ARG A 37 34.72 3.57 37.32
C ARG A 37 33.79 2.41 36.99
N ILE A 38 32.79 2.22 37.83
CA ILE A 38 32.15 0.92 38.02
C ILE A 38 30.78 0.87 37.36
N ILE A 39 29.84 1.69 37.82
CA ILE A 39 28.52 1.81 37.23
C ILE A 39 27.84 0.45 37.38
N PRO A 40 27.43 0.10 38.58
CA PRO A 40 26.65 -1.12 38.75
C PRO A 40 25.27 -0.98 38.15
N SER A 41 24.60 -2.13 38.05
CA SER A 41 23.21 -2.15 37.65
C SER A 41 22.35 -1.71 38.82
N THR A 42 21.41 -0.81 38.55
CA THR A 42 20.65 -0.17 39.60
C THR A 42 19.21 0.04 39.14
N ASN A 43 18.40 0.58 40.06
CA ASN A 43 17.01 0.89 39.78
C ASN A 43 16.60 2.05 40.65
N LEU A 44 16.04 3.08 40.04
CA LEU A 44 15.47 4.17 40.81
C LEU A 44 14.18 3.67 41.46
N GLU A 45 14.21 3.55 42.78
CA GLU A 45 13.10 2.98 43.52
C GLU A 45 12.11 4.04 43.97
N TYR A 46 12.63 5.09 44.59
CA TYR A 46 11.80 6.23 44.92
C TYR A 46 12.71 7.38 45.31
N ILE A 47 12.37 8.54 44.82
CA ILE A 47 12.93 9.75 45.40
C ILE A 47 12.22 9.99 46.71
N THR A 48 12.94 10.52 47.67
CA THR A 48 12.32 11.16 48.81
C THR A 48 12.90 12.55 48.96
N CYS A 49 12.27 13.29 49.86
CA CYS A 49 12.52 14.71 50.05
C CYS A 49 11.65 15.09 51.24
N LYS A 50 11.80 16.31 51.69
CA LYS A 50 10.96 16.77 52.77
C LYS A 50 9.61 17.18 52.21
N TYR A 51 8.57 16.88 52.97
CA TYR A 51 7.21 17.19 52.60
C TYR A 51 7.03 18.69 52.47
N LYS A 52 5.85 19.10 52.04
CA LYS A 52 5.32 20.43 52.34
C LYS A 52 3.84 20.28 52.60
N THR A 53 3.42 20.58 53.81
CA THR A 53 2.01 20.52 54.18
C THR A 53 1.32 21.70 53.53
N LYS A 54 1.09 21.58 52.23
CA LYS A 54 0.48 22.65 51.45
C LYS A 54 -1.03 22.55 51.66
N VAL A 55 -1.45 23.10 52.79
CA VAL A 55 -2.81 23.03 53.29
C VAL A 55 -3.79 23.62 52.27
N PRO A 56 -4.80 22.88 51.81
CA PRO A 56 -5.93 23.55 51.17
C PRO A 56 -6.76 24.27 52.19
N SER A 57 -7.29 25.39 51.76
CA SER A 57 -7.89 26.35 52.65
C SER A 57 -9.17 25.79 53.27
N PRO A 58 -9.29 25.73 54.59
CA PRO A 58 -10.41 25.00 55.20
C PRO A 58 -11.76 25.62 54.90
N VAL A 59 -12.76 24.77 54.98
CA VAL A 59 -14.14 25.21 54.89
C VAL A 59 -14.60 25.67 56.25
N VAL A 60 -15.47 26.67 56.24
CA VAL A 60 -16.12 27.15 57.45
C VAL A 60 -17.60 27.32 57.14
N LYS A 61 -18.39 26.31 57.47
CA LYS A 61 -19.83 26.46 57.44
C LYS A 61 -20.29 27.08 58.74
N CYS A 62 -21.20 28.05 58.62
CA CYS A 62 -21.50 28.91 59.76
C CYS A 62 -22.52 28.33 60.71
N CYS A 63 -23.47 27.54 60.21
CA CYS A 63 -24.50 26.97 61.08
C CYS A 63 -24.80 25.56 60.57
N GLY A 64 -24.09 24.60 61.13
CA GLY A 64 -24.30 23.19 60.87
C GLY A 64 -23.06 22.55 60.27
N ALA A 65 -23.16 21.23 60.10
CA ALA A 65 -21.99 20.42 59.82
C ALA A 65 -21.65 20.41 58.34
N THR A 66 -20.38 20.12 58.07
CA THR A 66 -19.87 19.89 56.72
C THR A 66 -19.07 18.60 56.78
N GLN A 67 -19.67 17.48 56.41
CA GLN A 67 -18.96 16.22 56.41
C GLN A 67 -17.84 16.26 55.40
N CYS A 68 -16.66 15.80 55.82
CA CYS A 68 -15.52 15.67 54.94
C CYS A 68 -15.52 14.32 54.26
N THR A 69 -14.84 14.26 53.12
CA THR A 69 -14.60 13.02 52.40
C THR A 69 -13.10 12.82 52.23
N SER A 70 -12.72 11.56 52.03
CA SER A 70 -11.32 11.19 51.93
C SER A 70 -10.87 11.38 50.49
N LYS A 71 -10.45 12.60 50.17
CA LYS A 71 -9.97 12.89 48.84
C LYS A 71 -8.70 12.09 48.57
N PRO A 72 -8.39 11.81 47.31
CA PRO A 72 -7.26 10.93 47.00
C PRO A 72 -5.90 11.59 47.04
N HIS A 73 -5.77 12.79 47.61
CA HIS A 73 -4.47 13.41 47.71
C HIS A 73 -3.56 12.54 48.58
N PRO A 74 -2.24 12.60 48.39
CA PRO A 74 -1.35 11.79 49.23
C PRO A 74 -1.43 12.20 50.69
N ASP A 75 -1.77 11.23 51.54
CA ASP A 75 -1.93 11.46 52.97
C ASP A 75 -2.94 12.56 53.22
N TYR A 76 -4.09 12.44 52.56
CA TYR A 76 -5.10 13.47 52.66
C TYR A 76 -5.73 13.40 54.03
N GLN A 77 -5.19 14.17 54.96
CA GLN A 77 -5.74 14.25 56.30
C GLN A 77 -6.80 15.34 56.31
N CYS A 78 -8.00 14.98 56.75
CA CYS A 78 -9.10 15.92 56.85
C CYS A 78 -9.97 15.51 58.02
N GLN A 79 -10.33 16.49 58.83
CA GLN A 79 -11.14 16.26 60.02
C GLN A 79 -12.08 17.42 60.20
N VAL A 80 -13.37 17.14 60.24
CA VAL A 80 -14.36 18.15 60.53
C VAL A 80 -14.17 18.63 61.96
N PHE A 81 -14.50 19.89 62.19
CA PHE A 81 -14.48 20.45 63.52
C PHE A 81 -15.64 21.41 63.70
N THR A 82 -16.23 21.38 64.88
CA THR A 82 -17.29 22.29 65.27
C THR A 82 -16.79 23.14 66.44
N GLY A 83 -17.71 23.92 66.99
CA GLY A 83 -17.40 24.69 68.18
C GLY A 83 -16.34 25.74 67.92
N VAL A 84 -16.58 26.59 66.95
CA VAL A 84 -15.69 27.70 66.64
C VAL A 84 -16.50 28.99 66.60
N TYR A 85 -15.82 30.08 66.31
CA TYR A 85 -16.39 31.42 66.32
C TYR A 85 -15.35 32.28 65.61
N PRO A 86 -15.12 32.02 64.33
CA PRO A 86 -13.84 32.38 63.70
C PRO A 86 -13.62 33.87 63.50
N PHE A 87 -12.76 34.46 64.33
CA PHE A 87 -12.38 35.85 64.14
C PHE A 87 -11.68 36.03 62.81
N MET A 88 -12.33 36.74 61.88
CA MET A 88 -11.76 37.00 60.56
C MET A 88 -12.09 38.44 60.19
N TRP A 89 -11.25 39.37 60.64
CA TRP A 89 -11.20 40.75 60.16
C TRP A 89 -12.37 41.63 60.62
N GLY A 90 -13.40 41.05 61.20
CA GLY A 90 -14.56 41.80 61.67
C GLY A 90 -15.01 41.24 62.99
N GLY A 91 -14.06 40.74 63.78
CA GLY A 91 -14.42 39.80 64.80
C GLY A 91 -14.83 38.51 64.12
N ALA A 92 -15.66 37.73 64.79
CA ALA A 92 -16.22 36.56 64.14
C ALA A 92 -17.11 37.00 62.98
N TYR A 93 -17.53 36.02 62.18
CA TYR A 93 -18.45 36.31 61.09
C TYR A 93 -19.63 35.34 61.02
N CYS A 94 -19.43 34.11 61.47
CA CYS A 94 -20.55 33.16 61.52
C CYS A 94 -21.38 33.42 62.76
N PHE A 95 -22.68 33.63 62.57
CA PHE A 95 -23.52 34.17 63.64
C PHE A 95 -23.91 33.13 64.68
N CYS A 96 -23.89 31.84 64.33
CA CYS A 96 -24.08 30.82 65.34
C CYS A 96 -22.88 30.80 66.28
N ASP A 97 -22.90 29.90 67.27
CA ASP A 97 -21.86 29.82 68.28
C ASP A 97 -21.35 28.42 68.56
N THR A 98 -22.10 27.37 68.25
CA THR A 98 -21.62 26.00 68.30
C THR A 98 -21.82 25.30 66.98
N GLU A 99 -22.88 25.66 66.25
CA GLU A 99 -23.09 25.17 64.90
C GLU A 99 -22.08 25.73 63.92
N ASN A 100 -21.32 26.75 64.34
CA ASN A 100 -20.14 27.18 63.59
C ASN A 100 -19.25 25.98 63.37
N THR A 101 -19.09 25.58 62.11
CA THR A 101 -18.35 24.39 61.74
C THR A 101 -17.12 24.79 60.95
N GLN A 102 -16.04 24.06 61.14
CA GLN A 102 -14.77 24.29 60.48
C GLN A 102 -14.23 22.94 60.05
N MET A 103 -14.01 22.78 58.75
CA MET A 103 -13.49 21.54 58.19
C MET A 103 -12.07 21.81 57.72
N SER A 104 -11.11 21.26 58.44
CA SER A 104 -9.71 21.38 58.09
C SER A 104 -9.31 20.20 57.23
N GLU A 105 -8.53 20.48 56.19
CA GLU A 105 -8.01 19.45 55.30
C GLU A 105 -6.59 19.80 54.95
N ALA A 106 -5.73 18.79 54.94
CA ALA A 106 -4.34 18.99 54.59
C ALA A 106 -3.80 17.70 54.00
N TYR A 107 -3.10 17.82 52.88
CA TYR A 107 -2.43 16.70 52.25
C TYR A 107 -0.96 17.00 52.12
N VAL A 108 -0.21 15.96 51.93
CA VAL A 108 1.23 16.03 51.76
C VAL A 108 1.54 16.21 50.30
N GLU A 109 2.58 16.99 50.02
CA GLU A 109 3.01 17.22 48.66
C GLU A 109 4.52 17.39 48.63
N ARG A 110 5.10 16.97 47.51
CA ARG A 110 6.52 17.17 47.28
C ARG A 110 6.86 18.64 47.41
N SER A 111 7.97 18.92 48.09
CA SER A 111 8.49 20.27 48.10
C SER A 111 8.93 20.67 46.71
N GLU A 112 9.17 21.96 46.56
CA GLU A 112 9.86 22.41 45.35
C GLU A 112 11.30 21.95 45.35
N GLU A 113 11.87 21.76 46.54
CA GLU A 113 13.21 21.21 46.66
C GLU A 113 13.26 19.75 46.29
N CYS A 114 12.13 19.05 46.33
CA CYS A 114 12.10 17.64 45.98
C CYS A 114 12.65 17.42 44.58
N SER A 115 12.42 18.37 43.68
CA SER A 115 12.92 18.23 42.32
C SER A 115 14.44 18.20 42.29
N ILE A 116 15.07 18.92 43.21
CA ILE A 116 16.47 19.29 43.07
C ILE A 116 17.30 18.85 44.27
N ASP A 117 16.80 19.05 45.48
CA ASP A 117 17.46 18.65 46.70
C ASP A 117 16.67 17.49 47.26
N HIS A 118 17.14 16.28 47.00
CA HIS A 118 16.33 15.10 47.25
C HIS A 118 17.23 13.91 47.43
N ALA A 119 16.97 13.13 48.46
CA ALA A 119 17.62 11.85 48.54
C ALA A 119 17.04 10.94 47.48
N LYS A 120 17.69 9.80 47.28
CA LYS A 120 17.33 8.96 46.15
C LYS A 120 17.77 7.54 46.47
N ALA A 121 16.80 6.66 46.60
CA ALA A 121 17.07 5.27 46.92
C ALA A 121 17.39 4.49 45.67
N TYR A 122 17.96 3.30 45.86
CA TYR A 122 18.26 2.42 44.76
C TYR A 122 18.36 1.00 45.26
N LYS A 123 17.89 0.06 44.45
CA LYS A 123 18.29 -1.34 44.57
C LYS A 123 19.45 -1.56 43.61
N VAL A 124 20.61 -1.89 44.16
CA VAL A 124 21.87 -1.86 43.42
C VAL A 124 22.35 -3.28 43.23
N HIS A 125 22.49 -3.66 41.97
CA HIS A 125 23.11 -4.89 41.53
C HIS A 125 24.56 -4.61 41.14
N THR A 126 25.19 -5.54 40.42
CA THR A 126 26.64 -5.49 40.26
C THR A 126 27.12 -4.72 39.03
N GLY A 127 26.45 -4.85 37.88
CA GLY A 127 26.88 -4.19 36.64
C GLY A 127 28.29 -4.53 36.20
N THR A 128 28.96 -3.54 35.60
CA THR A 128 30.14 -3.80 34.76
C THR A 128 31.10 -2.62 34.82
N VAL A 129 32.36 -2.87 35.20
CA VAL A 129 33.30 -1.80 35.49
C VAL A 129 34.08 -1.38 34.25
N GLN A 130 34.61 -0.15 34.28
CA GLN A 130 35.18 0.52 33.12
C GLN A 130 36.51 1.19 33.48
N ALA A 131 37.16 1.81 32.48
CA ALA A 131 38.46 2.45 32.65
C ALA A 131 38.85 3.20 31.39
N MET A 132 39.52 4.36 31.55
CA MET A 132 40.06 5.12 30.40
C MET A 132 41.52 4.79 30.15
N VAL A 133 41.83 3.51 30.00
CA VAL A 133 43.19 3.02 30.05
C VAL A 133 44.08 3.78 29.09
N ASN A 134 45.08 4.51 29.61
CA ASN A 134 46.13 4.98 28.74
C ASN A 134 47.13 3.86 28.57
N ILE A 135 47.57 3.68 27.33
CA ILE A 135 48.83 3.02 27.06
C ILE A 135 49.61 3.94 26.14
N THR A 136 50.74 4.43 26.63
CA THR A 136 51.72 5.08 25.78
C THR A 136 52.64 3.98 25.24
N TYR A 137 52.08 3.21 24.31
CA TYR A 137 52.65 1.91 23.96
C TYR A 137 53.94 2.04 23.16
N GLY A 138 54.90 1.17 23.49
CA GLY A 138 56.02 0.82 22.62
C GLY A 138 56.73 2.01 22.02
N SER A 139 56.57 2.14 20.71
CA SER A 139 56.84 3.38 20.01
C SER A 139 55.57 4.07 19.54
N VAL A 140 54.41 3.45 19.71
CA VAL A 140 53.15 4.12 19.40
C VAL A 140 53.02 5.36 20.26
N SER A 141 53.33 5.23 21.54
CA SER A 141 53.42 6.32 22.51
C SER A 141 52.09 6.87 22.93
N TRP A 142 50.96 6.37 22.43
CA TRP A 142 49.68 6.91 22.86
C TRP A 142 48.45 6.10 22.48
N ARG A 143 47.59 5.88 23.47
CA ARG A 143 46.17 5.65 23.27
C ARG A 143 45.54 5.86 24.63
N SER A 144 44.49 6.66 24.71
CA SER A 144 43.75 6.87 25.96
C SER A 144 42.30 6.52 25.68
N ALA A 145 41.96 5.25 25.90
CA ALA A 145 40.70 4.68 25.46
C ALA A 145 39.88 4.20 26.65
N ASP A 146 38.56 4.32 26.49
CA ASP A 146 37.62 3.82 27.47
C ASP A 146 37.29 2.37 27.14
N VAL A 147 37.35 1.51 28.15
CA VAL A 147 37.25 0.07 27.97
C VAL A 147 36.26 -0.49 28.97
N TYR A 148 36.13 -1.80 28.95
CA TYR A 148 35.33 -2.57 29.88
C TYR A 148 36.22 -3.56 30.62
N VAL A 149 35.57 -4.44 31.37
CA VAL A 149 36.21 -5.45 32.19
C VAL A 149 35.84 -6.85 31.78
N ASN A 150 34.71 -7.02 31.11
CA ASN A 150 34.22 -8.35 30.79
C ASN A 150 35.17 -9.01 29.79
N GLY A 151 35.61 -10.21 30.12
CA GLY A 151 36.79 -10.77 29.48
C GLY A 151 36.60 -11.31 28.08
N GLU A 152 35.82 -10.60 27.26
CA GLU A 152 35.90 -10.79 25.82
C GLU A 152 35.73 -9.49 25.04
N THR A 153 35.69 -8.34 25.72
CA THR A 153 35.49 -7.09 25.04
C THR A 153 36.83 -6.53 24.58
N PRO A 154 37.04 -6.33 23.29
CA PRO A 154 38.14 -5.48 22.84
C PRO A 154 37.74 -4.01 22.80
N ALA A 155 38.75 -3.17 22.60
CA ALA A 155 38.51 -1.76 22.30
C ALA A 155 39.64 -1.30 21.37
N LYS A 156 39.38 -1.37 20.08
CA LYS A 156 40.36 -1.01 19.07
C LYS A 156 40.36 0.50 18.89
N ILE A 157 40.91 1.17 19.89
CA ILE A 157 41.13 2.61 19.88
C ILE A 157 42.63 2.82 19.98
N GLY A 158 43.21 3.46 18.97
CA GLY A 158 44.64 3.46 18.76
C GLY A 158 44.96 2.50 17.65
N ASP A 159 45.75 1.47 17.96
CA ASP A 159 45.99 0.36 17.04
C ASP A 159 45.90 -1.00 17.72
N ALA A 160 45.98 -1.06 19.04
CA ALA A 160 46.03 -2.32 19.75
C ALA A 160 44.65 -2.77 20.17
N LYS A 161 44.46 -4.07 20.17
CA LYS A 161 43.24 -4.71 20.62
C LYS A 161 43.51 -5.35 21.97
N LEU A 162 42.68 -5.00 22.96
CA LEU A 162 42.97 -5.29 24.36
C LEU A 162 41.74 -5.84 25.04
N ILE A 163 41.91 -6.94 25.75
CA ILE A 163 40.83 -7.61 26.46
C ILE A 163 41.19 -7.63 27.92
N ILE A 164 40.22 -7.27 28.74
CA ILE A 164 40.42 -6.96 30.14
C ILE A 164 39.50 -7.85 30.95
N GLY A 165 39.99 -8.26 32.12
CA GLY A 165 39.17 -8.91 33.10
C GLY A 165 38.55 -10.19 32.59
N PRO A 166 37.50 -10.69 33.26
CA PRO A 166 36.83 -10.12 34.42
C PRO A 166 37.67 -10.14 35.67
N LEU A 167 37.60 -9.06 36.44
CA LEU A 167 38.37 -8.98 37.66
C LEU A 167 37.86 -10.01 38.66
N SER A 168 38.75 -10.44 39.54
CA SER A 168 38.41 -11.40 40.57
C SER A 168 37.84 -10.75 41.81
N SER A 169 37.99 -9.44 41.96
CA SER A 169 37.68 -8.74 43.21
C SER A 169 36.31 -8.10 43.10
N ALA A 170 35.29 -8.93 43.27
CA ALA A 170 33.92 -8.53 42.99
C ALA A 170 33.29 -7.70 44.10
N TRP A 171 34.07 -7.11 44.99
CA TRP A 171 33.51 -6.28 46.04
C TRP A 171 32.94 -5.03 45.38
N SER A 172 31.64 -5.02 45.20
CA SER A 172 30.96 -3.79 44.89
C SER A 172 30.89 -2.98 46.18
N PRO A 173 31.56 -1.84 46.30
CA PRO A 173 31.48 -1.09 47.56
C PRO A 173 30.08 -0.63 47.86
N PHE A 174 29.28 -0.40 46.83
CA PHE A 174 27.85 -0.23 47.04
C PHE A 174 27.28 -1.49 47.67
N ASP A 175 26.42 -1.31 48.65
CA ASP A 175 25.61 -2.40 49.16
C ASP A 175 24.46 -2.66 48.20
N ASN A 176 23.59 -3.61 48.55
CA ASN A 176 22.42 -3.86 47.75
C ASN A 176 21.50 -2.64 47.73
N LYS A 177 21.18 -2.12 48.90
CA LYS A 177 20.32 -0.96 49.05
C LYS A 177 21.18 0.26 49.30
N VAL A 178 20.89 1.33 48.57
CA VAL A 178 21.68 2.55 48.63
C VAL A 178 20.73 3.74 48.60
N VAL A 179 21.07 4.76 49.37
CA VAL A 179 20.48 6.08 49.23
C VAL A 179 21.54 6.99 48.68
N VAL A 180 21.10 7.99 47.93
CA VAL A 180 21.98 8.89 47.20
C VAL A 180 21.46 10.30 47.39
N TYR A 181 22.39 11.25 47.58
CA TYR A 181 22.02 12.62 47.88
C TYR A 181 23.06 13.56 47.27
N GLY A 182 22.75 14.06 46.09
CA GLY A 182 23.50 15.16 45.52
C GLY A 182 24.87 14.74 45.06
N HIS A 183 25.75 14.48 46.02
CA HIS A 183 26.99 13.76 45.78
C HIS A 183 27.34 12.75 46.86
N GLU A 184 26.81 12.91 48.06
CA GLU A 184 27.12 12.00 49.15
C GLU A 184 26.23 10.77 49.04
N VAL A 185 26.86 9.62 48.86
CA VAL A 185 26.17 8.37 48.61
C VAL A 185 26.22 7.53 49.87
N TYR A 186 25.06 7.01 50.27
CA TYR A 186 24.89 6.32 51.53
C TYR A 186 24.38 4.92 51.24
N ASN A 187 25.15 3.92 51.65
CA ASN A 187 24.80 2.52 51.45
C ASN A 187 23.80 2.09 52.52
N TYR A 188 22.66 2.75 52.49
CA TYR A 188 21.69 2.70 53.57
C TYR A 188 20.58 1.72 53.24
N ASP A 189 20.17 0.97 54.25
CA ASP A 189 19.01 0.10 54.14
C ASP A 189 17.77 0.98 54.24
N PHE A 190 17.49 1.68 53.15
CA PHE A 190 16.27 2.45 53.10
C PHE A 190 15.09 1.51 53.29
N PRO A 191 14.03 1.91 54.01
CA PRO A 191 13.00 0.94 54.36
C PRO A 191 12.35 0.33 53.13
N GLU A 192 11.64 1.15 52.35
CA GLU A 192 11.13 0.80 51.03
C GLU A 192 10.27 1.95 50.55
N TYR A 193 9.96 2.00 49.26
CA TYR A 193 8.79 2.73 48.82
C TYR A 193 7.55 2.21 49.54
N GLY A 194 6.64 3.11 49.84
CA GLY A 194 5.33 2.69 50.29
C GLY A 194 5.20 2.40 51.77
N THR A 195 6.27 2.50 52.55
CA THR A 195 6.27 2.03 53.94
C THR A 195 6.84 2.99 54.97
N GLY A 196 7.69 3.93 54.58
CA GLY A 196 8.58 4.59 55.52
C GLY A 196 7.91 5.28 56.68
N LYS A 197 8.29 4.89 57.89
CA LYS A 197 7.65 5.43 59.08
C LYS A 197 7.87 6.93 59.16
N ALA A 198 6.85 7.63 59.63
CA ALA A 198 6.90 9.08 59.70
C ALA A 198 8.00 9.52 60.64
N GLY A 199 8.71 10.55 60.22
CA GLY A 199 9.90 11.00 60.92
C GLY A 199 11.12 10.26 60.45
N SER A 200 11.01 8.95 60.33
CA SER A 200 12.11 8.17 59.79
C SER A 200 12.33 8.54 58.34
N PHE A 201 13.48 8.10 57.82
CA PHE A 201 13.82 8.35 56.44
C PHE A 201 12.74 7.81 55.52
N GLY A 202 12.45 8.56 54.48
CA GLY A 202 11.41 8.16 53.57
C GLY A 202 10.02 8.30 54.13
N ASP A 203 9.76 9.38 54.86
CA ASP A 203 8.37 9.66 55.22
C ASP A 203 7.59 10.02 53.97
N LEU A 204 8.19 10.82 53.10
CA LEU A 204 7.70 11.02 51.75
C LEU A 204 8.44 10.05 50.87
N GLN A 205 7.71 9.39 49.98
CA GLN A 205 8.29 8.41 49.07
C GLN A 205 7.57 8.55 47.74
N SER A 206 8.18 9.30 46.83
CA SER A 206 7.71 9.44 45.48
C SER A 206 8.60 8.62 44.56
N ARG A 207 7.97 7.93 43.61
CA ARG A 207 8.70 7.13 42.66
C ARG A 207 9.75 7.95 41.94
N THR A 208 9.32 9.07 41.37
CA THR A 208 10.22 10.05 40.80
C THR A 208 9.70 11.42 41.15
N SER A 209 10.29 12.44 40.52
CA SER A 209 9.87 13.80 40.79
C SER A 209 8.55 14.11 40.12
N THR A 210 8.37 13.63 38.90
CA THR A 210 7.13 13.82 38.18
C THR A 210 5.96 13.09 38.83
N SER A 211 6.23 11.98 39.52
CA SER A 211 5.17 11.10 39.97
C SER A 211 4.24 11.80 40.95
N ASN A 212 3.02 12.07 40.51
CA ASN A 212 2.04 12.73 41.37
C ASN A 212 1.66 11.86 42.54
N ASP A 213 1.62 10.55 42.35
CA ASP A 213 1.37 9.64 43.45
C ASP A 213 2.63 9.45 44.28
N LEU A 214 2.43 9.10 45.54
CA LEU A 214 3.55 8.87 46.44
C LEU A 214 3.04 8.11 47.65
N TYR A 215 3.91 8.00 48.66
CA TYR A 215 3.55 7.47 49.96
C TYR A 215 4.04 8.46 50.99
N ALA A 216 3.09 9.02 51.74
CA ALA A 216 3.38 10.04 52.75
C ALA A 216 2.85 9.57 54.09
N ASN A 217 3.63 8.73 54.76
CA ASN A 217 3.43 8.50 56.18
C ASN A 217 4.20 9.59 56.88
N THR A 218 3.50 10.68 57.20
CA THR A 218 4.02 11.76 57.99
C THR A 218 3.35 11.88 59.35
N ASN A 219 2.37 11.05 59.63
CA ASN A 219 1.60 11.16 60.87
C ASN A 219 0.96 12.53 60.97
N LEU A 220 0.55 13.06 59.82
CA LEU A 220 -0.11 14.35 59.77
C LEU A 220 -1.45 14.26 60.49
N LYS A 221 -1.58 14.99 61.59
CA LYS A 221 -2.79 14.99 62.38
C LYS A 221 -3.23 16.42 62.59
N LEU A 222 -4.35 16.77 61.98
CA LEU A 222 -4.91 18.10 62.18
C LEU A 222 -5.55 18.20 63.55
N GLN A 223 -5.42 19.38 64.15
CA GLN A 223 -6.10 19.70 65.40
C GLN A 223 -6.98 20.91 65.19
N ARG A 224 -7.94 21.09 66.10
CA ARG A 224 -8.91 22.14 65.90
C ARG A 224 -8.25 23.49 66.13
N PRO A 225 -8.61 24.51 65.35
CA PRO A 225 -8.06 25.83 65.64
C PRO A 225 -8.61 26.37 66.93
N GLN A 226 -7.84 27.27 67.53
CA GLN A 226 -8.08 27.73 68.89
C GLN A 226 -9.01 28.93 68.92
N ALA A 227 -9.87 28.95 69.94
CA ALA A 227 -10.56 30.13 70.43
C ALA A 227 -11.23 30.93 69.32
N GLY A 228 -11.89 30.24 68.40
CA GLY A 228 -12.64 30.90 67.35
C GLY A 228 -11.78 31.79 66.49
N ILE A 229 -10.72 31.23 65.90
CA ILE A 229 -9.90 31.95 64.94
C ILE A 229 -9.61 31.02 63.77
N VAL A 230 -9.53 31.61 62.57
CA VAL A 230 -9.23 30.88 61.35
C VAL A 230 -7.75 30.54 61.34
N HIS A 231 -7.44 29.26 61.39
CA HIS A 231 -6.13 28.74 61.02
C HIS A 231 -6.25 27.22 61.02
N THR A 232 -5.13 26.56 60.75
CA THR A 232 -5.10 25.12 60.51
C THR A 232 -3.97 24.53 61.31
N PRO A 233 -4.23 24.07 62.51
CA PRO A 233 -3.23 23.27 63.20
C PRO A 233 -2.93 22.01 62.41
N PHE A 234 -1.74 21.93 61.85
CA PHE A 234 -1.23 20.69 61.29
C PHE A 234 -0.09 20.25 62.18
N THR A 235 -0.29 19.12 62.84
CA THR A 235 0.69 18.54 63.74
C THR A 235 1.34 17.39 63.01
N GLN A 236 2.65 17.49 62.84
CA GLN A 236 3.32 16.65 61.87
C GLN A 236 4.77 16.49 62.28
N ALA A 237 5.33 15.36 61.94
CA ALA A 237 6.74 15.14 62.08
C ALA A 237 7.48 15.92 61.00
N PRO A 238 8.43 16.80 61.33
CA PRO A 238 9.34 17.27 60.31
C PRO A 238 10.05 16.09 59.68
N SER A 239 10.48 16.26 58.45
CA SER A 239 10.69 15.10 57.62
C SER A 239 11.89 14.28 58.05
N GLY A 240 11.83 13.00 57.71
CA GLY A 240 12.99 12.15 57.66
C GLY A 240 13.94 12.46 56.54
N PHE A 241 13.65 13.49 55.74
CA PHE A 241 14.63 14.14 54.90
C PHE A 241 15.24 15.35 55.58
N GLU A 242 14.57 15.92 56.59
CA GLU A 242 15.18 16.98 57.36
C GLU A 242 16.29 16.42 58.25
N ARG A 243 15.93 15.54 59.18
CA ARG A 243 16.91 14.58 59.62
C ARG A 243 17.21 13.68 58.44
N TRP A 244 18.36 13.00 58.51
CA TRP A 244 19.08 12.41 57.39
C TRP A 244 19.92 13.48 56.69
N LYS A 245 19.83 14.74 57.10
CA LYS A 245 20.78 15.77 56.71
C LYS A 245 21.58 16.32 57.88
N ARG A 246 21.18 16.04 59.13
CA ARG A 246 21.97 16.44 60.28
C ARG A 246 21.99 15.42 61.42
N ASP A 247 21.36 14.25 61.25
CA ASP A 247 21.58 13.11 62.14
C ASP A 247 21.83 11.86 61.31
N LYS A 248 22.46 12.05 60.17
CA LYS A 248 22.64 11.02 59.16
C LYS A 248 23.80 10.10 59.52
N GLY A 249 24.21 9.30 58.53
CA GLY A 249 25.47 8.60 58.54
C GLY A 249 26.43 9.19 57.52
N ALA A 250 27.64 8.70 57.56
CA ALA A 250 28.70 9.28 56.76
C ALA A 250 28.71 8.69 55.36
N PRO A 251 29.32 9.37 54.39
CA PRO A 251 29.25 8.91 53.01
C PRO A 251 30.26 7.85 52.62
N LEU A 252 29.82 7.06 51.67
CA LEU A 252 30.58 5.93 51.18
C LEU A 252 31.88 6.37 50.55
N ASN A 253 31.94 7.59 50.02
CA ASN A 253 33.22 8.16 49.64
C ASN A 253 34.02 8.66 50.83
N ASP A 254 33.53 8.41 52.05
CA ASP A 254 34.27 8.64 53.28
C ASP A 254 34.26 7.44 54.22
N VAL A 255 33.56 6.34 53.89
CA VAL A 255 33.56 5.15 54.74
C VAL A 255 33.73 3.85 53.96
N ALA A 256 33.85 3.91 52.64
CA ALA A 256 33.96 2.67 51.88
C ALA A 256 35.24 1.92 52.25
N PRO A 257 35.30 0.63 51.94
CA PRO A 257 36.60 -0.05 51.89
C PRO A 257 37.27 -0.05 50.53
N PHE A 258 38.47 -0.62 50.51
CA PHE A 258 39.30 -0.92 49.35
C PHE A 258 39.35 0.19 48.30
N GLY A 259 39.28 1.43 48.76
CA GLY A 259 39.74 2.57 48.01
C GLY A 259 39.00 3.11 46.81
N CYS A 260 37.84 3.71 47.05
CA CYS A 260 36.90 4.10 46.02
C CYS A 260 36.57 5.57 46.20
N SER A 261 36.15 6.17 45.09
CA SER A 261 35.56 7.50 45.07
C SER A 261 34.26 7.42 44.30
N ILE A 262 33.42 8.43 44.44
CA ILE A 262 32.00 8.34 44.10
C ILE A 262 31.58 9.58 43.33
N ALA A 263 30.48 9.44 42.55
CA ALA A 263 29.89 10.57 41.87
C ALA A 263 28.39 10.36 41.68
N LEU A 264 27.63 11.47 41.75
CA LEU A 264 26.25 11.51 41.25
C LEU A 264 26.32 11.94 39.80
N GLU A 265 26.46 10.96 38.97
CA GLU A 265 26.94 10.94 37.60
C GLU A 265 26.48 9.52 37.33
N PRO A 266 26.96 8.76 36.34
CA PRO A 266 26.43 7.40 36.16
C PRO A 266 26.43 6.42 37.35
N LEU A 267 26.75 6.88 38.57
CA LEU A 267 26.71 6.12 39.82
C LEU A 267 27.88 5.17 39.85
N ARG A 268 28.99 5.68 39.34
CA ARG A 268 30.21 4.94 39.39
C ARG A 268 30.81 5.01 40.77
N ALA A 269 31.77 4.12 41.01
CA ALA A 269 32.60 4.16 42.20
C ALA A 269 34.05 4.08 41.70
N GLU A 270 34.65 5.24 41.47
CA GLU A 270 35.92 5.31 40.76
C GLU A 270 37.03 4.63 41.54
N ASN A 271 37.99 4.11 40.78
CA ASN A 271 39.37 3.94 41.24
C ASN A 271 39.48 2.94 42.39
N CYS A 272 38.58 1.97 42.41
CA CYS A 272 38.55 0.95 43.47
C CYS A 272 39.73 0.02 43.28
N ALA A 273 40.80 0.27 44.02
CA ALA A 273 42.02 -0.50 43.94
C ALA A 273 41.85 -1.76 44.77
N VAL A 274 41.55 -2.88 44.11
CA VAL A 274 41.50 -4.14 44.82
C VAL A 274 41.62 -5.31 43.85
N GLY A 275 42.47 -6.26 44.20
CA GLY A 275 42.64 -7.46 43.42
C GLY A 275 43.36 -7.24 42.11
N SER A 276 43.21 -8.22 41.24
CA SER A 276 43.93 -8.28 39.97
C SER A 276 42.94 -8.38 38.82
N ILE A 277 43.46 -8.13 37.62
CA ILE A 277 42.66 -8.16 36.40
C ILE A 277 43.44 -8.95 35.36
N PRO A 278 42.91 -10.08 34.85
CA PRO A 278 43.62 -10.84 33.80
C PRO A 278 43.54 -10.21 32.42
N ILE A 279 44.51 -9.39 32.09
CA ILE A 279 44.45 -8.55 30.90
C ILE A 279 45.31 -9.16 29.81
N SER A 280 44.83 -9.04 28.58
CA SER A 280 45.44 -9.68 27.42
C SER A 280 45.26 -8.77 26.23
N ILE A 281 46.34 -8.58 25.47
CA ILE A 281 46.36 -7.63 24.36
C ILE A 281 46.83 -8.35 23.11
N ASP A 282 46.27 -7.94 21.98
CA ASP A 282 46.77 -8.30 20.66
C ASP A 282 47.36 -7.03 20.05
N ILE A 283 48.68 -6.95 20.06
CA ILE A 283 49.45 -5.82 19.55
C ILE A 283 49.34 -5.82 18.03
N PRO A 284 49.48 -4.67 17.37
CA PRO A 284 49.69 -4.72 15.92
C PRO A 284 51.10 -5.18 15.61
N ASP A 285 51.19 -6.24 14.80
CA ASP A 285 52.50 -6.80 14.45
C ASP A 285 53.37 -5.77 13.73
N ALA A 286 52.76 -4.81 13.05
CA ALA A 286 53.52 -3.74 12.42
C ALA A 286 54.31 -2.96 13.45
N ALA A 287 53.77 -2.79 14.66
CA ALA A 287 54.48 -2.05 15.69
C ALA A 287 55.70 -2.79 16.18
N PHE A 288 55.76 -4.10 16.00
CA PHE A 288 56.96 -4.83 16.38
C PHE A 288 58.14 -4.40 15.52
N THR A 289 59.32 -4.45 16.13
CA THR A 289 60.57 -4.39 15.43
C THR A 289 61.13 -5.80 15.36
N ARG A 290 61.63 -6.17 14.19
CA ARG A 290 62.22 -7.49 14.07
C ARG A 290 63.49 -7.56 14.90
N ILE A 291 63.84 -8.79 15.27
CA ILE A 291 64.88 -8.98 16.29
C ILE A 291 66.24 -8.58 15.77
N SER A 292 66.46 -8.65 14.46
CA SER A 292 67.78 -8.44 13.89
C SER A 292 68.12 -6.97 13.70
N GLU A 293 67.36 -6.06 14.30
CA GLU A 293 67.55 -4.64 14.14
C GLU A 293 67.80 -3.91 15.45
N THR A 294 67.39 -4.48 16.57
CA THR A 294 67.74 -3.93 17.85
C THR A 294 69.12 -4.43 18.27
N PRO A 295 69.92 -3.62 18.96
CA PRO A 295 71.24 -4.13 19.39
C PRO A 295 71.09 -5.26 20.39
N THR A 296 71.94 -6.27 20.22
CA THR A 296 72.12 -7.30 21.23
C THR A 296 73.06 -6.78 22.29
N VAL A 297 72.65 -6.90 23.55
CA VAL A 297 73.22 -6.15 24.65
C VAL A 297 74.04 -7.02 25.58
N SER A 298 74.09 -8.33 25.35
CA SER A 298 74.71 -9.26 26.30
C SER A 298 76.19 -8.99 26.49
N ASP A 299 76.82 -9.75 27.40
CA ASP A 299 78.16 -9.47 27.90
C ASP A 299 78.20 -8.11 28.59
N LEU A 300 77.15 -7.83 29.34
CA LEU A 300 76.95 -6.58 30.05
C LEU A 300 77.30 -6.76 31.53
N GLU A 301 76.97 -5.74 32.33
CA GLU A 301 76.98 -5.88 33.78
C GLU A 301 76.02 -4.86 34.35
N CYS A 302 75.35 -5.25 35.45
CA CYS A 302 74.42 -4.38 36.15
C CYS A 302 74.78 -4.31 37.62
N LYS A 303 74.59 -3.13 38.21
CA LYS A 303 74.76 -2.98 39.65
C LYS A 303 73.99 -1.75 40.10
N ILE A 304 73.36 -1.87 41.27
CA ILE A 304 72.86 -0.68 41.94
C ILE A 304 74.02 0.23 42.27
N THR A 305 73.69 1.48 42.51
CA THR A 305 74.64 2.45 43.01
C THR A 305 74.11 3.19 44.22
N GLU A 306 72.81 3.49 44.25
CA GLU A 306 72.16 4.01 45.44
C GLU A 306 70.73 3.51 45.41
N CYS A 307 70.51 2.34 46.00
CA CYS A 307 69.18 1.77 46.04
C CYS A 307 68.43 2.33 47.22
N THR A 308 67.24 2.84 46.95
CA THR A 308 66.37 3.42 47.96
C THR A 308 65.23 2.45 48.21
N TYR A 309 65.13 1.97 49.44
CA TYR A 309 64.24 0.88 49.82
C TYR A 309 62.83 1.42 50.03
N ALA A 310 62.20 1.82 48.91
CA ALA A 310 61.15 2.82 48.99
C ALA A 310 60.13 2.68 47.85
N SER A 311 59.25 3.68 47.77
CA SER A 311 58.09 3.74 46.90
C SER A 311 58.36 4.57 45.66
N ASP A 312 58.71 5.84 45.86
CA ASP A 312 59.16 6.66 44.77
C ASP A 312 60.36 5.99 44.11
N PHE A 313 60.56 6.27 42.84
CA PHE A 313 61.60 5.59 42.10
C PHE A 313 62.96 6.07 42.56
N GLY A 314 63.36 5.66 43.76
CA GLY A 314 64.62 6.07 44.33
C GLY A 314 65.73 5.11 44.01
N GLY A 315 65.37 3.86 43.71
CA GLY A 315 66.37 2.88 43.36
C GLY A 315 66.98 3.18 42.00
N ILE A 316 68.30 3.13 41.93
CA ILE A 316 69.03 3.36 40.69
C ILE A 316 70.06 2.26 40.50
N ALA A 317 70.49 2.11 39.26
CA ALA A 317 71.50 1.11 38.95
C ALA A 317 72.11 1.43 37.60
N THR A 318 73.42 1.63 37.58
CA THR A 318 74.12 1.66 36.32
C THR A 318 74.11 0.28 35.70
N VAL A 319 74.26 0.25 34.39
CA VAL A 319 74.33 -1.00 33.65
C VAL A 319 75.44 -0.83 32.62
N ALA A 320 76.45 -1.69 32.69
CA ALA A 320 77.54 -1.68 31.73
C ALA A 320 77.02 -2.30 30.44
N TYR A 321 76.34 -1.49 29.65
CA TYR A 321 75.75 -1.97 28.41
C TYR A 321 76.84 -2.38 27.45
N LYS A 322 76.67 -3.56 26.85
CA LYS A 322 77.61 -4.13 25.90
C LYS A 322 76.81 -4.46 24.64
N SER A 323 76.65 -3.47 23.79
CA SER A 323 75.76 -3.58 22.64
C SER A 323 76.51 -4.10 21.42
N SER A 324 75.73 -4.39 20.38
CA SER A 324 76.25 -4.75 19.07
C SER A 324 76.00 -3.64 18.07
N LYS A 325 74.76 -3.25 17.90
CA LYS A 325 74.39 -2.03 17.20
C LYS A 325 74.26 -0.92 18.23
N ALA A 326 73.69 0.20 17.83
CA ALA A 326 73.38 1.30 18.74
C ALA A 326 71.95 1.76 18.49
N GLY A 327 71.21 1.94 19.57
CA GLY A 327 69.83 2.37 19.43
C GLY A 327 69.08 2.20 20.74
N ASN A 328 67.78 1.99 20.61
CA ASN A 328 66.92 1.82 21.77
C ASN A 328 66.89 0.36 22.19
N CYS A 329 66.45 0.15 23.41
CA CYS A 329 66.43 -1.16 24.03
C CYS A 329 65.36 -1.15 25.11
N PRO A 330 64.18 -1.71 24.88
CA PRO A 330 63.18 -1.72 25.94
C PRO A 330 63.62 -2.59 27.09
N ILE A 331 63.19 -2.21 28.29
CA ILE A 331 63.63 -2.83 29.53
C ILE A 331 62.44 -3.14 30.41
N HIS A 332 62.63 -4.14 31.26
CA HIS A 332 61.63 -4.53 32.24
C HIS A 332 62.25 -5.55 33.16
N SER A 333 61.77 -5.58 34.39
CA SER A 333 62.09 -6.61 35.35
C SER A 333 60.95 -7.61 35.35
N PRO A 334 61.08 -8.79 34.72
CA PRO A 334 59.98 -9.74 34.75
C PRO A 334 59.57 -10.13 36.16
N SER A 335 60.51 -10.11 37.10
CA SER A 335 60.15 -10.22 38.49
C SER A 335 59.46 -8.95 38.93
N GLY A 336 58.40 -9.10 39.72
CA GLY A 336 57.67 -7.97 40.23
C GLY A 336 58.34 -7.26 41.39
N VAL A 337 59.53 -7.70 41.77
CA VAL A 337 60.23 -7.08 42.88
C VAL A 337 60.52 -5.62 42.57
N ALA A 338 61.00 -5.36 41.36
CA ALA A 338 61.47 -4.04 40.96
C ALA A 338 60.52 -3.47 39.93
N VAL A 339 60.13 -2.22 40.16
CA VAL A 339 59.30 -1.46 39.23
C VAL A 339 60.16 -0.31 38.73
N ILE A 340 60.19 -0.14 37.42
CA ILE A 340 61.15 0.71 36.75
C ILE A 340 60.43 1.88 36.11
N LYS A 341 61.03 3.06 36.21
CA LYS A 341 60.46 4.25 35.62
C LYS A 341 60.68 4.29 34.12
N GLU A 342 61.83 3.84 33.67
CA GLU A 342 62.17 3.84 32.26
C GLU A 342 61.65 2.58 31.60
N ASN A 343 60.86 2.75 30.55
CA ASN A 343 60.48 1.63 29.69
C ASN A 343 61.60 1.30 28.72
N ASP A 344 62.29 2.32 28.25
CA ASP A 344 63.23 2.21 27.14
C ASP A 344 64.49 2.98 27.49
N VAL A 345 65.63 2.45 27.05
CA VAL A 345 66.91 3.10 27.24
C VAL A 345 67.59 3.20 25.90
N THR A 346 68.15 4.36 25.60
CA THR A 346 68.94 4.56 24.40
C THR A 346 70.34 4.02 24.63
N LEU A 347 70.94 3.51 23.57
CA LEU A 347 72.27 2.92 23.65
C LEU A 347 73.14 3.34 22.50
N ALA A 348 74.33 3.81 22.84
CA ALA A 348 75.42 3.91 21.89
C ALA A 348 76.10 2.55 21.82
N GLU A 349 77.26 2.48 21.18
CA GLU A 349 77.96 1.22 21.07
C GLU A 349 78.58 0.85 22.41
N SER A 350 77.81 0.12 23.21
CA SER A 350 78.30 -0.47 24.46
C SER A 350 78.77 0.60 25.44
N GLY A 351 77.83 1.44 25.83
CA GLY A 351 78.04 2.44 26.84
C GLY A 351 77.50 2.01 28.18
N SER A 352 76.97 2.97 28.93
CA SER A 352 76.39 2.71 30.23
C SER A 352 75.32 3.76 30.50
N PHE A 353 74.19 3.33 31.04
CA PHE A 353 73.08 4.24 31.32
C PHE A 353 72.34 3.75 32.54
N THR A 354 72.26 4.60 33.55
CA THR A 354 71.50 4.32 34.75
C THR A 354 70.03 4.47 34.47
N PHE A 355 69.23 3.68 35.17
CA PHE A 355 67.79 3.84 35.22
C PHE A 355 67.36 4.02 36.66
N HIS A 356 66.07 4.28 36.83
CA HIS A 356 65.46 4.47 38.14
C HIS A 356 64.49 3.33 38.41
N PHE A 357 64.30 3.02 39.69
CA PHE A 357 63.34 1.98 40.04
C PHE A 357 62.97 2.09 41.51
N SER A 358 62.18 1.13 41.98
CA SER A 358 61.76 1.04 43.36
C SER A 358 61.51 -0.42 43.69
N THR A 359 61.80 -0.80 44.93
CA THR A 359 61.73 -2.18 45.38
C THR A 359 61.15 -2.22 46.77
N ALA A 360 61.05 -3.44 47.31
CA ALA A 360 60.54 -3.67 48.65
C ALA A 360 61.36 -4.65 49.45
N ASN A 361 62.35 -5.30 48.87
CA ASN A 361 63.19 -6.26 49.57
C ASN A 361 64.59 -5.69 49.72
N ILE A 362 65.14 -5.86 50.93
CA ILE A 362 66.40 -5.23 51.30
C ILE A 362 67.48 -5.61 50.31
N HIS A 363 67.46 -6.85 49.85
CA HIS A 363 68.41 -7.38 48.90
C HIS A 363 67.69 -7.60 47.58
N PRO A 364 67.54 -6.57 46.76
CA PRO A 364 66.79 -6.76 45.52
C PRO A 364 67.54 -7.61 44.53
N ALA A 365 67.15 -8.87 44.43
CA ALA A 365 67.68 -9.79 43.45
C ALA A 365 66.64 -9.97 42.34
N PHE A 366 66.54 -8.93 41.51
CA PHE A 366 65.58 -8.92 40.42
C PHE A 366 66.30 -9.01 39.09
N LYS A 367 65.76 -9.84 38.21
CA LYS A 367 66.26 -9.90 36.86
C LYS A 367 65.88 -8.62 36.12
N LEU A 368 66.70 -8.26 35.15
CA LEU A 368 66.42 -7.15 34.26
C LEU A 368 66.63 -7.61 32.84
N GLN A 369 65.60 -7.46 32.02
CA GLN A 369 65.58 -7.99 30.67
C GLN A 369 65.77 -6.80 29.73
N VAL A 370 67.02 -6.55 29.37
CA VAL A 370 67.35 -5.42 28.50
C VAL A 370 67.29 -5.94 27.07
N CYS A 371 66.08 -5.93 26.52
CA CYS A 371 65.77 -6.30 25.13
C CYS A 371 66.46 -7.61 24.74
N THR A 372 65.99 -8.67 25.42
CA THR A 372 66.52 -10.03 25.29
C THR A 372 67.94 -10.12 25.80
N SER A 373 68.14 -9.72 27.05
CA SER A 373 69.37 -10.05 27.76
C SER A 373 69.07 -9.89 29.24
N ALA A 374 69.05 -11.01 29.96
CA ALA A 374 68.72 -10.99 31.37
C ALA A 374 69.93 -10.63 32.20
N VAL A 375 69.69 -10.10 33.39
CA VAL A 375 70.77 -9.81 34.31
C VAL A 375 70.19 -9.60 35.70
N THR A 376 70.90 -10.11 36.69
CA THR A 376 70.57 -9.88 38.09
C THR A 376 71.23 -8.57 38.52
N CYS A 377 70.40 -7.63 38.97
CA CYS A 377 70.89 -6.37 39.55
C CYS A 377 70.86 -6.47 41.07
N LYS A 378 71.59 -7.45 41.58
CA LYS A 378 71.67 -7.70 43.00
C LYS A 378 72.25 -6.49 43.72
N GLY A 379 71.86 -6.32 44.98
CA GLY A 379 72.46 -5.29 45.80
C GLY A 379 71.79 -5.12 47.15
N ASP A 380 71.80 -3.88 47.64
CA ASP A 380 71.24 -3.56 48.94
C ASP A 380 70.75 -2.13 48.94
N CYS A 381 69.73 -1.87 49.74
CA CYS A 381 68.96 -0.63 49.66
C CYS A 381 68.90 0.06 51.01
N LYS A 382 68.47 1.32 50.97
CA LYS A 382 68.46 2.21 52.12
C LYS A 382 67.06 2.73 52.39
N PRO A 383 66.61 2.77 53.65
CA PRO A 383 65.29 3.33 53.95
C PRO A 383 65.27 4.85 53.85
N PRO A 384 64.15 5.44 53.38
CA PRO A 384 64.00 6.92 53.43
C PRO A 384 63.50 7.50 54.73
N LYS A 385 63.13 8.79 54.65
CA LYS A 385 62.87 9.62 55.81
C LYS A 385 61.56 10.41 55.78
N ASP A 386 60.86 10.49 54.64
CA ASP A 386 60.03 11.67 54.31
C ASP A 386 58.63 11.27 53.78
N HIS A 387 57.91 10.47 54.54
CA HIS A 387 56.75 9.71 54.04
C HIS A 387 55.38 10.32 54.34
N ILE A 388 55.06 11.48 53.73
CA ILE A 388 53.68 11.96 53.76
C ILE A 388 53.20 12.61 52.45
N VAL A 389 52.97 11.84 51.39
CA VAL A 389 52.52 12.38 50.10
C VAL A 389 51.78 11.19 49.50
N ASP A 390 51.17 11.29 48.30
CA ASP A 390 50.12 10.40 47.76
C ASP A 390 50.62 8.96 47.56
N TYR A 391 50.21 8.20 46.56
CA TYR A 391 50.40 6.73 46.63
C TYR A 391 51.54 6.20 45.78
N PRO A 392 52.03 4.99 46.08
CA PRO A 392 53.35 4.57 45.60
C PRO A 392 53.35 4.03 44.17
N ALA A 393 54.57 3.77 43.71
CA ALA A 393 54.86 3.07 42.47
C ALA A 393 55.41 1.67 42.70
N GLN A 394 55.57 1.27 43.94
CA GLN A 394 56.27 0.06 44.32
C GLN A 394 55.33 -1.14 44.31
N HIS A 395 54.27 -1.06 45.13
CA HIS A 395 53.11 -1.95 45.16
C HIS A 395 53.48 -3.42 44.97
N THR A 396 54.57 -3.84 45.61
CA THR A 396 55.14 -5.16 45.39
C THR A 396 55.57 -5.80 46.70
N GLU A 397 54.95 -5.42 47.80
CA GLU A 397 55.38 -5.90 49.10
C GLU A 397 55.13 -7.39 49.22
N SER A 398 56.14 -8.11 49.71
CA SER A 398 56.05 -9.55 49.90
C SER A 398 56.97 -9.90 51.05
N PHE A 399 57.29 -11.18 51.19
CA PHE A 399 58.19 -11.63 52.23
C PHE A 399 59.61 -11.17 51.93
N THR A 400 60.22 -10.48 52.90
CA THR A 400 61.54 -9.89 52.73
C THR A 400 62.40 -10.08 53.99
N TYR B 1 -6.20 -8.44 64.62
CA TYR B 1 -6.83 -9.23 63.54
C TYR B 1 -6.05 -9.14 62.24
N GLU B 2 -4.80 -8.69 62.29
CA GLU B 2 -4.03 -8.52 61.07
C GLU B 2 -3.71 -9.90 60.52
N HIS B 3 -4.54 -10.36 59.58
CA HIS B 3 -4.62 -11.77 59.24
C HIS B 3 -3.44 -12.17 58.38
N THR B 4 -2.34 -12.52 59.05
CA THR B 4 -1.23 -13.18 58.38
C THR B 4 -1.72 -14.47 57.73
N ALA B 5 -1.12 -14.80 56.59
CA ALA B 5 -1.47 -16.04 55.91
C ALA B 5 -0.39 -16.38 54.90
N VAL B 6 0.26 -17.53 55.10
CA VAL B 6 1.03 -18.11 54.02
C VAL B 6 0.05 -18.48 52.92
N MET B 7 0.49 -18.38 51.68
CA MET B 7 -0.42 -18.41 50.56
C MET B 7 0.26 -18.88 49.28
N PRO B 8 -0.24 -19.92 48.61
CA PRO B 8 0.45 -20.44 47.43
C PRO B 8 0.43 -19.44 46.28
N ASN B 9 1.58 -19.31 45.64
CA ASN B 9 1.68 -18.49 44.44
C ASN B 9 1.07 -19.26 43.29
N LYS B 10 -0.14 -18.88 42.89
CA LYS B 10 -0.82 -19.47 41.76
C LYS B 10 -1.93 -18.51 41.37
N VAL B 11 -2.09 -18.31 40.07
CA VAL B 11 -2.65 -17.05 39.61
C VAL B 11 -4.17 -17.04 39.68
N GLY B 12 -4.80 -18.03 39.05
CA GLY B 12 -6.16 -17.82 38.58
C GLY B 12 -7.21 -18.46 39.45
N ILE B 13 -7.08 -18.31 40.76
CA ILE B 13 -7.95 -19.04 41.67
C ILE B 13 -7.98 -18.34 43.03
N PRO B 14 -9.14 -18.09 43.63
CA PRO B 14 -9.15 -17.42 44.93
C PRO B 14 -8.71 -18.35 46.05
N TYR B 15 -8.49 -17.74 47.20
CA TYR B 15 -7.81 -18.34 48.35
C TYR B 15 -8.59 -18.04 49.63
N LYS B 16 -9.86 -18.42 49.65
CA LYS B 16 -10.84 -17.81 50.54
C LYS B 16 -10.56 -18.09 52.00
N ALA B 17 -9.51 -17.49 52.55
CA ALA B 17 -9.21 -17.62 53.96
C ALA B 17 -10.31 -17.02 54.83
N LEU B 18 -10.16 -17.12 56.15
CA LEU B 18 -11.20 -16.74 57.09
C LEU B 18 -10.58 -15.94 58.22
N VAL B 19 -11.14 -14.77 58.51
CA VAL B 19 -10.65 -13.92 59.58
C VAL B 19 -11.25 -14.40 60.89
N GLU B 20 -10.42 -14.97 61.76
CA GLU B 20 -10.84 -15.40 63.09
C GLU B 20 -10.44 -14.35 64.12
N ARG B 21 -11.06 -13.19 64.02
CA ARG B 21 -10.87 -12.17 65.04
C ARG B 21 -11.61 -12.58 66.32
N PRO B 22 -10.93 -12.73 67.46
CA PRO B 22 -11.68 -13.00 68.70
C PRO B 22 -12.52 -11.80 69.10
N GLY B 23 -13.83 -11.97 69.09
CA GLY B 23 -14.74 -11.00 69.66
C GLY B 23 -15.90 -10.62 68.77
N TYR B 24 -15.65 -10.50 67.47
CA TYR B 24 -16.67 -10.15 66.50
C TYR B 24 -16.81 -11.27 65.49
N ALA B 25 -17.80 -11.13 64.61
CA ALA B 25 -18.08 -12.20 63.67
C ALA B 25 -16.92 -12.37 62.70
N PRO B 26 -16.55 -13.58 62.34
CA PRO B 26 -15.49 -13.76 61.37
C PRO B 26 -15.93 -13.30 59.99
N VAL B 27 -14.95 -13.08 59.13
CA VAL B 27 -15.19 -12.68 57.76
C VAL B 27 -14.28 -13.49 56.86
N HIS B 28 -14.83 -13.92 55.74
CA HIS B 28 -14.10 -14.66 54.74
C HIS B 28 -13.21 -13.72 53.94
N LEU B 29 -12.17 -14.31 53.37
CA LEU B 29 -11.40 -13.67 52.32
C LEU B 29 -11.84 -14.22 50.97
N GLN B 30 -11.40 -13.52 49.93
CA GLN B 30 -11.35 -14.12 48.60
C GLN B 30 -10.16 -13.47 47.90
N ILE B 31 -9.00 -14.10 48.03
CA ILE B 31 -7.76 -13.52 47.53
C ILE B 31 -7.38 -14.28 46.28
N GLN B 32 -7.56 -13.63 45.14
CA GLN B 32 -7.23 -14.19 43.83
C GLN B 32 -6.07 -13.38 43.27
N LEU B 33 -4.90 -13.99 43.23
CA LEU B 33 -3.71 -13.38 42.67
C LEU B 33 -3.81 -13.40 41.15
N VAL B 34 -4.62 -12.49 40.63
CA VAL B 34 -4.96 -12.46 39.19
C VAL B 34 -3.72 -12.38 38.32
N ASN B 35 -2.62 -11.85 38.83
CA ASN B 35 -1.40 -11.76 38.06
C ASN B 35 -0.19 -11.84 38.97
N THR B 36 0.93 -12.27 38.39
CA THR B 36 2.23 -12.37 39.04
C THR B 36 3.29 -11.79 38.12
N ARG B 37 3.05 -10.57 37.63
CA ARG B 37 4.01 -9.97 36.72
C ARG B 37 5.19 -9.44 37.51
N ILE B 38 6.38 -9.63 36.95
CA ILE B 38 7.61 -9.71 37.72
C ILE B 38 8.45 -8.44 37.57
N ILE B 39 8.91 -8.14 36.36
CA ILE B 39 9.65 -6.93 36.06
C ILE B 39 10.93 -6.97 36.89
N PRO B 40 11.88 -7.80 36.51
CA PRO B 40 13.17 -7.77 37.18
C PRO B 40 13.94 -6.51 36.83
N SER B 41 15.00 -6.30 37.60
CA SER B 41 15.94 -5.23 37.31
C SER B 41 16.81 -5.64 36.13
N THR B 42 16.96 -4.72 35.19
CA THR B 42 17.60 -5.04 33.92
C THR B 42 18.43 -3.86 33.45
N ASN B 43 19.11 -4.06 32.32
CA ASN B 43 19.91 -3.02 31.69
C ASN B 43 19.95 -3.27 30.20
N LEU B 44 19.61 -2.26 29.42
CA LEU B 44 19.78 -2.35 27.98
C LEU B 44 21.27 -2.31 27.66
N GLU B 45 21.80 -3.42 27.20
CA GLU B 45 23.24 -3.54 26.97
C GLU B 45 23.60 -3.17 25.55
N TYR B 46 22.89 -3.73 24.58
CA TYR B 46 23.06 -3.32 23.20
C TYR B 46 21.91 -3.90 22.40
N ILE B 47 21.38 -3.09 21.52
CA ILE B 47 20.54 -3.61 20.46
C ILE B 47 21.46 -4.24 19.45
N THR B 48 20.98 -5.32 18.84
CA THR B 48 21.56 -5.79 17.60
C THR B 48 20.44 -5.93 16.59
N CYS B 49 20.87 -6.19 15.36
CA CYS B 49 20.02 -6.18 14.19
C CYS B 49 20.92 -6.60 13.06
N LYS B 50 20.34 -6.81 11.89
CA LYS B 50 21.16 -7.14 10.74
C LYS B 50 21.77 -5.88 10.17
N TYR B 51 23.01 -6.01 9.73
CA TYR B 51 23.76 -4.91 9.16
C TYR B 51 23.07 -4.40 7.91
N LYS B 52 23.60 -3.33 7.34
CA LYS B 52 23.43 -3.03 5.93
C LYS B 52 24.74 -2.46 5.42
N THR B 53 25.36 -3.17 4.50
CA THR B 53 26.61 -2.73 3.89
C THR B 53 26.29 -1.58 2.95
N LYS B 54 26.03 -0.42 3.55
CA LYS B 54 25.66 0.77 2.79
C LYS B 54 26.94 1.39 2.26
N VAL B 55 27.40 0.80 1.16
CA VAL B 55 28.67 1.12 0.51
C VAL B 55 28.73 2.59 0.14
N PRO B 56 29.72 3.35 0.60
CA PRO B 56 30.01 4.62 -0.07
C PRO B 56 30.65 4.39 -1.41
N SER B 57 30.31 5.25 -2.34
CA SER B 57 30.61 5.03 -3.73
C SER B 57 32.11 5.11 -3.98
N PRO B 58 32.74 4.07 -4.55
CA PRO B 58 34.20 4.03 -4.60
C PRO B 58 34.80 5.13 -5.45
N VAL B 59 36.04 5.43 -5.14
CA VAL B 59 36.84 6.34 -5.94
C VAL B 59 37.46 5.56 -7.08
N VAL B 60 37.61 6.24 -8.21
CA VAL B 60 38.30 5.70 -9.35
C VAL B 60 39.23 6.78 -9.88
N LYS B 61 40.49 6.73 -9.47
CA LYS B 61 41.51 7.56 -10.07
C LYS B 61 42.04 6.87 -11.32
N CYS B 62 42.18 7.65 -12.38
CA CYS B 62 42.38 7.06 -13.69
C CYS B 62 43.83 6.71 -13.99
N CYS B 63 44.79 7.47 -13.46
CA CYS B 63 46.19 7.19 -13.72
C CYS B 63 46.97 7.48 -12.44
N GLY B 64 47.13 6.44 -11.63
CA GLY B 64 47.92 6.48 -10.42
C GLY B 64 47.09 6.17 -9.20
N ALA B 65 47.77 6.10 -8.07
CA ALA B 65 47.21 5.54 -6.85
C ALA B 65 46.40 6.56 -6.08
N THR B 66 45.47 6.05 -5.28
CA THR B 66 44.70 6.83 -4.32
C THR B 66 44.77 6.07 -3.01
N GLN B 67 45.67 6.48 -2.13
CA GLN B 67 45.78 5.83 -0.84
C GLN B 67 44.52 6.06 -0.03
N CYS B 68 44.02 5.00 0.59
CA CYS B 68 42.87 5.09 1.46
C CYS B 68 43.32 5.36 2.89
N THR B 69 42.40 5.90 3.67
CA THR B 69 42.61 6.12 5.09
C THR B 69 41.49 5.41 5.85
N SER B 70 41.77 5.11 7.12
CA SER B 70 40.85 4.36 7.96
C SER B 70 39.87 5.34 8.59
N LYS B 71 38.80 5.63 7.86
CA LYS B 71 37.78 6.52 8.38
C LYS B 71 37.13 5.89 9.60
N PRO B 72 36.55 6.71 10.49
CA PRO B 72 36.03 6.17 11.75
C PRO B 72 34.66 5.54 11.65
N HIS B 73 34.15 5.25 10.46
CA HIS B 73 32.86 4.60 10.37
C HIS B 73 32.95 3.21 11.01
N PRO B 74 31.83 2.67 11.50
CA PRO B 74 31.89 1.34 12.12
C PRO B 74 32.28 0.27 11.12
N ASP B 75 33.36 -0.43 11.43
CA ASP B 75 33.90 -1.47 10.57
C ASP B 75 34.20 -0.91 9.19
N TYR B 76 34.88 0.22 9.18
CA TYR B 76 35.17 0.90 7.92
C TYR B 76 36.20 0.10 7.16
N GLN B 77 35.73 -0.79 6.31
CA GLN B 77 36.61 -1.57 5.47
C GLN B 77 36.86 -0.80 4.18
N CYS B 78 38.13 -0.59 3.87
CA CYS B 78 38.54 0.12 2.67
C CYS B 78 39.84 -0.46 2.18
N GLN B 79 39.92 -0.72 0.90
CA GLN B 79 41.10 -1.31 0.30
C GLN B 79 41.28 -0.72 -1.08
N VAL B 80 42.44 -0.12 -1.32
CA VAL B 80 42.78 0.39 -2.63
C VAL B 80 42.92 -0.78 -3.58
N PHE B 81 42.61 -0.53 -4.85
CA PHE B 81 42.80 -1.53 -5.88
C PHE B 81 43.26 -0.85 -7.16
N THR B 82 44.17 -1.51 -7.85
CA THR B 82 44.65 -1.08 -9.15
C THR B 82 44.27 -2.12 -10.19
N GLY B 83 44.77 -1.92 -11.40
CA GLY B 83 44.58 -2.89 -12.46
C GLY B 83 43.13 -3.05 -12.83
N VAL B 84 42.50 -1.94 -13.21
CA VAL B 84 41.13 -1.93 -13.68
C VAL B 84 41.06 -1.20 -15.02
N TYR B 85 39.87 -1.12 -15.55
CA TYR B 85 39.60 -0.54 -16.86
C TYR B 85 38.09 -0.34 -16.90
N PRO B 86 37.58 0.53 -16.05
CA PRO B 86 36.18 0.43 -15.63
C PRO B 86 35.16 0.79 -16.69
N PHE B 87 34.50 -0.23 -17.25
CA PHE B 87 33.41 0.00 -18.19
C PHE B 87 32.28 0.75 -17.51
N MET B 88 32.07 2.00 -17.92
CA MET B 88 31.00 2.83 -17.37
C MET B 88 30.37 3.60 -18.51
N TRP B 89 29.40 2.97 -19.18
CA TRP B 89 28.46 3.62 -20.10
C TRP B 89 29.07 4.05 -21.44
N GLY B 90 30.39 4.02 -21.57
CA GLY B 90 31.06 4.41 -22.80
C GLY B 90 32.20 3.46 -23.06
N GLY B 91 32.02 2.21 -22.67
CA GLY B 91 33.17 1.36 -22.46
C GLY B 91 33.90 1.87 -21.24
N ALA B 92 35.19 1.61 -21.18
CA ALA B 92 35.99 2.20 -20.11
C ALA B 92 36.02 3.72 -20.28
N TYR B 93 36.55 4.40 -19.26
CA TYR B 93 36.69 5.85 -19.35
C TYR B 93 38.07 6.34 -18.93
N CYS B 94 38.73 5.61 -18.04
CA CYS B 94 40.10 5.98 -17.66
C CYS B 94 41.07 5.46 -18.71
N PHE B 95 41.88 6.35 -19.26
CA PHE B 95 42.65 6.04 -20.46
C PHE B 95 43.88 5.19 -20.19
N CYS B 96 44.41 5.20 -18.97
CA CYS B 96 45.47 4.26 -18.62
C CYS B 96 44.90 2.85 -18.60
N ASP B 97 45.77 1.87 -18.30
CA ASP B 97 45.38 0.46 -18.30
C ASP B 97 45.81 -0.32 -17.08
N THR B 98 46.82 0.13 -16.35
CA THR B 98 47.19 -0.46 -15.07
C THR B 98 47.21 0.59 -13.97
N GLU B 99 47.57 1.82 -14.32
CA GLU B 99 47.48 2.93 -13.41
C GLU B 99 46.04 3.31 -13.10
N ASN B 100 45.08 2.77 -13.84
CA ASN B 100 43.68 2.85 -13.46
C ASN B 100 43.53 2.29 -12.06
N THR B 101 43.15 3.16 -11.13
CA THR B 101 43.04 2.81 -9.72
C THR B 101 41.60 2.90 -9.28
N GLN B 102 41.24 2.01 -8.37
CA GLN B 102 39.89 1.91 -7.84
C GLN B 102 40.02 1.69 -6.35
N MET B 103 39.44 2.60 -5.57
CA MET B 103 39.48 2.53 -4.11
C MET B 103 38.07 2.21 -3.63
N SER B 104 37.89 0.99 -3.16
CA SER B 104 36.62 0.55 -2.61
C SER B 104 36.61 0.80 -1.12
N GLU B 105 35.48 1.29 -0.62
CA GLU B 105 35.28 1.52 0.79
C GLU B 105 33.87 1.13 1.15
N ALA B 106 33.74 0.46 2.30
CA ALA B 106 32.43 0.04 2.77
C ALA B 106 32.47 -0.03 4.28
N TYR B 107 31.45 0.53 4.92
CA TYR B 107 31.29 0.45 6.36
C TYR B 107 29.94 -0.17 6.68
N VAL B 108 29.85 -0.62 7.89
CA VAL B 108 28.64 -1.26 8.40
C VAL B 108 27.75 -0.18 9.00
N GLU B 109 26.45 -0.35 8.84
CA GLU B 109 25.50 0.58 9.39
C GLU B 109 24.24 -0.17 9.79
N ARG B 110 23.59 0.34 10.83
CA ARG B 110 22.31 -0.18 11.26
C ARG B 110 21.32 -0.18 10.11
N SER B 111 20.60 -1.27 9.96
CA SER B 111 19.50 -1.29 9.02
C SER B 111 18.42 -0.29 9.45
N GLU B 112 17.50 -0.04 8.53
CA GLU B 112 16.30 0.68 8.92
C GLU B 112 15.44 -0.20 9.81
N GLU B 113 15.54 -1.51 9.64
CA GLU B 113 14.84 -2.44 10.51
C GLU B 113 15.42 -2.48 11.91
N CYS B 114 16.66 -2.03 12.07
CA CYS B 114 17.29 -2.02 13.39
C CYS B 114 16.47 -1.22 14.37
N SER B 115 15.81 -0.16 13.90
CA SER B 115 14.98 0.65 14.78
C SER B 115 13.83 -0.14 15.35
N ILE B 116 13.31 -1.09 14.57
CA ILE B 116 12.00 -1.66 14.81
C ILE B 116 12.03 -3.17 14.95
N ASP B 117 12.76 -3.85 14.08
CA ASP B 117 12.92 -5.29 14.11
C ASP B 117 14.35 -5.55 14.54
N HIS B 118 14.51 -5.85 15.82
CA HIS B 118 15.84 -5.85 16.40
C HIS B 118 15.83 -6.73 17.64
N ALA B 119 16.82 -7.59 17.74
CA ALA B 119 17.03 -8.28 19.00
C ALA B 119 17.55 -7.27 20.01
N LYS B 120 17.57 -7.69 21.27
CA LYS B 120 17.84 -6.75 22.33
C LYS B 120 18.37 -7.53 23.53
N ALA B 121 19.64 -7.31 23.86
CA ALA B 121 20.26 -8.00 24.96
C ALA B 121 19.95 -7.30 26.28
N TYR B 122 20.20 -8.01 27.37
CA TYR B 122 20.02 -7.45 28.69
C TYR B 122 20.88 -8.21 29.69
N LYS B 123 21.42 -7.48 30.66
CA LYS B 123 21.88 -8.08 31.90
C LYS B 123 20.75 -7.97 32.90
N VAL B 124 20.24 -9.11 33.34
CA VAL B 124 18.98 -9.17 34.07
C VAL B 124 19.27 -9.56 35.51
N HIS B 125 18.89 -8.69 36.42
CA HIS B 125 18.90 -8.91 37.84
C HIS B 125 17.49 -9.31 38.30
N THR B 126 17.22 -9.26 39.60
CA THR B 126 16.02 -9.89 40.13
C THR B 126 14.79 -8.99 40.20
N GLY B 127 14.94 -7.72 40.58
CA GLY B 127 13.81 -6.80 40.71
C GLY B 127 12.73 -7.26 41.68
N THR B 128 11.48 -6.92 41.36
CA THR B 128 10.40 -6.92 42.35
C THR B 128 9.07 -7.24 41.68
N VAL B 129 8.38 -8.28 42.18
CA VAL B 129 7.21 -8.82 41.48
C VAL B 129 5.93 -8.13 41.95
N GLN B 130 4.89 -8.18 41.11
CA GLN B 130 3.66 -7.40 41.25
C GLN B 130 2.43 -8.28 41.00
N ALA B 131 1.24 -7.67 41.14
CA ALA B 131 -0.03 -8.39 41.00
C ALA B 131 -1.20 -7.41 41.06
N MET B 132 -2.25 -7.66 40.27
CA MET B 132 -3.49 -6.86 40.32
C MET B 132 -4.53 -7.51 41.22
N VAL B 133 -4.16 -7.81 42.45
CA VAL B 133 -4.94 -8.69 43.31
C VAL B 133 -6.38 -8.21 43.41
N ASN B 134 -7.32 -9.03 42.94
CA ASN B 134 -8.71 -8.79 43.29
C ASN B 134 -8.95 -9.42 44.64
N ILE B 135 -9.66 -8.68 45.48
CA ILE B 135 -10.38 -9.27 46.58
C ILE B 135 -11.81 -8.74 46.50
N THR B 136 -12.74 -9.65 46.27
CA THR B 136 -14.16 -9.35 46.45
C THR B 136 -14.49 -9.63 47.92
N TYR B 137 -14.01 -8.73 48.77
CA TYR B 137 -13.91 -9.00 50.20
C TYR B 137 -15.26 -9.03 50.89
N GLY B 138 -15.41 -9.99 51.80
CA GLY B 138 -16.41 -9.95 52.85
C GLY B 138 -17.80 -9.59 52.39
N SER B 139 -18.24 -8.41 52.78
CA SER B 139 -19.36 -7.72 52.17
C SER B 139 -18.93 -6.52 51.35
N VAL B 140 -17.64 -6.15 51.39
CA VAL B 140 -17.13 -5.09 50.53
C VAL B 140 -17.35 -5.47 49.08
N SER B 141 -17.05 -6.71 48.73
CA SER B 141 -17.33 -7.34 47.45
C SER B 141 -16.43 -6.85 46.32
N TRP B 142 -15.49 -5.93 46.57
CA TRP B 142 -14.63 -5.50 45.49
C TRP B 142 -13.41 -4.69 45.90
N ARG B 143 -12.27 -5.08 45.34
CA ARG B 143 -11.12 -4.19 45.13
C ARG B 143 -10.24 -4.93 44.14
N SER B 144 -9.82 -4.26 43.08
CA SER B 144 -8.90 -4.85 42.11
C SER B 144 -7.70 -3.91 42.01
N ALA B 145 -6.71 -4.17 42.84
CA ALA B 145 -5.60 -3.26 43.07
C ALA B 145 -4.27 -3.87 42.66
N ASP B 146 -3.39 -3.02 42.18
CA ASP B 146 -2.03 -3.41 41.83
C ASP B 146 -1.16 -3.26 43.06
N VAL B 147 -0.38 -4.31 43.35
CA VAL B 147 0.37 -4.39 44.59
C VAL B 147 1.81 -4.80 44.27
N TYR B 148 2.59 -4.98 45.33
CA TYR B 148 3.95 -5.46 45.28
C TYR B 148 4.06 -6.75 46.09
N VAL B 149 5.30 -7.19 46.26
CA VAL B 149 5.64 -8.42 46.97
C VAL B 149 6.49 -8.17 48.18
N ASN B 150 7.19 -7.06 48.22
CA ASN B 150 8.13 -6.80 49.29
C ASN B 150 7.39 -6.63 50.60
N GLY B 151 7.79 -7.39 51.61
CA GLY B 151 6.94 -7.60 52.76
C GLY B 151 6.85 -6.46 53.75
N GLU B 152 6.77 -5.23 53.26
CA GLU B 152 6.26 -4.14 54.07
C GLU B 152 5.43 -3.15 53.27
N THR B 153 5.12 -3.45 52.01
CA THR B 153 4.36 -2.52 51.18
C THR B 153 2.87 -2.75 51.39
N PRO B 154 2.12 -1.76 51.87
CA PRO B 154 0.67 -1.82 51.75
C PRO B 154 0.19 -1.27 50.40
N ALA B 155 -1.09 -1.47 50.15
CA ALA B 155 -1.75 -0.81 49.03
C ALA B 155 -3.20 -0.57 49.45
N LYS B 156 -3.45 0.62 49.99
CA LYS B 156 -4.77 1.00 50.47
C LYS B 156 -5.63 1.46 49.28
N ILE B 157 -6.02 0.47 48.48
CA ILE B 157 -6.94 0.67 47.38
C ILE B 157 -8.17 -0.18 47.68
N GLY B 158 -9.31 0.47 47.79
CA GLY B 158 -10.49 -0.13 48.38
C GLY B 158 -10.67 0.41 49.78
N ASP B 159 -10.63 -0.48 50.77
CA ASP B 159 -10.56 -0.08 52.18
C ASP B 159 -9.54 -0.87 52.98
N ALA B 160 -9.07 -2.00 52.48
CA ALA B 160 -8.19 -2.88 53.23
C ALA B 160 -6.75 -2.56 52.93
N LYS B 161 -5.92 -2.74 53.96
CA LYS B 161 -4.47 -2.58 53.87
C LYS B 161 -3.86 -3.96 53.89
N LEU B 162 -3.02 -4.25 52.89
CA LEU B 162 -2.58 -5.61 52.62
C LEU B 162 -1.08 -5.62 52.34
N ILE B 163 -0.38 -6.52 53.00
CA ILE B 163 1.07 -6.65 52.88
C ILE B 163 1.34 -8.04 52.37
N ILE B 164 2.21 -8.12 51.37
CA ILE B 164 2.41 -9.31 50.57
C ILE B 164 3.88 -9.66 50.64
N GLY B 165 4.16 -10.96 50.65
CA GLY B 165 5.50 -11.47 50.47
C GLY B 165 6.45 -10.97 51.54
N PRO B 166 7.77 -11.06 51.29
CA PRO B 166 8.42 -11.53 50.08
C PRO B 166 8.24 -13.00 49.84
N LEU B 167 8.02 -13.37 48.59
CA LEU B 167 7.86 -14.78 48.26
C LEU B 167 9.15 -15.53 48.49
N SER B 168 9.02 -16.83 48.78
CA SER B 168 10.16 -17.68 49.01
C SER B 168 10.74 -18.26 47.72
N SER B 169 9.99 -18.19 46.62
CA SER B 169 10.33 -18.90 45.40
C SER B 169 11.02 -17.93 44.44
N ALA B 170 12.30 -17.70 44.69
CA ALA B 170 13.03 -16.66 44.00
C ALA B 170 13.49 -17.06 42.61
N TRP B 171 12.92 -18.09 42.01
CA TRP B 171 13.30 -18.47 40.66
C TRP B 171 12.86 -17.37 39.72
N SER B 172 13.79 -16.52 39.33
CA SER B 172 13.55 -15.65 38.21
C SER B 172 13.67 -16.51 36.96
N PRO B 173 12.60 -16.73 36.19
CA PRO B 173 12.74 -17.56 35.00
C PRO B 173 13.69 -16.96 33.99
N PHE B 174 13.80 -15.64 33.96
CA PHE B 174 14.89 -15.01 33.24
C PHE B 174 16.22 -15.47 33.81
N ASP B 175 17.15 -15.78 32.93
CA ASP B 175 18.53 -15.99 33.34
C ASP B 175 19.19 -14.64 33.56
N ASN B 176 20.48 -14.66 33.89
CA ASN B 176 21.22 -13.42 34.04
C ASN B 176 21.27 -12.66 32.72
N LYS B 177 21.69 -13.34 31.66
CA LYS B 177 21.80 -12.76 30.34
C LYS B 177 20.60 -13.17 29.51
N VAL B 178 20.00 -12.21 28.84
CA VAL B 178 18.78 -12.41 28.08
C VAL B 178 18.88 -11.65 26.78
N VAL B 179 18.37 -12.26 25.72
CA VAL B 179 18.09 -11.56 24.47
C VAL B 179 16.58 -11.48 24.33
N VAL B 180 16.13 -10.43 23.68
CA VAL B 180 14.72 -10.12 23.55
C VAL B 180 14.45 -9.72 22.11
N TYR B 181 13.31 -10.17 21.58
CA TYR B 181 13.00 -9.95 20.18
C TYR B 181 11.49 -9.80 20.03
N GLY B 182 11.02 -8.57 20.02
CA GLY B 182 9.66 -8.28 19.62
C GLY B 182 8.64 -8.73 20.65
N HIS B 183 8.47 -10.04 20.75
CA HIS B 183 7.80 -10.66 21.89
C HIS B 183 8.47 -11.92 22.38
N GLU B 184 9.23 -12.60 21.54
CA GLU B 184 9.88 -13.84 21.92
C GLU B 184 11.15 -13.52 22.67
N VAL B 185 11.21 -13.95 23.92
CA VAL B 185 12.29 -13.64 24.83
C VAL B 185 13.16 -14.86 24.99
N TYR B 186 14.46 -14.67 24.84
CA TYR B 186 15.43 -15.75 24.81
C TYR B 186 16.44 -15.53 25.93
N ASN B 187 16.52 -16.49 26.83
CA ASN B 187 17.45 -16.42 27.96
C ASN B 187 18.84 -16.84 27.51
N TYR B 188 19.37 -16.07 26.57
CA TYR B 188 20.54 -16.44 25.81
C TYR B 188 21.78 -15.78 26.37
N ASP B 189 22.86 -16.54 26.42
CA ASP B 189 24.17 -16.01 26.78
C ASP B 189 24.70 -15.24 25.58
N PHE B 190 24.14 -14.05 25.37
CA PHE B 190 24.66 -13.19 24.32
C PHE B 190 26.12 -12.91 24.61
N PRO B 191 26.99 -12.86 23.59
CA PRO B 191 28.43 -12.78 23.89
C PRO B 191 28.78 -11.55 24.70
N GLU B 192 28.61 -10.36 24.12
CA GLU B 192 28.68 -9.08 24.81
C GLU B 192 28.56 -7.99 23.76
N TYR B 193 28.30 -6.76 24.17
CA TYR B 193 28.65 -5.62 23.36
C TYR B 193 30.13 -5.66 23.04
N GLY B 194 30.49 -5.22 21.84
CA GLY B 194 31.87 -4.98 21.53
C GLY B 194 32.68 -6.18 21.08
N THR B 195 32.09 -7.37 21.03
CA THR B 195 32.86 -8.60 20.82
C THR B 195 32.32 -9.55 19.77
N GLY B 196 31.03 -9.50 19.46
CA GLY B 196 30.35 -10.61 18.81
C GLY B 196 30.95 -11.06 17.50
N LYS B 197 31.31 -12.33 17.42
CA LYS B 197 31.96 -12.86 16.24
C LYS B 197 31.05 -12.74 15.03
N ALA B 198 31.64 -12.42 13.89
CA ALA B 198 30.87 -12.21 12.68
C ALA B 198 30.15 -13.48 12.28
N GLY B 199 28.91 -13.31 11.86
CA GLY B 199 28.02 -14.42 11.60
C GLY B 199 27.29 -14.85 12.84
N SER B 200 28.02 -14.96 13.95
CA SER B 200 27.37 -15.27 15.20
C SER B 200 26.47 -14.13 15.62
N PHE B 201 25.62 -14.41 16.60
CA PHE B 201 24.72 -13.41 17.13
C PHE B 201 25.48 -12.20 17.59
N GLY B 202 24.92 -11.03 17.32
CA GLY B 202 25.58 -9.80 17.69
C GLY B 202 26.80 -9.49 16.85
N ASP B 203 26.72 -9.73 15.54
CA ASP B 203 27.76 -9.22 14.67
C ASP B 203 27.71 -7.71 14.64
N LEU B 204 26.51 -7.14 14.56
CA LEU B 204 26.28 -5.74 14.81
C LEU B 204 25.87 -5.60 16.27
N GLN B 205 26.45 -4.63 16.94
CA GLN B 205 26.17 -4.41 18.36
C GLN B 205 26.15 -2.90 18.58
N SER B 206 24.96 -2.33 18.56
CA SER B 206 24.74 -0.93 18.87
C SER B 206 24.14 -0.83 20.26
N ARG B 207 24.64 0.14 21.03
CA ARG B 207 24.13 0.36 22.37
C ARG B 207 22.63 0.56 22.35
N THR B 208 22.16 1.48 21.53
CA THR B 208 20.74 1.66 21.28
C THR B 208 20.56 1.95 19.81
N SER B 209 19.35 2.35 19.44
CA SER B 209 19.06 2.63 18.06
C SER B 209 19.67 3.96 17.63
N THR B 210 19.60 4.95 18.51
CA THR B 210 20.19 6.25 18.22
C THR B 210 21.70 6.20 18.13
N SER B 211 22.32 5.26 18.85
CA SER B 211 23.77 5.27 19.02
C SER B 211 24.49 5.11 17.68
N ASN B 212 25.13 6.19 17.23
CA ASN B 212 25.84 6.15 15.96
C ASN B 212 27.02 5.21 16.03
N ASP B 213 27.66 5.13 17.19
CA ASP B 213 28.75 4.18 17.38
C ASP B 213 28.19 2.79 17.61
N LEU B 214 29.00 1.78 17.28
CA LEU B 214 28.59 0.40 17.47
C LEU B 214 29.83 -0.47 17.39
N TYR B 215 29.60 -1.79 17.36
CA TYR B 215 30.63 -2.77 17.09
C TYR B 215 30.14 -3.67 15.99
N ALA B 216 30.85 -3.66 14.87
CA ALA B 216 30.47 -4.43 13.68
C ALA B 216 31.63 -5.34 13.32
N ASN B 217 31.71 -6.49 13.98
CA ASN B 217 32.53 -7.58 13.49
C ASN B 217 31.62 -8.34 12.54
N THR B 218 31.72 -8.01 11.26
CA THR B 218 31.04 -8.72 10.20
C THR B 218 32.00 -9.44 9.27
N ASN B 219 33.30 -9.32 9.49
CA ASN B 219 34.30 -9.89 8.60
C ASN B 219 34.10 -9.35 7.19
N LEU B 220 33.72 -8.09 7.11
CA LEU B 220 33.54 -7.43 5.83
C LEU B 220 34.88 -7.31 5.13
N LYS B 221 35.01 -7.98 4.00
CA LYS B 221 36.25 -7.99 3.22
C LYS B 221 35.91 -7.62 1.79
N LEU B 222 36.37 -6.46 1.37
CA LEU B 222 36.17 -6.05 -0.01
C LEU B 222 37.12 -6.81 -0.91
N GLN B 223 36.64 -7.13 -2.11
CA GLN B 223 37.45 -7.72 -3.15
C GLN B 223 37.44 -6.82 -4.38
N ARG B 224 38.41 -7.02 -5.25
CA ARG B 224 38.54 -6.12 -6.37
C ARG B 224 37.41 -6.38 -7.37
N PRO B 225 36.86 -5.35 -7.99
CA PRO B 225 35.85 -5.60 -9.02
C PRO B 225 36.49 -6.25 -10.23
N GLN B 226 35.65 -6.97 -10.97
CA GLN B 226 36.11 -7.86 -12.02
C GLN B 226 36.21 -7.14 -13.36
N ALA B 227 37.24 -7.52 -14.12
CA ALA B 227 37.35 -7.30 -15.56
C ALA B 227 37.02 -5.87 -15.97
N GLY B 228 37.54 -4.90 -15.21
CA GLY B 228 37.39 -3.51 -15.57
C GLY B 228 35.94 -3.08 -15.64
N ILE B 229 35.20 -3.28 -14.55
CA ILE B 229 33.84 -2.79 -14.44
C ILE B 229 33.66 -2.17 -13.05
N VAL B 230 32.85 -1.12 -13.00
CA VAL B 230 32.54 -0.44 -11.75
C VAL B 230 31.57 -1.28 -10.95
N HIS B 231 32.02 -1.76 -9.80
CA HIS B 231 31.15 -2.27 -8.75
C HIS B 231 32.03 -2.51 -7.53
N THR B 232 31.41 -3.02 -6.47
CA THR B 232 32.05 -3.14 -5.17
C THR B 232 31.78 -4.53 -4.63
N PRO B 233 32.68 -5.46 -4.86
CA PRO B 233 32.58 -6.73 -4.15
C PRO B 233 32.70 -6.49 -2.66
N PHE B 234 31.62 -6.70 -1.94
CA PHE B 234 31.67 -6.77 -0.48
C PHE B 234 31.35 -8.20 -0.11
N THR B 235 32.34 -8.87 0.47
CA THR B 235 32.23 -10.25 0.90
C THR B 235 32.04 -10.23 2.40
N GLN B 236 30.93 -10.77 2.85
CA GLN B 236 30.49 -10.51 4.20
C GLN B 236 29.61 -11.66 4.66
N ALA B 237 29.65 -11.89 5.95
CA ALA B 237 28.73 -12.83 6.56
C ALA B 237 27.35 -12.18 6.64
N PRO B 238 26.29 -12.79 6.09
CA PRO B 238 24.96 -12.34 6.47
C PRO B 238 24.79 -12.45 7.98
N SER B 239 23.90 -11.63 8.51
CA SER B 239 24.05 -11.30 9.92
C SER B 239 23.71 -12.47 10.83
N GLY B 240 24.31 -12.42 12.01
CA GLY B 240 23.83 -13.18 13.14
C GLY B 240 22.52 -12.72 13.71
N PHE B 241 21.92 -11.69 13.10
CA PHE B 241 20.51 -11.39 13.27
C PHE B 241 19.66 -12.03 12.18
N GLU B 242 20.25 -12.38 11.05
CA GLU B 242 19.53 -13.13 10.02
C GLU B 242 19.30 -14.56 10.50
N ARG B 243 20.38 -15.31 10.69
CA ARG B 243 20.29 -16.40 11.65
C ARG B 243 20.09 -15.78 13.01
N TRP B 244 19.58 -16.58 13.94
CA TRP B 244 18.91 -16.17 15.18
C TRP B 244 17.45 -15.84 14.88
N LYS B 245 17.02 -15.87 13.62
CA LYS B 245 15.62 -15.84 13.28
C LYS B 245 15.15 -17.12 12.59
N ARG B 246 16.07 -17.98 12.14
CA ARG B 246 15.69 -19.27 11.58
C ARG B 246 16.62 -20.42 11.94
N ASP B 247 17.65 -20.19 12.76
CA ASP B 247 18.41 -21.26 13.39
C ASP B 247 18.56 -20.97 14.87
N LYS B 248 17.56 -20.34 15.44
CA LYS B 248 17.56 -19.82 16.80
C LYS B 248 17.29 -20.93 17.81
N GLY B 249 17.02 -20.50 19.04
CA GLY B 249 16.42 -21.34 20.06
C GLY B 249 15.00 -20.90 20.35
N ALA B 250 14.34 -21.68 21.16
CA ALA B 250 12.92 -21.48 21.41
C ALA B 250 12.70 -20.44 22.51
N PRO B 251 11.51 -19.85 22.58
CA PRO B 251 11.29 -18.77 23.54
C PRO B 251 10.92 -19.22 24.94
N LEU B 252 11.32 -18.36 25.87
CA LEU B 252 11.13 -18.61 27.28
C LEU B 252 9.67 -18.70 27.63
N ASN B 253 8.79 -18.05 26.87
CA ASN B 253 7.37 -18.30 27.01
C ASN B 253 6.95 -19.61 26.36
N ASP B 254 7.90 -20.39 25.86
CA ASP B 254 7.68 -21.75 25.40
C ASP B 254 8.67 -22.75 25.98
N VAL B 255 9.65 -22.32 26.80
CA VAL B 255 10.57 -23.27 27.41
C VAL B 255 10.83 -23.01 28.89
N ALA B 256 10.22 -21.97 29.45
CA ALA B 256 10.50 -21.66 30.85
C ALA B 256 10.04 -22.80 31.76
N PRO B 257 10.55 -22.85 32.98
CA PRO B 257 9.89 -23.65 34.02
C PRO B 257 8.88 -22.90 34.86
N PHE B 258 8.23 -23.64 35.75
CA PHE B 258 7.31 -23.19 36.79
C PHE B 258 6.31 -22.12 36.35
N GLY B 259 5.89 -22.21 35.10
CA GLY B 259 4.65 -21.62 34.64
C GLY B 259 4.50 -20.13 34.46
N CYS B 260 5.17 -19.57 33.45
CA CYS B 260 5.29 -18.15 33.25
C CYS B 260 4.86 -17.81 31.83
N SER B 261 4.45 -16.56 31.67
CA SER B 261 4.21 -15.97 30.37
C SER B 261 4.96 -14.64 30.33
N ILE B 262 5.13 -14.10 29.13
CA ILE B 262 6.15 -13.08 28.86
C ILE B 262 5.54 -11.96 28.01
N ALA B 263 6.15 -10.78 28.09
CA ALA B 263 5.77 -9.66 27.24
C ALA B 263 6.96 -8.74 26.98
N LEU B 264 7.00 -8.16 25.78
CA LEU B 264 7.85 -7.01 25.48
C LEU B 264 7.03 -5.77 25.77
N GLU B 265 7.12 -5.36 27.00
CA GLU B 265 6.25 -4.51 27.77
C GLU B 265 7.23 -4.33 28.92
N PRO B 266 6.89 -3.93 30.14
CA PRO B 266 7.95 -3.78 31.16
C PRO B 266 8.89 -4.95 31.45
N LEU B 267 8.87 -6.04 30.65
CA LEU B 267 9.77 -7.18 30.73
C LEU B 267 9.36 -8.04 31.90
N ARG B 268 8.06 -8.11 32.09
CA ARG B 268 7.53 -8.96 33.11
C ARG B 268 7.54 -10.40 32.66
N ALA B 269 7.36 -11.28 33.63
CA ALA B 269 7.14 -12.70 33.37
C ALA B 269 5.89 -13.07 34.16
N GLU B 270 4.74 -12.98 33.51
CA GLU B 270 3.47 -13.07 34.21
C GLU B 270 3.26 -14.45 34.82
N ASN B 271 2.50 -14.46 35.91
CA ASN B 271 1.71 -15.60 36.33
C ASN B 271 2.57 -16.79 36.69
N CYS B 272 3.77 -16.54 37.18
CA CYS B 272 4.72 -17.59 37.55
C CYS B 272 4.23 -18.26 38.82
N ALA B 273 3.55 -19.39 38.65
CA ALA B 273 2.99 -20.15 39.76
C ALA B 273 4.09 -20.99 40.38
N VAL B 274 4.65 -20.52 41.49
CA VAL B 274 5.61 -21.33 42.21
C VAL B 274 5.76 -20.84 43.64
N GLY B 275 5.73 -21.78 44.58
CA GLY B 275 5.95 -21.47 45.97
C GLY B 275 4.77 -20.75 46.61
N SER B 276 5.07 -20.15 47.75
CA SER B 276 4.08 -19.51 48.60
C SER B 276 4.46 -18.06 48.84
N ILE B 277 3.49 -17.30 49.35
CA ILE B 277 3.66 -15.89 49.63
C ILE B 277 3.09 -15.61 51.01
N PRO B 278 3.89 -15.13 51.98
CA PRO B 278 3.35 -14.83 53.31
C PRO B 278 2.57 -13.52 53.38
N ILE B 279 1.27 -13.60 53.17
CA ILE B 279 0.43 -12.42 52.98
C ILE B 279 -0.32 -12.13 54.26
N SER B 280 -0.47 -10.84 54.53
CA SER B 280 -1.04 -10.34 55.78
C SER B 280 -1.83 -9.09 55.48
N ILE B 281 -3.03 -9.00 56.03
CA ILE B 281 -3.95 -7.91 55.74
C ILE B 281 -4.41 -7.29 57.04
N ASP B 282 -4.63 -5.98 57.00
CA ASP B 282 -5.31 -5.23 58.05
C ASP B 282 -6.65 -4.79 57.47
N ILE B 283 -7.69 -5.51 57.86
CA ILE B 283 -9.06 -5.26 57.42
C ILE B 283 -9.55 -3.96 58.03
N PRO B 284 -10.51 -3.25 57.42
CA PRO B 284 -11.19 -2.20 58.16
C PRO B 284 -12.14 -2.79 59.18
N ASP B 285 -11.97 -2.41 60.45
CA ASP B 285 -12.81 -2.93 61.51
C ASP B 285 -14.28 -2.60 61.28
N ALA B 286 -14.56 -1.51 60.57
CA ALA B 286 -15.94 -1.20 60.22
C ALA B 286 -16.57 -2.30 59.40
N ALA B 287 -15.80 -2.96 58.55
CA ALA B 287 -16.33 -4.03 57.73
C ALA B 287 -16.71 -5.25 58.55
N PHE B 288 -16.13 -5.40 59.74
CA PHE B 288 -16.54 -6.50 60.60
C PHE B 288 -17.99 -6.34 61.03
N THR B 289 -18.63 -7.49 61.21
CA THR B 289 -19.91 -7.58 61.90
C THR B 289 -19.61 -8.10 63.30
N ARG B 290 -20.24 -7.49 64.29
CA ARG B 290 -20.06 -7.97 65.65
C ARG B 290 -20.69 -9.36 65.78
N ILE B 291 -20.17 -10.10 66.76
CA ILE B 291 -20.49 -11.52 66.84
C ILE B 291 -21.94 -11.76 67.21
N SER B 292 -22.56 -10.81 67.92
CA SER B 292 -23.90 -11.00 68.46
C SER B 292 -25.00 -10.74 67.43
N GLU B 293 -24.66 -10.64 66.15
CA GLU B 293 -25.61 -10.32 65.11
C GLU B 293 -25.69 -11.37 64.03
N THR B 294 -24.65 -12.18 63.87
CA THR B 294 -24.73 -13.32 62.96
C THR B 294 -25.38 -14.50 63.69
N PRO B 295 -26.16 -15.33 62.99
CA PRO B 295 -26.75 -16.49 63.67
C PRO B 295 -25.67 -17.47 64.13
N THR B 296 -25.86 -17.98 65.34
CA THR B 296 -25.08 -19.11 65.81
C THR B 296 -25.68 -20.39 65.25
N VAL B 297 -24.83 -21.22 64.66
CA VAL B 297 -25.25 -22.27 63.75
C VAL B 297 -25.08 -23.66 64.36
N SER B 298 -24.52 -23.76 65.56
CA SER B 298 -24.16 -25.05 66.13
C SER B 298 -25.36 -25.96 66.34
N ASP B 299 -25.11 -27.19 66.79
CA ASP B 299 -26.10 -28.26 66.81
C ASP B 299 -26.58 -28.57 65.40
N LEU B 300 -25.63 -28.56 64.47
CA LEU B 300 -25.87 -28.79 63.05
C LEU B 300 -25.48 -30.22 62.68
N GLU B 301 -25.47 -30.49 61.37
CA GLU B 301 -24.87 -31.71 60.86
C GLU B 301 -24.44 -31.45 59.42
N CYS B 302 -23.31 -32.07 59.03
CA CYS B 302 -22.79 -31.97 57.68
C CYS B 302 -22.55 -33.35 57.11
N LYS B 303 -22.80 -33.49 55.81
CA LYS B 303 -22.47 -34.72 55.12
C LYS B 303 -22.35 -34.43 53.63
N ILE B 304 -21.37 -35.08 53.00
CA ILE B 304 -21.34 -35.11 51.56
C ILE B 304 -22.59 -35.82 51.05
N THR B 305 -22.89 -35.58 49.80
CA THR B 305 -23.95 -36.30 49.10
C THR B 305 -23.46 -36.85 47.77
N GLU B 306 -22.62 -36.11 47.07
CA GLU B 306 -21.95 -36.64 45.87
C GLU B 306 -20.59 -35.94 45.81
N CYS B 307 -19.60 -36.55 46.45
CA CYS B 307 -18.27 -35.97 46.44
C CYS B 307 -17.53 -36.43 45.20
N THR B 308 -16.99 -35.47 44.48
CA THR B 308 -16.25 -35.71 43.25
C THR B 308 -14.77 -35.49 43.55
N TYR B 309 -13.99 -36.55 43.37
CA TYR B 309 -12.59 -36.61 43.79
C TYR B 309 -11.72 -35.90 42.76
N ALA B 310 -11.86 -34.57 42.71
CA ALA B 310 -11.54 -33.86 41.48
C ALA B 310 -11.11 -32.42 41.73
N SER B 311 -10.99 -31.67 40.62
CA SER B 311 -10.45 -30.32 40.56
C SER B 311 -11.56 -29.29 40.50
N ASP B 312 -12.40 -29.37 39.48
CA ASP B 312 -13.59 -28.56 39.45
C ASP B 312 -14.41 -28.80 40.70
N PHE B 313 -15.19 -27.81 41.09
CA PHE B 313 -15.91 -27.90 42.35
C PHE B 313 -17.03 -28.92 42.22
N GLY B 314 -16.68 -30.19 42.17
CA GLY B 314 -17.65 -31.25 42.03
C GLY B 314 -18.11 -31.79 43.35
N GLY B 315 -17.30 -31.59 44.39
CA GLY B 315 -17.68 -32.05 45.71
C GLY B 315 -18.81 -31.21 46.26
N ILE B 316 -19.84 -31.88 46.80
CA ILE B 316 -20.98 -31.20 47.40
C ILE B 316 -21.26 -31.82 48.76
N ALA B 317 -21.98 -31.06 49.57
CA ALA B 317 -22.36 -31.56 50.89
C ALA B 317 -23.49 -30.72 51.42
N THR B 318 -24.60 -31.36 51.72
CA THR B 318 -25.64 -30.71 52.49
C THR B 318 -25.14 -30.48 53.91
N VAL B 319 -25.72 -29.49 54.56
CA VAL B 319 -25.41 -29.17 55.94
C VAL B 319 -26.73 -28.89 56.65
N ALA B 320 -27.04 -29.68 57.66
CA ALA B 320 -28.24 -29.46 58.46
C ALA B 320 -28.00 -28.26 59.36
N TYR B 321 -28.19 -27.08 58.79
CA TYR B 321 -27.95 -25.85 59.53
C TYR B 321 -28.94 -25.74 60.67
N LYS B 322 -28.42 -25.40 61.85
CA LYS B 322 -29.20 -25.24 63.06
C LYS B 322 -28.87 -23.85 63.60
N SER B 323 -29.59 -22.86 63.11
CA SER B 323 -29.28 -21.47 63.39
C SER B 323 -30.04 -20.98 64.61
N SER B 324 -29.68 -19.77 65.03
CA SER B 324 -30.38 -19.05 66.09
C SER B 324 -31.15 -17.87 65.52
N LYS B 325 -30.46 -16.98 64.83
CA LYS B 325 -31.08 -15.95 64.01
C LYS B 325 -31.16 -16.51 62.59
N ALA B 326 -31.46 -15.64 61.63
CA ALA B 326 -31.45 -16.00 60.21
C ALA B 326 -30.69 -14.94 59.45
N GLY B 327 -29.81 -15.37 58.56
CA GLY B 327 -29.02 -14.43 57.78
C GLY B 327 -27.88 -15.13 57.10
N ASN B 328 -26.81 -14.37 56.87
CA ASN B 328 -25.63 -14.89 56.21
C ASN B 328 -24.68 -15.52 57.22
N CYS B 329 -23.79 -16.33 56.71
CA CYS B 329 -22.85 -17.10 57.52
C CYS B 329 -21.64 -17.41 56.66
N PRO B 330 -20.53 -16.69 56.81
CA PRO B 330 -19.36 -17.03 56.01
C PRO B 330 -18.81 -18.39 56.38
N ILE B 331 -18.23 -19.05 55.39
CA ILE B 331 -17.79 -20.43 55.52
C ILE B 331 -16.38 -20.59 54.99
N HIS B 332 -15.68 -21.57 55.51
CA HIS B 332 -14.35 -21.92 55.05
C HIS B 332 -13.95 -23.22 55.72
N SER B 333 -13.10 -23.97 55.02
CA SER B 333 -12.45 -25.15 55.58
C SER B 333 -11.06 -24.74 56.02
N PRO B 334 -10.78 -24.53 57.31
CA PRO B 334 -9.42 -24.16 57.71
C PRO B 334 -8.39 -25.17 57.27
N SER B 335 -8.77 -26.43 57.17
CA SER B 335 -7.90 -27.41 56.52
C SER B 335 -7.87 -27.14 55.04
N GLY B 336 -6.69 -27.24 54.45
CA GLY B 336 -6.54 -27.04 53.04
C GLY B 336 -6.98 -28.20 52.18
N VAL B 337 -7.52 -29.25 52.78
CA VAL B 337 -7.97 -30.41 52.03
C VAL B 337 -9.07 -30.01 51.06
N ALA B 338 -10.03 -29.23 51.54
CA ALA B 338 -11.22 -28.87 50.78
C ALA B 338 -11.17 -27.40 50.42
N VAL B 339 -11.44 -27.13 49.15
CA VAL B 339 -11.55 -25.77 48.64
C VAL B 339 -12.98 -25.58 48.21
N ILE B 340 -13.58 -24.48 48.65
CA ILE B 340 -15.02 -24.29 48.58
C ILE B 340 -15.31 -23.13 47.63
N LYS B 341 -16.36 -23.31 46.82
CA LYS B 341 -16.76 -22.27 45.88
C LYS B 341 -17.50 -21.14 46.58
N GLU B 342 -18.32 -21.49 47.56
CA GLU B 342 -19.11 -20.51 48.29
C GLU B 342 -18.30 -19.95 49.44
N ASN B 343 -18.17 -18.64 49.48
CA ASN B 343 -17.64 -17.96 50.65
C ASN B 343 -18.68 -17.83 51.75
N ASP B 344 -19.93 -17.61 51.35
CA ASP B 344 -20.99 -17.23 52.26
C ASP B 344 -22.23 -18.03 51.89
N VAL B 345 -22.98 -18.40 52.92
CA VAL B 345 -24.24 -19.11 52.74
C VAL B 345 -25.32 -18.35 53.50
N THR B 346 -26.46 -18.17 52.85
CA THR B 346 -27.62 -17.58 53.48
C THR B 346 -28.33 -18.63 54.32
N LEU B 347 -28.93 -18.18 55.42
CA LEU B 347 -29.60 -19.09 56.34
C LEU B 347 -30.93 -18.52 56.80
N ALA B 348 -31.96 -19.34 56.67
CA ALA B 348 -33.20 -19.13 57.38
C ALA B 348 -33.03 -19.72 58.79
N GLU B 349 -34.13 -19.83 59.52
CA GLU B 349 -34.06 -20.38 60.87
C GLU B 349 -33.83 -21.87 60.79
N SER B 350 -32.57 -22.28 60.79
CA SER B 350 -32.18 -23.68 60.91
C SER B 350 -32.72 -24.52 59.75
N GLY B 351 -32.29 -24.15 58.55
CA GLY B 351 -32.60 -24.89 57.35
C GLY B 351 -31.45 -25.80 56.94
N SER B 352 -31.27 -25.93 55.63
CA SER B 352 -30.20 -26.73 55.07
C SER B 352 -29.83 -26.16 53.71
N PHE B 353 -28.53 -26.08 53.45
CA PHE B 353 -28.04 -25.53 52.18
C PHE B 353 -26.76 -26.23 51.80
N THR B 354 -26.77 -26.83 50.62
CA THR B 354 -25.60 -27.47 50.07
C THR B 354 -24.64 -26.42 49.54
N PHE B 355 -23.35 -26.73 49.62
CA PHE B 355 -22.32 -25.96 48.96
C PHE B 355 -21.53 -26.87 48.03
N HIS B 356 -20.62 -26.26 47.28
CA HIS B 356 -19.77 -26.96 46.35
C HIS B 356 -18.33 -26.91 46.84
N PHE B 357 -17.54 -27.91 46.47
CA PHE B 357 -16.13 -27.89 46.85
C PHE B 357 -15.36 -28.88 45.98
N SER B 358 -14.07 -29.03 46.31
CA SER B 358 -13.18 -29.95 45.63
C SER B 358 -12.12 -30.39 46.60
N THR B 359 -11.68 -31.65 46.48
CA THR B 359 -10.73 -32.25 47.40
C THR B 359 -9.74 -33.08 46.62
N ALA B 360 -8.84 -33.72 47.36
CA ALA B 360 -7.83 -34.59 46.80
C ALA B 360 -7.64 -35.89 47.54
N ASN B 361 -8.29 -36.08 48.68
CA ASN B 361 -8.17 -37.30 49.46
C ASN B 361 -9.48 -38.06 49.42
N ILE B 362 -9.37 -39.37 49.22
CA ILE B 362 -10.52 -40.22 48.98
C ILE B 362 -11.52 -40.08 50.10
N HIS B 363 -11.03 -39.94 51.32
CA HIS B 363 -11.85 -39.79 52.51
C HIS B 363 -11.67 -38.36 53.01
N PRO B 364 -12.39 -37.40 52.47
CA PRO B 364 -12.19 -36.02 52.90
C PRO B 364 -12.70 -35.78 54.30
N ALA B 365 -11.77 -35.76 55.25
CA ALA B 365 -12.07 -35.42 56.63
C ALA B 365 -11.60 -34.00 56.90
N PHE B 366 -12.36 -33.05 56.37
CA PHE B 366 -12.04 -31.64 56.49
C PHE B 366 -13.03 -30.96 57.41
N LYS B 367 -12.52 -30.12 58.29
CA LYS B 367 -13.39 -29.28 59.10
C LYS B 367 -14.03 -28.23 58.23
N LEU B 368 -15.22 -27.80 58.64
CA LEU B 368 -15.91 -26.68 58.00
C LEU B 368 -16.36 -25.73 59.09
N GLN B 369 -15.95 -24.48 58.96
CA GLN B 369 -16.17 -23.47 59.98
C GLN B 369 -17.29 -22.57 59.48
N VAL B 370 -18.51 -22.88 59.87
CA VAL B 370 -19.67 -22.11 59.42
C VAL B 370 -19.89 -21.02 60.47
N CYS B 371 -19.16 -19.92 60.27
CA CYS B 371 -19.26 -18.70 61.07
C CYS B 371 -19.26 -19.02 62.57
N THR B 372 -18.10 -19.53 62.99
CA THR B 372 -17.84 -19.99 64.35
C THR B 372 -18.70 -21.19 64.70
N SER B 373 -18.59 -22.24 63.89
CA SER B 373 -19.09 -23.55 64.28
C SER B 373 -18.39 -24.56 63.40
N ALA B 374 -17.52 -25.37 64.00
CA ALA B 374 -16.75 -26.34 63.26
C ALA B 374 -17.58 -27.60 63.03
N VAL B 375 -17.22 -28.33 61.98
CA VAL B 375 -17.85 -29.61 61.71
C VAL B 375 -16.99 -30.40 60.73
N THR B 376 -16.90 -31.69 60.97
CA THR B 376 -16.25 -32.62 60.06
C THR B 376 -17.26 -33.04 59.01
N CYS B 377 -16.96 -32.77 57.75
CA CYS B 377 -17.76 -33.26 56.62
C CYS B 377 -17.13 -34.51 56.02
N LYS B 378 -16.99 -35.52 56.88
CA LYS B 378 -16.38 -36.77 56.49
C LYS B 378 -17.20 -37.43 55.38
N GLY B 379 -16.50 -38.21 54.54
CA GLY B 379 -17.20 -39.00 53.54
C GLY B 379 -16.27 -39.70 52.58
N ASP B 380 -16.74 -39.85 51.34
CA ASP B 380 -15.98 -40.56 50.31
C ASP B 380 -16.36 -40.00 48.95
N CYS B 381 -15.41 -40.05 48.03
CA CYS B 381 -15.50 -39.32 46.78
C CYS B 381 -15.30 -40.25 45.59
N LYS B 382 -15.64 -39.72 44.41
CA LYS B 382 -15.67 -40.49 43.17
C LYS B 382 -14.76 -39.84 42.13
N PRO B 383 -13.97 -40.63 41.38
CA PRO B 383 -13.13 -40.04 40.33
C PRO B 383 -13.94 -39.64 39.11
N PRO B 384 -13.57 -38.54 38.42
CA PRO B 384 -14.20 -38.20 37.14
C PRO B 384 -13.63 -38.87 35.91
N LYS B 385 -14.05 -38.35 34.75
CA LYS B 385 -13.86 -38.99 33.46
C LYS B 385 -13.27 -38.09 32.36
N ASP B 386 -13.20 -36.76 32.54
CA ASP B 386 -13.29 -35.81 31.42
C ASP B 386 -12.21 -34.71 31.50
N HIS B 387 -10.95 -35.11 31.58
CA HIS B 387 -9.85 -34.23 32.03
C HIS B 387 -9.01 -33.61 30.90
N ILE B 388 -9.60 -32.70 30.10
CA ILE B 388 -8.77 -31.89 29.21
C ILE B 388 -9.23 -30.42 29.07
N VAL B 389 -9.05 -29.59 30.09
CA VAL B 389 -9.47 -28.17 30.05
C VAL B 389 -8.51 -27.54 31.04
N ASP B 390 -8.53 -26.20 31.26
CA ASP B 390 -7.47 -25.38 31.88
C ASP B 390 -7.19 -25.79 33.33
N TYR B 391 -6.85 -24.90 34.27
CA TYR B 391 -6.21 -25.36 35.51
C TYR B 391 -7.12 -25.39 36.72
N PRO B 392 -6.75 -26.14 37.77
CA PRO B 392 -7.72 -26.54 38.78
C PRO B 392 -7.98 -25.49 39.85
N ALA B 393 -8.96 -25.82 40.70
CA ALA B 393 -9.28 -25.09 41.92
C ALA B 393 -8.89 -25.86 43.17
N GLN B 394 -8.34 -27.06 43.02
CA GLN B 394 -8.10 -27.99 44.11
C GLN B 394 -6.76 -27.72 44.77
N HIS B 395 -5.69 -27.81 43.98
CA HIS B 395 -4.32 -27.39 44.30
C HIS B 395 -3.91 -27.74 45.72
N THR B 396 -4.30 -28.93 46.18
CA THR B 396 -4.12 -29.33 47.57
C THR B 396 -3.63 -30.77 47.67
N GLU B 397 -2.94 -31.25 46.66
CA GLU B 397 -2.53 -32.65 46.64
C GLU B 397 -1.52 -32.92 47.75
N SER B 398 -1.74 -33.99 48.47
CA SER B 398 -0.85 -34.41 49.55
C SER B 398 -0.94 -35.93 49.66
N PHE B 399 -0.48 -36.46 50.78
CA PHE B 399 -0.54 -37.89 51.01
C PHE B 399 -1.98 -38.31 51.25
N THR B 400 -2.44 -39.29 50.48
CA THR B 400 -3.83 -39.75 50.51
C THR B 400 -3.92 -41.27 50.43
N TYR C 1 83.75 -33.67 -8.14
CA TYR C 1 82.84 -32.78 -7.38
C TYR C 1 81.38 -32.95 -7.81
N GLU C 2 81.07 -34.03 -8.52
CA GLU C 2 79.72 -34.21 -9.02
C GLU C 2 78.81 -34.49 -7.84
N HIS C 3 78.17 -33.44 -7.33
CA HIS C 3 77.59 -33.46 -5.99
C HIS C 3 76.30 -34.25 -5.98
N THR C 4 76.42 -35.55 -5.81
CA THR C 4 75.28 -36.38 -5.50
C THR C 4 74.59 -35.88 -4.24
N ALA C 5 73.27 -36.01 -4.20
CA ALA C 5 72.52 -35.62 -3.02
C ALA C 5 71.14 -36.24 -3.06
N VAL C 6 70.83 -37.09 -2.09
CA VAL C 6 69.45 -37.43 -1.83
C VAL C 6 68.75 -36.17 -1.40
N MET C 7 67.48 -36.06 -1.75
CA MET C 7 66.79 -34.78 -1.68
C MET C 7 65.28 -34.96 -1.54
N PRO C 8 64.64 -34.39 -0.52
CA PRO C 8 63.22 -34.64 -0.34
C PRO C 8 62.39 -34.00 -1.43
N ASN C 9 61.41 -34.75 -1.92
CA ASN C 9 60.45 -34.23 -2.88
C ASN C 9 59.47 -33.35 -2.15
N LYS C 10 59.65 -32.05 -2.31
CA LYS C 10 58.75 -31.06 -1.73
C LYS C 10 59.00 -29.75 -2.45
N VAL C 11 57.92 -29.06 -2.79
CA VAL C 11 57.98 -28.18 -3.94
C VAL C 11 58.59 -26.83 -3.59
N GLY C 12 58.05 -26.15 -2.59
CA GLY C 12 58.17 -24.71 -2.54
C GLY C 12 59.21 -24.21 -1.58
N ILE C 13 60.37 -24.83 -1.57
CA ILE C 13 61.37 -24.52 -0.55
C ILE C 13 62.76 -24.93 -1.04
N PRO C 14 63.78 -24.09 -0.94
CA PRO C 14 65.10 -24.50 -1.41
C PRO C 14 65.76 -25.49 -0.46
N TYR C 15 66.86 -26.05 -0.96
CA TYR C 15 67.52 -27.22 -0.38
C TYR C 15 69.02 -26.99 -0.32
N LYS C 16 69.42 -25.90 0.34
CA LYS C 16 70.72 -25.29 0.08
C LYS C 16 71.89 -26.17 0.50
N ALA C 17 72.13 -27.23 -0.26
CA ALA C 17 73.27 -28.10 -0.01
C ALA C 17 74.58 -27.36 -0.23
N LEU C 18 75.69 -28.04 0.02
CA LEU C 18 77.01 -27.42 0.00
C LEU C 18 77.98 -28.32 -0.76
N VAL C 19 78.70 -27.74 -1.72
CA VAL C 19 79.67 -28.48 -2.52
C VAL C 19 80.97 -28.53 -1.73
N GLU C 20 81.33 -29.72 -1.26
CA GLU C 20 82.61 -29.95 -0.58
C GLU C 20 83.61 -30.56 -1.54
N ARG C 21 84.00 -29.77 -2.53
CA ARG C 21 85.06 -30.19 -3.43
C ARG C 21 86.39 -30.11 -2.69
N PRO C 22 87.16 -31.20 -2.55
CA PRO C 22 88.50 -31.07 -1.96
C PRO C 22 89.42 -30.28 -2.88
N GLY C 23 89.85 -29.12 -2.42
CA GLY C 23 90.91 -28.38 -3.08
C GLY C 23 90.60 -26.92 -3.30
N TYR C 24 89.36 -26.60 -3.65
CA TYR C 24 88.94 -25.23 -3.88
C TYR C 24 87.84 -24.88 -2.89
N ALA C 25 87.43 -23.61 -2.92
CA ALA C 25 86.46 -23.14 -1.96
C ALA C 25 85.11 -23.83 -2.19
N PRO C 26 84.40 -24.21 -1.13
CA PRO C 26 83.09 -24.80 -1.34
C PRO C 26 82.11 -23.77 -1.87
N VAL C 27 81.01 -24.28 -2.42
CA VAL C 27 79.94 -23.45 -2.93
C VAL C 27 78.62 -24.04 -2.47
N HIS C 28 77.72 -23.17 -2.08
CA HIS C 28 76.38 -23.54 -1.66
C HIS C 28 75.53 -23.87 -2.87
N LEU C 29 74.51 -24.67 -2.62
CA LEU C 29 73.41 -24.84 -3.55
C LEU C 29 72.23 -24.00 -3.11
N GLN C 30 71.27 -23.87 -4.00
CA GLN C 30 69.92 -23.47 -3.61
C GLN C 30 69.00 -24.16 -4.61
N ILE C 31 68.56 -25.36 -4.24
CA ILE C 31 67.77 -26.19 -5.15
C ILE C 31 66.33 -26.14 -4.66
N GLN C 32 65.50 -25.42 -5.40
CA GLN C 32 64.08 -25.28 -5.12
C GLN C 32 63.31 -25.98 -6.22
N LEU C 33 62.72 -27.13 -5.90
CA LEU C 33 61.90 -27.88 -6.83
C LEU C 33 60.56 -27.17 -7.00
N VAL C 34 60.57 -26.08 -7.76
CA VAL C 34 59.41 -25.21 -7.91
C VAL C 34 58.17 -25.96 -8.37
N ASN C 35 58.35 -27.08 -9.07
CA ASN C 35 57.22 -27.85 -9.53
C ASN C 35 57.58 -29.33 -9.60
N THR C 36 56.55 -30.17 -9.52
CA THR C 36 56.64 -31.62 -9.63
C THR C 36 55.55 -32.12 -10.56
N ARG C 37 55.44 -31.52 -11.73
CA ARG C 37 54.40 -31.91 -12.65
C ARG C 37 54.79 -33.23 -13.33
N ILE C 38 53.81 -34.10 -13.49
CA ILE C 38 54.04 -35.53 -13.59
C ILE C 38 53.86 -36.03 -15.02
N ILE C 39 52.65 -35.92 -15.56
CA ILE C 39 52.38 -36.28 -16.95
C ILE C 39 52.64 -37.76 -17.09
N PRO C 40 51.78 -38.60 -16.55
CA PRO C 40 51.91 -40.03 -16.77
C PRO C 40 51.59 -40.40 -18.21
N SER C 41 51.93 -41.63 -18.55
CA SER C 41 51.55 -42.18 -19.83
C SER C 41 50.08 -42.57 -19.79
N THR C 42 49.36 -42.18 -20.83
CA THR C 42 47.91 -42.30 -20.85
C THR C 42 47.42 -42.67 -22.23
N ASN C 43 46.11 -42.87 -22.35
CA ASN C 43 45.46 -43.19 -23.60
C ASN C 43 44.05 -42.66 -23.57
N LEU C 44 43.67 -41.88 -24.57
CA LEU C 44 42.29 -41.46 -24.71
C LEU C 44 41.47 -42.68 -25.14
N GLU C 45 40.61 -43.15 -24.24
CA GLU C 45 39.85 -44.37 -24.47
C GLU C 45 38.50 -44.07 -25.10
N TYR C 46 37.78 -43.13 -24.53
CA TYR C 46 36.56 -42.66 -25.15
C TYR C 46 36.12 -41.39 -24.44
N ILE C 47 35.69 -40.43 -25.21
CA ILE C 47 34.93 -39.33 -24.67
C ILE C 47 33.54 -39.85 -24.39
N THR C 48 32.94 -39.35 -23.33
CA THR C 48 31.50 -39.44 -23.17
C THR C 48 30.97 -38.05 -22.92
N CYS C 49 29.65 -37.98 -22.93
CA CYS C 49 28.89 -36.74 -22.90
C CYS C 49 27.45 -37.17 -22.84
N LYS C 50 26.56 -36.21 -22.67
CA LYS C 50 25.15 -36.54 -22.69
C LYS C 50 24.67 -36.67 -24.12
N TYR C 51 23.80 -37.63 -24.33
CA TYR C 51 23.24 -37.90 -25.64
C TYR C 51 22.47 -36.70 -26.13
N LYS C 52 21.98 -36.79 -27.37
CA LYS C 52 20.83 -36.02 -27.81
C LYS C 52 20.00 -36.91 -28.72
N THR C 53 18.79 -37.21 -28.29
CA THR C 53 17.88 -38.02 -29.08
C THR C 53 17.39 -37.17 -30.24
N LYS C 54 18.26 -37.00 -31.22
CA LYS C 54 17.96 -36.18 -32.39
C LYS C 54 17.13 -37.03 -33.34
N VAL C 55 15.84 -37.09 -33.04
CA VAL C 55 14.86 -37.94 -33.70
C VAL C 55 14.81 -37.61 -35.19
N PRO C 56 15.02 -38.57 -36.08
CA PRO C 56 14.58 -38.35 -37.46
C PRO C 56 13.07 -38.43 -37.55
N SER C 57 12.55 -37.63 -38.44
CA SER C 57 11.13 -37.37 -38.48
C SER C 57 10.37 -38.62 -38.93
N PRO C 58 9.40 -39.11 -38.15
CA PRO C 58 8.81 -40.42 -38.43
C PRO C 58 8.04 -40.45 -39.74
N VAL C 59 7.95 -41.65 -40.27
CA VAL C 59 7.11 -41.91 -41.44
C VAL C 59 5.69 -42.13 -40.97
N VAL C 60 4.75 -41.71 -41.81
CA VAL C 60 3.34 -41.95 -41.59
C VAL C 60 2.76 -42.42 -42.92
N LYS C 61 2.66 -43.72 -43.09
CA LYS C 61 1.91 -44.28 -44.21
C LYS C 61 0.45 -44.35 -43.82
N CYS C 62 -0.42 -43.93 -44.75
CA CYS C 62 -1.80 -43.68 -44.40
C CYS C 62 -2.67 -44.93 -44.44
N CYS C 63 -2.37 -45.88 -45.30
CA CYS C 63 -3.19 -47.09 -45.39
C CYS C 63 -2.25 -48.26 -45.67
N GLY C 64 -1.80 -48.89 -44.60
CA GLY C 64 -0.98 -50.09 -44.65
C GLY C 64 0.37 -49.88 -44.01
N ALA C 65 1.12 -50.96 -43.95
CA ALA C 65 2.32 -51.02 -43.11
C ALA C 65 3.53 -50.43 -43.82
N THR C 66 4.49 -50.00 -43.00
CA THR C 66 5.80 -49.57 -43.46
C THR C 66 6.81 -50.28 -42.57
N GLN C 67 7.35 -51.38 -43.05
CA GLN C 67 8.35 -52.11 -42.28
C GLN C 67 9.59 -51.26 -42.11
N CYS C 68 10.11 -51.21 -40.89
CA CYS C 68 11.34 -50.52 -40.60
C CYS C 68 12.52 -51.45 -40.78
N THR C 69 13.70 -50.85 -41.00
CA THR C 69 14.95 -51.57 -41.05
C THR C 69 15.90 -50.98 -40.02
N SER C 70 16.88 -51.79 -39.63
CA SER C 70 17.82 -51.41 -38.59
C SER C 70 18.96 -50.63 -39.23
N LYS C 71 18.75 -49.32 -39.36
CA LYS C 71 19.78 -48.47 -39.92
C LYS C 71 21.00 -48.46 -39.00
N PRO C 72 22.19 -48.18 -39.55
CA PRO C 72 23.40 -48.30 -38.74
C PRO C 72 23.69 -47.11 -37.83
N HIS C 73 22.73 -46.22 -37.61
CA HIS C 73 22.98 -45.13 -36.70
C HIS C 73 23.24 -45.68 -35.29
N PRO C 74 23.99 -44.95 -34.46
CA PRO C 74 24.26 -45.46 -33.10
C PRO C 74 22.98 -45.57 -32.30
N ASP C 75 22.72 -46.78 -31.82
CA ASP C 75 21.51 -47.09 -31.04
C ASP C 75 20.28 -46.72 -31.84
N TYR C 76 20.25 -47.15 -33.09
CA TYR C 76 19.15 -46.80 -33.97
C TYR C 76 17.91 -47.55 -33.53
N GLN C 77 17.13 -46.93 -32.68
CA GLN C 77 15.87 -47.50 -32.24
C GLN C 77 14.78 -47.10 -33.21
N CYS C 78 14.08 -48.09 -33.73
CA CYS C 78 12.99 -47.85 -34.67
C CYS C 78 11.95 -48.93 -34.47
N GLN C 79 10.69 -48.52 -34.40
CA GLN C 79 9.59 -49.44 -34.18
C GLN C 79 8.40 -48.95 -34.98
N VAL C 80 7.89 -49.83 -35.85
CA VAL C 80 6.69 -49.52 -36.59
C VAL C 80 5.52 -49.45 -35.61
N PHE C 81 4.55 -48.61 -35.95
CA PHE C 81 3.33 -48.53 -35.17
C PHE C 81 2.15 -48.32 -36.09
N THR C 82 1.04 -48.97 -35.76
CA THR C 82 -0.21 -48.82 -36.45
C THR C 82 -1.25 -48.22 -35.50
N GLY C 83 -2.48 -48.15 -35.97
CA GLY C 83 -3.56 -47.71 -35.13
C GLY C 83 -3.41 -46.27 -34.70
N VAL C 84 -3.29 -45.38 -35.68
CA VAL C 84 -3.21 -43.95 -35.43
C VAL C 84 -4.24 -43.24 -36.31
N TYR C 85 -4.27 -41.93 -36.19
CA TYR C 85 -5.24 -41.09 -36.86
C TYR C 85 -4.69 -39.68 -36.72
N PRO C 86 -3.54 -39.42 -37.33
CA PRO C 86 -2.67 -38.33 -36.86
C PRO C 86 -3.18 -36.93 -37.11
N PHE C 87 -3.66 -36.27 -36.05
CA PHE C 87 -4.06 -34.88 -36.16
C PHE C 87 -2.88 -34.02 -36.54
N MET C 88 -2.90 -33.46 -37.76
CA MET C 88 -1.84 -32.60 -38.25
C MET C 88 -2.49 -31.44 -39.00
N TRP C 89 -2.86 -30.39 -38.26
CA TRP C 89 -3.22 -29.08 -38.80
C TRP C 89 -4.56 -29.03 -39.53
N GLY C 90 -5.17 -30.18 -39.81
CA GLY C 90 -6.45 -30.22 -40.50
C GLY C 90 -7.31 -31.29 -39.87
N GLY C 91 -7.15 -31.48 -38.57
CA GLY C 91 -7.56 -32.74 -37.99
C GLY C 91 -6.61 -33.80 -38.49
N ALA C 92 -7.08 -35.05 -38.52
CA ALA C 92 -6.29 -36.10 -39.13
C ALA C 92 -6.13 -35.81 -40.61
N TYR C 93 -5.27 -36.59 -41.27
CA TYR C 93 -5.10 -36.46 -42.71
C TYR C 93 -5.11 -37.80 -43.43
N CYS C 94 -4.70 -38.87 -42.77
CA CYS C 94 -4.78 -40.20 -43.36
C CYS C 94 -6.20 -40.73 -43.23
N PHE C 95 -6.81 -41.11 -44.35
CA PHE C 95 -8.24 -41.37 -44.37
C PHE C 95 -8.62 -42.72 -43.81
N CYS C 96 -7.71 -43.69 -43.76
CA CYS C 96 -7.98 -44.93 -43.05
C CYS C 96 -8.05 -44.64 -41.56
N ASP C 97 -8.29 -45.70 -40.77
CA ASP C 97 -8.45 -45.56 -39.32
C ASP C 97 -7.67 -46.57 -38.50
N THR C 98 -7.29 -47.70 -39.06
CA THR C 98 -6.38 -48.64 -38.41
C THR C 98 -5.18 -48.93 -39.28
N GLU C 99 -5.37 -48.93 -40.59
CA GLU C 99 -4.27 -49.05 -41.53
C GLU C 99 -3.39 -47.81 -41.53
N ASN C 100 -3.82 -46.73 -40.89
CA ASN C 100 -2.94 -45.61 -40.60
C ASN C 100 -1.74 -46.12 -39.84
N THR C 101 -0.57 -46.01 -40.47
CA THR C 101 0.66 -46.54 -39.93
C THR C 101 1.62 -45.40 -39.62
N GLN C 102 2.38 -45.57 -38.56
CA GLN C 102 3.34 -44.58 -38.10
C GLN C 102 4.60 -45.33 -37.72
N MET C 103 5.71 -44.98 -38.36
CA MET C 103 7.01 -45.61 -38.11
C MET C 103 7.88 -44.59 -37.43
N SER C 104 8.12 -44.80 -36.14
CA SER C 104 8.99 -43.94 -35.36
C SER C 104 10.41 -44.50 -35.39
N GLU C 105 11.37 -43.59 -35.55
CA GLU C 105 12.77 -43.95 -35.55
C GLU C 105 13.54 -42.88 -34.79
N ALA C 106 14.49 -43.32 -33.97
CA ALA C 106 15.30 -42.40 -33.20
C ALA C 106 16.64 -43.05 -32.95
N TYR C 107 17.72 -42.30 -33.18
CA TYR C 107 19.06 -42.74 -32.88
C TYR C 107 19.71 -41.76 -31.93
N VAL C 108 20.75 -42.22 -31.31
CA VAL C 108 21.52 -41.43 -30.36
C VAL C 108 22.62 -40.71 -31.12
N GLU C 109 22.92 -39.49 -30.69
CA GLU C 109 23.97 -38.71 -31.30
C GLU C 109 24.62 -37.86 -30.23
N ARG C 110 25.92 -37.61 -30.45
CA ARG C 110 26.66 -36.70 -29.58
C ARG C 110 25.98 -35.35 -29.52
N SER C 111 25.88 -34.80 -28.33
CA SER C 111 25.44 -33.43 -28.19
C SER C 111 26.43 -32.49 -28.84
N GLU C 112 25.98 -31.25 -29.01
CA GLU C 112 26.92 -30.20 -29.38
C GLU C 112 27.86 -29.91 -28.22
N GLU C 113 27.40 -30.15 -26.99
CA GLU C 113 28.25 -30.01 -25.83
C GLU C 113 29.29 -31.11 -25.74
N CYS C 114 29.08 -32.22 -26.43
CA CYS C 114 30.05 -33.31 -26.40
C CYS C 114 31.41 -32.84 -26.87
N SER C 115 31.45 -31.89 -27.80
CA SER C 115 32.72 -31.38 -28.28
C SER C 115 33.48 -30.68 -27.17
N ILE C 116 32.77 -30.05 -26.25
CA ILE C 116 33.35 -29.05 -25.37
C ILE C 116 33.15 -29.37 -23.90
N ASP C 117 31.95 -29.78 -23.53
CA ASP C 117 31.61 -30.16 -22.17
C ASP C 117 31.43 -31.67 -22.18
N HIS C 118 32.47 -32.38 -21.77
CA HIS C 118 32.50 -33.81 -21.98
C HIS C 118 33.45 -34.42 -20.97
N ALA C 119 32.99 -35.50 -20.35
CA ALA C 119 33.91 -36.29 -19.56
C ALA C 119 34.85 -37.02 -20.52
N LYS C 120 35.89 -37.60 -19.95
CA LYS C 120 36.97 -38.14 -20.78
C LYS C 120 37.69 -39.21 -19.99
N ALA C 121 37.56 -40.45 -20.45
CA ALA C 121 38.19 -41.57 -19.76
C ALA C 121 39.64 -41.71 -20.20
N TYR C 122 40.38 -42.49 -19.43
CA TYR C 122 41.77 -42.76 -19.76
C TYR C 122 42.20 -44.05 -19.08
N LYS C 123 43.04 -44.81 -19.77
CA LYS C 123 43.87 -45.84 -19.14
C LYS C 123 45.22 -45.19 -18.86
N VAL C 124 45.56 -45.08 -17.59
CA VAL C 124 46.67 -44.25 -17.15
C VAL C 124 47.79 -45.15 -16.64
N HIS C 125 48.94 -45.03 -17.28
CA HIS C 125 50.18 -45.65 -16.87
C HIS C 125 51.02 -44.62 -16.12
N THR C 126 52.31 -44.89 -15.94
CA THR C 126 53.10 -44.12 -14.98
C THR C 126 53.81 -42.90 -15.57
N GLY C 127 54.35 -42.99 -16.78
CA GLY C 127 55.09 -41.88 -17.39
C GLY C 127 56.27 -41.37 -16.57
N THR C 128 56.51 -40.06 -16.66
CA THR C 128 57.80 -39.47 -16.30
C THR C 128 57.62 -38.06 -15.77
N VAL C 129 58.09 -37.78 -14.53
CA VAL C 129 57.78 -36.54 -13.86
C VAL C 129 58.82 -35.46 -14.17
N GLN C 130 58.42 -34.20 -14.00
CA GLN C 130 59.16 -33.03 -14.46
C GLN C 130 59.21 -31.95 -13.37
N ALA C 131 59.90 -30.84 -13.65
CA ALA C 131 60.09 -29.75 -12.70
C ALA C 131 60.77 -28.56 -13.37
N MET C 132 60.39 -27.33 -13.01
CA MET C 132 61.06 -26.11 -13.49
C MET C 132 62.12 -25.64 -12.51
N VAL C 133 63.04 -26.51 -12.14
CA VAL C 133 63.92 -26.29 -11.00
C VAL C 133 64.64 -24.96 -11.12
N ASN C 134 64.38 -24.04 -10.18
CA ASN C 134 65.26 -22.90 -10.05
C ASN C 134 66.45 -23.31 -9.22
N ILE C 135 67.62 -22.90 -9.67
CA ILE C 135 68.76 -22.78 -8.78
C ILE C 135 69.32 -21.38 -8.98
N THR C 136 69.27 -20.58 -7.93
CA THR C 136 70.01 -19.34 -7.87
C THR C 136 71.39 -19.67 -7.33
N TYR C 137 72.18 -20.30 -8.20
CA TYR C 137 73.38 -21.01 -7.77
C TYR C 137 74.50 -20.06 -7.36
N GLY C 138 75.19 -20.44 -6.27
CA GLY C 138 76.51 -19.96 -5.95
C GLY C 138 76.68 -18.47 -6.03
N SER C 139 77.44 -18.04 -7.03
CA SER C 139 77.44 -16.69 -7.51
C SER C 139 76.79 -16.55 -8.89
N VAL C 140 76.44 -17.67 -9.52
CA VAL C 140 75.69 -17.62 -10.78
C VAL C 140 74.38 -16.90 -10.56
N SER C 141 73.69 -17.22 -9.46
CA SER C 141 72.49 -16.56 -8.98
C SER C 141 71.25 -16.84 -9.80
N TRP C 142 71.34 -17.64 -10.85
CA TRP C 142 70.12 -17.92 -11.61
C TRP C 142 70.21 -19.07 -12.62
N ARG C 143 69.21 -19.93 -12.57
CA ARG C 143 68.78 -20.74 -13.70
C ARG C 143 67.41 -21.25 -13.33
N SER C 144 66.42 -21.10 -14.21
CA SER C 144 65.09 -21.65 -13.98
C SER C 144 64.76 -22.53 -15.17
N ALA C 145 65.09 -23.81 -15.03
CA ALA C 145 65.08 -24.75 -16.13
C ALA C 145 64.10 -25.88 -15.89
N ASP C 146 63.52 -26.36 -16.98
CA ASP C 146 62.62 -27.50 -16.94
C ASP C 146 63.44 -28.77 -17.12
N VAL C 147 63.21 -29.75 -16.25
CA VAL C 147 64.03 -30.94 -16.17
C VAL C 147 63.13 -32.17 -16.15
N TYR C 148 63.77 -33.32 -16.00
CA TYR C 148 63.13 -34.61 -15.86
C TYR C 148 63.55 -35.23 -14.53
N VAL C 149 63.16 -36.48 -14.36
CA VAL C 149 63.41 -37.26 -13.16
C VAL C 149 64.25 -38.48 -13.43
N ASN C 150 64.26 -38.96 -14.66
CA ASN C 150 64.94 -40.20 -14.98
C ASN C 150 66.44 -40.02 -14.80
N GLY C 151 67.05 -40.91 -14.02
CA GLY C 151 68.36 -40.64 -13.47
C GLY C 151 69.53 -40.77 -14.42
N GLU C 152 69.37 -40.31 -15.65
CA GLU C 152 70.52 -40.02 -16.50
C GLU C 152 70.30 -38.79 -17.36
N THR C 153 69.22 -38.05 -17.17
CA THR C 153 68.95 -36.89 -18.00
C THR C 153 69.63 -35.67 -17.42
N PRO C 154 70.53 -35.02 -18.14
CA PRO C 154 70.95 -33.67 -17.78
C PRO C 154 70.02 -32.62 -18.38
N ALA C 155 70.22 -31.39 -17.94
CA ALA C 155 69.59 -30.24 -18.57
C ALA C 155 70.55 -29.06 -18.42
N LYS C 156 71.38 -28.87 -19.44
CA LYS C 156 72.39 -27.81 -19.44
C LYS C 156 71.71 -26.49 -19.85
N ILE C 157 70.92 -25.97 -18.91
CA ILE C 157 70.30 -24.66 -19.04
C ILE C 157 70.85 -23.82 -17.91
N GLY C 158 71.51 -22.72 -18.27
CA GLY C 158 72.35 -21.99 -17.34
C GLY C 158 73.79 -22.31 -17.64
N ASP C 159 74.49 -22.89 -16.66
CA ASP C 159 75.82 -23.44 -16.87
C ASP C 159 76.00 -24.80 -16.23
N ALA C 160 75.14 -25.21 -15.31
CA ALA C 160 75.33 -26.43 -14.57
C ALA C 160 74.59 -27.57 -15.24
N LYS C 161 75.18 -28.75 -15.12
CA LYS C 161 74.60 -29.99 -15.61
C LYS C 161 74.10 -30.78 -14.41
N LEU C 162 72.83 -31.17 -14.45
CA LEU C 162 72.14 -31.68 -13.28
C LEU C 162 71.34 -32.91 -13.64
N ILE C 163 71.49 -33.96 -12.84
CA ILE C 163 70.82 -35.24 -13.05
C ILE C 163 69.96 -35.50 -11.84
N ILE C 164 68.72 -35.89 -12.09
CA ILE C 164 67.68 -35.94 -11.09
C ILE C 164 67.12 -37.35 -11.08
N GLY C 165 66.75 -37.80 -9.88
CA GLY C 165 66.00 -39.02 -9.72
C GLY C 165 66.72 -40.23 -10.27
N PRO C 166 65.99 -41.33 -10.52
CA PRO C 166 64.55 -41.51 -10.38
C PRO C 166 64.09 -41.48 -8.93
N LEU C 167 62.97 -40.84 -8.69
CA LEU C 167 62.43 -40.77 -7.35
C LEU C 167 62.01 -42.16 -6.87
N SER C 168 62.05 -42.35 -5.56
CA SER C 168 61.66 -43.61 -4.97
C SER C 168 60.16 -43.70 -4.71
N SER C 169 59.45 -42.58 -4.76
CA SER C 169 58.07 -42.50 -4.31
C SER C 169 57.15 -42.58 -5.52
N ALA C 170 56.95 -43.80 -6.00
CA ALA C 170 56.28 -44.03 -7.26
C ALA C 170 54.77 -43.95 -7.17
N TRP C 171 54.22 -43.34 -6.12
CA TRP C 171 52.77 -43.22 -6.03
C TRP C 171 52.31 -42.26 -7.10
N SER C 172 51.81 -42.82 -8.18
CA SER C 172 51.05 -42.01 -9.12
C SER C 172 49.69 -41.76 -8.49
N PRO C 173 49.35 -40.51 -8.13
CA PRO C 173 48.04 -40.30 -7.52
C PRO C 173 46.90 -40.64 -8.45
N PHE C 174 47.12 -40.54 -9.75
CA PHE C 174 46.19 -41.13 -10.69
C PHE C 174 46.13 -42.64 -10.47
N ASP C 175 44.92 -43.17 -10.50
CA ASP C 175 44.75 -44.60 -10.56
C ASP C 175 44.98 -45.08 -11.99
N ASN C 176 44.81 -46.38 -12.21
CA ASN C 176 44.93 -46.92 -13.55
C ASN C 176 43.88 -46.32 -14.47
N LYS C 177 42.62 -46.37 -14.04
CA LYS C 177 41.50 -45.85 -14.81
C LYS C 177 41.10 -44.50 -14.25
N VAL C 178 40.92 -43.54 -15.14
CA VAL C 178 40.64 -42.17 -14.75
C VAL C 178 39.59 -41.62 -15.69
N VAL C 179 38.68 -40.82 -15.13
CA VAL C 179 37.80 -39.97 -15.91
C VAL C 179 38.24 -38.54 -15.66
N VAL C 180 38.03 -37.70 -16.67
CA VAL C 180 38.50 -36.33 -16.66
C VAL C 180 37.38 -35.44 -17.18
N TYR C 181 37.22 -34.28 -16.56
CA TYR C 181 36.11 -33.39 -16.89
C TYR C 181 36.56 -31.95 -16.71
N GLY C 182 36.99 -31.33 -17.80
CA GLY C 182 37.18 -29.90 -17.82
C GLY C 182 38.39 -29.46 -17.02
N HIS C 183 38.27 -29.55 -15.70
CA HIS C 183 39.42 -29.50 -14.81
C HIS C 183 39.35 -30.49 -13.67
N GLU C 184 38.16 -30.96 -13.30
CA GLU C 184 38.02 -31.88 -12.19
C GLU C 184 38.31 -33.29 -12.69
N VAL C 185 39.32 -33.90 -12.12
CA VAL C 185 39.82 -35.20 -12.55
C VAL C 185 39.38 -36.23 -11.54
N TYR C 186 38.81 -37.33 -12.04
CA TYR C 186 38.20 -38.35 -11.21
C TYR C 186 38.89 -39.68 -11.52
N ASN C 187 39.48 -40.27 -10.48
CA ASN C 187 40.18 -41.54 -10.60
C ASN C 187 39.17 -42.69 -10.58
N TYR C 188 38.28 -42.66 -11.55
CA TYR C 188 37.09 -43.47 -11.57
C TYR C 188 37.29 -44.71 -12.42
N ASP C 189 36.77 -45.83 -11.92
CA ASP C 189 36.72 -47.06 -12.67
C ASP C 189 35.60 -46.94 -13.69
N PHE C 190 35.87 -46.17 -14.74
CA PHE C 190 34.91 -46.08 -15.82
C PHE C 190 34.70 -47.48 -16.39
N PRO C 191 33.46 -47.85 -16.78
CA PRO C 191 33.21 -49.25 -17.14
C PRO C 191 34.08 -49.70 -18.29
N GLU C 192 33.87 -49.14 -19.48
CA GLU C 192 34.74 -49.27 -20.63
C GLU C 192 34.05 -48.58 -21.80
N TYR C 193 34.79 -48.32 -22.87
CA TYR C 193 34.15 -48.13 -24.17
C TYR C 193 33.31 -49.34 -24.50
N GLY C 194 32.20 -49.12 -25.15
CA GLY C 194 31.46 -50.21 -25.74
C GLY C 194 30.50 -50.94 -24.83
N THR C 195 30.42 -50.58 -23.56
CA THR C 195 29.69 -51.37 -22.57
C THR C 195 28.74 -50.61 -21.67
N GLY C 196 28.94 -49.31 -21.47
CA GLY C 196 28.37 -48.61 -20.33
C GLY C 196 26.88 -48.69 -20.20
N LYS C 197 26.39 -49.18 -19.07
CA LYS C 197 24.98 -49.38 -18.88
C LYS C 197 24.24 -48.05 -18.94
N ALA C 198 23.05 -48.09 -19.53
CA ALA C 198 22.29 -46.87 -19.71
C ALA C 198 21.93 -46.25 -18.38
N GLY C 199 22.04 -44.94 -18.32
CA GLY C 199 21.89 -44.21 -17.08
C GLY C 199 23.19 -44.11 -16.35
N SER C 200 23.91 -45.23 -16.25
CA SER C 200 25.21 -45.21 -15.64
C SER C 200 26.16 -44.38 -16.49
N PHE C 201 27.30 -44.06 -15.90
CA PHE C 201 28.31 -43.28 -16.58
C PHE C 201 28.72 -43.98 -17.87
N GLY C 202 28.92 -43.18 -18.90
CA GLY C 202 29.27 -43.74 -20.19
C GLY C 202 28.13 -44.44 -20.87
N ASP C 203 26.92 -43.88 -20.80
CA ASP C 203 25.86 -44.40 -21.64
C ASP C 203 26.17 -44.10 -23.10
N LEU C 204 26.65 -42.90 -23.38
CA LEU C 204 27.27 -42.57 -24.65
C LEU C 204 28.76 -42.77 -24.49
N GLN C 205 29.37 -43.42 -25.48
CA GLN C 205 30.79 -43.68 -25.44
C GLN C 205 31.31 -43.53 -26.86
N SER C 206 31.86 -42.36 -27.15
CA SER C 206 32.51 -42.07 -28.40
C SER C 206 34.01 -42.07 -28.19
N ARG C 207 34.73 -42.68 -29.13
CA ARG C 207 36.18 -42.72 -29.06
C ARG C 207 36.75 -41.33 -28.91
N THR C 208 36.38 -40.44 -29.81
CA THR C 208 36.71 -39.03 -29.69
C THR C 208 35.50 -38.22 -30.12
N SER C 209 35.70 -36.92 -30.29
CA SER C 209 34.61 -36.06 -30.68
C SER C 209 34.27 -36.23 -32.14
N THR C 210 35.30 -36.37 -32.98
CA THR C 210 35.10 -36.57 -34.40
C THR C 210 34.46 -37.92 -34.70
N SER C 211 34.68 -38.91 -33.84
CA SER C 211 34.30 -40.29 -34.16
C SER C 211 32.80 -40.42 -34.34
N ASN C 212 32.37 -40.65 -35.58
CA ASN C 212 30.95 -40.79 -35.87
C ASN C 212 30.39 -42.04 -35.23
N ASP C 213 31.19 -43.10 -35.13
CA ASP C 213 30.77 -44.30 -34.44
C ASP C 213 30.88 -44.10 -32.94
N LEU C 214 30.08 -44.84 -32.19
CA LEU C 214 30.11 -44.78 -30.75
C LEU C 214 29.40 -46.00 -30.18
N TYR C 215 29.18 -45.99 -28.88
CA TYR C 215 28.36 -46.97 -28.19
C TYR C 215 27.35 -46.21 -27.36
N ALA C 216 26.07 -46.39 -27.68
CA ALA C 216 24.98 -45.70 -27.00
C ALA C 216 24.03 -46.75 -26.43
N ASN C 217 24.36 -47.26 -25.27
CA ASN C 217 23.38 -47.97 -24.45
C ASN C 217 22.70 -46.89 -23.64
N THR C 218 21.57 -46.41 -24.16
CA THR C 218 20.70 -45.49 -23.46
C THR C 218 19.37 -46.09 -23.09
N ASN C 219 19.11 -47.34 -23.48
CA ASN C 219 17.82 -47.96 -23.27
C ASN C 219 16.72 -47.14 -23.94
N LEU C 220 17.06 -46.56 -25.08
CA LEU C 220 16.11 -45.78 -25.85
C LEU C 220 15.00 -46.70 -26.35
N LYS C 221 13.78 -46.46 -25.88
CA LYS C 221 12.63 -47.27 -26.25
C LYS C 221 11.53 -46.34 -26.72
N LEU C 222 11.22 -46.40 -28.01
CA LEU C 222 10.13 -45.62 -28.54
C LEU C 222 8.81 -46.22 -28.14
N GLN C 223 7.83 -45.35 -27.88
CA GLN C 223 6.46 -45.76 -27.64
C GLN C 223 5.55 -45.11 -28.65
N ARG C 224 4.36 -45.67 -28.80
CA ARG C 224 3.48 -45.19 -29.85
C ARG C 224 2.94 -43.83 -29.47
N PRO C 225 2.79 -42.92 -30.43
CA PRO C 225 2.18 -41.63 -30.09
C PRO C 225 0.71 -41.82 -29.77
N GLN C 226 0.20 -40.88 -28.98
CA GLN C 226 -1.11 -41.01 -28.37
C GLN C 226 -2.21 -40.45 -29.25
N ALA C 227 -3.35 -41.14 -29.23
CA ALA C 227 -4.65 -40.62 -29.65
C ALA C 227 -4.62 -39.94 -31.02
N GLY C 228 -3.91 -40.56 -31.96
CA GLY C 228 -3.89 -40.07 -33.32
C GLY C 228 -3.32 -38.66 -33.42
N ILE C 229 -2.10 -38.47 -32.91
CA ILE C 229 -1.39 -37.21 -33.07
C ILE C 229 0.04 -37.50 -33.44
N VAL C 230 0.62 -36.63 -34.27
CA VAL C 230 2.01 -36.74 -34.69
C VAL C 230 2.90 -36.33 -33.55
N HIS C 231 3.69 -37.26 -33.04
CA HIS C 231 4.86 -36.98 -32.22
C HIS C 231 5.58 -38.29 -32.02
N THR C 232 6.66 -38.24 -31.24
CA THR C 232 7.58 -39.37 -31.11
C THR C 232 7.88 -39.55 -29.63
N PRO C 233 7.14 -40.41 -28.96
CA PRO C 233 7.56 -40.80 -27.62
C PRO C 233 8.90 -41.48 -27.68
N PHE C 234 9.92 -40.83 -27.14
CA PHE C 234 11.21 -41.46 -26.90
C PHE C 234 11.36 -41.55 -25.39
N THR C 235 11.38 -42.77 -24.89
CA THR C 235 11.53 -43.06 -23.48
C THR C 235 12.96 -43.50 -23.26
N GLN C 236 13.66 -42.76 -22.42
CA GLN C 236 15.10 -42.87 -22.39
C GLN C 236 15.60 -42.43 -21.03
N ALA C 237 16.69 -43.02 -20.64
CA ALA C 237 17.39 -42.58 -19.45
C ALA C 237 18.11 -41.26 -19.75
N PRO C 238 17.87 -40.19 -19.00
CA PRO C 238 18.80 -39.07 -19.08
C PRO C 238 20.20 -39.54 -18.74
N SER C 239 21.18 -38.83 -19.26
CA SER C 239 22.47 -39.46 -19.42
C SER C 239 23.18 -39.71 -18.10
N GLY C 240 24.04 -40.70 -18.13
CA GLY C 240 25.08 -40.85 -17.14
C GLY C 240 26.17 -39.81 -17.21
N PHE C 241 26.06 -38.87 -18.15
CA PHE C 241 26.79 -37.62 -18.10
C PHE C 241 25.99 -36.53 -17.43
N GLU C 242 24.66 -36.66 -17.38
CA GLU C 242 23.85 -35.71 -16.63
C GLU C 242 24.06 -35.92 -15.13
N ARG C 243 23.68 -37.08 -14.62
CA ARG C 243 24.35 -37.56 -13.42
C ARG C 243 25.78 -37.81 -13.80
N TRP C 244 26.65 -37.87 -12.79
CA TRP C 244 28.10 -37.70 -12.87
C TRP C 244 28.44 -36.21 -12.90
N LYS C 245 27.45 -35.32 -12.94
CA LYS C 245 27.65 -33.90 -12.69
C LYS C 245 26.94 -33.41 -11.45
N ARG C 246 26.02 -34.19 -10.89
CA ARG C 246 25.38 -33.81 -9.63
C ARG C 246 25.11 -34.99 -8.69
N ASP C 247 25.53 -36.21 -9.03
CA ASP C 247 25.60 -37.32 -8.09
C ASP C 247 26.95 -38.01 -8.21
N LYS C 248 27.97 -37.22 -8.52
CA LYS C 248 29.30 -37.69 -8.83
C LYS C 248 30.09 -38.02 -7.56
N GLY C 249 31.39 -38.21 -7.75
CA GLY C 249 32.36 -38.21 -6.68
C GLY C 249 33.24 -36.97 -6.75
N ALA C 250 34.05 -36.82 -5.73
CA ALA C 250 34.84 -35.61 -5.58
C ALA C 250 36.12 -35.68 -6.37
N PRO C 251 36.76 -34.56 -6.67
CA PRO C 251 37.94 -34.58 -7.54
C PRO C 251 39.24 -34.86 -6.84
N LEU C 252 40.11 -35.47 -7.64
CA LEU C 252 41.40 -35.91 -7.16
C LEU C 252 42.25 -34.74 -6.70
N ASN C 253 42.02 -33.54 -7.23
CA ASN C 253 42.61 -32.36 -6.65
C ASN C 253 41.91 -31.91 -5.38
N ASP C 254 40.94 -32.70 -4.90
CA ASP C 254 40.32 -32.52 -3.61
C ASP C 254 40.27 -33.80 -2.79
N VAL C 255 40.74 -34.95 -3.30
CA VAL C 255 40.76 -36.18 -2.52
C VAL C 255 42.06 -36.96 -2.64
N ALA C 256 43.01 -36.48 -3.43
CA ALA C 256 44.24 -37.23 -3.60
C ALA C 256 44.99 -37.37 -2.28
N PRO C 257 45.91 -38.33 -2.18
CA PRO C 257 46.92 -38.28 -1.13
C PRO C 257 48.20 -37.58 -1.52
N PHE C 258 49.10 -37.48 -0.53
CA PHE C 258 50.48 -36.99 -0.63
C PHE C 258 50.67 -35.74 -1.48
N GLY C 259 49.67 -34.88 -1.48
CA GLY C 259 49.83 -33.48 -1.83
C GLY C 259 50.04 -33.04 -3.26
N CYS C 260 49.00 -33.14 -4.07
CA CYS C 260 49.06 -32.96 -5.51
C CYS C 260 48.01 -31.95 -5.92
N SER C 261 48.27 -31.33 -7.05
CA SER C 261 47.30 -30.49 -7.75
C SER C 261 47.27 -30.95 -9.20
N ILE C 262 46.24 -30.53 -9.92
CA ILE C 262 45.83 -31.18 -11.17
C ILE C 262 45.53 -30.12 -12.23
N ALA C 263 45.62 -30.53 -13.50
CA ALA C 263 45.22 -29.67 -14.60
C ALA C 263 44.74 -30.49 -15.80
N LEU C 264 43.76 -29.95 -16.52
CA LEU C 264 43.41 -30.41 -17.87
C LEU C 264 44.25 -29.61 -18.84
N GLU C 265 45.40 -30.12 -19.09
CA GLU C 265 46.61 -29.50 -19.61
C GLU C 265 47.33 -30.83 -19.86
N PRO C 266 48.64 -30.95 -20.00
CA PRO C 266 49.21 -32.29 -20.25
C PRO C 266 48.88 -33.44 -19.29
N LEU C 267 47.94 -33.27 -18.34
CA LEU C 267 47.44 -34.28 -17.43
C LEU C 267 48.47 -34.52 -16.36
N ARG C 268 49.11 -33.44 -15.97
CA ARG C 268 50.06 -33.49 -14.90
C ARG C 268 49.33 -33.55 -13.57
N ALA C 269 50.10 -33.91 -12.54
CA ALA C 269 49.64 -33.83 -11.17
C ALA C 269 50.73 -33.08 -10.42
N GLU C 270 50.59 -31.76 -10.33
CA GLU C 270 51.66 -30.91 -9.87
C GLU C 270 52.01 -31.17 -8.42
N ASN C 271 53.27 -30.93 -8.09
CA ASN C 271 53.70 -30.55 -6.75
C ASN C 271 53.47 -31.67 -5.74
N CYS C 272 53.52 -32.92 -6.20
CA CYS C 272 53.29 -34.08 -5.34
C CYS C 272 54.48 -34.25 -4.42
N ALA C 273 54.34 -33.75 -3.20
CA ALA C 273 55.39 -33.81 -2.20
C ALA C 273 55.37 -35.18 -1.55
N VAL C 274 56.27 -36.05 -1.98
CA VAL C 274 56.40 -37.34 -1.32
C VAL C 274 57.75 -37.96 -1.63
N GLY C 275 58.41 -38.47 -0.61
CA GLY C 275 59.66 -39.17 -0.76
C GLY C 275 60.80 -38.26 -1.11
N SER C 276 61.87 -38.89 -1.61
CA SER C 276 63.13 -38.25 -1.88
C SER C 276 63.52 -38.46 -3.34
N ILE C 277 64.50 -37.66 -3.78
CA ILE C 277 64.98 -37.70 -5.15
C ILE C 277 66.50 -37.70 -5.11
N PRO C 278 67.19 -38.74 -5.61
CA PRO C 278 68.66 -38.74 -5.62
C PRO C 278 69.27 -37.86 -6.69
N ILE C 279 69.54 -36.61 -6.36
CA ILE C 279 69.92 -35.60 -7.33
C ILE C 279 71.42 -35.39 -7.27
N SER C 280 72.00 -35.17 -8.45
CA SER C 280 73.44 -35.07 -8.62
C SER C 280 73.73 -34.05 -9.71
N ILE C 281 74.68 -33.16 -9.44
CA ILE C 281 74.98 -32.04 -10.32
C ILE C 281 76.46 -32.06 -10.65
N ASP C 282 76.78 -31.65 -11.87
CA ASP C 282 78.14 -31.34 -12.30
C ASP C 282 78.20 -29.83 -12.49
N ILE C 283 78.79 -29.15 -11.53
CA ILE C 283 78.93 -27.70 -11.51
C ILE C 283 79.95 -27.30 -12.57
N PRO C 284 79.90 -26.09 -13.13
CA PRO C 284 81.04 -25.60 -13.90
C PRO C 284 82.18 -25.24 -12.97
N ASP C 285 83.35 -25.84 -13.22
CA ASP C 285 84.51 -25.60 -12.38
C ASP C 285 84.92 -24.12 -12.40
N ALA C 286 84.59 -23.41 -13.48
CA ALA C 286 84.86 -21.98 -13.52
C ALA C 286 84.10 -21.26 -12.41
N ALA C 287 82.91 -21.72 -12.07
CA ALA C 287 82.14 -21.08 -11.03
C ALA C 287 82.77 -21.25 -9.65
N PHE C 288 83.61 -22.26 -9.48
CA PHE C 288 84.31 -22.42 -8.21
C PHE C 288 85.26 -21.26 -7.99
N THR C 289 85.42 -20.93 -6.71
CA THR C 289 86.49 -20.08 -6.25
C THR C 289 87.54 -20.97 -5.62
N ARG C 290 88.80 -20.71 -5.93
CA ARG C 290 89.86 -21.49 -5.33
C ARG C 290 89.92 -21.20 -3.84
N ILE C 291 90.46 -22.17 -3.10
CA ILE C 291 90.36 -22.14 -1.65
C ILE C 291 91.18 -21.01 -1.05
N SER C 292 92.24 -20.60 -1.73
CA SER C 292 93.18 -19.62 -1.17
C SER C 292 92.72 -18.18 -1.31
N GLU C 293 91.45 -17.97 -1.65
CA GLU C 293 90.92 -16.63 -1.89
C GLU C 293 89.75 -16.29 -1.00
N THR C 294 89.05 -17.28 -0.46
CA THR C 294 88.03 -17.03 0.52
C THR C 294 88.67 -16.92 1.90
N PRO C 295 88.15 -16.07 2.79
CA PRO C 295 88.74 -15.99 4.13
C PRO C 295 88.56 -17.30 4.89
N THR C 296 89.61 -17.70 5.59
CA THR C 296 89.51 -18.77 6.58
C THR C 296 88.96 -18.19 7.86
N VAL C 297 87.94 -18.85 8.41
CA VAL C 297 87.04 -18.27 9.40
C VAL C 297 87.24 -18.88 10.77
N SER C 298 88.10 -19.89 10.90
CA SER C 298 88.22 -20.65 12.14
C SER C 298 88.66 -19.78 13.31
N ASP C 299 88.72 -20.39 14.50
CA ASP C 299 88.88 -19.66 15.77
C ASP C 299 87.70 -18.71 15.99
N LEU C 300 86.52 -19.19 15.64
CA LEU C 300 85.27 -18.45 15.72
C LEU C 300 84.49 -18.86 16.97
N GLU C 301 83.25 -18.40 17.06
CA GLU C 301 82.30 -18.92 18.03
C GLU C 301 80.90 -18.70 17.50
N CYS C 302 80.00 -19.64 17.78
CA CYS C 302 78.61 -19.58 17.39
C CYS C 302 77.71 -19.76 18.60
N LYS C 303 76.60 -19.04 18.62
CA LYS C 303 75.59 -19.26 19.63
C LYS C 303 74.26 -18.72 19.14
N ILE C 304 73.19 -19.44 19.45
CA ILE C 304 71.86 -18.89 19.29
C ILE C 304 71.71 -17.68 20.18
N THR C 305 70.75 -16.87 19.86
CA THR C 305 70.34 -15.75 20.69
C THR C 305 68.85 -15.73 20.94
N GLU C 306 68.05 -16.11 19.95
CA GLU C 306 66.62 -16.31 20.14
C GLU C 306 66.21 -17.40 19.16
N CYS C 307 66.30 -18.65 19.60
CA CYS C 307 65.92 -19.75 18.75
C CYS C 307 64.43 -20.00 18.86
N THR C 308 63.77 -20.04 17.71
CA THR C 308 62.35 -20.25 17.62
C THR C 308 62.12 -21.67 17.11
N TYR C 309 61.45 -22.47 17.93
CA TYR C 309 61.30 -23.92 17.73
C TYR C 309 60.20 -24.18 16.72
N ALA C 310 60.48 -23.82 15.46
CA ALA C 310 59.40 -23.51 14.54
C ALA C 310 59.77 -23.78 13.09
N SER C 311 58.89 -23.32 12.18
CA SER C 311 58.91 -23.56 10.76
C SER C 311 59.48 -22.39 10.00
N ASP C 312 58.85 -21.24 10.14
CA ASP C 312 59.42 -20.01 9.61
C ASP C 312 60.81 -19.82 10.20
N PHE C 313 61.66 -19.12 9.47
CA PHE C 313 63.04 -18.99 9.88
C PHE C 313 63.12 -18.09 11.11
N GLY C 314 62.68 -18.58 12.25
CA GLY C 314 62.68 -17.81 13.46
C GLY C 314 63.94 -18.00 14.26
N GLY C 315 64.63 -19.12 14.03
CA GLY C 315 65.87 -19.38 14.74
C GLY C 315 66.95 -18.45 14.25
N ILE C 316 67.68 -17.85 15.19
CA ILE C 316 68.78 -16.95 14.88
C ILE C 316 69.99 -17.34 15.72
N ALA C 317 71.16 -16.89 15.27
CA ALA C 317 72.38 -17.16 16.00
C ALA C 317 73.46 -16.22 15.51
N THR C 318 74.00 -15.44 16.43
CA THR C 318 75.21 -14.71 16.13
C THR C 318 76.36 -15.70 15.98
N VAL C 319 77.38 -15.27 15.24
CA VAL C 319 78.59 -16.06 15.06
C VAL C 319 79.75 -15.11 15.18
N ALA C 320 80.64 -15.37 16.13
CA ALA C 320 81.84 -14.57 16.31
C ALA C 320 82.82 -14.95 15.21
N TYR C 321 82.62 -14.37 14.04
CA TYR C 321 83.46 -14.70 12.90
C TYR C 321 84.89 -14.25 13.16
N LYS C 322 85.83 -15.13 12.86
CA LYS C 322 87.25 -14.89 13.05
C LYS C 322 87.91 -15.18 11.71
N SER C 323 87.93 -14.18 10.84
CA SER C 323 88.36 -14.37 9.47
C SER C 323 89.85 -14.09 9.33
N SER C 324 90.35 -14.39 8.14
CA SER C 324 91.72 -14.08 7.75
C SER C 324 91.73 -12.97 6.71
N LYS C 325 91.05 -13.17 5.59
CA LYS C 325 90.73 -12.13 4.64
C LYS C 325 89.37 -11.57 5.00
N ALA C 326 88.79 -10.78 4.11
CA ALA C 326 87.43 -10.27 4.26
C ALA C 326 86.68 -10.50 2.96
N GLY C 327 85.46 -10.99 3.07
CA GLY C 327 84.66 -11.25 1.89
C GLY C 327 83.47 -12.12 2.20
N ASN C 328 83.04 -12.87 1.20
CA ASN C 328 81.90 -13.76 1.35
C ASN C 328 82.34 -15.11 1.88
N CYS C 329 81.38 -15.85 2.40
CA CYS C 329 81.60 -17.13 3.02
C CYS C 329 80.31 -17.92 2.94
N PRO C 330 80.19 -18.88 2.02
CA PRO C 330 78.97 -19.67 1.97
C PRO C 330 78.82 -20.53 3.22
N ILE C 331 77.57 -20.75 3.59
CA ILE C 331 77.23 -21.42 4.85
C ILE C 331 76.20 -22.50 4.60
N HIS C 332 76.21 -23.49 5.47
CA HIS C 332 75.24 -24.56 5.44
C HIS C 332 75.42 -25.39 6.70
N SER C 333 74.33 -26.00 7.14
CA SER C 333 74.34 -26.99 8.20
C SER C 333 74.31 -28.36 7.54
N PRO C 334 75.43 -29.09 7.46
CA PRO C 334 75.36 -30.42 6.85
C PRO C 334 74.38 -31.34 7.53
N SER C 335 74.16 -31.14 8.83
CA SER C 335 73.06 -31.83 9.49
C SER C 335 71.75 -31.21 9.03
N GLY C 336 70.77 -32.07 8.78
CA GLY C 336 69.47 -31.60 8.36
C GLY C 336 68.61 -31.05 9.46
N VAL C 337 69.14 -30.96 10.68
CA VAL C 337 68.38 -30.42 11.80
C VAL C 337 67.99 -28.99 11.53
N ALA C 338 68.93 -28.20 11.06
CA ALA C 338 68.77 -26.76 10.88
C ALA C 338 68.72 -26.43 9.40
N VAL C 339 67.73 -25.63 9.03
CA VAL C 339 67.59 -25.12 7.67
C VAL C 339 67.76 -23.62 7.76
N ILE C 340 68.61 -23.08 6.90
CA ILE C 340 69.11 -21.73 7.02
C ILE C 340 68.61 -20.91 5.86
N LYS C 341 68.22 -19.66 6.14
CA LYS C 341 67.73 -18.77 5.11
C LYS C 341 68.87 -18.20 4.29
N GLU C 342 69.99 -17.91 4.93
CA GLU C 342 71.14 -17.33 4.26
C GLU C 342 72.02 -18.44 3.69
N ASN C 343 72.28 -18.36 2.40
CA ASN C 343 73.28 -19.22 1.78
C ASN C 343 74.68 -18.70 2.04
N ASP C 344 74.83 -17.38 2.04
CA ASP C 344 76.12 -16.71 2.04
C ASP C 344 76.08 -15.58 3.05
N VAL C 345 77.21 -15.36 3.71
CA VAL C 345 77.36 -14.27 4.65
C VAL C 345 78.61 -13.48 4.26
N THR C 346 78.47 -12.16 4.27
CA THR C 346 79.59 -11.28 4.03
C THR C 346 80.40 -11.15 5.31
N LEU C 347 81.71 -10.98 5.16
CA LEU C 347 82.59 -10.88 6.30
C LEU C 347 83.62 -9.77 6.13
N ALA C 348 83.70 -8.92 7.13
CA ALA C 348 84.85 -8.05 7.31
C ALA C 348 85.94 -8.85 8.01
N GLU C 349 86.98 -8.18 8.48
CA GLU C 349 88.06 -8.86 9.15
C GLU C 349 87.59 -9.27 10.54
N SER C 350 87.04 -10.47 10.65
CA SER C 350 86.72 -11.09 11.93
C SER C 350 85.69 -10.27 12.71
N GLY C 351 84.52 -10.12 12.11
CA GLY C 351 83.39 -9.48 12.72
C GLY C 351 82.40 -10.49 13.28
N SER C 352 81.13 -10.14 13.19
CA SER C 352 80.06 -11.01 13.65
C SER C 352 78.82 -10.71 12.84
N PHE C 353 78.11 -11.77 12.43
CA PHE C 353 76.91 -11.61 11.63
C PHE C 353 75.93 -12.72 11.96
N THR C 354 74.75 -12.33 12.40
CA THR C 354 73.69 -13.28 12.67
C THR C 354 73.07 -13.76 11.37
N PHE C 355 72.61 -15.00 11.39
CA PHE C 355 71.79 -15.55 10.33
C PHE C 355 70.47 -16.03 10.91
N HIS C 356 69.59 -16.46 10.02
CA HIS C 356 68.28 -16.97 10.38
C HIS C 356 68.21 -18.45 10.06
N PHE C 357 67.38 -19.18 10.81
CA PHE C 357 67.20 -20.59 10.52
C PHE C 357 65.93 -21.09 11.18
N SER C 358 65.72 -22.41 11.09
CA SER C 358 64.58 -23.08 11.69
C SER C 358 64.99 -24.51 12.00
N THR C 359 64.44 -25.05 13.08
CA THR C 359 64.81 -26.36 13.59
C THR C 359 63.57 -27.07 14.08
N ALA C 360 63.77 -28.29 14.58
CA ALA C 360 62.70 -29.11 15.12
C ALA C 360 63.04 -29.79 16.42
N ASN C 361 64.27 -29.68 16.90
CA ASN C 361 64.68 -30.29 18.16
C ASN C 361 64.96 -29.20 19.18
N ILE C 362 64.46 -29.44 20.39
CA ILE C 362 64.48 -28.42 21.45
C ILE C 362 65.90 -27.95 21.69
N HIS C 363 66.85 -28.86 21.59
CA HIS C 363 68.27 -28.58 21.79
C HIS C 363 68.96 -28.72 20.44
N PRO C 364 68.93 -27.69 19.60
CA PRO C 364 69.53 -27.84 18.28
C PRO C 364 71.04 -27.90 18.35
N ALA C 365 71.56 -29.12 18.25
CA ALA C 365 73.00 -29.36 18.17
C ALA C 365 73.37 -29.67 16.73
N PHE C 366 73.37 -28.62 15.92
CA PHE C 366 73.66 -28.74 14.50
C PHE C 366 74.99 -28.09 14.19
N LYS C 367 75.78 -28.79 13.37
CA LYS C 367 77.00 -28.20 12.87
C LYS C 367 76.67 -27.10 11.88
N LEU C 368 77.57 -26.13 11.79
CA LEU C 368 77.49 -25.09 10.78
C LEU C 368 78.84 -24.96 10.11
N GLN C 369 78.83 -25.08 8.79
CA GLN C 369 80.05 -25.14 8.00
C GLN C 369 80.19 -23.79 7.31
N VAL C 370 80.93 -22.88 7.94
CA VAL C 370 81.11 -21.54 7.41
C VAL C 370 82.36 -21.59 6.54
N CYS C 371 82.15 -21.99 5.29
CA CYS C 371 83.16 -22.04 4.24
C CYS C 371 84.46 -22.70 4.74
N THR C 372 84.31 -24.00 5.03
CA THR C 372 85.35 -24.84 5.60
C THR C 372 85.73 -24.39 6.99
N SER C 373 84.74 -24.33 7.88
CA SER C 373 85.00 -24.24 9.30
C SER C 373 83.73 -24.68 10.01
N ALA C 374 83.79 -25.82 10.67
CA ALA C 374 82.63 -26.37 11.33
C ALA C 374 82.45 -25.74 12.71
N VAL C 375 81.22 -25.75 13.19
CA VAL C 375 80.94 -25.28 14.53
C VAL C 375 79.58 -25.78 14.97
N THR C 376 79.49 -26.15 16.24
CA THR C 376 78.22 -26.51 16.85
C THR C 376 77.56 -25.25 17.37
N CYS C 377 76.35 -24.97 16.87
CA CYS C 377 75.53 -23.88 17.36
C CYS C 377 74.50 -24.40 18.34
N LYS C 378 75.01 -25.03 19.40
CA LYS C 378 74.17 -25.61 20.43
C LYS C 378 73.31 -24.54 21.10
N GLY C 379 72.15 -24.94 21.59
CA GLY C 379 71.33 -24.04 22.37
C GLY C 379 69.96 -24.61 22.70
N ASP C 380 68.98 -23.71 22.80
CA ASP C 380 67.63 -24.08 23.18
C ASP C 380 66.65 -23.12 22.54
N CYS C 381 65.45 -23.61 22.26
CA CYS C 381 64.50 -22.91 21.40
C CYS C 381 63.16 -22.76 22.09
N LYS C 382 62.32 -21.90 21.50
CA LYS C 382 61.06 -21.49 22.08
C LYS C 382 59.90 -21.80 21.12
N PRO C 383 58.79 -22.33 21.60
CA PRO C 383 57.64 -22.57 20.71
C PRO C 383 56.92 -21.29 20.35
N PRO C 384 56.40 -21.18 19.10
CA PRO C 384 55.54 -20.03 18.75
C PRO C 384 54.07 -20.16 19.10
N LYS C 385 53.27 -19.23 18.54
CA LYS C 385 51.91 -19.00 18.95
C LYS C 385 50.88 -18.95 17.81
N ASP C 386 51.29 -18.87 16.53
CA ASP C 386 50.52 -18.19 15.47
C ASP C 386 50.42 -19.03 14.19
N HIS C 387 49.95 -20.26 14.30
CA HIS C 387 50.13 -21.29 13.26
C HIS C 387 48.94 -21.51 12.33
N ILE C 388 48.62 -20.51 11.48
CA ILE C 388 47.67 -20.78 10.38
C ILE C 388 48.02 -20.08 9.06
N VAL C 389 49.07 -20.53 8.35
CA VAL C 389 49.48 -19.91 7.08
C VAL C 389 50.16 -21.07 6.37
N ASP C 390 50.65 -20.94 5.13
CA ASP C 390 50.99 -22.01 4.17
C ASP C 390 52.12 -22.91 4.69
N TYR C 391 53.02 -23.46 3.88
CA TYR C 391 53.81 -24.61 4.34
C TYR C 391 55.25 -24.26 4.74
N PRO C 392 55.90 -25.15 5.51
CA PRO C 392 57.09 -24.74 6.26
C PRO C 392 58.38 -24.77 5.44
N ALA C 393 59.44 -24.27 6.10
CA ALA C 393 60.81 -24.37 5.64
C ALA C 393 61.64 -25.34 6.45
N GLN C 394 61.05 -25.96 7.45
CA GLN C 394 61.75 -26.76 8.45
C GLN C 394 61.92 -28.19 7.98
N HIS C 395 60.78 -28.85 7.71
CA HIS C 395 60.67 -30.15 7.04
C HIS C 395 61.73 -31.15 7.48
N THR C 396 62.03 -31.17 8.78
CA THR C 396 63.14 -31.94 9.30
C THR C 396 62.77 -32.65 10.60
N GLU C 397 61.49 -32.94 10.77
CA GLU C 397 61.03 -33.53 12.03
C GLU C 397 61.60 -34.92 12.20
N SER C 398 62.12 -35.18 13.39
CA SER C 398 62.68 -36.48 13.73
C SER C 398 62.49 -36.68 15.23
N PHE C 399 63.22 -37.64 15.79
CA PHE C 399 63.16 -37.88 17.22
C PHE C 399 63.82 -36.75 17.98
N THR C 400 63.08 -36.17 18.92
CA THR C 400 63.52 -35.01 19.69
C THR C 400 63.16 -35.14 21.16
N TYR D 1 -17.22 -92.27 -13.36
CA TYR D 1 -16.08 -91.52 -13.93
C TYR D 1 -16.06 -90.06 -13.49
N GLU D 2 -16.83 -89.73 -12.47
CA GLU D 2 -16.92 -88.33 -12.04
C GLU D 2 -15.58 -87.93 -11.44
N HIS D 3 -14.73 -87.33 -12.25
CA HIS D 3 -13.30 -87.24 -11.95
C HIS D 3 -13.04 -86.19 -10.90
N THR D 4 -13.15 -86.58 -9.65
CA THR D 4 -12.67 -85.77 -8.54
C THR D 4 -11.19 -85.48 -8.73
N ALA D 5 -10.78 -84.28 -8.32
CA ALA D 5 -9.37 -83.92 -8.39
C ALA D 5 -9.11 -82.74 -7.48
N VAL D 6 -8.26 -82.94 -6.48
CA VAL D 6 -7.66 -81.79 -5.80
C VAL D 6 -6.82 -81.06 -6.83
N MET D 7 -6.74 -79.75 -6.68
CA MET D 7 -6.23 -78.91 -7.76
C MET D 7 -5.67 -77.60 -7.23
N PRO D 8 -4.41 -77.25 -7.52
CA PRO D 8 -3.85 -76.03 -6.95
C PRO D 8 -4.51 -74.78 -7.50
N ASN D 9 -4.80 -73.85 -6.62
CA ASN D 9 -5.32 -72.56 -7.03
C ASN D 9 -4.17 -71.74 -7.58
N LYS D 10 -4.13 -71.62 -8.89
CA LYS D 10 -3.14 -70.82 -9.58
C LYS D 10 -3.66 -70.57 -10.98
N VAL D 11 -3.52 -69.34 -11.46
CA VAL D 11 -4.45 -68.86 -12.46
C VAL D 11 -4.06 -69.31 -13.86
N GLY D 12 -2.84 -69.03 -14.27
CA GLY D 12 -2.57 -68.90 -15.69
C GLY D 12 -1.90 -70.10 -16.30
N ILE D 13 -2.36 -71.29 -15.95
CA ILE D 13 -1.65 -72.50 -16.36
C ILE D 13 -2.60 -73.70 -16.32
N PRO D 14 -2.66 -74.53 -17.36
CA PRO D 14 -3.58 -75.66 -17.31
C PRO D 14 -3.08 -76.76 -16.39
N TYR D 15 -3.97 -77.72 -16.15
CA TYR D 15 -3.85 -78.72 -15.09
C TYR D 15 -4.21 -80.10 -15.65
N LYS D 16 -3.52 -80.50 -16.71
CA LYS D 16 -4.04 -81.51 -17.62
C LYS D 16 -4.17 -82.88 -16.99
N ALA D 17 -5.14 -83.03 -16.09
CA ALA D 17 -5.42 -84.32 -15.48
C ALA D 17 -5.89 -85.34 -16.51
N LEU D 18 -6.12 -86.57 -16.08
CA LEU D 18 -6.42 -87.68 -16.97
C LEU D 18 -7.59 -88.47 -16.41
N VAL D 19 -8.60 -88.71 -17.23
CA VAL D 19 -9.78 -89.47 -16.84
C VAL D 19 -9.46 -90.95 -16.97
N GLU D 20 -9.34 -91.65 -15.85
CA GLU D 20 -9.13 -93.09 -15.84
C GLU D 20 -10.45 -93.81 -15.58
N ARG D 21 -11.35 -93.70 -16.54
CA ARG D 21 -12.59 -94.46 -16.48
C ARG D 21 -12.29 -95.93 -16.76
N PRO D 22 -12.60 -96.87 -15.87
CA PRO D 22 -12.41 -98.29 -16.23
C PRO D 22 -13.42 -98.70 -17.29
N GLY D 23 -12.91 -99.06 -18.46
CA GLY D 23 -13.71 -99.68 -19.50
C GLY D 23 -13.56 -99.07 -20.87
N TYR D 24 -13.45 -97.74 -20.95
CA TYR D 24 -13.28 -97.04 -22.20
C TYR D 24 -11.97 -96.29 -22.19
N ALA D 25 -11.64 -95.68 -23.31
CA ALA D 25 -10.36 -95.02 -23.44
C ALA D 25 -10.29 -93.83 -22.51
N PRO D 26 -9.15 -93.59 -21.85
CA PRO D 26 -9.05 -92.40 -21.01
C PRO D 26 -9.06 -91.14 -21.84
N VAL D 27 -9.33 -90.03 -21.17
CA VAL D 27 -9.33 -88.72 -21.80
C VAL D 27 -8.61 -87.75 -20.89
N HIS D 28 -7.81 -86.90 -21.49
CA HIS D 28 -7.08 -85.86 -20.78
C HIS D 28 -8.00 -84.72 -20.41
N LEU D 29 -7.61 -84.00 -19.38
CA LEU D 29 -8.18 -82.70 -19.07
C LEU D 29 -7.25 -81.61 -19.58
N GLN D 30 -7.77 -80.40 -19.59
CA GLN D 30 -6.93 -79.21 -19.64
C GLN D 30 -7.69 -78.14 -18.87
N ILE D 31 -7.44 -78.06 -17.58
CA ILE D 31 -8.20 -77.17 -16.70
C ILE D 31 -7.30 -76.00 -16.36
N GLN D 32 -7.61 -74.86 -16.96
CA GLN D 32 -6.88 -73.61 -16.75
C GLN D 32 -7.81 -72.64 -16.04
N LEU D 33 -7.54 -72.42 -14.76
CA LEU D 33 -8.30 -71.47 -13.95
C LEU D 33 -7.92 -70.05 -14.36
N VAL D 34 -8.43 -69.61 -15.50
CA VAL D 34 -8.05 -68.34 -16.10
C VAL D 34 -8.26 -67.16 -15.15
N ASN D 35 -9.16 -67.29 -14.19
CA ASN D 35 -9.39 -66.22 -13.25
C ASN D 35 -9.84 -66.79 -11.91
N THR D 36 -9.60 -66.01 -10.87
CA THR D 36 -9.99 -66.30 -9.49
C THR D 36 -10.62 -65.07 -8.87
N ARG D 37 -11.57 -64.48 -9.57
CA ARG D 37 -12.19 -63.27 -9.05
C ARG D 37 -13.17 -63.63 -7.95
N ILE D 38 -13.18 -62.82 -6.90
CA ILE D 38 -13.61 -63.25 -5.58
C ILE D 38 -14.99 -62.68 -5.22
N ILE D 39 -15.11 -61.37 -5.13
CA ILE D 39 -16.38 -60.70 -4.88
C ILE D 39 -16.86 -61.16 -3.51
N PRO D 40 -16.25 -60.69 -2.44
CA PRO D 40 -16.76 -60.98 -1.12
C PRO D 40 -18.07 -60.26 -0.85
N SER D 41 -18.73 -60.69 0.22
CA SER D 41 -19.90 -60.00 0.69
C SER D 41 -19.49 -58.71 1.39
N THR D 42 -20.17 -57.63 1.07
CA THR D 42 -19.76 -56.31 1.49
C THR D 42 -20.98 -55.45 1.81
N ASN D 43 -20.72 -54.24 2.27
CA ASN D 43 -21.76 -53.27 2.58
C ASN D 43 -21.19 -51.88 2.39
N LEU D 44 -21.88 -51.06 1.60
CA LEU D 44 -21.51 -49.66 1.50
C LEU D 44 -21.88 -48.97 2.80
N GLU D 45 -20.87 -48.56 3.55
CA GLU D 45 -21.07 -47.98 4.87
C GLU D 45 -21.21 -46.48 4.81
N TYR D 46 -20.27 -45.83 4.12
CA TYR D 46 -20.39 -44.41 3.86
C TYR D 46 -19.37 -44.03 2.83
N ILE D 47 -19.79 -43.21 1.90
CA ILE D 47 -18.84 -42.49 1.07
C ILE D 47 -18.26 -41.39 1.92
N THR D 48 -16.99 -41.10 1.69
CA THR D 48 -16.42 -39.84 2.10
C THR D 48 -15.76 -39.18 0.91
N CYS D 49 -15.36 -37.95 1.14
CA CYS D 49 -14.88 -37.04 0.11
C CYS D 49 -14.47 -35.80 0.85
N LYS D 50 -13.86 -34.86 0.15
CA LYS D 50 -13.51 -33.61 0.78
C LYS D 50 -14.72 -32.72 0.84
N TYR D 51 -14.83 -32.00 1.94
CA TYR D 51 -15.93 -31.10 2.18
C TYR D 51 -15.94 -30.00 1.12
N LYS D 52 -16.96 -29.15 1.18
CA LYS D 52 -16.88 -27.81 0.64
C LYS D 52 -17.64 -26.90 1.58
N THR D 53 -16.93 -25.96 2.19
CA THR D 53 -17.53 -24.99 3.09
C THR D 53 -18.32 -24.00 2.24
N LYS D 54 -19.47 -24.45 1.76
CA LYS D 54 -20.32 -23.64 0.90
C LYS D 54 -21.11 -22.70 1.80
N VAL D 55 -20.44 -21.62 2.18
CA VAL D 55 -20.93 -20.64 3.14
C VAL D 55 -22.24 -20.04 2.66
N PRO D 56 -23.31 -20.09 3.44
CA PRO D 56 -24.43 -19.19 3.18
C PRO D 56 -24.08 -17.77 3.57
N SER D 57 -24.60 -16.85 2.80
CA SER D 57 -24.16 -15.48 2.87
C SER D 57 -24.56 -14.83 4.20
N PRO D 58 -23.63 -14.29 4.98
CA PRO D 58 -23.96 -13.88 6.33
C PRO D 58 -24.95 -12.74 6.39
N VAL D 59 -25.64 -12.67 7.52
CA VAL D 59 -26.52 -11.56 7.81
C VAL D 59 -25.69 -10.43 8.40
N VAL D 60 -26.12 -9.20 8.10
CA VAL D 60 -25.53 -8.02 8.69
C VAL D 60 -26.68 -7.11 9.11
N LYS D 61 -27.04 -7.19 10.37
CA LYS D 61 -27.96 -6.22 10.94
C LYS D 61 -27.17 -5.00 11.38
N CYS D 62 -27.70 -3.82 11.07
CA CYS D 62 -26.90 -2.61 11.17
C CYS D 62 -26.90 -2.01 12.56
N CYS D 63 -27.98 -2.16 13.32
CA CYS D 63 -28.03 -1.58 14.66
C CYS D 63 -28.79 -2.56 15.56
N GLY D 64 -28.04 -3.45 16.18
CA GLY D 64 -28.56 -4.39 17.16
C GLY D 64 -28.32 -5.82 16.72
N ALA D 65 -28.70 -6.73 17.62
CA ALA D 65 -28.29 -8.12 17.51
C ALA D 65 -29.21 -8.91 16.59
N THR D 66 -28.66 -9.98 16.04
CA THR D 66 -29.41 -10.98 15.29
C THR D 66 -29.01 -12.33 15.85
N GLN D 67 -29.83 -12.87 16.75
CA GLN D 67 -29.55 -14.18 17.31
C GLN D 67 -29.61 -15.24 16.23
N CYS D 68 -28.62 -16.12 16.21
CA CYS D 68 -28.59 -17.24 15.30
C CYS D 68 -29.30 -18.44 15.92
N THR D 69 -29.75 -19.34 15.05
CA THR D 69 -30.31 -20.62 15.46
C THR D 69 -29.53 -21.74 14.80
N SER D 70 -29.61 -22.91 15.42
CA SER D 70 -28.85 -24.08 14.96
C SER D 70 -29.65 -24.77 13.87
N LYS D 71 -29.48 -24.32 12.63
CA LYS D 71 -30.16 -24.92 11.52
C LYS D 71 -29.67 -26.36 11.35
N PRO D 72 -30.49 -27.23 10.75
CA PRO D 72 -30.13 -28.65 10.69
C PRO D 72 -29.16 -29.01 9.57
N HIS D 73 -28.48 -28.05 8.96
CA HIS D 73 -27.51 -28.39 7.94
C HIS D 73 -26.38 -29.21 8.58
N PRO D 74 -25.69 -30.05 7.81
CA PRO D 74 -24.60 -30.83 8.40
C PRO D 74 -23.47 -29.94 8.89
N ASP D 75 -23.16 -30.07 10.17
CA ASP D 75 -22.14 -29.27 10.82
C ASP D 75 -22.43 -27.79 10.65
N TYR D 76 -23.68 -27.42 10.93
CA TYR D 76 -24.09 -26.04 10.74
C TYR D 76 -23.45 -25.18 11.79
N GLN D 77 -22.30 -24.63 11.46
CA GLN D 77 -21.61 -23.72 12.35
C GLN D 77 -22.11 -22.31 12.08
N CYS D 78 -22.57 -21.65 13.13
CA CYS D 78 -23.07 -20.29 13.05
C CYS D 78 -22.77 -19.58 14.34
N GLN D 79 -22.24 -18.37 14.23
CA GLN D 79 -21.87 -17.59 15.39
C GLN D 79 -22.16 -16.12 15.10
N VAL D 80 -22.98 -15.52 15.95
CA VAL D 80 -23.25 -14.10 15.84
C VAL D 80 -21.97 -13.34 16.14
N PHE D 81 -21.84 -12.17 15.51
CA PHE D 81 -20.71 -11.29 15.79
C PHE D 81 -21.19 -9.85 15.75
N THR D 82 -20.65 -9.05 16.66
CA THR D 82 -20.90 -7.62 16.71
C THR D 82 -19.58 -6.89 16.47
N GLY D 83 -19.62 -5.58 16.62
CA GLY D 83 -18.43 -4.78 16.54
C GLY D 83 -17.81 -4.82 15.16
N VAL D 84 -18.60 -4.45 14.16
CA VAL D 84 -18.14 -4.36 12.79
C VAL D 84 -18.52 -2.99 12.23
N TYR D 85 -18.16 -2.77 10.99
CA TYR D 85 -18.33 -1.51 10.30
C TYR D 85 -18.12 -1.82 8.83
N PRO D 86 -18.98 -2.64 8.25
CA PRO D 86 -18.61 -3.41 7.06
C PRO D 86 -18.43 -2.61 5.79
N PHE D 87 -17.18 -2.40 5.38
CA PHE D 87 -16.91 -1.76 4.11
C PHE D 87 -17.47 -2.58 2.96
N MET D 88 -18.49 -2.05 2.30
CA MET D 88 -19.12 -2.72 1.16
C MET D 88 -19.42 -1.67 0.10
N TRP D 89 -18.42 -1.39 -0.74
CA TRP D 89 -18.58 -0.64 -1.99
C TRP D 89 -18.85 0.86 -1.83
N GLY D 90 -19.13 1.31 -0.62
CA GLY D 90 -19.38 2.71 -0.37
C GLY D 90 -18.73 3.12 0.93
N GLY D 91 -17.61 2.50 1.23
CA GLY D 91 -17.16 2.47 2.61
C GLY D 91 -18.11 1.57 3.37
N ALA D 92 -18.23 1.80 4.66
CA ALA D 92 -19.22 1.09 5.44
C ALA D 92 -20.62 1.50 4.96
N TYR D 93 -21.63 0.78 5.45
CA TYR D 93 -23.00 1.12 5.12
C TYR D 93 -23.91 1.15 6.32
N CYS D 94 -23.61 0.36 7.35
CA CYS D 94 -24.39 0.41 8.57
C CYS D 94 -23.93 1.58 9.43
N PHE D 95 -24.86 2.45 9.81
CA PHE D 95 -24.50 3.74 10.37
C PHE D 95 -24.09 3.67 11.83
N CYS D 96 -24.51 2.65 12.56
CA CYS D 96 -23.99 2.44 13.91
C CYS D 96 -22.52 2.05 13.83
N ASP D 97 -21.89 1.84 14.99
CA ASP D 97 -20.47 1.52 15.06
C ASP D 97 -20.13 0.35 15.96
N THR D 98 -20.97 -0.01 16.91
CA THR D 98 -20.81 -1.24 17.69
C THR D 98 -22.04 -2.11 17.60
N GLU D 99 -23.21 -1.49 17.48
CA GLU D 99 -24.45 -2.21 17.25
C GLU D 99 -24.49 -2.82 15.85
N ASN D 100 -23.56 -2.44 14.97
CA ASN D 100 -23.34 -3.16 13.73
C ASN D 100 -23.11 -4.62 14.04
N THR D 101 -24.03 -5.47 13.61
CA THR D 101 -23.99 -6.89 13.91
C THR D 101 -23.79 -7.67 12.62
N GLN D 102 -23.06 -8.77 12.75
CA GLN D 102 -22.74 -9.64 11.63
C GLN D 102 -22.90 -11.07 12.11
N MET D 103 -23.78 -11.81 11.46
CA MET D 103 -24.05 -13.20 11.81
C MET D 103 -23.49 -14.08 10.70
N SER D 104 -22.40 -14.77 11.00
CA SER D 104 -21.79 -15.68 10.07
C SER D 104 -22.34 -17.07 10.29
N GLU D 105 -22.62 -17.75 9.18
CA GLU D 105 -23.11 -19.12 9.21
C GLU D 105 -22.44 -19.89 8.10
N ALA D 106 -22.04 -21.12 8.40
CA ALA D 106 -21.41 -21.99 7.42
C ALA D 106 -21.70 -23.42 7.78
N TYR D 107 -22.10 -24.20 6.79
CA TYR D 107 -22.31 -25.63 6.95
C TYR D 107 -21.44 -26.38 5.97
N VAL D 108 -21.26 -27.63 6.25
CA VAL D 108 -20.46 -28.53 5.43
C VAL D 108 -21.38 -29.16 4.40
N GLU D 109 -20.84 -29.37 3.20
CA GLU D 109 -21.59 -30.01 2.13
C GLU D 109 -20.64 -30.83 1.29
N ARG D 110 -21.19 -31.91 0.73
CA ARG D 110 -20.45 -32.73 -0.20
C ARG D 110 -19.94 -31.88 -1.35
N SER D 111 -18.68 -32.10 -1.73
CA SER D 111 -18.17 -31.49 -2.93
C SER D 111 -18.91 -32.03 -4.14
N GLU D 112 -18.71 -31.35 -5.27
CA GLU D 112 -19.15 -31.92 -6.52
C GLU D 112 -18.30 -33.12 -6.89
N GLU D 113 -17.04 -33.15 -6.41
CA GLU D 113 -16.20 -34.31 -6.61
C GLU D 113 -16.63 -35.50 -5.76
N CYS D 114 -17.41 -35.25 -4.71
CA CYS D 114 -17.89 -36.35 -3.87
C CYS D 114 -18.65 -37.38 -4.69
N SER D 115 -19.36 -36.93 -5.73
CA SER D 115 -20.09 -37.85 -6.56
C SER D 115 -19.17 -38.82 -7.28
N ILE D 116 -17.98 -38.36 -7.62
CA ILE D 116 -17.15 -39.01 -8.62
C ILE D 116 -15.77 -39.37 -8.09
N ASP D 117 -15.13 -38.46 -7.37
CA ASP D 117 -13.83 -38.67 -6.78
C ASP D 117 -14.06 -38.76 -5.28
N HIS D 118 -14.12 -39.97 -4.78
CA HIS D 118 -14.58 -40.20 -3.43
C HIS D 118 -14.03 -41.51 -2.92
N ALA D 119 -13.52 -41.49 -1.71
CA ALA D 119 -13.22 -42.73 -1.05
C ALA D 119 -14.52 -43.41 -0.67
N LYS D 120 -14.41 -44.67 -0.27
CA LYS D 120 -15.61 -45.46 -0.08
C LYS D 120 -15.28 -46.59 0.89
N ALA D 121 -15.90 -46.55 2.06
CA ALA D 121 -15.66 -47.55 3.08
C ALA D 121 -16.54 -48.76 2.84
N TYR D 122 -16.18 -49.85 3.51
CA TYR D 122 -16.96 -51.07 3.43
C TYR D 122 -16.70 -51.91 4.67
N LYS D 123 -17.74 -52.59 5.14
CA LYS D 123 -17.58 -53.74 6.01
C LYS D 123 -17.62 -54.97 5.12
N VAL D 124 -16.50 -55.71 5.08
CA VAL D 124 -16.27 -56.74 4.09
C VAL D 124 -16.31 -58.10 4.77
N HIS D 125 -17.24 -58.92 4.33
CA HIS D 125 -17.35 -60.32 4.69
C HIS D 125 -16.71 -61.17 3.60
N THR D 126 -16.99 -62.47 3.59
CA THR D 126 -16.19 -63.40 2.78
C THR D 126 -16.74 -63.63 1.37
N GLY D 127 -18.05 -63.76 1.20
CA GLY D 127 -18.65 -64.04 -0.11
C GLY D 127 -18.14 -65.32 -0.77
N THR D 128 -18.06 -65.28 -2.10
CA THR D 128 -18.00 -66.50 -2.92
C THR D 128 -17.20 -66.26 -4.19
N VAL D 129 -16.14 -67.06 -4.41
CA VAL D 129 -15.18 -66.78 -5.47
C VAL D 129 -15.60 -67.47 -6.78
N GLN D 130 -15.08 -66.93 -7.90
CA GLN D 130 -15.53 -67.27 -9.25
C GLN D 130 -14.33 -67.49 -10.17
N ALA D 131 -14.61 -67.84 -11.44
CA ALA D 131 -13.57 -68.15 -12.42
C ALA D 131 -14.20 -68.36 -13.80
N MET D 132 -13.51 -67.91 -14.86
CA MET D 132 -13.95 -68.15 -16.25
C MET D 132 -13.27 -69.38 -16.84
N VAL D 133 -13.36 -70.51 -16.15
CA VAL D 133 -12.52 -71.68 -16.43
C VAL D 133 -12.61 -72.06 -17.88
N ASN D 134 -11.49 -71.97 -18.61
CA ASN D 134 -11.42 -72.64 -19.90
C ASN D 134 -11.08 -74.08 -19.66
N ILE D 135 -11.78 -74.96 -20.37
CA ILE D 135 -11.28 -76.29 -20.65
C ILE D 135 -11.38 -76.49 -22.14
N THR D 136 -10.23 -76.66 -22.78
CA THR D 136 -10.18 -77.16 -24.15
C THR D 136 -10.16 -78.68 -24.07
N TYR D 137 -11.33 -79.22 -23.74
CA TYR D 137 -11.42 -80.60 -23.27
C TYR D 137 -11.20 -81.61 -24.38
N GLY D 138 -10.46 -82.67 -24.05
CA GLY D 138 -10.47 -83.93 -24.77
C GLY D 138 -10.33 -83.79 -26.26
N SER D 139 -11.42 -84.09 -26.96
CA SER D 139 -11.63 -83.69 -28.34
C SER D 139 -12.69 -82.61 -28.47
N VAL D 140 -13.37 -82.26 -27.38
CA VAL D 140 -14.32 -81.14 -27.41
C VAL D 140 -13.57 -79.87 -27.80
N SER D 141 -12.41 -79.66 -27.20
CA SER D 141 -11.46 -78.61 -27.52
C SER D 141 -11.90 -77.23 -27.06
N TRP D 142 -13.07 -77.08 -26.43
CA TRP D 142 -13.46 -75.76 -25.98
C TRP D 142 -14.62 -75.70 -25.01
N ARG D 143 -14.44 -74.94 -23.94
CA ARG D 143 -15.51 -74.30 -23.19
C ARG D 143 -14.83 -73.25 -22.35
N SER D 144 -15.34 -72.02 -22.37
CA SER D 144 -14.81 -70.94 -21.53
C SER D 144 -15.98 -70.40 -20.74
N ALA D 145 -16.19 -70.98 -19.56
CA ALA D 145 -17.38 -70.76 -18.77
C ALA D 145 -17.07 -70.12 -17.43
N ASP D 146 -17.99 -69.29 -16.96
CA ASP D 146 -17.90 -68.68 -15.66
C ASP D 146 -18.54 -69.61 -14.63
N VAL D 147 -17.84 -69.84 -13.54
CA VAL D 147 -18.24 -70.84 -12.55
C VAL D 147 -18.16 -70.22 -11.16
N TYR D 148 -18.43 -71.06 -10.17
CA TYR D 148 -18.34 -70.73 -8.76
C TYR D 148 -17.33 -71.68 -8.11
N VAL D 149 -17.28 -71.59 -6.78
CA VAL D 149 -16.37 -72.36 -5.94
C VAL D 149 -17.11 -73.26 -4.98
N ASN D 150 -18.35 -72.94 -4.66
CA ASN D 150 -19.07 -73.68 -3.65
C ASN D 150 -19.34 -75.10 -4.13
N GLY D 151 -18.96 -76.08 -3.32
CA GLY D 151 -18.80 -77.43 -3.81
C GLY D 151 -20.06 -78.21 -4.05
N GLU D 152 -21.08 -77.58 -4.60
CA GLU D 152 -22.16 -78.30 -5.24
C GLU D 152 -22.69 -77.61 -6.49
N THR D 153 -22.04 -76.54 -6.94
CA THR D 153 -22.52 -75.80 -8.09
C THR D 153 -21.96 -76.42 -9.37
N PRO D 154 -22.80 -76.91 -10.27
CA PRO D 154 -22.35 -77.18 -11.64
C PRO D 154 -22.43 -75.94 -12.51
N ALA D 155 -21.85 -76.05 -13.70
CA ALA D 155 -22.04 -75.06 -14.75
C ALA D 155 -21.98 -75.80 -16.08
N LYS D 156 -23.15 -76.18 -16.57
CA LYS D 156 -23.26 -76.93 -17.83
C LYS D 156 -23.20 -75.95 -18.99
N ILE D 157 -21.99 -75.45 -19.22
CA ILE D 157 -21.68 -74.60 -20.36
C ILE D 157 -20.64 -75.34 -21.17
N GLY D 158 -20.96 -75.64 -22.41
CA GLY D 158 -20.23 -76.61 -23.21
C GLY D 158 -21.01 -77.90 -23.24
N ASP D 159 -20.41 -78.97 -22.73
CA ASP D 159 -21.11 -80.22 -22.51
C ASP D 159 -20.82 -80.85 -21.17
N ALA D 160 -19.77 -80.42 -20.48
CA ALA D 160 -19.35 -81.05 -19.24
C ALA D 160 -19.96 -80.35 -18.05
N LYS D 161 -20.25 -81.14 -17.02
CA LYS D 161 -20.75 -80.65 -15.75
C LYS D 161 -19.62 -80.73 -14.74
N LEU D 162 -19.34 -79.60 -14.08
CA LEU D 162 -18.13 -79.45 -13.30
C LEU D 162 -18.45 -78.79 -11.97
N ILE D 163 -17.94 -79.39 -10.90
CA ILE D 163 -18.16 -78.91 -9.55
C ILE D 163 -16.82 -78.57 -8.95
N ILE D 164 -16.74 -77.41 -8.33
CA ILE D 164 -15.51 -76.79 -7.93
C ILE D 164 -15.58 -76.52 -6.44
N GLY D 165 -14.43 -76.65 -5.79
CA GLY D 165 -14.26 -76.22 -4.42
C GLY D 165 -15.23 -76.92 -3.47
N PRO D 166 -15.44 -76.35 -2.27
CA PRO D 166 -14.89 -75.09 -1.76
C PRO D 166 -13.41 -75.15 -1.52
N LEU D 167 -12.72 -74.07 -1.86
CA LEU D 167 -11.28 -74.02 -1.65
C LEU D 167 -10.97 -74.03 -0.16
N SER D 168 -9.79 -74.53 0.16
CA SER D 168 -9.34 -74.59 1.54
C SER D 168 -8.66 -73.30 1.99
N SER D 169 -8.29 -72.44 1.06
CA SER D 169 -7.43 -71.29 1.35
C SER D 169 -8.29 -70.05 1.49
N ALA D 170 -8.91 -69.93 2.65
CA ALA D 170 -9.93 -68.91 2.88
C ALA D 170 -9.36 -67.53 3.15
N TRP D 171 -8.10 -67.27 2.81
CA TRP D 171 -7.55 -65.94 3.02
C TRP D 171 -8.25 -64.99 2.07
N SER D 172 -9.21 -64.24 2.60
CA SER D 172 -9.71 -63.09 1.87
C SER D 172 -8.65 -62.00 2.00
N PRO D 173 -7.98 -61.60 0.92
CA PRO D 173 -6.98 -60.54 1.07
C PRO D 173 -7.56 -59.24 1.56
N PHE D 174 -8.83 -58.99 1.25
CA PHE D 174 -9.53 -57.91 1.92
C PHE D 174 -9.58 -58.19 3.42
N ASP D 175 -9.34 -57.15 4.20
CA ASP D 175 -9.60 -57.22 5.62
C ASP D 175 -11.10 -57.05 5.87
N ASN D 176 -11.48 -57.03 7.14
CA ASN D 176 -12.88 -56.79 7.47
C ASN D 176 -13.30 -55.41 7.02
N LYS D 177 -12.53 -54.39 7.41
CA LYS D 177 -12.81 -53.01 7.06
C LYS D 177 -11.92 -52.60 5.91
N VAL D 178 -12.52 -51.96 4.91
CA VAL D 178 -11.83 -51.59 3.69
C VAL D 178 -12.28 -50.21 3.28
N VAL D 179 -11.35 -49.42 2.78
CA VAL D 179 -11.65 -48.20 2.05
C VAL D 179 -11.28 -48.44 0.61
N VAL D 180 -12.01 -47.76 -0.27
CA VAL D 180 -11.90 -47.97 -1.70
C VAL D 180 -11.88 -46.60 -2.37
N TYR D 181 -11.04 -46.45 -3.40
CA TYR D 181 -10.86 -45.17 -4.04
C TYR D 181 -10.55 -45.40 -5.52
N GLY D 182 -11.59 -45.31 -6.34
CA GLY D 182 -11.41 -45.24 -7.77
C GLY D 182 -10.95 -46.55 -8.37
N HIS D 183 -9.69 -46.90 -8.10
CA HIS D 183 -9.20 -48.25 -8.31
C HIS D 183 -8.30 -48.74 -7.19
N GLU D 184 -7.68 -47.85 -6.44
CA GLU D 184 -6.77 -48.25 -5.38
C GLU D 184 -7.57 -48.59 -4.14
N VAL D 185 -7.47 -49.83 -3.71
CA VAL D 185 -8.25 -50.36 -2.61
C VAL D 185 -7.36 -50.48 -1.39
N TYR D 186 -7.86 -49.98 -0.27
CA TYR D 186 -7.09 -49.86 0.95
C TYR D 186 -7.81 -50.62 2.04
N ASN D 187 -7.14 -51.63 2.61
CA ASN D 187 -7.70 -52.44 3.67
C ASN D 187 -7.57 -51.72 5.01
N TYR D 188 -8.22 -50.57 5.06
CA TYR D 188 -8.00 -49.59 6.11
C TYR D 188 -9.09 -49.70 7.18
N ASP D 189 -8.67 -49.59 8.42
CA ASP D 189 -9.59 -49.51 9.55
C ASP D 189 -10.17 -48.10 9.56
N PHE D 190 -11.09 -47.87 8.64
CA PHE D 190 -11.80 -46.60 8.64
C PHE D 190 -12.52 -46.45 9.97
N PRO D 191 -12.57 -45.25 10.56
CA PRO D 191 -13.08 -45.14 11.92
C PRO D 191 -14.51 -45.64 12.04
N GLU D 192 -15.46 -44.94 11.40
CA GLU D 192 -16.82 -45.38 11.20
C GLU D 192 -17.58 -44.24 10.54
N TYR D 193 -18.76 -44.52 10.01
CA TYR D 193 -19.74 -43.47 9.82
C TYR D 193 -20.02 -42.79 11.14
N GLY D 194 -20.25 -41.48 11.10
CA GLY D 194 -20.77 -40.79 12.24
C GLY D 194 -19.77 -40.34 13.28
N THR D 195 -18.47 -40.62 13.09
CA THR D 195 -17.48 -40.42 14.14
C THR D 195 -16.21 -39.71 13.71
N GLY D 196 -15.85 -39.74 12.43
CA GLY D 196 -14.48 -39.47 12.02
C GLY D 196 -13.92 -38.14 12.45
N LYS D 197 -12.80 -38.17 13.16
CA LYS D 197 -12.23 -36.95 13.69
C LYS D 197 -11.82 -36.02 12.56
N ALA D 198 -12.02 -34.73 12.78
CA ALA D 198 -11.74 -33.75 11.75
C ALA D 198 -10.27 -33.75 11.39
N GLY D 199 -10.01 -33.65 10.10
CA GLY D 199 -8.67 -33.79 9.57
C GLY D 199 -8.37 -35.23 9.28
N SER D 200 -8.69 -36.13 10.21
CA SER D 200 -8.52 -37.53 9.96
C SER D 200 -9.45 -37.98 8.85
N PHE D 201 -9.17 -39.19 8.35
CA PHE D 201 -9.99 -39.76 7.31
C PHE D 201 -11.44 -39.82 7.74
N GLY D 202 -12.33 -39.52 6.80
CA GLY D 202 -13.74 -39.51 7.11
C GLY D 202 -14.16 -38.34 7.97
N ASP D 203 -13.62 -37.16 7.70
CA ASP D 203 -14.17 -35.98 8.34
C ASP D 203 -15.57 -35.73 7.82
N LEU D 204 -15.77 -35.88 6.52
CA LEU D 204 -17.08 -35.96 5.92
C LEU D 204 -17.42 -37.42 5.79
N GLN D 205 -18.65 -37.77 6.16
CA GLN D 205 -19.10 -39.15 6.12
C GLN D 205 -20.55 -39.13 5.68
N SER D 206 -20.77 -39.34 4.40
CA SER D 206 -22.10 -39.46 3.83
C SER D 206 -22.35 -40.93 3.52
N ARG D 207 -23.56 -41.39 3.83
CA ARG D 207 -23.95 -42.76 3.56
C ARG D 207 -23.73 -43.11 2.11
N THR D 208 -24.29 -42.30 1.22
CA THR D 208 -24.03 -42.40 -0.20
C THR D 208 -23.91 -40.99 -0.76
N SER D 209 -23.90 -40.91 -2.08
CA SER D 209 -23.76 -39.61 -2.72
C SER D 209 -25.07 -38.83 -2.65
N THR D 210 -26.19 -39.54 -2.83
CA THR D 210 -27.49 -38.91 -2.77
C THR D 210 -27.82 -38.44 -1.35
N SER D 211 -27.27 -39.10 -0.34
CA SER D 211 -27.70 -38.88 1.03
C SER D 211 -27.44 -37.45 1.48
N ASN D 212 -28.51 -36.69 1.65
CA ASN D 212 -28.37 -35.31 2.07
C ASN D 212 -27.82 -35.21 3.48
N ASP D 213 -28.18 -36.17 4.34
CA ASP D 213 -27.61 -36.21 5.68
C ASP D 213 -26.21 -36.80 5.63
N LEU D 214 -25.41 -36.43 6.62
CA LEU D 214 -24.05 -36.93 6.71
C LEU D 214 -23.54 -36.68 8.12
N TYR D 215 -22.24 -36.90 8.30
CA TYR D 215 -21.52 -36.53 9.51
C TYR D 215 -20.30 -35.75 9.11
N ALA D 216 -20.24 -34.49 9.53
CA ALA D 216 -19.16 -33.59 9.18
C ALA D 216 -18.52 -33.07 10.46
N ASN D 217 -17.63 -33.87 11.03
CA ASN D 217 -16.69 -33.37 12.03
C ASN D 217 -15.53 -32.81 11.23
N THR D 218 -15.59 -31.52 10.96
CA THR D 218 -14.50 -30.78 10.33
C THR D 218 -13.86 -29.77 11.26
N ASN D 219 -14.38 -29.62 12.48
CA ASN D 219 -13.90 -28.60 13.39
C ASN D 219 -14.04 -27.22 12.77
N LEU D 220 -15.11 -27.05 12.00
CA LEU D 220 -15.38 -25.78 11.37
C LEU D 220 -15.69 -24.74 12.44
N LYS D 221 -14.84 -23.74 12.54
CA LYS D 221 -14.98 -22.68 13.54
C LYS D 221 -14.91 -21.34 12.82
N LEU D 222 -16.04 -20.64 12.80
CA LEU D 222 -16.06 -19.31 12.22
C LEU D 222 -15.39 -18.32 13.15
N GLN D 223 -14.70 -17.35 12.56
CA GLN D 223 -14.12 -16.24 13.29
C GLN D 223 -14.68 -14.94 12.74
N ARG D 224 -14.56 -13.89 13.54
CA ARG D 224 -15.18 -12.64 13.15
C ARG D 224 -14.42 -12.03 11.99
N PRO D 225 -15.10 -11.41 11.02
CA PRO D 225 -14.37 -10.73 9.97
C PRO D 225 -13.65 -9.52 10.51
N GLN D 226 -12.59 -9.15 9.81
CA GLN D 226 -11.64 -8.16 10.29
C GLN D 226 -12.03 -6.75 9.89
N ALA D 227 -11.78 -5.82 10.81
CA ALA D 227 -11.69 -4.38 10.55
C ALA D 227 -12.85 -3.84 9.73
N GLY D 228 -14.06 -4.29 10.06
CA GLY D 228 -15.25 -3.77 9.42
C GLY D 228 -15.27 -4.02 7.92
N ILE D 229 -15.12 -5.27 7.53
CA ILE D 229 -15.25 -5.66 6.12
C ILE D 229 -16.10 -6.93 6.05
N VAL D 230 -16.88 -7.03 4.98
CA VAL D 230 -17.72 -8.19 4.74
C VAL D 230 -16.85 -9.34 4.26
N HIS D 231 -16.78 -10.38 5.05
CA HIS D 231 -16.32 -11.70 4.62
C HIS D 231 -16.60 -12.67 5.75
N THR D 232 -16.19 -13.91 5.56
CA THR D 232 -16.54 -15.01 6.45
C THR D 232 -15.29 -15.81 6.73
N PRO D 233 -14.59 -15.51 7.81
CA PRO D 233 -13.54 -16.41 8.25
C PRO D 233 -14.13 -17.75 8.60
N PHE D 234 -13.81 -18.76 7.80
CA PHE D 234 -14.09 -20.14 8.15
C PHE D 234 -12.75 -20.81 8.38
N THR D 235 -12.51 -21.20 9.62
CA THR D 235 -11.28 -21.85 10.02
C THR D 235 -11.59 -23.33 10.16
N GLN D 236 -10.89 -24.14 9.38
CA GLN D 236 -11.32 -25.50 9.17
C GLN D 236 -10.12 -26.33 8.79
N ALA D 237 -10.19 -27.60 9.17
CA ALA D 237 -9.22 -28.56 8.72
C ALA D 237 -9.49 -28.89 7.26
N PRO D 238 -8.51 -28.74 6.36
CA PRO D 238 -8.66 -29.38 5.05
C PRO D 238 -8.86 -30.87 5.23
N SER D 239 -9.51 -31.49 4.27
CA SER D 239 -10.17 -32.74 4.58
C SER D 239 -9.19 -33.88 4.81
N GLY D 240 -9.66 -34.84 5.58
CA GLY D 240 -9.08 -36.15 5.61
C GLY D 240 -9.30 -36.96 4.35
N PHE D 241 -9.96 -36.38 3.36
CA PHE D 241 -9.92 -36.86 2.00
C PHE D 241 -8.85 -36.14 1.18
N GLU D 242 -8.42 -34.96 1.62
CA GLU D 242 -7.29 -34.30 0.96
C GLU D 242 -6.00 -35.02 1.29
N ARG D 243 -5.62 -35.05 2.56
CA ARG D 243 -4.79 -36.15 3.01
C ARG D 243 -5.63 -37.41 2.90
N TRP D 244 -4.95 -38.55 2.88
CA TRP D 244 -5.44 -39.83 2.37
C TRP D 244 -5.30 -39.89 0.86
N LYS D 245 -4.88 -38.80 0.21
CA LYS D 245 -4.46 -38.83 -1.18
C LYS D 245 -2.98 -38.50 -1.35
N ARG D 246 -2.31 -37.97 -0.32
CA ARG D 246 -0.87 -37.73 -0.39
C ARG D 246 -0.13 -38.00 0.91
N ASP D 247 -0.79 -38.49 1.95
CA ASP D 247 -0.13 -39.07 3.12
C ASP D 247 -0.78 -40.39 3.47
N LYS D 248 -1.23 -41.10 2.45
CA LYS D 248 -2.02 -42.31 2.57
C LYS D 248 -1.14 -43.51 2.86
N GLY D 249 -1.75 -44.69 2.74
CA GLY D 249 -1.04 -45.94 2.64
C GLY D 249 -1.14 -46.53 1.24
N ALA D 250 -0.42 -47.59 1.03
CA ALA D 250 -0.29 -48.16 -0.30
C ALA D 250 -1.44 -49.10 -0.60
N PRO D 251 -1.71 -49.39 -1.88
CA PRO D 251 -2.88 -50.19 -2.22
C PRO D 251 -2.68 -51.68 -2.14
N LEU D 252 -3.80 -52.34 -1.85
CA LEU D 252 -3.83 -53.77 -1.66
C LEU D 252 -3.45 -54.51 -2.92
N ASN D 253 -3.65 -53.90 -4.09
CA ASN D 253 -3.07 -54.45 -5.31
C ASN D 253 -1.59 -54.14 -5.43
N ASP D 254 -0.99 -53.53 -4.40
CA ASP D 254 0.44 -53.37 -4.28
C ASP D 254 0.99 -53.82 -2.93
N VAL D 255 0.16 -54.28 -1.99
CA VAL D 255 0.66 -54.77 -0.72
C VAL D 255 0.01 -56.06 -0.25
N ALA D 256 -0.93 -56.60 -1.03
CA ALA D 256 -1.60 -57.82 -0.58
C ALA D 256 -0.62 -58.98 -0.47
N PRO D 257 -0.98 -60.02 0.26
CA PRO D 257 -0.30 -61.30 0.11
C PRO D 257 -0.92 -62.24 -0.91
N PHE D 258 -0.26 -63.38 -1.09
CA PHE D 258 -0.68 -64.54 -1.87
C PHE D 258 -1.30 -64.22 -3.22
N GLY D 259 -0.84 -63.14 -3.83
CA GLY D 259 -0.96 -62.94 -5.26
C GLY D 259 -2.28 -62.57 -5.90
N CYS D 260 -2.74 -61.35 -5.66
CA CYS D 260 -4.06 -60.90 -6.02
C CYS D 260 -3.96 -59.61 -6.81
N SER D 261 -4.99 -59.36 -7.61
CA SER D 261 -5.19 -58.09 -8.29
C SER D 261 -6.61 -57.66 -8.00
N ILE D 262 -6.90 -56.38 -8.25
CA ILE D 262 -8.06 -55.70 -7.68
C ILE D 262 -8.76 -54.89 -8.76
N ALA D 263 -10.05 -54.61 -8.54
CA ALA D 263 -10.80 -53.72 -9.41
C ALA D 263 -11.92 -53.03 -8.65
N LEU D 264 -12.21 -51.78 -9.04
CA LEU D 264 -13.44 -51.09 -8.66
C LEU D 264 -14.46 -51.39 -9.74
N GLU D 265 -15.14 -52.48 -9.54
CA GLU D 265 -15.88 -53.31 -10.46
C GLU D 265 -16.57 -54.11 -9.36
N PRO D 266 -17.13 -55.31 -9.56
CA PRO D 266 -17.78 -55.98 -8.42
C PRO D 266 -16.99 -56.20 -7.12
N LEU D 267 -15.79 -55.61 -6.97
CA LEU D 267 -14.97 -55.63 -5.77
C LEU D 267 -14.33 -56.98 -5.64
N ARG D 268 -13.95 -57.52 -6.78
CA ARG D 268 -13.25 -58.76 -6.82
C ARG D 268 -11.80 -58.55 -6.45
N ALA D 269 -11.14 -59.66 -6.15
CA ALA D 269 -9.70 -59.69 -5.96
C ALA D 269 -9.19 -60.83 -6.85
N GLU D 270 -8.83 -60.49 -8.08
CA GLU D 270 -8.57 -61.49 -9.10
C GLU D 270 -7.36 -62.34 -8.75
N ASN D 271 -7.40 -63.59 -9.23
CA ASN D 271 -6.21 -64.37 -9.52
C ASN D 271 -5.39 -64.68 -8.27
N CYS D 272 -6.07 -64.79 -7.14
CA CYS D 272 -5.41 -65.07 -5.86
C CYS D 272 -4.94 -66.51 -5.85
N ALA D 273 -3.66 -66.69 -6.17
CA ALA D 273 -3.06 -68.02 -6.23
C ALA D 273 -2.70 -68.45 -4.82
N VAL D 274 -3.53 -69.29 -4.22
CA VAL D 274 -3.19 -69.86 -2.93
C VAL D 274 -4.01 -71.11 -2.67
N GLY D 275 -3.34 -72.16 -2.20
CA GLY D 275 -4.00 -73.38 -1.82
C GLY D 275 -4.51 -74.17 -3.00
N SER D 276 -5.41 -75.10 -2.68
CA SER D 276 -5.92 -76.06 -3.63
C SER D 276 -7.44 -75.96 -3.67
N ILE D 277 -8.01 -76.58 -4.71
CA ILE D 277 -9.45 -76.58 -4.93
C ILE D 277 -9.86 -78.01 -5.27
N PRO D 278 -10.74 -78.65 -4.47
CA PRO D 278 -11.19 -80.01 -4.80
C PRO D 278 -12.23 -80.07 -5.91
N ILE D 279 -11.77 -80.22 -7.15
CA ILE D 279 -12.61 -80.07 -8.32
C ILE D 279 -12.97 -81.43 -8.86
N SER D 280 -14.21 -81.54 -9.34
CA SER D 280 -14.80 -82.80 -9.76
C SER D 280 -15.70 -82.52 -10.95
N ILE D 281 -15.59 -83.34 -11.99
CA ILE D 281 -16.30 -83.13 -13.24
C ILE D 281 -17.07 -84.40 -13.60
N ASP D 282 -18.22 -84.21 -14.21
CA ASP D 282 -18.98 -85.27 -14.86
C ASP D 282 -18.91 -85.00 -16.36
N ILE D 283 -18.06 -85.75 -17.03
CA ILE D 283 -17.82 -85.64 -18.47
C ILE D 283 -19.05 -86.16 -19.20
N PRO D 284 -19.33 -85.71 -20.43
CA PRO D 284 -20.31 -86.43 -21.24
C PRO D 284 -19.73 -87.74 -21.73
N ASP D 285 -20.42 -88.84 -21.44
CA ASP D 285 -19.95 -90.16 -21.84
C ASP D 285 -19.83 -90.27 -23.36
N ALA D 286 -20.60 -89.49 -24.10
CA ALA D 286 -20.47 -89.46 -25.55
C ALA D 286 -19.07 -89.02 -25.96
N ALA D 287 -18.47 -88.11 -25.20
CA ALA D 287 -17.13 -87.63 -25.53
C ALA D 287 -16.08 -88.70 -25.34
N PHE D 288 -16.36 -89.72 -24.52
CA PHE D 288 -15.42 -90.81 -24.39
C PHE D 288 -15.28 -91.57 -25.70
N THR D 289 -14.08 -92.09 -25.90
CA THR D 289 -13.81 -93.09 -26.91
C THR D 289 -13.71 -94.43 -26.21
N ARG D 290 -14.33 -95.44 -26.78
CA ARG D 290 -14.24 -96.76 -26.20
C ARG D 290 -12.81 -97.27 -26.32
N ILE D 291 -12.46 -98.19 -25.41
CA ILE D 291 -11.07 -98.56 -25.24
C ILE D 291 -10.55 -99.33 -26.46
N SER D 292 -11.43 -100.02 -27.17
CA SER D 292 -11.02 -100.91 -28.25
C SER D 292 -10.75 -100.18 -29.55
N GLU D 293 -10.65 -98.86 -29.53
CA GLU D 293 -10.47 -98.05 -30.73
C GLU D 293 -9.21 -97.21 -30.69
N THR D 294 -8.68 -96.91 -29.51
CA THR D 294 -7.39 -96.25 -29.42
C THR D 294 -6.28 -97.29 -29.51
N PRO D 295 -5.14 -96.97 -30.11
CA PRO D 295 -4.05 -97.95 -30.16
C PRO D 295 -3.52 -98.26 -28.77
N THR D 296 -3.26 -99.53 -28.54
CA THR D 296 -2.51 -99.96 -27.37
C THR D 296 -1.03 -99.78 -27.65
N VAL D 297 -0.34 -99.12 -26.72
CA VAL D 297 0.97 -98.54 -26.97
C VAL D 297 2.08 -99.28 -26.26
N SER D 298 1.76 -100.30 -25.46
CA SER D 298 2.75 -100.96 -24.62
C SER D 298 3.87 -101.60 -25.41
N ASP D 299 4.85 -102.16 -24.71
CA ASP D 299 6.12 -102.61 -25.30
C ASP D 299 6.85 -101.43 -25.94
N LEU D 300 6.81 -100.30 -25.24
CA LEU D 300 7.40 -99.05 -25.67
C LEU D 300 8.72 -98.81 -24.96
N GLU D 301 9.26 -97.61 -25.11
CA GLU D 301 10.37 -97.15 -24.29
C GLU D 301 10.34 -95.63 -24.25
N CYS D 302 10.70 -95.06 -23.10
CA CYS D 302 10.78 -93.62 -22.91
C CYS D 302 12.15 -93.23 -22.39
N LYS D 303 12.63 -92.08 -22.83
CA LYS D 303 13.85 -91.52 -22.28
C LYS D 303 13.89 -90.03 -22.56
N ILE D 304 14.37 -89.27 -21.58
CA ILE D 304 14.72 -87.90 -21.84
C ILE D 304 15.83 -87.85 -22.87
N THR D 305 15.97 -86.70 -23.49
CA THR D 305 17.08 -86.42 -24.39
C THR D 305 17.77 -85.11 -24.04
N GLU D 306 17.02 -84.10 -23.62
CA GLU D 306 17.59 -82.88 -23.07
C GLU D 306 16.60 -82.36 -22.04
N CYS D 307 16.77 -82.80 -20.80
CA CYS D 307 15.88 -82.36 -19.74
C CYS D 307 16.39 -81.06 -19.17
N THR D 308 15.51 -80.08 -19.11
CA THR D 308 15.82 -78.77 -18.59
C THR D 308 15.15 -78.62 -17.23
N TYR D 309 15.98 -78.43 -16.21
CA TYR D 309 15.58 -78.47 -14.81
C TYR D 309 14.91 -77.15 -14.42
N ALA D 310 13.72 -76.92 -14.98
CA ALA D 310 13.25 -75.56 -15.15
C ALA D 310 11.72 -75.46 -15.14
N SER D 311 11.23 -74.27 -15.48
CA SER D 311 9.85 -73.85 -15.41
C SER D 311 9.17 -73.92 -16.77
N ASP D 312 9.71 -73.19 -17.74
CA ASP D 312 9.26 -73.33 -19.11
C ASP D 312 9.43 -74.78 -19.53
N PHE D 313 8.62 -75.19 -20.48
CA PHE D 313 8.61 -76.58 -20.87
C PHE D 313 9.89 -76.92 -21.63
N GLY D 314 10.99 -76.98 -20.92
CA GLY D 314 12.28 -77.25 -21.52
C GLY D 314 12.61 -78.73 -21.52
N GLY D 315 11.98 -79.47 -20.61
CA GLY D 315 12.21 -80.90 -20.57
C GLY D 315 11.59 -81.58 -21.76
N ILE D 316 12.36 -82.47 -22.39
CA ILE D 316 11.90 -83.24 -23.54
C ILE D 316 12.25 -84.70 -23.35
N ALA D 317 11.54 -85.54 -24.08
CA ALA D 317 11.82 -86.97 -24.01
C ALA D 317 11.20 -87.65 -25.22
N THR D 318 12.03 -88.33 -25.99
CA THR D 318 11.52 -89.22 -27.00
C THR D 318 10.85 -90.40 -26.32
N VAL D 319 9.92 -91.02 -27.04
CA VAL D 319 9.24 -92.22 -26.57
C VAL D 319 9.16 -93.17 -27.74
N ALA D 320 9.75 -94.36 -27.57
CA ALA D 320 9.69 -95.39 -28.59
C ALA D 320 8.30 -95.99 -28.57
N TYR D 321 7.36 -95.31 -29.23
CA TYR D 321 5.99 -95.78 -29.23
C TYR D 321 5.88 -97.09 -29.95
N LYS D 322 5.15 -98.02 -29.33
CA LYS D 322 4.94 -99.37 -29.86
C LYS D 322 3.43 -99.58 -29.89
N SER D 323 2.80 -99.13 -30.96
CA SER D 323 1.35 -99.10 -31.04
C SER D 323 0.81 -100.39 -31.65
N SER D 324 -0.50 -100.51 -31.61
CA SER D 324 -1.23 -101.59 -32.26
C SER D 324 -2.01 -101.05 -33.46
N LYS D 325 -2.88 -100.09 -33.23
CA LYS D 325 -3.48 -99.30 -34.29
C LYS D 325 -2.63 -98.05 -34.48
N ALA D 326 -3.14 -97.08 -35.22
CA ALA D 326 -2.49 -95.79 -35.39
C ALA D 326 -3.52 -94.69 -35.16
N GLY D 327 -3.13 -93.69 -34.39
CA GLY D 327 -4.05 -92.60 -34.10
C GLY D 327 -3.54 -91.76 -32.96
N ASN D 328 -4.48 -91.14 -32.25
CA ASN D 328 -4.16 -90.29 -31.13
C ASN D 328 -4.05 -91.11 -29.86
N CYS D 329 -3.40 -90.52 -28.87
CA CYS D 329 -3.12 -91.17 -27.61
C CYS D 329 -2.96 -90.08 -26.55
N PRO D 330 -3.95 -89.83 -25.71
CA PRO D 330 -3.77 -88.81 -24.68
C PRO D 330 -2.71 -89.23 -23.68
N ILE D 331 -2.02 -88.25 -23.13
CA ILE D 331 -0.87 -88.47 -22.27
C ILE D 331 -0.97 -87.61 -21.02
N HIS D 332 -0.34 -88.09 -19.95
CA HIS D 332 -0.27 -87.37 -18.70
C HIS D 332 0.69 -88.10 -17.80
N SER D 333 1.33 -87.33 -16.92
CA SER D 333 2.13 -87.88 -15.84
C SER D 333 1.28 -87.86 -14.59
N PRO D 334 0.73 -88.99 -14.14
CA PRO D 334 -0.06 -88.96 -12.91
C PRO D 334 0.71 -88.44 -11.71
N SER D 335 2.02 -88.64 -11.70
CA SER D 335 2.84 -87.95 -10.73
C SER D 335 2.92 -86.48 -11.08
N GLY D 336 2.84 -85.64 -10.07
CA GLY D 336 2.92 -84.21 -10.27
C GLY D 336 4.32 -83.69 -10.50
N VAL D 337 5.31 -84.58 -10.56
CA VAL D 337 6.69 -84.16 -10.78
C VAL D 337 6.82 -83.45 -12.11
N ALA D 338 6.23 -84.03 -13.14
CA ALA D 338 6.38 -83.57 -14.51
C ALA D 338 5.08 -82.98 -14.99
N VAL D 339 5.16 -81.80 -15.59
CA VAL D 339 4.03 -81.13 -16.21
C VAL D 339 4.34 -81.05 -17.69
N ILE D 340 3.37 -81.46 -18.50
CA ILE D 340 3.58 -81.73 -19.91
C ILE D 340 2.80 -80.73 -20.73
N LYS D 341 3.40 -80.25 -21.81
CA LYS D 341 2.74 -79.30 -22.69
C LYS D 341 1.74 -79.99 -23.59
N GLU D 342 2.06 -81.18 -24.05
CA GLU D 342 1.18 -81.93 -24.94
C GLU D 342 0.18 -82.74 -24.12
N ASN D 343 -1.09 -82.53 -24.41
CA ASN D 343 -2.13 -83.39 -23.88
C ASN D 343 -2.23 -84.69 -24.66
N ASP D 344 -2.02 -84.60 -25.97
CA ASP D 344 -2.29 -85.68 -26.89
C ASP D 344 -1.15 -85.79 -27.87
N VAL D 345 -0.82 -87.02 -28.25
CA VAL D 345 0.21 -87.28 -29.24
C VAL D 345 -0.38 -88.17 -30.32
N THR D 346 -0.10 -87.81 -31.57
CA THR D 346 -0.51 -88.62 -32.70
C THR D 346 0.48 -89.77 -32.86
N LEU D 347 -0.03 -90.91 -33.33
CA LEU D 347 0.79 -92.10 -33.50
C LEU D 347 0.51 -92.79 -34.82
N ALA D 348 1.58 -93.07 -35.54
CA ALA D 348 1.55 -94.03 -36.62
C ALA D 348 1.73 -95.42 -36.00
N GLU D 349 1.97 -96.41 -36.83
CA GLU D 349 2.16 -97.77 -36.33
C GLU D 349 3.52 -97.88 -35.67
N SER D 350 3.57 -97.61 -34.37
CA SER D 350 4.75 -97.83 -33.55
C SER D 350 5.94 -97.01 -34.02
N GLY D 351 5.75 -95.70 -33.99
CA GLY D 351 6.79 -94.74 -34.28
C GLY D 351 7.43 -94.19 -33.03
N SER D 352 7.81 -92.92 -33.08
CA SER D 352 8.40 -92.24 -31.95
C SER D 352 8.08 -90.76 -32.06
N PHE D 353 7.71 -90.15 -30.93
CA PHE D 353 7.35 -88.74 -30.91
C PHE D 353 7.76 -88.14 -29.57
N THR D 354 8.60 -87.12 -29.63
CA THR D 354 9.01 -86.39 -28.45
C THR D 354 7.89 -85.48 -27.99
N PHE D 355 7.82 -85.27 -26.69
CA PHE D 355 6.98 -84.26 -26.10
C PHE D 355 7.84 -83.31 -25.28
N HIS D 356 7.20 -82.26 -24.77
CA HIS D 356 7.84 -81.26 -23.94
C HIS D 356 7.30 -81.34 -22.53
N PHE D 357 8.11 -80.95 -21.56
CA PHE D 357 7.64 -80.94 -20.18
C PHE D 357 8.56 -80.06 -19.34
N SER D 358 8.30 -80.07 -18.03
CA SER D 358 9.07 -79.33 -17.05
C SER D 358 8.98 -80.05 -15.72
N THR D 359 10.08 -80.02 -14.95
CA THR D 359 10.19 -80.75 -13.70
C THR D 359 10.88 -79.88 -12.68
N ALA D 360 11.08 -80.45 -11.50
CA ALA D 360 11.76 -79.78 -10.40
C ALA D 360 12.75 -80.65 -9.67
N ASN D 361 12.84 -81.94 -9.98
CA ASN D 361 13.78 -82.83 -9.34
C ASN D 361 14.85 -83.25 -10.34
N ILE D 362 16.10 -83.23 -9.86
CA ILE D 362 17.26 -83.44 -10.73
C ILE D 362 17.13 -84.75 -11.47
N HIS D 363 16.60 -85.76 -10.81
CA HIS D 363 16.40 -87.08 -11.37
C HIS D 363 14.90 -87.29 -11.55
N PRO D 364 14.31 -86.81 -12.63
CA PRO D 364 12.87 -86.96 -12.78
C PRO D 364 12.47 -88.38 -13.04
N ALA D 365 11.99 -89.04 -11.99
CA ALA D 365 11.44 -90.38 -12.09
C ALA D 365 9.92 -90.29 -12.04
N PHE D 366 9.35 -89.84 -13.16
CA PHE D 366 7.91 -89.66 -13.27
C PHE D 366 7.33 -90.67 -14.22
N LYS D 367 6.20 -91.25 -13.83
CA LYS D 367 5.47 -92.12 -14.72
C LYS D 367 4.84 -91.29 -15.83
N LEU D 368 4.66 -91.92 -16.98
CA LEU D 368 3.94 -91.32 -18.09
C LEU D 368 2.92 -92.33 -18.58
N GLN D 369 1.67 -91.90 -18.62
CA GLN D 369 0.55 -92.77 -18.93
C GLN D 369 0.10 -92.44 -20.34
N VAL D 370 0.64 -93.18 -21.31
CA VAL D 370 0.32 -92.94 -22.71
C VAL D 370 -0.88 -93.81 -23.04
N CYS D 371 -2.06 -93.27 -22.75
CA CYS D 371 -3.36 -93.87 -23.05
C CYS D 371 -3.40 -95.34 -22.65
N THR D 372 -3.32 -95.53 -21.33
CA THR D 372 -3.26 -96.82 -20.67
C THR D 372 -1.99 -97.58 -21.03
N SER D 373 -0.86 -96.93 -20.77
CA SER D 373 0.42 -97.64 -20.75
C SER D 373 1.39 -96.78 -19.96
N ALA D 374 1.77 -97.26 -18.79
CA ALA D 374 2.65 -96.49 -17.92
C ALA D 374 4.10 -96.68 -18.33
N VAL D 375 4.93 -95.70 -17.99
CA VAL D 375 6.36 -95.81 -18.23
C VAL D 375 7.09 -94.78 -17.40
N THR D 376 8.22 -95.19 -16.87
CA THR D 376 9.13 -94.29 -16.17
C THR D 376 10.04 -93.62 -17.18
N CYS D 377 9.99 -92.30 -17.24
CA CYS D 377 10.90 -91.51 -18.06
C CYS D 377 12.05 -90.97 -17.21
N LYS D 378 12.76 -91.92 -16.59
CA LYS D 378 13.88 -91.58 -15.72
C LYS D 378 14.95 -90.83 -16.49
N GLY D 379 15.68 -89.98 -15.78
CA GLY D 379 16.83 -89.33 -16.39
C GLY D 379 17.46 -88.28 -15.49
N ASP D 380 18.01 -87.24 -16.13
CA ASP D 380 18.70 -86.18 -15.42
C ASP D 380 18.58 -84.90 -16.22
N CYS D 381 18.59 -83.77 -15.51
CA CYS D 381 18.21 -82.48 -16.07
C CYS D 381 19.30 -81.45 -15.84
N LYS D 382 19.16 -80.33 -16.55
CA LYS D 382 20.16 -79.28 -16.59
C LYS D 382 19.55 -77.95 -16.15
N PRO D 383 20.25 -77.16 -15.33
CA PRO D 383 19.72 -75.84 -14.94
C PRO D 383 19.83 -74.83 -16.07
N PRO D 384 18.85 -73.90 -16.20
CA PRO D 384 18.99 -72.79 -17.16
C PRO D 384 19.74 -71.57 -16.67
N LYS D 385 19.62 -70.49 -17.46
CA LYS D 385 20.46 -69.31 -17.33
C LYS D 385 19.72 -67.97 -17.29
N ASP D 386 18.42 -67.93 -17.59
CA ASP D 386 17.79 -66.73 -18.21
C ASP D 386 16.46 -66.35 -17.53
N HIS D 387 16.49 -66.17 -16.22
CA HIS D 387 15.26 -66.17 -15.38
C HIS D 387 14.72 -64.78 -15.01
N ILE D 388 14.21 -64.03 -16.00
CA ILE D 388 13.43 -62.84 -15.66
C ILE D 388 12.21 -62.60 -16.58
N VAL D 389 11.15 -63.40 -16.45
CA VAL D 389 9.95 -63.24 -17.28
C VAL D 389 8.87 -63.84 -16.39
N ASP D 390 7.57 -63.85 -16.79
CA ASP D 390 6.39 -64.03 -15.92
C ASP D 390 6.35 -65.40 -15.25
N TYR D 391 5.22 -66.07 -15.01
CA TYR D 391 5.21 -67.16 -14.03
C TYR D 391 5.21 -68.56 -14.62
N PRO D 392 5.57 -69.58 -13.83
CA PRO D 392 5.98 -70.86 -14.41
C PRO D 392 4.82 -71.79 -14.75
N ALA D 393 5.20 -72.89 -15.39
CA ALA D 393 4.33 -74.03 -15.67
C ALA D 393 4.66 -75.24 -14.81
N GLN D 394 5.67 -75.13 -13.96
CA GLN D 394 6.24 -76.25 -13.23
C GLN D 394 5.48 -76.50 -11.94
N HIS D 395 5.46 -75.48 -11.08
CA HIS D 395 4.65 -75.37 -9.87
C HIS D 395 4.54 -76.68 -9.09
N THR D 396 5.66 -77.39 -8.99
CA THR D 396 5.67 -78.73 -8.42
C THR D 396 6.87 -78.93 -7.50
N GLU D 397 7.37 -77.86 -6.92
CA GLU D 397 8.57 -77.96 -6.10
C GLU D 397 8.31 -78.79 -4.87
N SER D 398 9.22 -79.71 -4.59
CA SER D 398 9.13 -80.57 -3.42
C SER D 398 10.55 -80.94 -3.00
N PHE D 399 10.67 -81.97 -2.18
CA PHE D 399 11.98 -82.43 -1.76
C PHE D 399 12.71 -83.10 -2.92
N THR D 400 13.92 -82.62 -3.20
CA THR D 400 14.71 -83.10 -4.33
C THR D 400 16.18 -83.27 -3.96
N UNK E 1 -62.10 37.90 74.27
CA UNK E 1 -62.38 39.16 73.52
C UNK E 1 -61.20 40.05 73.64
N UNK E 2 -60.58 40.40 72.51
CA UNK E 2 -59.39 41.19 72.47
C UNK E 2 -59.76 42.67 72.59
N UNK E 3 -59.13 43.45 73.52
CA UNK E 3 -59.37 44.88 73.62
C UNK E 3 -58.18 45.62 74.21
N UNK E 4 -58.12 46.94 73.95
CA UNK E 4 -57.13 47.87 74.44
C UNK E 4 -57.92 49.04 74.97
N UNK E 5 -57.68 49.45 76.23
CA UNK E 5 -58.41 50.57 76.82
C UNK E 5 -57.40 51.60 77.30
N UNK E 6 -57.40 52.80 76.69
CA UNK E 6 -56.54 53.90 77.08
C UNK E 6 -57.09 54.75 78.21
N UNK E 7 -56.18 55.34 79.01
CA UNK E 7 -56.58 56.27 80.04
C UNK E 7 -55.45 57.25 80.28
N UNK E 8 -55.71 58.33 81.06
CA UNK E 8 -54.71 59.34 81.41
C UNK E 8 -54.71 60.58 80.56
N UNK E 9 -55.54 60.64 79.50
CA UNK E 9 -55.71 61.82 78.67
C UNK E 9 -56.43 62.93 79.38
N UNK E 10 -55.95 64.18 79.20
CA UNK E 10 -56.59 65.30 79.86
C UNK E 10 -56.03 66.60 79.38
N UNK E 11 -56.51 67.69 80.00
CA UNK E 11 -56.04 69.05 79.77
C UNK E 11 -54.78 69.31 80.54
N UNK E 12 -53.78 69.88 79.86
CA UNK E 12 -52.50 70.07 80.45
C UNK E 12 -51.92 71.39 79.93
N UNK E 13 -51.20 72.18 80.77
CA UNK E 13 -50.58 73.46 80.37
C UNK E 13 -49.49 73.23 79.31
N UNK E 14 -49.15 74.16 78.41
CA UNK E 14 -47.89 74.14 77.67
C UNK E 14 -46.64 73.97 78.53
N UNK E 15 -45.70 73.08 78.12
CA UNK E 15 -44.48 72.77 78.86
C UNK E 15 -44.64 71.77 79.98
N UNK E 16 -45.86 71.24 80.18
CA UNK E 16 -46.14 70.26 81.20
C UNK E 16 -45.97 68.84 80.72
N UNK E 17 -46.41 67.91 81.59
CA UNK E 17 -46.22 66.50 81.47
C UNK E 17 -47.51 65.79 81.76
N UNK E 18 -47.69 64.62 81.11
CA UNK E 18 -48.85 63.78 81.26
C UNK E 18 -48.41 62.35 81.01
N UNK E 19 -49.00 61.35 81.71
CA UNK E 19 -48.67 59.95 81.46
C UNK E 19 -49.91 59.23 81.01
N UNK E 20 -49.88 58.66 79.79
CA UNK E 20 -50.97 57.85 79.29
C UNK E 20 -50.72 56.41 79.67
N UNK E 21 -51.80 55.64 79.83
CA UNK E 21 -51.69 54.22 80.07
C UNK E 21 -52.69 53.52 79.19
N UNK E 22 -52.46 52.23 78.93
CA UNK E 22 -53.31 51.40 78.14
C UNK E 22 -53.36 50.05 78.79
N UNK E 23 -54.58 49.56 79.05
CA UNK E 23 -54.84 48.27 79.63
C UNK E 23 -55.19 47.29 78.52
N UNK E 24 -54.42 46.19 78.39
CA UNK E 24 -54.62 45.17 77.38
C UNK E 24 -55.25 43.91 77.97
N UNK E 25 -56.14 43.28 77.20
CA UNK E 25 -56.78 42.05 77.65
C UNK E 25 -57.22 41.21 76.47
N UNK E 26 -57.41 39.90 76.70
CA UNK E 26 -57.87 38.97 75.68
C UNK E 26 -56.82 38.38 74.80
N UNK E 27 -55.53 38.62 75.09
CA UNK E 27 -54.44 38.07 74.32
C UNK E 27 -53.20 38.02 75.18
N UNK E 28 -52.13 37.33 74.72
CA UNK E 28 -50.88 37.25 75.44
C UNK E 28 -50.04 38.49 75.15
N UNK E 29 -50.17 39.56 75.97
CA UNK E 29 -49.60 40.89 75.73
C UNK E 29 -48.10 40.90 75.45
N UNK E 30 -47.34 40.11 76.21
CA UNK E 30 -45.90 39.91 76.13
C UNK E 30 -45.38 39.52 74.77
N UNK E 31 -46.21 38.80 73.99
CA UNK E 31 -45.80 38.27 72.70
C UNK E 31 -46.03 39.25 71.56
N UNK E 32 -46.50 40.49 71.83
CA UNK E 32 -46.80 41.44 70.78
C UNK E 32 -45.98 42.70 70.92
N UNK E 33 -45.52 43.19 69.76
CA UNK E 33 -45.01 44.52 69.56
C UNK E 33 -46.15 45.56 69.69
N UNK E 34 -45.95 46.77 70.28
CA UNK E 34 -47.05 47.69 70.55
C UNK E 34 -46.67 49.12 70.15
N UNK E 35 -47.68 49.94 69.82
CA UNK E 35 -47.47 51.30 69.37
C UNK E 35 -48.41 52.28 70.03
N UNK E 36 -48.06 53.57 69.93
CA UNK E 36 -48.99 54.66 70.16
C UNK E 36 -49.09 55.44 68.86
N UNK E 37 -50.32 55.78 68.44
CA UNK E 37 -50.60 56.53 67.21
C UNK E 37 -51.54 57.65 67.60
N UNK E 38 -51.32 58.88 67.09
CA UNK E 38 -52.14 60.03 67.44
C UNK E 38 -52.83 60.61 66.23
N UNK E 39 -53.93 61.34 66.47
CA UNK E 39 -54.67 62.02 65.44
C UNK E 39 -55.33 63.27 65.99
N UNK E 40 -54.94 64.47 65.47
CA UNK E 40 -55.57 65.73 65.79
C UNK E 40 -56.96 65.83 65.12
N UNK E 41 -57.97 66.54 65.65
CA UNK E 41 -59.27 66.66 64.98
C UNK E 41 -59.24 67.15 63.54
N UNK E 42 -59.84 66.35 62.61
CA UNK E 42 -59.86 66.68 61.20
C UNK E 42 -58.54 66.46 60.47
N UNK E 43 -57.56 65.79 61.10
CA UNK E 43 -56.24 65.55 60.53
C UNK E 43 -55.96 64.07 60.45
N UNK E 44 -54.80 63.73 59.86
CA UNK E 44 -54.39 62.37 59.57
C UNK E 44 -53.80 61.65 60.79
N UNK E 45 -53.58 60.33 60.64
CA UNK E 45 -52.89 59.50 61.60
C UNK E 45 -51.39 59.78 61.66
N UNK E 46 -50.84 59.90 62.89
CA UNK E 46 -49.42 60.12 63.09
C UNK E 46 -48.86 59.12 64.09
N UNK E 47 -47.85 58.32 63.69
CA UNK E 47 -47.15 57.40 64.58
C UNK E 47 -46.31 58.12 65.63
N UNK E 48 -46.53 57.76 66.91
CA UNK E 48 -45.88 58.43 68.01
C UNK E 48 -44.67 57.65 68.44
N UNK E 49 -44.82 56.31 68.58
CA UNK E 49 -43.77 55.51 69.16
C UNK E 49 -44.11 54.02 69.04
N UNK E 50 -43.06 53.18 69.04
CA UNK E 50 -43.09 51.72 68.96
C UNK E 50 -42.25 51.11 70.08
N UNK E 51 -42.72 49.97 70.63
CA UNK E 51 -41.97 49.16 71.56
C UNK E 51 -42.03 47.69 71.19
N UNK E 52 -40.85 47.03 71.10
CA UNK E 52 -40.71 45.61 70.80
C UNK E 52 -41.10 44.73 71.99
N UNK E 53 -41.12 43.41 71.78
CA UNK E 53 -41.27 42.41 72.83
C UNK E 53 -40.11 42.44 73.83
N UNK E 54 -38.88 42.81 73.38
CA UNK E 54 -37.69 42.89 74.20
C UNK E 54 -37.55 44.26 74.81
N UNK E 55 -38.51 45.18 74.56
CA UNK E 55 -38.52 46.51 75.14
C UNK E 55 -37.64 47.51 74.46
N UNK E 56 -36.53 47.08 73.85
CA UNK E 56 -35.59 47.99 73.22
C UNK E 56 -35.16 47.53 71.81
N UNK E 57 -34.56 48.42 70.99
CA UNK E 57 -34.65 49.87 71.08
C UNK E 57 -36.09 50.32 70.93
N UNK E 58 -36.50 51.31 71.74
CA UNK E 58 -37.75 52.02 71.54
C UNK E 58 -37.57 52.90 70.31
N UNK E 59 -38.62 53.06 69.50
CA UNK E 59 -38.49 53.75 68.23
C UNK E 59 -39.41 54.93 68.29
N UNK E 60 -38.90 56.11 67.86
CA UNK E 60 -39.65 57.35 67.96
C UNK E 60 -39.34 58.16 66.75
N UNK E 61 -40.35 58.92 66.29
CA UNK E 61 -40.25 59.95 65.25
C UNK E 61 -39.61 61.24 65.79
N UNK E 62 -39.00 62.11 64.94
CA UNK E 62 -38.31 63.34 65.30
C UNK E 62 -39.20 64.38 66.00
N UNK E 63 -40.52 64.39 65.66
CA UNK E 63 -41.53 65.29 66.24
C UNK E 63 -41.67 65.13 67.75
N UNK E 64 -41.32 63.94 68.25
CA UNK E 64 -41.64 63.48 69.58
C UNK E 64 -40.41 62.97 70.34
N UNK E 65 -39.31 62.58 69.65
CA UNK E 65 -38.11 62.05 70.29
C UNK E 65 -37.45 62.97 71.33
N UNK E 66 -37.07 62.41 72.48
CA UNK E 66 -36.44 63.17 73.57
C UNK E 66 -37.43 63.75 74.55
N UNK E 67 -38.72 63.80 74.17
CA UNK E 67 -39.75 64.26 75.06
C UNK E 67 -40.70 63.18 75.50
N UNK E 68 -40.87 62.12 74.69
CA UNK E 68 -41.84 61.09 74.97
C UNK E 68 -41.12 59.79 75.17
N UNK E 69 -41.62 58.98 76.13
CA UNK E 69 -41.05 57.67 76.42
C UNK E 69 -42.14 56.62 76.49
N UNK E 70 -42.07 55.59 75.61
CA UNK E 70 -42.95 54.42 75.63
C UNK E 70 -42.36 53.36 76.55
N UNK E 71 -43.23 52.64 77.28
CA UNK E 71 -42.78 51.59 78.16
C UNK E 71 -43.86 50.55 78.28
N UNK E 72 -43.49 49.33 78.72
CA UNK E 72 -44.46 48.27 78.88
C UNK E 72 -44.20 47.54 80.18
N UNK E 73 -45.27 47.07 80.83
CA UNK E 73 -45.21 46.28 82.03
C UNK E 73 -46.06 45.06 81.71
N UNK E 74 -45.37 43.96 81.36
CA UNK E 74 -46.01 42.74 80.92
C UNK E 74 -46.78 42.03 82.01
N UNK E 75 -46.34 42.10 83.28
CA UNK E 75 -47.00 41.48 84.43
C UNK E 75 -48.34 42.13 84.70
N UNK E 76 -48.51 43.40 84.30
CA UNK E 76 -49.73 44.12 84.50
C UNK E 76 -50.58 44.16 83.22
N UNK E 77 -50.03 43.67 82.07
CA UNK E 77 -50.59 43.76 80.73
C UNK E 77 -50.79 45.20 80.28
N UNK E 78 -49.83 46.10 80.58
CA UNK E 78 -50.00 47.53 80.36
C UNK E 78 -48.94 48.12 79.46
N UNK E 79 -49.37 49.11 78.67
CA UNK E 79 -48.51 49.92 77.85
C UNK E 79 -48.63 51.35 78.36
N UNK E 80 -47.53 52.14 78.36
CA UNK E 80 -47.55 53.49 78.88
C UNK E 80 -46.92 54.45 77.88
N UNK E 81 -47.33 55.73 77.95
CA UNK E 81 -46.64 56.80 77.25
C UNK E 81 -46.43 57.96 78.19
N UNK E 82 -45.16 58.24 78.56
CA UNK E 82 -44.83 59.40 79.35
C UNK E 82 -44.52 60.52 78.38
N UNK E 83 -45.25 61.65 78.45
CA UNK E 83 -45.09 62.76 77.54
C UNK E 83 -44.66 63.97 78.35
N UNK E 84 -43.52 64.60 78.00
CA UNK E 84 -42.96 65.73 78.69
C UNK E 84 -42.82 66.90 77.74
N UNK E 85 -42.68 68.14 78.29
CA UNK E 85 -42.50 69.38 77.52
C UNK E 85 -43.54 69.56 76.42
N UNK E 86 -44.82 69.38 76.79
CA UNK E 86 -45.94 69.33 75.86
C UNK E 86 -46.22 70.66 75.16
N UNK E 87 -46.69 70.62 73.90
CA UNK E 87 -47.05 71.83 73.18
C UNK E 87 -48.34 71.62 72.43
N UNK E 88 -48.87 72.71 71.82
CA UNK E 88 -50.11 72.73 71.07
C UNK E 88 -50.21 71.67 69.96
N UNK E 89 -49.07 71.37 69.30
CA UNK E 89 -48.91 70.33 68.30
C UNK E 89 -49.07 68.91 68.84
N UNK E 90 -49.04 68.71 70.18
CA UNK E 90 -49.24 67.41 70.76
C UNK E 90 -50.70 67.18 71.13
N UNK E 91 -51.60 68.19 70.98
CA UNK E 91 -53.05 68.04 71.17
C UNK E 91 -53.70 67.11 70.16
N UNK E 92 -54.23 65.95 70.61
CA UNK E 92 -54.73 64.93 69.72
C UNK E 92 -55.49 63.86 70.50
N UNK E 93 -56.24 62.98 69.81
CA UNK E 93 -56.64 61.70 70.38
C UNK E 93 -55.47 60.73 70.21
N UNK E 94 -55.10 60.02 71.29
CA UNK E 94 -53.97 59.10 71.28
C UNK E 94 -54.50 57.71 71.43
N UNK E 95 -54.12 56.81 70.49
CA UNK E 95 -54.59 55.45 70.40
C UNK E 95 -53.48 54.51 70.80
N UNK E 96 -53.82 53.50 71.60
CA UNK E 96 -52.99 52.36 71.90
C UNK E 96 -53.20 51.33 70.82
N UNK E 97 -52.11 50.83 70.22
CA UNK E 97 -52.23 49.99 69.08
C UNK E 97 -51.38 48.77 69.24
N UNK E 98 -51.98 47.61 68.95
CA UNK E 98 -51.25 46.38 68.91
C UNK E 98 -50.63 46.28 67.55
N UNK E 99 -49.37 45.83 67.53
CA UNK E 99 -48.73 45.43 66.31
C UNK E 99 -48.76 43.93 66.33
N UNK E 100 -49.36 43.36 65.34
CA UNK E 100 -49.48 41.91 65.19
C UNK E 100 -48.52 41.42 64.11
N UNK E 101 -48.25 40.10 63.93
CA UNK E 101 -47.20 39.61 63.01
C UNK E 101 -47.63 38.27 62.40
N UNK E 102 -47.06 37.83 61.24
CA UNK E 102 -47.42 36.57 60.59
C UNK E 102 -46.47 36.30 59.44
N UNK E 103 -46.60 35.13 58.74
CA UNK E 103 -45.79 34.73 57.57
C UNK E 103 -46.13 35.54 56.33
N UNK E 104 -47.26 36.23 56.47
CA UNK E 104 -47.84 37.14 55.55
C UNK E 104 -47.45 38.61 55.92
N UNK E 105 -47.60 39.18 57.09
CA UNK E 105 -47.09 40.53 57.29
C UNK E 105 -46.18 40.57 58.47
N UNK E 106 -45.00 41.16 58.35
CA UNK E 106 -44.15 41.11 59.50
C UNK E 106 -44.67 42.02 60.62
N UNK E 107 -45.48 43.01 60.21
CA UNK E 107 -46.09 43.93 61.12
C UNK E 107 -47.42 44.33 60.53
N UNK E 108 -48.43 44.59 61.39
CA UNK E 108 -49.72 45.07 60.93
C UNK E 108 -50.21 46.07 61.99
N UNK E 109 -51.38 46.73 61.87
CA UNK E 109 -52.06 47.34 63.00
C UNK E 109 -53.44 46.64 63.10
N UNK E 110 -53.75 45.67 64.01
CA UNK E 110 -55.04 44.93 63.99
C UNK E 110 -55.99 45.51 65.00
N UNK E 111 -55.40 45.90 66.14
CA UNK E 111 -56.17 46.24 67.27
C UNK E 111 -55.76 47.58 67.74
N UNK E 112 -56.76 48.44 67.81
CA UNK E 112 -56.63 49.79 68.24
C UNK E 112 -57.62 49.95 69.36
N UNK E 113 -57.25 50.71 70.40
CA UNK E 113 -58.19 51.12 71.42
C UNK E 113 -59.15 52.19 70.96
N UNK E 114 -60.01 52.66 71.88
CA UNK E 114 -60.97 53.71 71.57
C UNK E 114 -60.34 55.09 71.55
N UNK E 115 -59.19 55.25 72.20
CA UNK E 115 -58.44 56.48 72.22
C UNK E 115 -58.66 57.32 73.44
N UNK E 116 -57.65 58.14 73.77
CA UNK E 116 -57.74 59.05 74.90
C UNK E 116 -57.30 60.44 74.48
N UNK E 117 -58.09 61.48 74.85
CA UNK E 117 -57.89 62.83 74.37
C UNK E 117 -56.91 63.63 75.19
N UNK E 118 -55.87 64.19 74.55
CA UNK E 118 -54.89 65.04 75.21
C UNK E 118 -55.03 66.43 74.65
N UNK E 119 -55.12 67.44 75.54
CA UNK E 119 -55.29 68.83 75.14
C UNK E 119 -54.24 69.67 75.82
N UNK E 120 -53.34 70.30 75.05
CA UNK E 120 -52.29 71.14 75.57
C UNK E 120 -52.66 72.60 75.38
N UNK E 121 -53.03 73.30 76.47
CA UNK E 121 -53.53 74.66 76.41
C UNK E 121 -53.46 75.27 77.78
N UNK E 122 -53.39 76.62 77.86
CA UNK E 122 -53.39 77.35 79.11
C UNK E 122 -54.78 77.81 79.47
N UNK E 123 -55.77 77.53 78.60
CA UNK E 123 -57.17 77.75 78.85
C UNK E 123 -57.73 76.93 80.00
N UNK E 124 -58.69 77.52 80.73
CA UNK E 124 -59.31 76.87 81.87
C UNK E 124 -60.30 75.80 81.49
N UNK E 125 -60.40 74.76 82.31
CA UNK E 125 -61.53 73.83 82.29
C UNK E 125 -62.83 74.55 82.59
N UNK E 126 -63.84 74.41 81.70
CA UNK E 126 -65.07 75.13 81.86
C UNK E 126 -66.22 74.21 81.52
N UNK E 127 -67.24 74.12 82.42
CA UNK E 127 -68.45 73.34 82.16
C UNK E 127 -69.44 74.03 81.25
N UNK E 128 -70.25 73.31 80.48
CA UNK E 128 -71.19 73.90 79.55
C UNK E 128 -72.44 74.34 80.24
N UNK E 129 -73.15 75.24 79.56
CA UNK E 129 -74.52 75.61 79.86
C UNK E 129 -75.41 74.88 78.88
N UNK E 130 -76.51 74.24 79.36
CA UNK E 130 -77.36 73.40 78.51
C UNK E 130 -78.73 74.03 78.38
N UNK E 131 -79.10 74.45 77.15
CA UNK E 131 -80.32 75.19 76.88
C UNK E 131 -81.23 74.39 75.95
N UNK E 132 -82.56 74.38 76.09
CA UNK E 132 -83.43 73.65 75.19
C UNK E 132 -83.62 74.31 73.84
N UNK E 133 -83.73 73.48 72.78
CA UNK E 133 -84.20 73.88 71.47
C UNK E 133 -85.63 73.39 71.41
N UNK E 134 -86.58 74.19 71.93
CA UNK E 134 -87.96 73.80 72.12
C UNK E 134 -88.69 73.49 70.80
N UNK E 135 -89.49 72.43 70.68
CA UNK E 135 -90.25 72.15 69.48
C UNK E 135 -91.27 73.21 69.15
N UNK E 136 -91.32 73.61 67.87
CA UNK E 136 -92.26 74.61 67.36
C UNK E 136 -93.72 74.29 67.62
N UNK E 137 -94.56 75.33 67.87
CA UNK E 137 -95.99 75.16 68.08
C UNK E 137 -96.74 74.87 66.78
N UNK E 138 -96.10 75.20 65.65
CA UNK E 138 -96.64 75.04 64.31
C UNK E 138 -96.34 73.65 63.74
N UNK E 139 -95.90 72.71 64.59
CA UNK E 139 -95.61 71.33 64.21
C UNK E 139 -96.77 70.58 63.59
N UNK E 140 -96.58 70.16 62.32
CA UNK E 140 -97.61 69.56 61.48
C UNK E 140 -98.23 68.30 62.04
N UNK E 141 -99.58 68.23 62.12
CA UNK E 141 -100.29 67.07 62.64
C UNK E 141 -100.05 65.80 61.83
N UNK E 142 -99.60 64.71 62.48
CA UNK E 142 -99.22 63.48 61.79
C UNK E 142 -97.87 63.55 61.12
N UNK E 143 -97.16 64.69 61.29
CA UNK E 143 -95.87 64.94 60.72
C UNK E 143 -94.79 64.81 61.73
N UNK E 144 -93.62 65.37 61.39
CA UNK E 144 -92.40 65.16 62.12
C UNK E 144 -91.94 66.47 62.72
N UNK E 145 -91.63 66.47 64.04
CA UNK E 145 -91.27 67.64 64.81
C UNK E 145 -89.83 67.51 65.27
N UNK E 146 -89.07 68.60 65.34
CA UNK E 146 -87.68 68.58 65.74
C UNK E 146 -87.51 69.29 67.07
N UNK E 147 -86.64 68.75 67.94
CA UNK E 147 -86.29 69.38 69.19
C UNK E 147 -84.87 69.02 69.53
N UNK E 148 -84.28 69.68 70.54
CA UNK E 148 -82.88 69.42 70.84
C UNK E 148 -82.38 70.14 72.06
N UNK E 149 -81.05 70.11 72.25
CA UNK E 149 -80.35 70.79 73.32
C UNK E 149 -79.11 71.44 72.77
N UNK E 150 -78.88 72.71 73.15
CA UNK E 150 -77.68 73.46 72.83
C UNK E 150 -76.75 73.38 74.04
N UNK E 151 -75.52 72.88 73.81
CA UNK E 151 -74.50 72.70 74.83
C UNK E 151 -73.44 73.74 74.54
N UNK E 152 -73.41 74.84 75.33
CA UNK E 152 -72.65 76.01 74.98
C UNK E 152 -71.57 76.34 76.00
N UNK E 153 -70.40 76.80 75.50
CA UNK E 153 -69.34 77.43 76.24
C UNK E 153 -68.57 76.48 77.18
N UNK E 154 -67.94 75.42 76.62
CA UNK E 154 -67.18 74.45 77.40
C UNK E 154 -65.78 74.26 76.89
N UNK E 155 -64.86 73.82 77.78
CA UNK E 155 -63.53 73.48 77.36
C UNK E 155 -63.00 72.47 78.38
N UNK E 156 -62.14 71.52 78.02
CA UNK E 156 -61.83 71.06 76.68
C UNK E 156 -62.90 70.11 76.16
N UNK E 157 -62.73 69.51 74.98
CA UNK E 157 -63.50 68.36 74.51
C UNK E 157 -63.27 67.12 75.38
N UNK E 158 -64.14 66.12 75.50
CA UNK E 158 -65.36 65.97 74.73
C UNK E 158 -66.58 66.06 75.62
N UNK E 159 -67.76 66.30 75.02
CA UNK E 159 -69.04 66.14 75.70
C UNK E 159 -69.77 64.99 75.06
N UNK E 160 -70.57 64.26 75.84
CA UNK E 160 -71.45 63.23 75.32
C UNK E 160 -72.87 63.66 75.56
N UNK E 161 -73.79 63.36 74.60
CA UNK E 161 -75.19 63.68 74.74
C UNK E 161 -75.96 62.41 74.42
N UNK E 162 -76.88 62.01 75.31
CA UNK E 162 -77.79 60.90 75.04
C UNK E 162 -79.20 61.45 75.20
N UNK E 163 -80.24 60.71 74.74
CA UNK E 163 -81.61 61.16 74.90
C UNK E 163 -82.41 60.11 75.62
N UNK E 164 -83.15 60.55 76.65
CA UNK E 164 -83.97 59.73 77.52
C UNK E 164 -83.21 58.56 78.13
N UNK E 165 -81.97 58.82 78.60
CA UNK E 165 -81.06 57.87 79.21
C UNK E 165 -80.67 56.72 78.29
N UNK E 166 -80.47 57.03 76.99
CA UNK E 166 -80.09 56.07 75.96
C UNK E 166 -81.23 55.31 75.34
N UNK E 167 -82.48 55.54 75.78
CA UNK E 167 -83.65 54.92 75.20
C UNK E 167 -84.03 55.48 73.83
N UNK E 168 -83.83 56.79 73.62
CA UNK E 168 -84.13 57.43 72.35
C UNK E 168 -82.82 57.60 71.59
N UNK E 169 -82.65 56.82 70.51
CA UNK E 169 -81.46 56.85 69.67
C UNK E 169 -81.81 57.09 68.22
N UNK E 170 -83.05 56.79 67.80
CA UNK E 170 -83.49 56.93 66.43
C UNK E 170 -83.84 58.36 66.08
N UNK E 171 -83.31 58.87 64.94
CA UNK E 171 -83.55 60.24 64.49
C UNK E 171 -82.70 61.27 65.18
N UNK E 172 -81.73 60.83 66.01
CA UNK E 172 -80.86 61.68 66.79
C UNK E 172 -79.65 62.10 65.96
N UNK E 173 -79.35 63.41 65.96
CA UNK E 173 -78.16 63.95 65.34
C UNK E 173 -77.42 64.82 66.32
N UNK E 174 -76.26 64.34 66.81
CA UNK E 174 -75.40 65.09 67.72
C UNK E 174 -74.29 65.65 66.87
N UNK E 175 -74.29 66.98 66.65
CA UNK E 175 -73.39 67.63 65.73
C UNK E 175 -71.96 67.66 66.27
N UNK E 176 -70.86 67.54 65.51
CA UNK E 176 -69.52 67.85 66.01
C UNK E 176 -69.41 69.21 66.67
N UNK E 177 -68.57 69.32 67.71
CA UNK E 177 -68.29 70.57 68.35
C UNK E 177 -67.61 71.57 67.44
N UNK E 178 -67.99 72.85 67.56
CA UNK E 178 -67.37 73.90 66.79
C UNK E 178 -66.71 74.82 67.77
N UNK E 179 -65.44 75.19 67.47
CA UNK E 179 -64.70 76.12 68.27
C UNK E 179 -65.17 77.53 68.00
N UNK E 180 -65.69 78.23 69.02
CA UNK E 180 -66.16 79.59 68.88
C UNK E 180 -64.96 80.53 68.91
N UNK E 181 -65.15 81.81 68.52
CA UNK E 181 -64.11 82.84 68.51
C UNK E 181 -63.48 83.11 69.86
N UNK E 182 -64.22 82.85 70.95
CA UNK E 182 -63.76 82.92 72.32
C UNK E 182 -62.83 81.79 72.75
N UNK E 183 -62.71 80.70 71.94
CA UNK E 183 -61.89 79.54 72.28
C UNK E 183 -62.63 78.47 73.03
N UNK E 184 -63.93 78.69 73.27
CA UNK E 184 -64.80 77.75 73.92
C UNK E 184 -65.58 76.95 72.90
N UNK E 185 -65.88 75.67 73.17
CA UNK E 185 -66.64 74.82 72.28
C UNK E 185 -68.14 75.03 72.46
N UNK E 186 -68.90 74.74 71.39
CA UNK E 186 -70.35 74.78 71.41
C UNK E 186 -70.86 73.71 70.49
N UNK E 187 -72.02 73.12 70.82
CA UNK E 187 -72.49 71.94 70.15
C UNK E 187 -73.98 71.86 70.32
N UNK E 188 -74.71 71.30 69.34
CA UNK E 188 -76.14 71.05 69.47
C UNK E 188 -76.38 69.59 69.25
N UNK E 189 -77.36 69.02 69.97
CA UNK E 189 -77.84 67.67 69.73
C UNK E 189 -79.31 67.81 69.43
N UNK E 190 -79.77 67.23 68.30
CA UNK E 190 -81.16 67.33 67.89
C UNK E 190 -81.73 65.95 67.69
N UNK E 191 -83.07 65.87 67.72
CA UNK E 191 -83.77 64.65 67.43
C UNK E 191 -85.09 65.03 66.77
N UNK E 192 -85.53 64.24 65.77
CA UNK E 192 -86.83 64.42 65.15
C UNK E 192 -87.77 63.30 65.58
N UNK E 193 -88.99 63.64 66.05
CA UNK E 193 -89.95 62.71 66.63
C UNK E 193 -91.32 62.98 66.02
N UNK E 194 -92.36 62.16 66.11
CA UNK E 194 -93.67 62.52 65.57
C UNK E 194 -94.30 63.66 66.35
N UNK E 195 -95.01 64.58 65.68
CA UNK E 195 -95.66 65.72 66.34
C UNK E 195 -96.70 65.35 67.37
N UNK E 196 -97.32 64.16 67.24
CA UNK E 196 -98.27 63.59 68.17
C UNK E 196 -97.70 63.35 69.57
N UNK E 197 -96.43 62.91 69.63
CA UNK E 197 -95.75 62.55 70.86
C UNK E 197 -95.31 63.74 71.69
N UNK E 198 -95.33 64.97 71.14
CA UNK E 198 -94.90 66.18 71.84
C UNK E 198 -95.66 66.49 73.11
N UNK E 199 -96.97 66.20 73.17
CA UNK E 199 -97.72 66.34 74.42
C UNK E 199 -97.53 65.20 75.39
N UNK E 200 -97.51 63.95 74.91
CA UNK E 200 -97.46 62.77 75.75
C UNK E 200 -96.07 62.32 76.18
N UNK E 201 -95.09 62.26 75.26
CA UNK E 201 -93.76 61.75 75.52
C UNK E 201 -92.84 62.83 76.07
N UNK E 202 -92.13 62.49 77.16
CA UNK E 202 -91.19 63.38 77.81
C UNK E 202 -89.82 63.25 77.18
N UNK E 203 -89.16 64.36 76.80
CA UNK E 203 -87.86 64.37 76.15
C UNK E 203 -86.82 65.04 77.03
N UNK E 204 -85.76 64.31 77.40
CA UNK E 204 -84.68 64.78 78.26
C UNK E 204 -83.37 64.49 77.57
N UNK E 205 -82.50 65.49 77.43
CA UNK E 205 -81.14 65.30 76.93
C UNK E 205 -80.20 65.12 78.09
N UNK E 206 -79.38 64.06 78.06
CA UNK E 206 -78.46 63.75 79.14
C UNK E 206 -77.08 64.14 78.66
N UNK E 207 -76.57 65.27 79.17
CA UNK E 207 -75.31 65.87 78.75
C UNK E 207 -74.26 65.54 79.78
N UNK E 208 -73.10 65.01 79.35
CA UNK E 208 -72.01 64.75 80.26
C UNK E 208 -70.73 65.33 79.71
N UNK E 209 -70.16 66.31 80.45
CA UNK E 209 -68.85 66.86 80.20
C UNK E 209 -67.97 66.37 81.32
N UNK E 210 -67.37 65.18 81.14
CA UNK E 210 -66.45 64.60 82.10
C UNK E 210 -65.23 65.43 82.46
N UNK E 211 -64.53 66.16 81.58
CA UNK E 211 -63.40 66.99 81.97
C UNK E 211 -63.69 68.07 83.02
N UNK E 212 -64.94 68.57 83.15
CA UNK E 212 -65.27 69.57 84.17
C UNK E 212 -66.14 69.03 85.28
N UNK E 213 -66.48 67.71 85.24
CA UNK E 213 -67.38 67.08 86.19
C UNK E 213 -68.82 67.60 86.09
N UNK E 214 -69.30 67.87 84.86
CA UNK E 214 -70.61 68.48 84.67
C UNK E 214 -71.53 67.51 83.99
N UNK E 215 -72.50 67.01 84.76
CA UNK E 215 -73.53 66.11 84.30
C UNK E 215 -74.84 66.84 84.42
N UNK E 216 -75.59 67.02 83.31
CA UNK E 216 -76.80 67.82 83.31
C UNK E 216 -77.85 67.09 82.51
N UNK E 217 -79.06 66.95 83.08
CA UNK E 217 -80.20 66.39 82.41
C UNK E 217 -81.17 67.53 82.15
N UNK E 218 -81.44 67.85 80.87
CA UNK E 218 -82.30 68.98 80.55
C UNK E 218 -83.55 68.52 79.84
N UNK E 219 -84.73 68.82 80.42
CA UNK E 219 -86.01 68.54 79.80
C UNK E 219 -86.33 69.53 78.70
N UNK E 220 -86.80 69.03 77.54
CA UNK E 220 -87.13 69.86 76.40
C UNK E 220 -88.61 69.66 76.13
N UNK E 221 -89.40 70.74 76.24
CA UNK E 221 -90.85 70.70 76.11
C UNK E 221 -91.24 71.88 75.22
N UNK E 222 -92.46 71.95 74.67
CA UNK E 222 -92.97 73.10 73.94
C UNK E 222 -93.29 74.31 74.80
N UNK F 1 -39.68 57.60 54.87
CA UNK F 1 -40.50 57.29 53.65
C UNK F 1 -41.76 58.09 53.75
N UNK F 2 -42.06 58.84 52.67
CA UNK F 2 -43.22 59.67 52.56
C UNK F 2 -44.20 58.87 51.74
N UNK F 3 -45.48 58.84 52.14
CA UNK F 3 -46.51 58.13 51.43
C UNK F 3 -47.54 59.13 50.96
N UNK F 4 -47.83 59.14 49.65
CA UNK F 4 -48.71 60.13 49.05
C UNK F 4 -49.89 59.42 48.47
N UNK F 5 -51.11 59.73 48.96
CA UNK F 5 -52.32 59.09 48.49
C UNK F 5 -53.01 59.90 47.41
N UNK F 6 -53.73 59.22 46.51
CA UNK F 6 -54.51 59.88 45.49
C UNK F 6 -55.78 59.11 45.16
N UNK F 7 -56.90 59.77 44.86
CA UNK F 7 -57.17 61.18 45.14
C UNK F 7 -57.27 61.47 46.63
N UNK F 8 -57.31 62.75 47.05
CA UNK F 8 -57.50 63.15 48.45
C UNK F 8 -58.95 62.97 48.89
N UNK F 9 -59.88 63.03 47.93
CA UNK F 9 -61.29 62.88 48.21
C UNK F 9 -61.91 62.29 46.97
N UNK F 10 -62.99 61.50 47.11
CA UNK F 10 -63.77 61.12 45.95
C UNK F 10 -65.17 60.71 46.36
N UNK F 11 -66.09 60.71 45.38
CA UNK F 11 -67.52 60.47 45.60
C UNK F 11 -68.01 59.45 44.58
N UNK F 12 -68.56 58.31 45.04
CA UNK F 12 -68.90 57.21 44.15
C UNK F 12 -70.14 56.47 44.60
N UNK F 13 -70.91 55.90 43.65
CA UNK F 13 -72.24 55.39 43.90
C UNK F 13 -72.22 53.99 44.48
N UNK F 14 -73.34 53.50 45.05
CA UNK F 14 -73.45 52.11 45.44
C UNK F 14 -73.37 51.16 44.23
N UNK F 15 -72.50 50.14 44.29
CA UNK F 15 -72.22 49.23 43.18
C UNK F 15 -71.02 49.61 42.33
N UNK F 16 -70.48 50.83 42.49
CA UNK F 16 -69.31 51.30 41.79
C UNK F 16 -68.02 50.61 42.24
N UNK F 17 -67.04 50.52 41.32
CA UNK F 17 -65.70 50.08 41.62
C UNK F 17 -64.79 51.28 41.87
N UNK F 18 -64.17 51.33 43.06
CA UNK F 18 -63.38 52.47 43.50
C UNK F 18 -61.95 52.03 43.68
N UNK F 19 -60.99 52.88 43.24
CA UNK F 19 -59.56 52.60 43.26
C UNK F 19 -58.86 53.75 43.93
N UNK F 20 -58.05 53.48 44.99
CA UNK F 20 -57.32 54.49 45.77
C UNK F 20 -55.85 54.16 45.73
N UNK F 21 -55.02 55.13 45.33
CA UNK F 21 -53.61 54.92 45.04
C UNK F 21 -52.79 55.43 46.19
N UNK F 22 -51.66 54.75 46.46
CA UNK F 22 -50.73 55.16 47.47
C UNK F 22 -49.32 55.02 46.94
N UNK F 23 -48.55 56.12 46.91
CA UNK F 23 -47.22 56.16 46.30
C UNK F 23 -46.17 56.41 47.36
N UNK F 24 -45.15 55.53 47.42
CA UNK F 24 -44.04 55.64 48.34
C UNK F 24 -42.89 56.42 47.73
N UNK F 25 -42.17 57.22 48.56
CA UNK F 25 -41.01 57.99 48.13
C UNK F 25 -39.76 57.17 47.87
N UNK F 26 -39.70 55.97 48.44
CA UNK F 26 -38.64 55.01 48.26
C UNK F 26 -39.32 53.69 48.07
N UNK F 27 -38.60 52.69 47.52
CA UNK F 27 -39.05 51.30 47.43
C UNK F 27 -39.27 50.68 48.80
N UNK F 28 -40.46 50.08 49.03
CA UNK F 28 -40.82 49.47 50.30
C UNK F 28 -41.22 48.02 50.14
N UNK F 29 -40.92 47.40 48.99
CA UNK F 29 -41.31 46.02 48.69
C UNK F 29 -42.81 45.78 48.69
N UNK F 30 -43.34 44.94 49.59
CA UNK F 30 -44.77 44.77 49.79
C UNK F 30 -45.16 45.17 51.20
N UNK F 31 -44.31 45.93 51.92
CA UNK F 31 -44.53 46.26 53.32
C UNK F 31 -45.49 47.41 53.53
N UNK F 32 -46.72 47.29 53.00
CA UNK F 32 -47.74 48.29 53.07
C UNK F 32 -49.04 47.71 53.59
N UNK F 33 -49.71 48.42 54.50
CA UNK F 33 -51.00 48.06 55.01
C UNK F 33 -52.01 49.15 54.70
N UNK F 34 -53.30 48.77 54.60
CA UNK F 34 -54.41 49.67 54.34
C UNK F 34 -55.43 49.60 55.46
N UNK F 35 -55.97 50.77 55.84
CA UNK F 35 -56.88 50.96 56.96
C UNK F 35 -58.12 51.68 56.53
N UNK F 36 -59.24 51.41 57.23
CA UNK F 36 -60.48 52.14 57.07
C UNK F 36 -60.83 52.81 58.39
N UNK F 37 -61.08 54.14 58.39
CA UNK F 37 -61.52 54.87 59.56
C UNK F 37 -62.91 55.40 59.30
N UNK F 38 -63.88 54.95 60.14
CA UNK F 38 -65.22 55.46 60.18
C UNK F 38 -65.32 56.56 61.24
N UNK F 39 -66.15 57.57 61.11
CA UNK F 39 -66.19 58.69 62.03
C UNK F 39 -66.42 58.37 63.49
N UNK F 40 -65.59 58.96 64.37
CA UNK F 40 -65.65 58.71 65.81
C UNK F 40 -65.06 57.39 66.25
N UNK F 41 -64.43 56.64 65.33
CA UNK F 41 -63.93 55.31 65.59
C UNK F 41 -62.45 55.23 65.29
N UNK F 42 -61.68 54.33 65.91
CA UNK F 42 -60.32 54.07 65.49
C UNK F 42 -60.24 53.43 64.11
N UNK F 43 -59.16 53.54 63.35
CA UNK F 43 -58.98 52.77 62.12
C UNK F 43 -59.05 51.26 62.29
N UNK F 44 -59.49 50.58 61.22
CA UNK F 44 -59.60 49.15 61.16
C UNK F 44 -58.73 48.66 60.02
N UNK F 45 -57.88 47.65 60.26
CA UNK F 45 -57.09 47.04 59.21
C UNK F 45 -57.90 46.30 58.18
N UNK F 46 -57.60 46.57 56.91
CA UNK F 46 -58.25 45.89 55.81
C UNK F 46 -57.30 44.93 55.13
N UNK F 47 -56.08 45.40 54.83
CA UNK F 47 -55.15 44.66 54.00
C UNK F 47 -53.79 44.90 54.57
N UNK F 48 -52.96 43.85 54.58
CA UNK F 48 -51.60 43.88 55.05
C UNK F 48 -50.75 43.23 53.96
N UNK F 49 -49.41 43.41 53.94
CA UNK F 49 -48.51 42.88 52.90
C UNK F 49 -48.93 43.32 51.48
N UNK F 50 -49.46 44.54 51.36
CA UNK F 50 -49.96 45.10 50.12
C UNK F 50 -51.19 44.42 49.48
N UNK F 51 -51.44 43.10 49.70
CA UNK F 51 -52.47 42.35 49.01
C UNK F 51 -53.18 41.31 49.83
N UNK F 52 -52.74 41.04 51.07
CA UNK F 52 -53.38 39.98 51.84
C UNK F 52 -54.52 40.53 52.66
N UNK F 53 -55.70 39.91 52.51
CA UNK F 53 -56.94 40.31 53.15
C UNK F 53 -56.94 39.96 54.64
N UNK F 54 -57.12 40.97 55.52
CA UNK F 54 -57.29 40.76 56.95
C UNK F 54 -58.55 40.00 57.32
N UNK F 55 -58.47 39.17 58.37
CA UNK F 55 -59.61 38.42 58.89
C UNK F 55 -60.78 39.29 59.28
N UNK F 56 -62.00 38.86 58.88
CA UNK F 56 -63.23 39.63 59.11
C UNK F 56 -63.49 40.75 58.14
N UNK F 57 -62.60 40.97 57.14
CA UNK F 57 -62.80 42.02 56.17
C UNK F 57 -63.53 41.44 54.96
N UNK F 58 -64.63 42.01 54.44
CA UNK F 58 -65.28 41.50 53.25
C UNK F 58 -64.41 41.47 52.00
N UNK F 59 -64.67 40.54 51.06
CA UNK F 59 -63.85 40.31 49.88
C UNK F 59 -63.91 41.41 48.83
N UNK F 60 -64.83 42.39 48.98
CA UNK F 60 -64.90 43.53 48.09
C UNK F 60 -63.71 44.48 48.23
N UNK F 61 -62.99 44.42 49.37
CA UNK F 61 -61.76 45.17 49.59
C UNK F 61 -60.58 44.33 49.13
N UNK F 62 -59.70 44.88 48.27
CA UNK F 62 -58.52 44.17 47.82
C UNK F 62 -57.36 45.12 47.66
N UNK F 63 -56.11 44.61 47.79
CA UNK F 63 -54.92 45.41 47.62
C UNK F 63 -54.04 44.85 46.53
N UNK F 64 -53.21 45.71 45.94
CA UNK F 64 -52.28 45.31 44.89
C UNK F 64 -51.11 46.27 44.87
N UNK F 65 -50.00 45.86 44.19
CA UNK F 65 -48.81 46.68 44.03
C UNK F 65 -47.61 46.21 44.80
N UNK F 66 -46.45 46.77 44.43
CA UNK F 66 -45.18 46.45 45.05
C UNK F 66 -44.23 47.59 44.72
N UNK F 67 -43.09 47.68 45.42
CA UNK F 67 -42.09 48.70 45.14
C UNK F 67 -42.49 50.05 45.68
N UNK F 68 -43.01 50.92 44.81
CA UNK F 68 -43.41 52.28 45.16
C UNK F 68 -44.85 52.61 44.84
N UNK F 69 -45.59 51.77 44.09
CA UNK F 69 -46.95 52.09 43.67
C UNK F 69 -47.90 51.01 44.16
N UNK F 70 -48.92 51.43 44.94
CA UNK F 70 -49.82 50.52 45.62
C UNK F 70 -51.24 51.00 45.49
N UNK F 71 -52.19 50.06 45.45
CA UNK F 71 -53.56 50.34 45.10
C UNK F 71 -54.49 49.61 46.04
N UNK F 72 -55.54 50.30 46.55
CA UNK F 72 -56.65 49.74 47.29
C UNK F 72 -57.87 49.81 46.41
N UNK F 73 -58.57 48.67 46.23
CA UNK F 73 -59.73 48.60 45.35
C UNK F 73 -60.91 48.15 46.15
N UNK F 74 -62.06 48.87 46.02
CA UNK F 74 -63.32 48.48 46.61
C UNK F 74 -64.21 48.14 45.44
N UNK F 75 -64.45 46.83 45.22
CA UNK F 75 -65.06 46.30 44.01
C UNK F 75 -66.50 46.66 43.71
N UNK F 76 -67.34 46.72 44.74
CA UNK F 76 -68.75 47.05 44.61
C UNK F 76 -69.13 47.78 45.88
N UNK F 77 -69.15 49.12 45.83
CA UNK F 77 -69.43 49.98 46.99
C UNK F 77 -70.77 49.75 47.66
N UNK F 78 -70.75 49.78 49.01
CA UNK F 78 -71.90 49.68 49.87
C UNK F 78 -72.06 50.99 50.64
N UNK F 79 -73.21 51.35 51.21
CA UNK F 79 -73.41 52.63 51.90
C UNK F 79 -72.52 52.78 53.11
N UNK F 80 -72.13 51.69 53.77
CA UNK F 80 -71.33 51.72 54.95
C UNK F 80 -69.83 51.85 54.64
N UNK F 81 -69.44 51.90 53.35
CA UNK F 81 -68.05 51.97 52.96
C UNK F 81 -67.58 53.43 52.91
N UNK F 82 -68.44 54.42 53.24
CA UNK F 82 -67.99 55.79 53.48
C UNK F 82 -67.02 55.84 54.66
N UNK F 83 -65.85 56.46 54.46
CA UNK F 83 -64.82 56.44 55.47
C UNK F 83 -63.64 57.22 54.96
N UNK F 84 -62.62 57.37 55.81
CA UNK F 84 -61.33 57.89 55.40
C UNK F 84 -60.36 56.73 55.39
N UNK F 85 -59.73 56.46 54.22
CA UNK F 85 -58.89 55.29 54.02
C UNK F 85 -57.44 55.69 54.02
N UNK F 86 -56.60 54.93 54.75
CA UNK F 86 -55.20 55.27 54.96
C UNK F 86 -54.32 54.13 54.55
N UNK F 87 -53.18 54.43 53.92
CA UNK F 87 -52.11 53.46 53.74
C UNK F 87 -50.96 53.74 54.70
N UNK F 88 -50.16 52.73 55.04
CA UNK F 88 -49.09 52.86 56.01
C UNK F 88 -48.02 51.85 55.70
N UNK F 89 -46.74 52.16 55.96
CA UNK F 89 -45.65 51.25 55.64
C UNK F 89 -44.88 50.78 56.85
N UNK F 90 -44.34 49.55 56.73
CA UNK F 90 -43.58 48.83 57.73
C UNK F 90 -42.18 48.48 57.26
N UNK F 91 -41.68 49.15 56.21
CA UNK F 91 -40.34 48.97 55.69
C UNK F 91 -39.29 49.54 56.64
N UNK F 92 -39.54 50.76 57.15
CA UNK F 92 -38.72 51.41 58.16
C UNK F 92 -39.46 51.26 59.47
N UNK F 93 -39.20 52.17 60.42
CA UNK F 93 -39.90 52.23 61.67
C UNK F 93 -40.93 53.38 61.72
N UNK F 94 -41.48 53.94 60.58
CA UNK F 94 -42.47 55.05 60.70
C UNK F 94 -43.25 55.45 59.42
N UNK F 95 -44.62 55.70 59.37
CA UNK F 95 -45.17 56.17 58.08
C UNK F 95 -46.67 56.00 57.83
N UNK F 96 -47.46 57.06 57.50
CA UNK F 96 -48.82 56.88 57.00
C UNK F 96 -48.99 57.83 55.85
N UNK F 97 -49.88 57.50 54.88
CA UNK F 97 -50.39 58.47 53.91
C UNK F 97 -51.30 59.51 54.51
N UNK F 98 -51.64 60.57 53.74
CA UNK F 98 -52.45 61.66 54.26
C UNK F 98 -53.93 61.33 54.40
N UNK F 99 -54.39 60.24 53.75
CA UNK F 99 -55.76 59.79 53.80
C UNK F 99 -56.55 60.14 52.59
N UNK F 100 -57.58 59.32 52.33
CA UNK F 100 -58.46 59.52 51.20
C UNK F 100 -59.88 59.44 51.70
N UNK F 101 -60.65 60.54 51.65
CA UNK F 101 -62.02 60.60 52.12
C UNK F 101 -62.97 60.09 51.05
N UNK F 102 -63.75 59.03 51.35
CA UNK F 102 -64.64 58.41 50.39
C UNK F 102 -66.07 58.70 50.78
N UNK F 103 -66.79 59.42 49.90
CA UNK F 103 -68.20 59.73 50.06
C UNK F 103 -69.01 58.77 49.21
N UNK F 104 -70.20 58.35 49.71
CA UNK F 104 -71.11 57.54 48.93
C UNK F 104 -72.12 58.41 48.22
N UNK F 105 -72.11 58.41 46.87
CA UNK F 105 -73.11 59.08 46.05
C UNK F 105 -74.51 58.53 46.23
N UNK F 106 -75.49 59.42 46.14
CA UNK F 106 -76.83 59.08 46.55
C UNK F 106 -77.78 59.88 45.71
N UNK F 107 -79.09 59.51 45.69
CA UNK F 107 -80.12 60.34 45.10
C UNK F 107 -80.29 61.65 45.85
N UNK F 108 -80.64 62.74 45.15
CA UNK F 108 -80.87 64.03 45.78
C UNK F 108 -82.01 63.96 46.79
N UNK F 109 -81.81 64.53 48.00
CA UNK F 109 -82.79 64.54 49.04
C UNK F 109 -82.79 65.94 49.61
N UNK F 110 -83.96 66.61 49.59
CA UNK F 110 -84.15 67.93 50.15
C UNK F 110 -84.04 67.94 51.69
N UNK F 111 -83.51 68.96 52.35
CA UNK F 111 -83.54 69.04 53.80
C UNK F 111 -84.90 69.40 54.34
N UNK F 112 -85.19 68.87 55.53
CA UNK F 112 -86.28 69.37 56.35
C UNK F 112 -85.71 70.47 57.22
N UNK F 113 -86.32 71.68 57.19
CA UNK F 113 -85.73 72.85 57.82
C UNK F 113 -86.54 73.27 59.04
N UNK F 114 -85.85 73.54 60.17
CA UNK F 114 -86.43 73.94 61.44
C UNK F 114 -85.64 75.10 62.00
N UNK F 115 -86.28 76.14 62.55
CA UNK F 115 -85.62 77.27 63.19
C UNK F 115 -86.01 77.26 64.66
N UNK F 116 -85.05 77.50 65.56
CA UNK F 116 -85.23 77.48 67.00
C UNK F 116 -84.88 78.86 67.56
N UNK F 117 -85.76 79.59 68.24
CA UNK F 117 -85.43 80.80 68.98
C UNK F 117 -84.54 80.52 70.19
N UNK F 118 -83.76 81.46 70.73
CA UNK F 118 -83.09 81.31 72.01
C UNK F 118 -84.06 81.06 73.13
N UNK F 119 -83.65 80.23 74.10
CA UNK F 119 -84.40 80.00 75.32
C UNK F 119 -84.41 81.21 76.23
N UNK F 120 -85.48 81.37 77.05
CA UNK F 120 -85.52 82.40 78.06
C UNK F 120 -84.39 82.32 79.07
N UNK F 121 -83.96 81.08 79.42
CA UNK F 121 -82.82 80.79 80.26
C UNK F 121 -81.52 81.37 79.75
N UNK F 122 -81.22 81.21 78.44
CA UNK F 122 -80.05 81.81 77.85
C UNK F 122 -80.10 83.34 77.81
N UNK F 123 -81.26 83.94 77.50
CA UNK F 123 -81.38 85.38 77.41
C UNK F 123 -81.11 86.13 78.72
N UNK F 124 -81.21 85.46 79.87
CA UNK F 124 -80.81 85.99 81.16
C UNK F 124 -79.30 86.16 81.31
N UNK F 125 -78.47 85.43 80.53
CA UNK F 125 -77.01 85.50 80.63
C UNK F 125 -76.41 86.57 79.73
N UNK F 126 -77.25 87.25 78.92
CA UNK F 126 -76.81 88.35 78.06
C UNK F 126 -76.56 88.00 76.62
N UNK F 127 -76.75 86.74 76.22
CA UNK F 127 -76.46 86.30 74.85
C UNK F 127 -77.65 85.55 74.32
N UNK F 128 -77.90 85.61 73.00
CA UNK F 128 -78.95 84.90 72.32
C UNK F 128 -78.35 84.05 71.20
N UNK F 129 -78.62 82.73 71.20
CA UNK F 129 -78.21 81.83 70.14
C UNK F 129 -79.43 81.39 69.38
N UNK F 130 -79.46 81.59 68.05
CA UNK F 130 -80.59 81.23 67.22
C UNK F 130 -80.15 80.10 66.31
N UNK F 131 -80.82 78.93 66.35
CA UNK F 131 -80.31 77.74 65.67
C UNK F 131 -81.22 77.40 64.50
N UNK F 132 -80.63 77.08 63.35
CA UNK F 132 -81.33 76.58 62.19
C UNK F 132 -80.82 75.18 61.92
N UNK F 133 -81.74 74.23 61.68
CA UNK F 133 -81.44 72.84 61.45
C UNK F 133 -81.89 72.49 60.05
N UNK F 134 -80.99 71.84 59.29
CA UNK F 134 -81.24 71.26 58.00
C UNK F 134 -81.08 69.78 58.21
N UNK F 135 -82.18 69.01 58.12
CA UNK F 135 -82.20 67.64 58.57
C UNK F 135 -82.31 66.67 57.39
N UNK F 136 -81.37 65.69 57.30
CA UNK F 136 -81.33 64.58 56.36
C UNK F 136 -81.32 64.91 54.86
N UNK F 137 -80.26 65.55 54.36
CA UNK F 137 -80.17 65.98 52.97
C UNK F 137 -79.00 65.42 52.19
N UNK F 138 -79.11 65.44 50.85
CA UNK F 138 -78.01 65.09 49.98
C UNK F 138 -78.18 65.86 48.67
N UNK F 139 -77.18 66.38 47.95
CA UNK F 139 -75.75 66.37 48.27
C UNK F 139 -75.44 67.27 49.44
N UNK F 140 -74.17 67.30 49.87
CA UNK F 140 -73.65 68.08 50.98
C UNK F 140 -73.75 69.59 50.82
N UNK F 141 -73.58 70.12 49.59
CA UNK F 141 -73.65 71.53 49.27
C UNK F 141 -74.96 72.21 49.69
N UNK F 142 -74.90 73.17 50.63
CA UNK F 142 -76.07 73.83 51.10
C UNK F 142 -75.68 75.23 51.45
N UNK F 143 -76.51 76.23 51.09
CA UNK F 143 -76.25 77.62 51.46
C UNK F 143 -77.28 78.02 52.47
N UNK F 144 -76.83 78.50 53.65
CA UNK F 144 -77.68 78.90 54.74
C UNK F 144 -77.44 80.38 55.00
N UNK F 145 -78.48 81.22 54.85
CA UNK F 145 -78.37 82.65 55.10
C UNK F 145 -79.30 83.05 56.22
N UNK F 146 -78.78 83.85 57.16
CA UNK F 146 -79.59 84.42 58.23
C UNK F 146 -80.01 85.82 57.87
N UNK F 147 -81.27 86.15 58.19
CA UNK F 147 -81.80 87.48 58.03
C UNK F 147 -82.51 87.91 59.29
N UNK F 148 -82.20 89.13 59.76
CA UNK F 148 -82.81 89.71 60.95
C UNK F 148 -83.43 91.00 60.49
N UNK F 149 -84.79 91.12 60.57
CA UNK F 149 -85.59 92.19 59.98
C UNK F 149 -85.28 92.43 58.49
N UNK F 150 -85.12 91.29 57.77
CA UNK F 150 -84.73 91.18 56.38
C UNK F 150 -83.32 91.68 56.01
N UNK F 151 -82.47 92.00 57.00
CA UNK F 151 -81.09 92.37 56.74
C UNK F 151 -80.20 91.14 56.78
N UNK F 152 -79.44 90.89 55.69
CA UNK F 152 -78.50 89.78 55.60
C UNK F 152 -77.40 89.86 56.63
N UNK F 153 -77.15 88.75 57.35
CA UNK F 153 -76.19 88.70 58.41
C UNK F 153 -74.87 88.11 57.94
N UNK F 154 -73.74 88.59 58.49
CA UNK F 154 -72.43 88.16 58.07
C UNK F 154 -71.51 88.14 59.25
N UNK F 155 -70.71 87.05 59.40
CA UNK F 155 -69.67 86.93 60.40
C UNK F 155 -70.09 86.63 61.81
N UNK F 156 -71.40 86.37 62.03
CA UNK F 156 -71.97 86.12 63.34
C UNK F 156 -72.66 84.77 63.41
N UNK F 157 -72.38 83.86 62.45
CA UNK F 157 -72.92 82.52 62.45
C UNK F 157 -71.83 81.50 62.23
N UNK F 158 -72.06 80.27 62.71
CA UNK F 158 -71.14 79.14 62.55
C UNK F 158 -71.95 77.91 62.22
N UNK F 159 -71.40 77.04 61.34
CA UNK F 159 -72.04 75.83 60.89
C UNK F 159 -71.36 74.59 61.42
N UNK F 160 -72.15 73.55 61.66
CA UNK F 160 -71.66 72.22 61.99
C UNK F 160 -72.41 71.21 61.17
N UNK F 161 -71.72 70.21 60.61
CA UNK F 161 -72.35 69.24 59.74
C UNK F 161 -72.03 67.86 60.26
N UNK F 162 -73.05 66.98 60.34
CA UNK F 162 -72.87 65.58 60.70
C UNK F 162 -72.13 64.84 59.61
N UNK F 163 -71.47 63.72 59.97
CA UNK F 163 -70.90 62.83 58.99
C UNK F 163 -72.01 62.07 58.32
N UNK F 164 -71.76 61.57 57.09
CA UNK F 164 -72.72 60.83 56.29
C UNK F 164 -73.43 59.71 57.04
N UNK F 165 -74.78 59.66 57.01
CA UNK F 165 -75.49 58.58 57.67
C UNK F 165 -75.09 57.23 57.04
N UNK F 166 -74.73 56.24 57.87
CA UNK F 166 -74.21 54.98 57.34
C UNK F 166 -75.28 54.14 56.66
N UNK F 167 -76.58 54.49 56.77
CA UNK F 167 -77.65 53.77 56.13
C UNK F 167 -78.26 54.58 55.00
N UNK F 168 -78.80 55.79 55.25
CA UNK F 168 -79.51 56.49 54.20
C UNK F 168 -78.56 57.39 53.39
N UNK F 169 -77.30 57.56 53.86
CA UNK F 169 -76.24 58.33 53.23
C UNK F 169 -76.49 59.83 53.19
N UNK F 170 -77.29 60.40 54.13
CA UNK F 170 -77.56 61.83 54.20
C UNK F 170 -76.66 62.57 55.15
N UNK F 171 -76.71 63.91 55.07
CA UNK F 171 -76.05 64.82 56.00
C UNK F 171 -77.12 65.60 56.72
N UNK F 172 -76.80 66.09 57.91
CA UNK F 172 -77.64 67.06 58.60
C UNK F 172 -76.73 68.19 58.98
N UNK F 173 -77.26 69.42 59.07
CA UNK F 173 -76.46 70.63 59.27
C UNK F 173 -77.12 71.52 60.28
N UNK F 174 -76.31 72.09 61.20
CA UNK F 174 -76.73 73.08 62.17
C UNK F 174 -76.08 74.38 61.78
N UNK F 175 -76.84 75.48 61.83
CA UNK F 175 -76.29 76.82 61.68
C UNK F 175 -76.72 77.58 62.90
N UNK F 176 -75.78 78.23 63.59
CA UNK F 176 -76.08 78.89 64.86
C UNK F 176 -75.69 80.34 64.74
N UNK F 177 -76.66 81.26 64.90
CA UNK F 177 -76.48 82.70 64.87
C UNK F 177 -76.34 83.21 66.29
N UNK F 178 -75.26 83.95 66.59
CA UNK F 178 -74.98 84.39 67.95
C UNK F 178 -75.06 85.90 68.02
N UNK F 179 -75.92 86.43 68.92
CA UNK F 179 -76.14 87.85 69.09
C UNK F 179 -76.15 88.16 70.58
N UNK F 180 -75.93 89.43 70.98
CA UNK F 180 -76.18 89.86 72.35
C UNK F 180 -77.67 89.90 72.67
N UNK F 181 -78.05 89.87 73.96
CA UNK F 181 -79.45 90.02 74.36
C UNK F 181 -80.08 91.33 73.87
N UNK F 182 -79.34 92.46 74.02
CA UNK F 182 -79.78 93.77 73.57
C UNK F 182 -79.99 93.89 72.06
N UNK F 183 -79.09 93.31 71.22
CA UNK F 183 -79.30 93.23 69.79
C UNK F 183 -80.45 92.31 69.41
N UNK F 184 -80.64 91.17 70.12
CA UNK F 184 -81.79 90.33 69.87
C UNK F 184 -83.14 91.02 70.16
N UNK F 185 -83.23 91.77 71.28
CA UNK F 185 -84.43 92.49 71.68
C UNK F 185 -84.76 93.68 70.80
N UNK F 186 -83.75 94.22 70.07
CA UNK F 186 -83.91 95.27 69.09
C UNK F 186 -84.81 94.91 67.91
N UNK F 187 -84.77 93.64 67.45
CA UNK F 187 -85.38 93.25 66.20
C UNK F 187 -86.49 92.24 66.39
N UNK F 188 -87.39 92.10 65.39
CA UNK F 188 -88.55 91.22 65.50
C UNK F 188 -88.44 89.95 64.66
N UNK F 189 -88.11 90.03 63.36
CA UNK F 189 -88.23 88.89 62.47
C UNK F 189 -86.90 88.19 62.29
N UNK F 190 -86.82 86.92 62.69
CA UNK F 190 -85.61 86.12 62.60
C UNK F 190 -85.86 85.01 61.63
N UNK F 191 -85.10 85.00 60.51
CA UNK F 191 -85.30 84.09 59.42
C UNK F 191 -84.02 83.38 59.02
N UNK F 192 -84.14 82.08 58.69
CA UNK F 192 -83.09 81.25 58.13
C UNK F 192 -83.55 80.82 56.76
N UNK F 193 -82.78 81.15 55.70
CA UNK F 193 -83.08 80.81 54.32
C UNK F 193 -82.08 79.78 53.83
N UNK F 194 -82.60 78.65 53.32
CA UNK F 194 -81.84 77.48 52.91
C UNK F 194 -81.98 77.25 51.43
N UNK F 195 -80.84 77.21 50.72
CA UNK F 195 -80.79 76.95 49.28
C UNK F 195 -80.05 75.64 49.08
N UNK F 196 -80.69 74.68 48.38
CA UNK F 196 -80.17 73.34 48.23
C UNK F 196 -80.74 72.78 46.94
N UNK F 197 -80.05 71.84 46.27
CA UNK F 197 -80.44 71.25 45.01
C UNK F 197 -81.77 70.48 45.03
N UNK F 198 -82.14 69.86 46.18
CA UNK F 198 -83.39 69.14 46.32
C UNK F 198 -84.59 70.02 46.52
N UNK F 199 -84.40 71.33 46.75
CA UNK F 199 -85.46 72.28 46.93
C UNK F 199 -85.78 72.95 45.61
N UNK F 200 -87.06 73.21 45.30
CA UNK F 200 -87.45 73.84 44.04
C UNK F 200 -87.19 75.35 44.03
N UNK F 201 -87.04 75.96 45.21
CA UNK F 201 -86.71 77.36 45.39
C UNK F 201 -86.15 77.46 46.80
N UNK F 202 -85.49 78.51 47.29
CA UNK F 202 -85.00 78.57 48.66
C UNK F 202 -86.10 78.54 49.70
N UNK F 203 -85.91 77.77 50.79
CA UNK F 203 -86.90 77.64 51.83
C UNK F 203 -86.52 78.48 53.01
N UNK F 204 -87.46 79.31 53.49
CA UNK F 204 -87.24 80.22 54.61
C UNK F 204 -88.03 79.74 55.79
N UNK F 205 -87.35 79.58 56.94
CA UNK F 205 -88.01 79.32 58.21
C UNK F 205 -87.81 80.51 59.10
N UNK F 206 -88.92 81.02 59.68
CA UNK F 206 -88.87 82.23 60.45
C UNK F 206 -89.78 82.19 61.65
N UNK F 207 -89.48 83.08 62.62
CA UNK F 207 -90.26 83.30 63.80
C UNK F 207 -90.24 84.79 64.09
N UNK F 208 -91.24 85.28 64.84
CA UNK F 208 -91.28 86.64 65.32
C UNK F 208 -90.89 86.59 66.78
N UNK F 209 -89.93 87.41 67.23
CA UNK F 209 -89.53 87.42 68.63
C UNK F 209 -90.63 87.83 69.62
N UNK F 210 -90.98 86.92 70.56
CA UNK F 210 -92.04 87.12 71.55
C UNK F 210 -93.26 86.29 71.29
N UNK F 211 -93.62 86.12 70.00
CA UNK F 211 -94.76 85.35 69.55
C UNK F 211 -94.59 83.79 69.63
N UNK G 1 -32.77 -61.88 -69.32
CA UNK G 1 -33.11 -60.74 -70.23
C UNK G 1 -33.16 -59.50 -69.41
N UNK G 2 -32.31 -58.53 -69.73
CA UNK G 2 -32.18 -57.31 -68.99
C UNK G 2 -33.29 -56.34 -69.44
N UNK G 3 -34.07 -55.73 -68.51
CA UNK G 3 -35.08 -54.75 -68.86
C UNK G 3 -35.37 -53.79 -67.71
N UNK G 4 -35.92 -52.60 -68.07
CA UNK G 4 -36.33 -51.55 -67.15
C UNK G 4 -37.73 -51.17 -67.61
N UNK G 5 -38.71 -51.18 -66.70
CA UNK G 5 -40.08 -50.83 -67.04
C UNK G 5 -40.54 -49.70 -66.16
N UNK G 6 -40.81 -48.52 -66.76
CA UNK G 6 -41.31 -47.37 -66.04
C UNK G 6 -42.83 -47.34 -65.87
N UNK G 7 -43.30 -46.72 -64.79
CA UNK G 7 -44.72 -46.52 -64.58
C UNK G 7 -44.94 -45.27 -63.75
N UNK G 8 -46.20 -44.81 -63.62
CA UNK G 8 -46.56 -43.65 -62.82
C UNK G 8 -46.69 -42.35 -63.57
N UNK G 9 -46.37 -42.32 -64.88
CA UNK G 9 -46.56 -41.15 -65.73
C UNK G 9 -48.00 -40.86 -66.01
N UNK G 10 -48.39 -39.57 -65.97
CA UNK G 10 -49.75 -39.21 -66.22
C UNK G 10 -49.92 -37.73 -66.32
N UNK G 11 -51.19 -37.31 -66.47
CA UNK G 11 -51.59 -35.92 -66.49
C UNK G 11 -51.71 -35.36 -65.10
N UNK G 12 -51.11 -34.19 -64.88
CA UNK G 12 -51.04 -33.63 -63.57
C UNK G 12 -51.18 -32.10 -63.69
N UNK G 13 -51.88 -31.42 -62.75
CA UNK G 13 -52.06 -29.96 -62.75
C UNK G 13 -50.71 -29.24 -62.57
N UNK G 14 -50.47 -28.01 -63.04
CA UNK G 14 -49.37 -27.17 -62.56
C UNK G 14 -49.30 -27.01 -61.05
N UNK G 15 -48.10 -27.12 -60.45
CA UNK G 15 -47.86 -27.05 -59.01
C UNK G 15 -48.13 -28.32 -58.25
N UNK G 16 -48.52 -29.41 -58.95
CA UNK G 16 -48.78 -30.69 -58.34
C UNK G 16 -47.56 -31.58 -58.28
N UNK G 17 -47.83 -32.85 -57.91
CA UNK G 17 -46.85 -33.84 -57.61
C UNK G 17 -47.22 -35.13 -58.28
N UNK G 18 -46.19 -35.92 -58.62
CA UNK G 18 -46.35 -37.21 -59.26
C UNK G 18 -45.16 -38.07 -58.85
N UNK G 19 -45.32 -39.39 -58.67
CA UNK G 19 -44.21 -40.27 -58.35
C UNK G 19 -44.05 -41.28 -59.44
N UNK G 20 -42.88 -41.30 -60.11
CA UNK G 20 -42.57 -42.30 -61.10
C UNK G 20 -41.88 -43.47 -60.43
N UNK G 21 -42.05 -44.67 -61.01
CA UNK G 21 -41.35 -45.83 -60.54
C UNK G 21 -40.80 -46.56 -61.74
N UNK G 22 -39.78 -47.40 -61.51
CA UNK G 22 -39.15 -48.19 -62.53
C UNK G 22 -38.85 -49.53 -61.91
N UNK G 23 -39.29 -50.60 -62.58
CA UNK G 23 -39.07 -51.98 -62.20
C UNK G 23 -37.90 -52.53 -63.00
N UNK G 24 -36.84 -53.01 -62.31
CA UNK G 24 -35.66 -53.55 -62.93
C UNK G 24 -35.63 -55.07 -62.83
N UNK G 25 -35.14 -55.74 -63.89
CA UNK G 25 -35.03 -57.19 -63.87
C UNK G 25 -33.95 -57.65 -64.82
N UNK G 26 -33.46 -58.88 -64.59
CA UNK G 26 -32.43 -59.48 -65.43
C UNK G 26 -31.01 -59.15 -65.10
N UNK G 27 -30.75 -58.45 -63.98
CA UNK G 27 -29.43 -58.09 -63.56
C UNK G 27 -29.43 -57.83 -62.08
N UNK G 28 -28.24 -57.71 -61.47
CA UNK G 28 -28.11 -57.43 -60.04
C UNK G 28 -28.24 -55.93 -59.80
N UNK G 29 -29.47 -55.42 -59.55
CA UNK G 29 -29.82 -54.01 -59.50
C UNK G 29 -28.95 -53.18 -58.57
N UNK G 30 -28.67 -53.72 -57.36
CA UNK G 30 -27.84 -53.15 -56.30
C UNK G 30 -26.46 -52.74 -56.72
N UNK G 31 -25.88 -53.43 -57.72
CA UNK G 31 -24.52 -53.21 -58.14
C UNK G 31 -24.40 -52.13 -59.22
N UNK G 32 -25.51 -51.46 -59.59
CA UNK G 32 -25.48 -50.46 -60.65
C UNK G 32 -25.92 -49.10 -60.16
N UNK G 33 -25.20 -48.09 -60.64
CA UNK G 33 -25.60 -46.70 -60.61
C UNK G 33 -26.79 -46.45 -61.56
N UNK G 34 -27.79 -45.60 -61.22
CA UNK G 34 -29.00 -45.48 -62.04
C UNK G 34 -29.37 -44.02 -62.25
N UNK G 35 -30.08 -43.72 -63.35
CA UNK G 35 -30.45 -42.36 -63.72
C UNK G 35 -31.88 -42.26 -64.17
N UNK G 36 -32.40 -41.03 -64.18
CA UNK G 36 -33.59 -40.69 -64.91
C UNK G 36 -33.20 -39.65 -65.95
N UNK G 37 -33.68 -39.81 -67.20
CA UNK G 37 -33.39 -38.91 -68.31
C UNK G 37 -34.71 -38.60 -68.96
N UNK G 38 -34.97 -37.32 -69.34
CA UNK G 38 -36.24 -36.92 -69.92
C UNK G 38 -36.06 -36.36 -71.30
N UNK G 39 -37.14 -36.38 -72.11
CA UNK G 39 -37.16 -35.83 -73.44
C UNK G 39 -38.55 -35.33 -73.79
N UNK G 40 -38.70 -34.01 -74.02
CA UNK G 40 -39.92 -33.40 -74.51
C UNK G 40 -40.16 -33.75 -75.99
N UNK G 41 -41.37 -33.86 -76.53
CA UNK G 41 -41.57 -34.14 -77.95
C UNK G 41 -40.86 -33.23 -78.94
N UNK G 42 -40.04 -33.82 -79.84
CA UNK G 42 -39.27 -33.07 -80.81
C UNK G 42 -38.05 -32.35 -80.26
N UNK G 43 -37.65 -32.65 -79.00
CA UNK G 43 -36.54 -32.01 -78.33
C UNK G 43 -35.49 -33.03 -77.93
N UNK G 44 -34.37 -32.54 -77.38
CA UNK G 44 -33.22 -33.34 -77.01
C UNK G 44 -33.37 -34.06 -75.68
N UNK G 45 -32.41 -34.96 -75.39
CA UNK G 45 -32.29 -35.63 -74.11
C UNK G 45 -31.81 -34.72 -73.00
N UNK G 46 -32.46 -34.78 -71.82
CA UNK G 46 -32.09 -33.99 -70.66
C UNK G 46 -31.94 -34.89 -69.43
N UNK G 47 -30.74 -34.90 -68.80
CA UNK G 47 -30.51 -35.63 -67.55
C UNK G 47 -31.27 -35.01 -66.37
N UNK G 48 -32.03 -35.86 -65.66
CA UNK G 48 -32.88 -35.40 -64.59
C UNK G 48 -32.18 -35.60 -63.27
N UNK G 49 -31.58 -36.79 -63.07
CA UNK G 49 -31.04 -37.14 -61.77
C UNK G 49 -30.25 -38.45 -61.85
N UNK G 50 -29.29 -38.63 -60.92
CA UNK G 50 -28.43 -39.78 -60.75
C UNK G 50 -28.47 -40.27 -59.31
N UNK G 51 -28.41 -41.61 -59.12
CA UNK G 51 -28.23 -42.22 -57.82
C UNK G 51 -27.16 -43.30 -57.86
N UNK G 52 -26.19 -43.23 -56.92
CA UNK G 52 -25.11 -44.20 -56.77
C UNK G 52 -25.60 -45.51 -56.15
N UNK G 53 -24.71 -46.51 -56.08
CA UNK G 53 -24.93 -47.76 -55.35
C UNK G 53 -25.10 -47.54 -53.85
N UNK G 54 -24.44 -46.49 -53.28
CA UNK G 54 -24.51 -46.14 -51.87
C UNK G 54 -25.65 -45.18 -51.60
N UNK G 55 -26.43 -44.82 -52.64
CA UNK G 55 -27.60 -43.97 -52.49
C UNK G 55 -27.31 -42.50 -52.45
N UNK G 56 -26.14 -42.09 -51.93
CA UNK G 56 -25.81 -40.69 -51.78
C UNK G 56 -24.39 -40.36 -52.27
N UNK G 57 -24.06 -39.07 -52.49
CA UNK G 57 -25.00 -37.96 -52.75
C UNK G 57 -25.81 -38.24 -53.99
N UNK G 58 -27.10 -37.94 -53.96
CA UNK G 58 -27.94 -37.89 -55.14
C UNK G 58 -27.53 -36.66 -55.94
N UNK G 59 -27.53 -36.74 -57.28
CA UNK G 59 -27.00 -35.69 -58.10
C UNK G 59 -28.13 -35.19 -58.96
N UNK G 60 -28.29 -33.87 -59.04
CA UNK G 60 -29.40 -33.26 -59.74
C UNK G 60 -28.89 -32.03 -60.43
N UNK G 61 -29.47 -31.73 -61.60
CA UNK G 61 -29.31 -30.50 -62.36
C UNK G 61 -30.13 -29.34 -61.75
N UNK G 62 -29.76 -28.06 -61.99
CA UNK G 62 -30.41 -26.87 -61.45
C UNK G 62 -31.88 -26.71 -61.85
N UNK G 63 -32.25 -27.21 -63.05
CA UNK G 63 -33.62 -27.19 -63.59
C UNK G 63 -34.62 -27.91 -62.70
N UNK G 64 -34.12 -28.87 -61.92
CA UNK G 64 -34.91 -29.87 -61.24
C UNK G 64 -34.59 -29.96 -59.75
N UNK G 65 -33.40 -29.49 -59.29
CA UNK G 65 -32.99 -29.57 -57.90
C UNK G 65 -33.92 -28.88 -56.90
N UNK G 66 -34.22 -29.56 -55.77
CA UNK G 66 -35.11 -29.03 -54.74
C UNK G 66 -36.55 -29.39 -54.95
N UNK G 67 -36.92 -29.84 -56.17
CA UNK G 67 -38.26 -30.26 -56.45
C UNK G 67 -38.37 -31.75 -56.70
N UNK G 68 -37.29 -32.40 -57.17
CA UNK G 68 -37.32 -33.79 -57.55
C UNK G 68 -36.40 -34.56 -56.67
N UNK G 69 -36.81 -35.78 -56.28
CA UNK G 69 -36.01 -36.67 -55.46
C UNK G 69 -35.95 -38.05 -56.06
N UNK G 70 -34.73 -38.54 -56.40
CA UNK G 70 -34.47 -39.91 -56.83
C UNK G 70 -34.23 -40.81 -55.64
N UNK G 71 -34.71 -42.05 -55.70
CA UNK G 71 -34.50 -42.98 -54.62
C UNK G 71 -34.48 -44.38 -55.18
N UNK G 72 -33.92 -45.35 -54.43
CA UNK G 72 -33.86 -46.72 -54.87
C UNK G 72 -34.21 -47.63 -53.73
N UNK G 73 -34.88 -48.75 -54.04
CA UNK G 73 -35.21 -49.79 -53.10
C UNK G 73 -34.68 -51.07 -53.72
N UNK G 74 -33.50 -51.49 -53.25
CA UNK G 74 -32.80 -52.62 -53.80
C UNK G 74 -33.48 -53.96 -53.57
N UNK G 75 -34.19 -54.13 -52.43
CA UNK G 75 -34.91 -55.35 -52.10
C UNK G 75 -36.09 -55.58 -53.04
N UNK G 76 -36.61 -54.48 -53.64
CA UNK G 76 -37.71 -54.57 -54.55
C UNK G 76 -37.25 -54.49 -56.01
N UNK G 77 -35.93 -54.23 -56.24
CA UNK G 77 -35.32 -53.94 -57.54
C UNK G 77 -35.93 -52.71 -58.22
N UNK G 78 -36.20 -51.64 -57.45
CA UNK G 78 -36.95 -50.50 -57.97
C UNK G 78 -36.20 -49.20 -57.85
N UNK G 79 -36.42 -48.33 -58.84
CA UNK G 79 -35.93 -46.96 -58.85
C UNK G 79 -37.15 -46.06 -58.85
N UNK G 80 -37.10 -44.90 -58.16
CA UNK G 80 -38.24 -44.01 -58.07
C UNK G 80 -37.83 -42.59 -58.40
N UNK G 81 -38.78 -41.78 -58.87
CA UNK G 81 -38.61 -40.35 -58.99
C UNK G 81 -39.82 -39.64 -58.42
N UNK G 82 -39.66 -38.94 -57.28
CA UNK G 82 -40.70 -38.12 -56.72
C UNK G 82 -40.55 -36.74 -57.29
N UNK G 83 -41.58 -36.21 -57.99
CA UNK G 83 -41.51 -34.92 -58.62
C UNK G 83 -42.57 -34.02 -57.99
N UNK G 84 -42.16 -32.85 -57.47
CA UNK G 84 -43.04 -31.91 -56.79
C UNK G 84 -42.99 -30.57 -57.50
N UNK G 85 -44.01 -29.70 -57.25
CA UNK G 85 -44.11 -28.35 -57.81
C UNK G 85 -43.93 -28.31 -59.33
N UNK G 86 -44.65 -29.21 -60.02
CA UNK G 86 -44.51 -29.45 -61.44
C UNK G 86 -44.92 -28.27 -62.32
N UNK G 87 -44.25 -28.08 -63.48
CA UNK G 87 -44.60 -27.03 -64.42
C UNK G 87 -44.55 -27.55 -65.83
N UNK G 88 -45.00 -26.71 -66.79
CA UNK G 88 -45.07 -27.04 -68.21
C UNK G 88 -43.75 -27.52 -68.81
N UNK G 89 -42.61 -26.99 -68.32
CA UNK G 89 -41.26 -27.40 -68.66
C UNK G 89 -40.89 -28.81 -68.21
N UNK G 90 -41.67 -29.43 -67.30
CA UNK G 90 -41.42 -30.77 -66.86
C UNK G 90 -42.20 -31.79 -67.68
N UNK G 91 -43.08 -31.36 -68.62
CA UNK G 91 -43.79 -32.25 -69.56
C UNK G 91 -42.85 -32.94 -70.54
N UNK G 92 -42.74 -34.29 -70.46
CA UNK G 92 -41.78 -35.03 -71.23
C UNK G 92 -42.04 -36.53 -71.12
N UNK G 93 -41.40 -37.35 -71.98
CA UNK G 93 -41.24 -38.77 -71.70
C UNK G 93 -40.06 -38.93 -70.77
N UNK G 94 -40.20 -39.70 -69.68
CA UNK G 94 -39.17 -39.89 -68.69
C UNK G 94 -38.70 -41.33 -68.75
N UNK G 95 -37.38 -41.53 -68.92
CA UNK G 95 -36.76 -42.82 -69.10
C UNK G 95 -35.98 -43.18 -67.85
N UNK G 96 -36.11 -44.44 -67.43
CA UNK G 96 -35.28 -45.07 -66.42
C UNK G 96 -34.06 -45.61 -67.09
N UNK G 97 -32.87 -45.27 -66.57
CA UNK G 97 -31.66 -45.59 -67.26
C UNK G 97 -30.68 -46.23 -66.31
N UNK G 98 -30.10 -47.35 -66.75
CA UNK G 98 -29.03 -47.97 -66.01
C UNK G 98 -27.77 -47.27 -66.40
N UNK G 99 -26.92 -47.03 -65.40
CA UNK G 99 -25.57 -46.60 -65.62
C UNK G 99 -24.75 -47.83 -65.39
N UNK G 100 -24.02 -48.22 -66.36
CA UNK G 100 -23.13 -49.40 -66.31
C UNK G 100 -21.68 -48.94 -66.19
N UNK G 101 -20.67 -49.81 -65.89
CA UNK G 101 -19.30 -49.39 -65.61
C UNK G 101 -18.30 -50.45 -66.09
N UNK G 102 -17.01 -50.11 -66.34
CA UNK G 102 -16.00 -51.06 -66.80
C UNK G 102 -14.63 -50.42 -66.78
N UNK G 103 -13.54 -51.17 -67.13
CA UNK G 103 -12.14 -50.70 -67.19
C UNK G 103 -11.92 -49.77 -68.37
N UNK G 104 -12.92 -49.81 -69.26
CA UNK G 104 -13.06 -49.03 -70.44
C UNK G 104 -13.98 -47.79 -70.16
N UNK G 105 -15.18 -47.82 -69.60
CA UNK G 105 -15.86 -46.55 -69.32
C UNK G 105 -16.28 -46.52 -67.90
N UNK G 106 -15.99 -45.43 -67.18
CA UNK G 106 -16.37 -45.47 -65.80
C UNK G 106 -17.88 -45.38 -65.64
N UNK G 107 -18.54 -44.84 -66.67
CA UNK G 107 -19.96 -44.71 -66.70
C UNK G 107 -20.40 -44.82 -68.14
N UNK G 108 -21.59 -45.39 -68.40
CA UNK G 108 -22.14 -45.46 -69.74
C UNK G 108 -23.66 -45.27 -69.60
N UNK G 109 -24.47 -45.26 -70.67
CA UNK G 109 -25.90 -45.50 -70.56
C UNK G 109 -26.20 -46.76 -71.41
N UNK G 110 -26.41 -48.01 -70.90
CA UNK G 110 -26.56 -49.21 -71.76
C UNK G 110 -28.01 -49.55 -71.93
N UNK G 111 -28.74 -49.37 -70.83
CA UNK G 111 -30.06 -49.87 -70.74
C UNK G 111 -30.96 -48.76 -70.35
N UNK G 112 -31.96 -48.57 -71.21
CA UNK G 112 -32.97 -47.58 -71.06
C UNK G 112 -34.27 -48.31 -71.11
N UNK G 113 -35.25 -47.90 -70.29
CA UNK G 113 -36.61 -48.37 -70.43
C UNK G 113 -37.34 -47.82 -71.62
N UNK G 114 -38.63 -48.19 -71.76
CA UNK G 114 -39.45 -47.70 -72.85
C UNK G 114 -39.94 -46.28 -72.63
N UNK G 115 -39.96 -45.82 -71.37
CA UNK G 115 -40.33 -44.47 -71.01
C UNK G 115 -41.75 -44.35 -70.53
N UNK G 116 -41.99 -43.32 -69.70
CA UNK G 116 -43.31 -43.03 -69.19
C UNK G 116 -43.63 -41.56 -69.38
N UNK G 117 -44.84 -41.22 -69.90
CA UNK G 117 -45.18 -39.88 -70.29
C UNK G 117 -45.76 -39.06 -69.16
N UNK G 118 -45.18 -37.88 -68.88
CA UNK G 118 -45.66 -36.96 -67.86
C UNK G 118 -46.14 -35.72 -68.56
N UNK G 119 -47.37 -35.26 -68.22
CA UNK G 119 -47.96 -34.08 -68.84
C UNK G 119 -48.44 -33.14 -67.77
N UNK G 120 -47.86 -31.93 -67.69
CA UNK G 120 -48.23 -30.94 -66.70
C UNK G 120 -49.09 -29.88 -67.36
N UNK G 121 -50.41 -29.88 -67.05
CA UNK G 121 -51.37 -29.01 -67.70
C UNK G 121 -52.62 -28.97 -66.87
N UNK G 122 -53.42 -27.88 -66.99
CA UNK G 122 -54.69 -27.73 -66.32
C UNK G 122 -55.83 -28.16 -67.21
N UNK G 123 -55.52 -28.56 -68.46
CA UNK G 123 -56.46 -29.13 -69.39
C UNK G 123 -57.03 -30.47 -68.95
N UNK G 124 -58.30 -30.72 -69.29
CA UNK G 124 -58.99 -31.94 -68.91
C UNK G 124 -58.56 -33.13 -69.72
N UNK G 125 -58.58 -34.32 -69.10
CA UNK G 125 -58.54 -35.60 -69.80
C UNK G 125 -59.74 -35.74 -70.71
N UNK G 126 -59.51 -36.02 -72.01
CA UNK G 126 -60.59 -36.09 -72.96
C UNK G 126 -60.36 -37.27 -73.89
N UNK G 127 -61.38 -38.14 -74.07
CA UNK G 127 -61.31 -39.25 -75.02
C UNK G 127 -61.53 -38.85 -76.45
N UNK G 128 -60.95 -39.55 -77.43
CA UNK G 128 -61.08 -39.19 -78.82
C UNK G 128 -62.37 -39.69 -79.41
N UNK G 129 -62.75 -39.08 -80.52
CA UNK G 129 -63.78 -39.54 -81.42
C UNK G 129 -63.09 -40.21 -82.60
N UNK G 130 -63.55 -41.40 -83.01
CA UNK G 130 -62.89 -42.19 -84.04
C UNK G 130 -63.77 -42.30 -85.27
N UNK G 131 -63.34 -41.70 -86.40
CA UNK G 131 -64.14 -41.59 -87.61
C UNK G 131 -63.46 -42.35 -88.75
N UNK G 132 -64.14 -43.04 -89.66
CA UNK G 132 -63.50 -43.74 -90.77
C UNK G 132 -63.04 -42.81 -91.88
N UNK G 133 -61.90 -43.15 -92.50
CA UNK G 133 -61.44 -42.61 -93.76
C UNK G 133 -61.76 -43.66 -94.79
N UNK G 134 -63.01 -43.66 -95.31
CA UNK G 134 -63.54 -44.69 -96.15
C UNK G 134 -62.79 -44.84 -97.49
N UNK G 135 -62.47 -46.02 -97.99
CA UNK G 135 -61.82 -46.19 -99.29
C UNK G 135 -62.67 -45.70 -100.44
N UNK G 136 -62.06 -44.96 -101.36
CA UNK G 136 -62.70 -44.43 -102.55
C UNK G 136 -63.37 -45.47 -103.44
N UNK G 137 -64.50 -45.13 -104.08
CA UNK G 137 -65.20 -46.03 -104.99
C UNK G 137 -64.48 -46.17 -106.33
N UNK G 138 -63.60 -45.19 -106.64
CA UNK G 138 -62.85 -45.11 -107.87
C UNK G 138 -61.53 -45.87 -107.78
N UNK G 139 -61.37 -46.72 -106.74
CA UNK G 139 -60.19 -47.56 -106.54
C UNK G 139 -59.86 -48.49 -107.68
N UNK G 140 -58.67 -48.29 -108.28
CA UNK G 140 -58.22 -48.97 -109.48
C UNK G 140 -58.16 -50.48 -109.38
N UNK G 141 -58.78 -51.20 -110.33
CA UNK G 141 -58.80 -52.66 -110.35
C UNK G 141 -57.42 -53.29 -110.47
N UNK G 142 -57.03 -54.18 -109.53
CA UNK G 142 -55.68 -54.73 -109.47
C UNK G 142 -54.65 -53.80 -108.90
N UNK G 143 -55.10 -52.60 -108.46
CA UNK G 143 -54.27 -51.58 -107.88
C UNK G 143 -54.39 -51.53 -106.40
N UNK G 144 -53.96 -50.39 -105.84
CA UNK G 144 -53.77 -50.23 -104.42
C UNK G 144 -54.73 -49.17 -103.91
N UNK G 145 -55.49 -49.49 -102.84
CA UNK G 145 -56.53 -48.65 -102.27
C UNK G 145 -56.10 -48.23 -100.88
N UNK G 146 -56.43 -47.00 -100.44
CA UNK G 146 -56.07 -46.51 -99.13
C UNK G 146 -57.31 -46.32 -98.28
N UNK G 147 -57.19 -46.64 -96.99
CA UNK G 147 -58.25 -46.42 -96.03
C UNK G 147 -57.64 -46.14 -94.68
N UNK G 148 -58.43 -45.68 -93.70
CA UNK G 148 -57.87 -45.33 -92.42
C UNK G 148 -58.88 -44.95 -91.39
N UNK G 149 -58.39 -44.40 -90.26
CA UNK G 149 -59.20 -43.90 -89.17
C UNK G 149 -58.63 -42.59 -88.70
N UNK G 150 -59.51 -41.59 -88.50
CA UNK G 150 -59.18 -40.30 -87.91
C UNK G 150 -59.53 -40.33 -86.44
N UNK G 151 -58.54 -40.08 -85.57
CA UNK G 151 -58.67 -40.09 -84.13
C UNK G 151 -58.58 -38.65 -83.69
N UNK G 152 -59.74 -38.03 -83.35
CA UNK G 152 -59.83 -36.58 -83.19
C UNK G 152 -60.22 -36.17 -81.79
N UNK G 153 -59.62 -35.07 -81.31
CA UNK G 153 -60.00 -34.31 -80.13
C UNK G 153 -59.76 -35.03 -78.81
N UNK G 154 -58.47 -35.39 -78.51
CA UNK G 154 -58.12 -36.07 -77.29
C UNK G 154 -57.02 -35.37 -76.52
N UNK G 155 -56.97 -35.60 -75.19
CA UNK G 155 -55.89 -35.09 -74.40
C UNK G 155 -55.75 -36.00 -73.18
N UNK G 156 -54.58 -36.23 -72.61
CA UNK G 156 -53.25 -35.98 -73.15
C UNK G 156 -52.85 -37.08 -74.13
N UNK G 157 -51.61 -37.05 -74.65
CA UNK G 157 -50.98 -38.17 -75.35
C UNK G 157 -50.77 -39.37 -74.40
N UNK G 158 -50.67 -40.64 -74.81
CA UNK G 158 -50.62 -41.07 -76.20
C UNK G 158 -51.82 -41.89 -76.55
N UNK G 159 -52.09 -42.06 -77.87
CA UNK G 159 -53.04 -43.04 -78.36
C UNK G 159 -52.27 -44.09 -79.14
N UNK G 160 -52.76 -45.33 -79.12
CA UNK G 160 -52.20 -46.39 -79.94
C UNK G 160 -53.26 -46.81 -80.93
N UNK G 161 -52.84 -47.16 -82.17
CA UNK G 161 -53.75 -47.63 -83.19
C UNK G 161 -53.17 -48.90 -83.76
N UNK G 162 -53.95 -49.98 -83.81
CA UNK G 162 -53.56 -51.21 -84.48
C UNK G 162 -54.62 -51.51 -85.52
N UNK G 163 -54.36 -52.43 -86.49
CA UNK G 163 -55.34 -52.78 -87.49
C UNK G 163 -55.59 -54.27 -87.46
N UNK G 164 -56.89 -54.64 -87.42
CA UNK G 164 -57.38 -56.00 -87.35
C UNK G 164 -56.79 -56.78 -86.19
N UNK G 165 -56.69 -56.14 -85.01
CA UNK G 165 -56.16 -56.69 -83.77
C UNK G 165 -54.70 -57.09 -83.87
N UNK G 166 -53.90 -56.30 -84.61
CA UNK G 166 -52.47 -56.52 -84.82
C UNK G 166 -52.12 -57.46 -85.94
N UNK G 167 -53.12 -58.03 -86.64
CA UNK G 167 -52.90 -58.89 -87.79
C UNK G 167 -52.46 -58.12 -89.03
N UNK G 168 -52.97 -56.91 -89.24
CA UNK G 168 -52.61 -56.09 -90.38
C UNK G 168 -51.59 -55.06 -89.92
N UNK G 169 -50.32 -55.22 -90.34
CA UNK G 169 -49.23 -54.32 -89.99
C UNK G 169 -48.53 -53.78 -91.22
N UNK G 170 -48.64 -54.48 -92.37
CA UNK G 170 -47.97 -54.09 -93.60
C UNK G 170 -48.71 -52.99 -94.32
N UNK G 171 -47.98 -51.93 -94.75
CA UNK G 171 -48.57 -50.78 -95.43
C UNK G 171 -49.25 -49.78 -94.53
N UNK G 172 -49.12 -49.97 -93.20
CA UNK G 172 -49.75 -49.13 -92.19
C UNK G 172 -48.88 -47.93 -91.88
N UNK G 173 -49.48 -46.73 -91.88
CA UNK G 173 -48.83 -45.51 -91.46
C UNK G 173 -49.66 -44.80 -90.43
N UNK G 174 -49.19 -44.81 -89.17
CA UNK G 174 -49.85 -44.11 -88.07
C UNK G 174 -49.10 -42.84 -87.86
N UNK G 175 -49.71 -41.69 -88.23
CA UNK G 175 -49.05 -40.40 -88.26
C UNK G 175 -48.79 -39.88 -86.83
N UNK G 176 -47.70 -39.18 -86.47
CA UNK G 176 -47.61 -38.47 -85.20
C UNK G 176 -48.78 -37.56 -84.92
N UNK G 177 -49.18 -37.43 -83.65
CA UNK G 177 -50.20 -36.52 -83.24
C UNK G 177 -49.84 -35.06 -83.48
N UNK G 178 -50.83 -34.26 -83.91
CA UNK G 178 -50.62 -32.85 -84.11
C UNK G 178 -51.53 -32.14 -83.13
N UNK G 179 -50.97 -31.14 -82.44
CA UNK G 179 -51.69 -30.31 -81.51
C UNK G 179 -52.54 -29.32 -82.29
N UNK G 180 -53.87 -29.36 -82.14
CA UNK G 180 -54.76 -28.44 -82.81
C UNK G 180 -54.78 -27.13 -82.06
N UNK G 181 -55.33 -26.06 -82.66
CA UNK G 181 -55.43 -24.73 -82.06
C UNK G 181 -56.23 -24.68 -80.77
N UNK G 182 -57.16 -25.63 -80.58
CA UNK G 182 -57.93 -25.83 -79.37
C UNK G 182 -57.16 -26.44 -78.21
N UNK G 183 -55.93 -26.98 -78.45
CA UNK G 183 -55.13 -27.64 -77.43
C UNK G 183 -55.36 -29.12 -77.33
N UNK G 184 -56.24 -29.65 -78.18
CA UNK G 184 -56.54 -31.06 -78.26
C UNK G 184 -55.74 -31.71 -79.38
N UNK G 185 -55.33 -32.97 -79.21
CA UNK G 185 -54.59 -33.71 -80.20
C UNK G 185 -55.49 -34.32 -81.25
N UNK G 186 -54.94 -34.54 -82.46
CA UNK G 186 -55.64 -35.22 -83.54
C UNK G 186 -54.63 -35.99 -84.33
N UNK G 187 -55.04 -37.13 -84.89
CA UNK G 187 -54.12 -38.07 -85.48
C UNK G 187 -54.88 -38.92 -86.47
N UNK G 188 -54.21 -39.37 -87.56
CA UNK G 188 -54.80 -40.30 -88.51
C UNK G 188 -53.92 -41.51 -88.57
N UNK G 189 -54.53 -42.69 -88.76
CA UNK G 189 -53.82 -43.92 -89.05
C UNK G 189 -54.36 -44.41 -90.36
N UNK G 190 -53.47 -44.70 -91.34
CA UNK G 190 -53.87 -45.14 -92.66
C UNK G 190 -53.21 -46.44 -92.99
N UNK G 191 -53.79 -47.17 -93.96
CA UNK G 191 -53.21 -48.39 -94.47
C UNK G 191 -53.57 -48.48 -95.93
N UNK G 192 -52.63 -48.96 -96.77
CA UNK G 192 -52.90 -49.22 -98.18
C UNK G 192 -52.98 -50.73 -98.43
N UNK G 193 -54.06 -51.20 -99.11
CA UNK G 193 -54.34 -52.62 -99.29
C UNK G 193 -54.71 -52.84 -100.75
N UNK G 194 -54.77 -54.04 -101.34
CA UNK G 194 -55.21 -54.18 -102.73
C UNK G 194 -56.67 -53.85 -102.90
N UNK G 195 -57.07 -53.21 -104.02
CA UNK G 195 -58.45 -52.83 -104.28
C UNK G 195 -59.43 -54.00 -104.33
N UNK G 196 -58.94 -55.20 -104.68
CA UNK G 196 -59.67 -56.45 -104.70
C UNK G 196 -60.23 -56.86 -103.34
N UNK G 197 -59.45 -56.63 -102.27
CA UNK G 197 -59.78 -57.03 -100.92
C UNK G 197 -60.83 -56.15 -100.25
N UNK G 198 -61.17 -54.98 -100.84
CA UNK G 198 -62.14 -54.05 -100.28
C UNK G 198 -63.54 -54.61 -100.08
N UNK G 199 -64.00 -55.50 -100.98
CA UNK G 199 -65.27 -56.18 -100.77
C UNK G 199 -65.21 -57.36 -99.81
N UNK G 200 -64.14 -58.17 -99.89
CA UNK G 200 -64.02 -59.40 -99.13
C UNK G 200 -63.43 -59.24 -97.73
N UNK G 201 -62.32 -58.50 -97.57
CA UNK G 201 -61.61 -58.36 -96.32
C UNK G 201 -62.18 -57.25 -95.45
N UNK G 202 -62.41 -57.57 -94.17
CA UNK G 202 -62.95 -56.62 -93.20
C UNK G 202 -61.81 -55.85 -92.55
N UNK G 203 -61.89 -54.50 -92.48
CA UNK G 203 -60.86 -53.66 -91.92
C UNK G 203 -61.38 -52.93 -90.70
N UNK G 204 -60.73 -53.13 -89.54
CA UNK G 204 -61.09 -52.54 -88.26
C UNK G 204 -59.86 -51.91 -87.67
N UNK G 205 -59.95 -50.62 -87.27
CA UNK G 205 -58.88 -49.95 -86.54
C UNK G 205 -59.14 -50.06 -85.06
N UNK G 206 -58.15 -50.51 -84.28
CA UNK G 206 -58.29 -50.70 -82.86
C UNK G 206 -57.57 -49.55 -82.18
N UNK G 207 -58.33 -48.58 -81.67
CA UNK G 207 -57.81 -47.34 -81.10
C UNK G 207 -57.85 -47.47 -79.60
N UNK G 208 -56.73 -47.19 -78.91
CA UNK G 208 -56.70 -47.19 -77.46
C UNK G 208 -56.09 -45.91 -76.93
N UNK G 209 -56.90 -45.12 -76.21
CA UNK G 209 -56.45 -43.96 -75.47
C UNK G 209 -56.53 -44.33 -74.01
N UNK G 210 -55.45 -44.93 -73.49
CA UNK G 210 -55.37 -45.30 -72.08
C UNK G 210 -55.53 -44.17 -71.07
N UNK G 211 -55.03 -42.94 -71.23
CA UNK G 211 -55.27 -41.87 -70.28
C UNK G 211 -56.72 -41.51 -70.00
N UNK G 212 -57.67 -41.75 -70.94
CA UNK G 212 -59.08 -41.48 -70.72
C UNK G 212 -59.93 -42.72 -70.55
N UNK G 213 -59.31 -43.92 -70.62
CA UNK G 213 -60.00 -45.20 -70.59
C UNK G 213 -60.88 -45.43 -71.82
N UNK G 214 -60.41 -45.01 -73.01
CA UNK G 214 -61.23 -45.08 -74.22
C UNK G 214 -60.62 -46.06 -75.18
N UNK G 215 -61.29 -47.21 -75.34
CA UNK G 215 -60.93 -48.26 -76.25
C UNK G 215 -62.04 -48.34 -77.29
N UNK G 216 -61.72 -48.17 -78.58
CA UNK G 216 -62.72 -48.10 -79.62
C UNK G 216 -62.23 -48.91 -80.79
N UNK G 217 -63.09 -49.81 -81.32
CA UNK G 217 -62.82 -50.57 -82.51
C UNK G 217 -63.74 -50.02 -83.60
N UNK G 218 -63.18 -49.44 -84.68
CA UNK G 218 -63.99 -48.84 -85.72
C UNK G 218 -63.80 -49.55 -87.04
N UNK G 219 -64.90 -50.09 -87.61
CA UNK G 219 -64.92 -50.71 -88.91
C UNK G 219 -64.87 -49.67 -90.02
N UNK G 220 -64.00 -49.89 -91.03
CA UNK G 220 -63.84 -48.98 -92.13
C UNK G 220 -64.20 -49.75 -93.40
N UNK G 221 -65.27 -49.31 -94.10
CA UNK G 221 -65.81 -49.98 -95.26
C UNK G 221 -66.06 -48.91 -96.31
N UNK G 222 -66.25 -49.25 -97.60
CA UNK G 222 -66.66 -48.31 -98.64
C UNK G 222 -68.09 -47.80 -98.54
N UNK H 1 -20.60 -28.44 -68.16
CA UNK H 1 -19.97 -28.66 -69.51
C UNK H 1 -21.06 -28.65 -70.53
N UNK H 2 -20.90 -27.82 -71.57
CA UNK H 2 -21.83 -27.66 -72.66
C UNK H 2 -21.24 -28.49 -73.78
N UNK H 3 -22.07 -29.27 -74.48
CA UNK H 3 -21.64 -30.08 -75.59
C UNK H 3 -22.37 -29.60 -76.82
N UNK H 4 -21.61 -29.27 -77.88
CA UNK H 4 -22.17 -28.68 -79.09
C UNK H 4 -21.89 -29.63 -80.23
N UNK H 5 -22.96 -30.13 -80.89
CA UNK H 5 -22.83 -31.05 -81.99
C UNK H 5 -22.86 -30.36 -83.32
N UNK H 6 -22.17 -30.94 -84.33
CA UNK H 6 -22.23 -30.41 -85.68
C UNK H 6 -22.12 -31.53 -86.71
N UNK H 7 -22.80 -31.42 -87.85
CA UNK H 7 -23.92 -30.52 -88.12
C UNK H 7 -25.16 -30.87 -87.30
N UNK H 8 -26.19 -30.00 -87.27
CA UNK H 8 -27.46 -30.27 -86.60
C UNK H 8 -28.32 -31.25 -87.36
N UNK H 9 -28.12 -31.33 -88.68
CA UNK H 9 -28.86 -32.23 -89.54
C UNK H 9 -27.97 -32.55 -90.69
N UNK H 10 -28.08 -33.75 -91.30
CA UNK H 10 -27.43 -34.03 -92.55
C UNK H 10 -28.12 -35.16 -93.27
N UNK H 11 -27.86 -35.26 -94.59
CA UNK H 11 -28.53 -36.21 -95.48
C UNK H 11 -27.47 -36.90 -96.33
N UNK H 12 -27.38 -38.25 -96.27
CA UNK H 12 -26.29 -38.99 -96.90
C UNK H 12 -26.75 -40.34 -97.42
N UNK H 13 -26.12 -40.82 -98.51
CA UNK H 13 -26.60 -41.97 -99.26
C UNK H 13 -26.18 -43.28 -98.64
N UNK H 14 -26.80 -44.41 -99.04
CA UNK H 14 -26.31 -45.73 -98.63
C UNK H 14 -24.92 -46.02 -99.19
N UNK H 15 -23.97 -46.44 -98.32
CA UNK H 15 -22.56 -46.64 -98.68
C UNK H 15 -21.66 -45.47 -98.38
N UNK H 16 -22.23 -44.28 -98.08
CA UNK H 16 -21.48 -43.10 -97.72
C UNK H 16 -20.81 -43.20 -96.35
N UNK H 17 -19.70 -42.46 -96.19
CA UNK H 17 -19.04 -42.28 -94.91
C UNK H 17 -19.48 -40.98 -94.27
N UNK H 18 -20.04 -41.05 -93.06
CA UNK H 18 -20.63 -39.93 -92.36
C UNK H 18 -19.86 -39.64 -91.11
N UNK H 19 -19.61 -38.34 -90.81
CA UNK H 19 -18.82 -37.90 -89.68
C UNK H 19 -19.62 -36.87 -88.91
N UNK H 20 -19.82 -37.07 -87.58
CA UNK H 20 -20.60 -36.20 -86.71
C UNK H 20 -19.72 -35.74 -85.57
N UNK H 21 -19.62 -34.41 -85.37
CA UNK H 21 -18.67 -33.81 -84.46
C UNK H 21 -19.37 -33.42 -83.20
N UNK H 22 -18.65 -33.50 -82.06
CA UNK H 22 -19.16 -33.09 -80.78
C UNK H 22 -18.08 -32.33 -80.04
N UNK H 23 -18.33 -31.07 -79.66
CA UNK H 23 -17.34 -30.19 -79.06
C UNK H 23 -17.73 -29.85 -77.64
N UNK H 24 -16.82 -30.09 -76.68
CA UNK H 24 -16.99 -29.80 -75.28
C UNK H 24 -16.50 -28.40 -74.93
N UNK H 25 -17.20 -27.72 -74.00
CA UNK H 25 -16.82 -26.39 -73.53
C UNK H 25 -15.61 -26.35 -72.63
N UNK H 26 -15.28 -27.49 -72.02
CA UNK H 26 -14.13 -27.68 -71.17
C UNK H 26 -13.56 -29.01 -71.58
N UNK H 27 -12.28 -29.26 -71.22
CA UNK H 27 -11.64 -30.56 -71.39
C UNK H 27 -12.32 -31.66 -70.57
N UNK H 28 -12.66 -32.78 -71.22
CA UNK H 28 -13.35 -33.90 -70.58
C UNK H 28 -12.59 -35.21 -70.74
N UNK H 29 -11.32 -35.16 -71.13
CA UNK H 29 -10.50 -36.34 -71.40
C UNK H 29 -11.04 -37.26 -72.48
N UNK H 30 -11.42 -38.51 -72.16
CA UNK H 30 -12.10 -39.39 -73.09
C UNK H 30 -13.47 -39.76 -72.55
N UNK H 31 -14.02 -39.00 -71.57
CA UNK H 31 -15.27 -39.33 -70.91
C UNK H 31 -16.50 -38.93 -71.69
N UNK H 32 -16.62 -39.44 -72.92
CA UNK H 32 -17.71 -39.15 -73.81
C UNK H 32 -18.31 -40.43 -74.36
N UNK H 33 -19.65 -40.50 -74.39
CA UNK H 33 -20.37 -41.59 -74.99
C UNK H 33 -21.25 -41.09 -76.12
N UNK H 34 -21.54 -41.97 -77.10
CA UNK H 34 -22.38 -41.70 -78.25
C UNK H 34 -23.58 -42.63 -78.28
N UNK H 35 -24.75 -42.09 -78.65
CA UNK H 35 -26.03 -42.77 -78.64
C UNK H 35 -26.72 -42.63 -79.97
N UNK H 36 -27.54 -43.63 -80.32
CA UNK H 36 -28.42 -43.60 -81.48
C UNK H 36 -29.86 -43.68 -81.00
N UNK H 37 -30.73 -42.74 -81.42
CA UNK H 37 -32.16 -42.77 -81.13
C UNK H 37 -32.91 -42.93 -82.43
N UNK H 38 -33.65 -44.04 -82.54
CA UNK H 38 -34.59 -44.30 -83.61
C UNK H 38 -35.98 -43.84 -83.20
N UNK H 39 -36.85 -43.38 -84.08
CA UNK H 39 -38.14 -42.81 -83.70
C UNK H 39 -39.05 -43.70 -82.89
N UNK H 40 -39.62 -43.14 -81.79
CA UNK H 40 -40.49 -43.88 -80.89
C UNK H 40 -39.77 -44.81 -79.94
N UNK H 41 -38.42 -44.79 -79.92
CA UNK H 41 -37.61 -45.71 -79.17
C UNK H 41 -36.69 -44.96 -78.22
N UNK H 42 -36.26 -45.54 -77.11
CA UNK H 42 -35.21 -44.94 -76.30
C UNK H 42 -33.86 -44.92 -77.02
N UNK H 43 -32.90 -44.05 -76.71
CA UNK H 43 -31.56 -44.15 -77.23
C UNK H 43 -30.83 -45.45 -76.92
N UNK H 44 -29.92 -45.83 -77.82
CA UNK H 44 -29.10 -47.02 -77.71
C UNK H 44 -27.66 -46.59 -77.69
N UNK H 45 -26.84 -47.08 -76.73
CA UNK H 45 -25.42 -46.81 -76.71
C UNK H 45 -24.67 -47.43 -77.85
N UNK H 46 -23.81 -46.62 -78.49
CA UNK H 46 -22.97 -47.09 -79.56
C UNK H 46 -21.53 -47.16 -79.12
N UNK H 47 -21.03 -46.10 -78.47
CA UNK H 47 -19.62 -45.94 -78.18
C UNK H 47 -19.54 -45.31 -76.83
N UNK H 48 -18.57 -45.75 -76.02
CA UNK H 48 -18.29 -45.24 -74.71
C UNK H 48 -16.78 -44.98 -74.66
N UNK H 49 -16.26 -44.18 -73.69
CA UNK H 49 -14.84 -43.80 -73.60
C UNK H 49 -14.31 -43.15 -74.87
N UNK H 50 -15.16 -42.37 -75.56
CA UNK H 50 -14.87 -41.73 -76.82
C UNK H 50 -14.60 -42.65 -78.03
N UNK H 51 -14.10 -43.89 -77.87
CA UNK H 51 -13.67 -44.75 -78.96
C UNK H 51 -13.97 -46.22 -78.80
N UNK H 52 -14.46 -46.67 -77.63
CA UNK H 52 -14.66 -48.09 -77.44
C UNK H 52 -16.06 -48.49 -77.86
N UNK H 53 -16.14 -49.50 -78.75
CA UNK H 53 -17.37 -50.00 -79.33
C UNK H 53 -18.18 -50.81 -78.33
N UNK H 54 -19.45 -50.39 -78.06
CA UNK H 54 -20.38 -51.15 -77.25
C UNK H 54 -20.77 -52.50 -77.83
N UNK H 55 -20.97 -53.50 -76.95
CA UNK H 55 -21.40 -54.82 -77.36
C UNK H 55 -22.71 -54.83 -78.14
N UNK H 56 -22.75 -55.61 -79.24
CA UNK H 56 -23.90 -55.68 -80.14
C UNK H 56 -24.00 -54.56 -81.14
N UNK H 57 -23.04 -53.61 -81.15
CA UNK H 57 -23.06 -52.51 -82.10
C UNK H 57 -22.23 -52.89 -83.32
N UNK H 58 -22.70 -52.78 -84.57
CA UNK H 58 -21.89 -53.09 -85.74
C UNK H 58 -20.63 -52.24 -85.87
N UNK H 59 -19.58 -52.79 -86.51
CA UNK H 59 -18.26 -52.16 -86.61
C UNK H 59 -18.20 -50.94 -87.51
N UNK H 60 -19.27 -50.65 -88.27
CA UNK H 60 -19.35 -49.45 -89.07
C UNK H 60 -19.45 -48.16 -88.26
N UNK H 61 -19.87 -48.26 -86.98
CA UNK H 61 -19.89 -47.16 -86.05
C UNK H 61 -18.57 -47.10 -85.30
N UNK H 62 -17.89 -45.93 -85.29
CA UNK H 62 -16.64 -45.78 -84.56
C UNK H 62 -16.55 -44.41 -83.96
N UNK H 63 -15.78 -44.26 -82.86
CA UNK H 63 -15.58 -42.97 -82.20
C UNK H 63 -14.12 -42.63 -82.14
N UNK H 64 -13.82 -41.32 -82.05
CA UNK H 64 -12.47 -40.83 -81.94
C UNK H 64 -12.47 -39.49 -81.24
N UNK H 65 -11.27 -39.05 -80.77
CA UNK H 65 -11.09 -37.76 -80.11
C UNK H 65 -10.80 -37.84 -78.64
N UNK H 66 -10.35 -36.70 -78.10
CA UNK H 66 -10.01 -36.56 -76.70
C UNK H 66 -10.00 -35.09 -76.39
N UNK H 67 -10.02 -34.70 -75.10
CA UNK H 67 -9.95 -33.31 -74.69
C UNK H 67 -11.27 -32.61 -74.87
N UNK H 68 -11.42 -31.85 -75.98
CA UNK H 68 -12.62 -31.08 -76.27
C UNK H 68 -13.24 -31.38 -77.62
N UNK H 69 -12.58 -32.14 -78.51
CA UNK H 69 -13.08 -32.39 -79.85
C UNK H 69 -13.24 -33.88 -80.07
N UNK H 70 -14.47 -34.32 -80.41
CA UNK H 70 -14.82 -35.73 -80.50
C UNK H 70 -15.65 -35.97 -81.73
N UNK H 71 -15.52 -37.17 -82.31
CA UNK H 71 -16.08 -37.48 -83.61
C UNK H 71 -16.71 -38.85 -83.58
N UNK H 72 -17.93 -38.97 -84.16
CA UNK H 72 -18.62 -40.21 -84.44
C UNK H 72 -18.60 -40.44 -85.93
N UNK H 73 -18.14 -41.62 -86.38
CA UNK H 73 -18.04 -41.92 -87.79
C UNK H 73 -18.86 -43.14 -88.11
N UNK H 74 -19.71 -43.06 -89.15
CA UNK H 74 -20.46 -44.19 -89.67
C UNK H 74 -19.86 -44.48 -91.03
N UNK H 75 -19.08 -45.57 -91.14
CA UNK H 75 -18.21 -45.85 -92.28
C UNK H 75 -18.87 -46.15 -93.60
N UNK H 76 -19.99 -46.88 -93.59
CA UNK H 76 -20.73 -47.24 -94.79
C UNK H 76 -22.18 -47.28 -94.39
N UNK H 77 -22.93 -46.20 -94.66
CA UNK H 77 -24.34 -46.06 -94.28
C UNK H 77 -25.28 -47.12 -94.80
N UNK H 78 -26.21 -47.56 -93.94
CA UNK H 78 -27.26 -48.50 -94.24
C UNK H 78 -28.60 -47.79 -94.09
N UNK H 79 -29.73 -48.25 -94.65
CA UNK H 79 -31.01 -47.57 -94.58
C UNK H 79 -31.54 -47.44 -93.16
N UNK H 80 -31.17 -48.38 -92.26
CA UNK H 80 -31.64 -48.38 -90.91
C UNK H 80 -30.83 -47.44 -90.01
N UNK H 81 -29.79 -46.76 -90.54
CA UNK H 81 -28.93 -45.89 -89.76
C UNK H 81 -29.52 -44.48 -89.68
N UNK H 82 -30.71 -44.22 -90.29
CA UNK H 82 -31.46 -42.99 -90.03
C UNK H 82 -31.84 -42.89 -88.56
N UNK H 83 -31.53 -41.77 -87.90
CA UNK H 83 -31.75 -41.66 -86.48
C UNK H 83 -31.31 -40.29 -86.05
N UNK H 84 -31.51 -39.97 -84.77
CA UNK H 84 -30.95 -38.78 -84.15
C UNK H 84 -29.83 -39.25 -83.24
N UNK H 85 -28.59 -38.75 -83.46
CA UNK H 85 -27.40 -39.22 -82.76
C UNK H 85 -26.98 -38.20 -81.73
N UNK H 86 -26.66 -38.66 -80.51
CA UNK H 86 -26.38 -37.79 -79.37
C UNK H 86 -25.03 -38.14 -78.79
N UNK H 87 -24.26 -37.13 -78.38
CA UNK H 87 -23.10 -37.33 -77.53
C UNK H 87 -23.39 -36.89 -76.11
N UNK H 88 -22.68 -37.44 -75.12
CA UNK H 88 -22.94 -37.17 -73.72
C UNK H 88 -21.68 -37.36 -72.94
N UNK H 89 -21.44 -36.58 -71.86
CA UNK H 89 -20.21 -36.67 -71.10
C UNK H 89 -20.42 -37.12 -69.67
N UNK H 90 -19.38 -37.80 -69.13
CA UNK H 90 -19.32 -38.37 -67.80
C UNK H 90 -18.16 -37.81 -66.98
N UNK H 91 -17.59 -36.66 -67.40
CA UNK H 91 -16.53 -35.98 -66.69
C UNK H 91 -17.03 -35.36 -65.39
N UNK H 92 -18.19 -34.67 -65.46
CA UNK H 92 -18.89 -34.11 -64.31
C UNK H 92 -20.02 -35.06 -64.00
N UNK H 93 -21.07 -34.54 -63.35
CA UNK H 93 -22.28 -35.27 -63.09
C UNK H 93 -23.44 -34.86 -64.03
N UNK H 94 -23.23 -34.27 -65.26
CA UNK H 94 -24.40 -33.89 -66.12
C UNK H 94 -24.11 -33.49 -67.59
N UNK H 95 -24.84 -33.93 -68.67
CA UNK H 95 -24.47 -33.37 -70.01
C UNK H 95 -24.88 -34.12 -71.27
N UNK H 96 -25.62 -33.54 -72.25
CA UNK H 96 -25.79 -34.16 -73.55
C UNK H 96 -25.63 -33.08 -74.58
N UNK H 97 -25.19 -33.43 -75.81
CA UNK H 97 -25.30 -32.55 -76.97
C UNK H 97 -26.72 -32.36 -77.45
N UNK H 98 -26.95 -31.39 -78.37
CA UNK H 98 -28.31 -31.10 -78.84
C UNK H 98 -28.88 -32.12 -79.80
N UNK H 99 -28.01 -32.99 -80.38
CA UNK H 99 -28.42 -34.02 -81.29
C UNK H 99 -28.15 -33.69 -82.72
N UNK H 100 -27.97 -34.75 -83.53
CA UNK H 100 -27.70 -34.62 -84.95
C UNK H 100 -28.64 -35.54 -85.67
N UNK H 101 -29.59 -35.00 -86.47
CA UNK H 101 -30.57 -35.79 -87.21
C UNK H 101 -29.97 -36.27 -88.52
N UNK H 102 -29.92 -37.60 -88.75
CA UNK H 102 -29.31 -38.19 -89.92
C UNK H 102 -30.39 -38.77 -90.78
N UNK H 103 -30.53 -38.24 -92.02
CA UNK H 103 -31.45 -38.72 -93.02
C UNK H 103 -30.70 -39.57 -94.01
N UNK H 104 -31.34 -40.65 -94.52
CA UNK H 104 -30.75 -41.48 -95.56
C UNK H 104 -31.22 -41.01 -96.93
N UNK H 105 -30.29 -40.53 -97.77
CA UNK H 105 -30.57 -40.19 -99.16
C UNK H 105 -31.01 -41.35 -99.99
N UNK H 106 -31.91 -41.08 -100.95
CA UNK H 106 -32.59 -42.14 -101.63
C UNK H 106 -32.91 -41.66 -103.03
N UNK H 107 -33.27 -42.57 -103.95
CA UNK H 107 -33.82 -42.18 -105.25
C UNK H 107 -35.15 -41.49 -105.11
N UNK H 108 -35.46 -40.53 -106.01
CA UNK H 108 -36.73 -39.84 -106.00
C UNK H 108 -37.91 -40.79 -106.20
N UNK H 109 -38.95 -40.66 -105.37
CA UNK H 109 -40.13 -41.49 -105.45
C UNK H 109 -41.31 -40.58 -105.32
N UNK H 110 -42.21 -40.59 -106.32
CA UNK H 110 -43.43 -39.83 -106.32
C UNK H 110 -44.44 -40.31 -105.27
N UNK H 111 -45.24 -39.46 -104.62
CA UNK H 111 -46.29 -39.92 -103.73
C UNK H 111 -47.48 -40.48 -104.46
N UNK H 112 -48.12 -41.47 -103.84
CA UNK H 112 -49.47 -41.87 -104.20
C UNK H 112 -50.43 -41.03 -103.42
N UNK H 113 -51.38 -40.35 -104.10
CA UNK H 113 -52.21 -39.34 -103.44
C UNK H 113 -53.65 -39.82 -103.34
N UNK H 114 -54.26 -39.66 -102.16
CA UNK H 114 -55.62 -40.08 -101.85
C UNK H 114 -56.31 -38.95 -101.09
N UNK H 115 -57.58 -38.64 -101.40
CA UNK H 115 -58.35 -37.63 -100.68
C UNK H 115 -59.53 -38.34 -100.03
N UNK H 116 -59.86 -38.01 -98.77
CA UNK H 116 -60.91 -38.63 -97.99
C UNK H 116 -61.93 -37.55 -97.60
N UNK H 117 -63.22 -37.63 -97.95
CA UNK H 117 -64.26 -36.76 -97.44
C UNK H 117 -64.52 -36.99 -95.95
N UNK H 118 -65.07 -36.04 -95.18
CA UNK H 118 -65.55 -36.30 -93.83
C UNK H 118 -66.62 -37.36 -93.79
N UNK H 119 -66.62 -38.17 -92.73
CA UNK H 119 -67.66 -39.14 -92.48
C UNK H 119 -68.98 -38.50 -92.11
N UNK H 120 -70.12 -39.18 -92.41
CA UNK H 120 -71.42 -38.71 -91.98
C UNK H 120 -71.55 -38.60 -90.47
N UNK H 121 -70.89 -39.51 -89.72
CA UNK H 121 -70.78 -39.50 -88.27
C UNK H 121 -70.17 -38.23 -87.72
N UNK H 122 -69.05 -37.75 -88.29
CA UNK H 122 -68.46 -36.50 -87.90
C UNK H 122 -69.32 -35.29 -88.22
N UNK H 123 -69.99 -35.25 -89.39
CA UNK H 123 -70.80 -34.11 -89.77
C UNK H 123 -72.00 -33.85 -88.87
N UNK H 124 -72.45 -34.85 -88.09
CA UNK H 124 -73.45 -34.68 -87.05
C UNK H 124 -72.98 -33.87 -85.86
N UNK H 125 -71.65 -33.77 -85.61
CA UNK H 125 -71.09 -33.06 -84.46
C UNK H 125 -70.82 -31.59 -84.76
N UNK H 126 -71.03 -31.16 -86.03
CA UNK H 126 -70.88 -29.77 -86.42
C UNK H 126 -69.58 -29.41 -87.09
N UNK H 127 -68.67 -30.37 -87.30
CA UNK H 127 -67.35 -30.11 -87.86
C UNK H 127 -67.09 -31.09 -88.98
N UNK H 128 -66.34 -30.70 -90.02
CA UNK H 128 -65.95 -31.54 -91.12
C UNK H 128 -64.42 -31.53 -91.24
N UNK H 129 -63.79 -32.72 -91.22
CA UNK H 129 -62.36 -32.87 -91.44
C UNK H 129 -62.14 -33.55 -92.77
N UNK H 130 -61.37 -32.93 -93.68
CA UNK H 130 -61.10 -33.46 -94.99
C UNK H 130 -59.64 -33.84 -95.05
N UNK H 131 -59.29 -35.10 -95.34
CA UNK H 131 -57.92 -35.59 -95.19
C UNK H 131 -57.34 -35.89 -96.54
N UNK H 132 -56.09 -35.44 -96.80
CA UNK H 132 -55.33 -35.78 -97.98
C UNK H 132 -54.13 -36.57 -97.54
N UNK H 133 -53.84 -37.67 -98.22
CA UNK H 133 -52.74 -38.56 -97.91
C UNK H 133 -51.79 -38.58 -99.07
N UNK H 134 -50.50 -38.39 -98.77
CA UNK H 134 -49.39 -38.52 -99.69
C UNK H 134 -48.62 -39.72 -99.19
N UNK H 135 -48.61 -40.82 -99.94
CA UNK H 135 -48.14 -42.09 -99.44
C UNK H 135 -46.82 -42.50 -100.12
N UNK H 136 -45.79 -42.81 -99.31
CA UNK H 136 -44.48 -43.35 -99.68
C UNK H 136 -43.65 -42.55 -100.68
N UNK H 137 -43.19 -41.34 -100.32
CA UNK H 137 -42.45 -40.47 -101.21
C UNK H 137 -41.06 -40.08 -100.73
N UNK H 138 -40.20 -39.65 -101.68
CA UNK H 138 -38.91 -39.09 -101.36
C UNK H 138 -38.53 -38.09 -102.45
N UNK H 139 -37.88 -36.94 -102.23
CA UNK H 139 -37.46 -36.38 -100.96
C UNK H 139 -38.63 -35.92 -100.12
N UNK H 140 -38.37 -35.44 -98.90
CA UNK H 140 -39.33 -34.95 -97.94
C UNK H 140 -40.14 -33.72 -98.36
N UNK H 141 -39.51 -32.79 -99.11
CA UNK H 141 -40.14 -31.58 -99.60
C UNK H 141 -41.40 -31.81 -100.43
N UNK H 142 -42.56 -31.34 -99.95
CA UNK H 142 -43.80 -31.55 -100.64
C UNK H 142 -44.67 -30.34 -100.36
N UNK H 143 -45.37 -29.81 -101.38
CA UNK H 143 -46.28 -28.70 -101.18
C UNK H 143 -47.68 -29.23 -101.37
N UNK H 144 -48.56 -29.06 -100.36
CA UNK H 144 -49.93 -29.52 -100.38
C UNK H 144 -50.83 -28.32 -100.28
N UNK H 145 -51.68 -28.09 -101.30
CA UNK H 145 -52.61 -26.97 -101.30
C UNK H 145 -54.03 -27.49 -101.35
N UNK H 146 -54.91 -26.93 -100.50
CA UNK H 146 -56.32 -27.24 -100.51
C UNK H 146 -57.07 -26.19 -101.30
N UNK H 147 -58.05 -26.65 -102.09
CA UNK H 147 -58.94 -25.77 -102.82
C UNK H 147 -60.36 -26.22 -102.61
N UNK H 148 -61.25 -25.25 -102.29
CA UNK H 148 -62.67 -25.50 -102.08
C UNK H 148 -63.38 -24.60 -103.06
N UNK H 149 -64.12 -25.19 -104.04
CA UNK H 149 -64.68 -24.50 -105.20
C UNK H 149 -63.66 -23.64 -105.97
N UNK H 150 -62.45 -24.21 -106.11
CA UNK H 150 -61.26 -23.62 -106.70
C UNK H 150 -60.65 -22.42 -105.95
N UNK H 151 -61.12 -22.10 -104.73
CA UNK H 151 -60.54 -21.05 -103.93
C UNK H 151 -59.46 -21.62 -103.03
N UNK H 152 -58.22 -21.09 -103.11
CA UNK H 152 -57.10 -21.49 -102.28
C UNK H 152 -57.36 -21.26 -100.80
N UNK H 153 -57.10 -22.28 -99.97
CA UNK H 153 -57.36 -22.25 -98.55
C UNK H 153 -56.10 -21.92 -97.77
N UNK H 154 -56.24 -21.18 -96.65
CA UNK H 154 -55.11 -20.74 -95.86
C UNK H 154 -55.49 -20.74 -94.41
N UNK H 155 -54.60 -21.28 -93.55
CA UNK H 155 -54.75 -21.23 -92.09
C UNK H 155 -55.74 -22.19 -91.47
N UNK H 156 -56.33 -23.09 -92.26
CA UNK H 156 -57.34 -24.03 -91.81
C UNK H 156 -56.92 -25.47 -92.05
N UNK H 157 -55.62 -25.72 -92.31
CA UNK H 157 -55.11 -27.07 -92.50
C UNK H 157 -53.87 -27.28 -91.64
N UNK H 158 -53.60 -28.55 -91.29
CA UNK H 158 -52.44 -28.95 -90.52
C UNK H 158 -51.86 -30.21 -91.13
N UNK H 159 -50.53 -30.34 -91.13
CA UNK H 159 -49.82 -31.47 -91.70
C UNK H 159 -49.16 -32.31 -90.64
N UNK H 160 -49.09 -33.63 -90.91
CA UNK H 160 -48.33 -34.57 -90.11
C UNK H 160 -47.53 -35.44 -91.03
N UNK H 161 -46.26 -35.72 -90.70
CA UNK H 161 -45.39 -36.50 -91.56
C UNK H 161 -44.82 -37.64 -90.76
N UNK H 162 -44.83 -38.86 -91.32
CA UNK H 162 -44.19 -40.03 -90.73
C UNK H 162 -42.70 -39.88 -90.74
N UNK H 163 -42.00 -40.58 -89.83
CA UNK H 163 -40.57 -40.68 -89.88
C UNK H 163 -40.17 -41.59 -91.01
N UNK H 164 -38.93 -41.43 -91.52
CA UNK H 164 -38.39 -42.20 -92.63
C UNK H 164 -38.60 -43.71 -92.49
N UNK H 165 -39.16 -44.39 -93.52
CA UNK H 165 -39.30 -45.82 -93.45
C UNK H 165 -37.93 -46.50 -93.33
N UNK H 166 -37.76 -47.41 -92.36
CA UNK H 166 -36.45 -47.99 -92.10
C UNK H 166 -35.98 -48.94 -93.20
N UNK H 167 -36.85 -49.32 -94.15
CA UNK H 167 -36.49 -50.19 -95.25
C UNK H 167 -36.45 -49.43 -96.56
N UNK H 168 -37.56 -48.81 -97.01
CA UNK H 168 -37.56 -48.20 -98.33
C UNK H 168 -37.10 -46.75 -98.29
N UNK H 169 -36.93 -46.17 -97.08
CA UNK H 169 -36.47 -44.81 -96.81
C UNK H 169 -37.42 -43.72 -97.28
N UNK H 170 -38.74 -43.98 -97.37
CA UNK H 170 -39.73 -42.98 -97.77
C UNK H 170 -40.41 -42.29 -96.61
N UNK H 171 -41.13 -41.21 -96.92
CA UNK H 171 -41.98 -40.50 -96.00
C UNK H 171 -43.40 -40.63 -96.46
N UNK H 172 -44.37 -40.51 -95.54
CA UNK H 172 -45.77 -40.38 -95.89
C UNK H 172 -46.25 -39.17 -95.16
N UNK H 173 -47.27 -38.46 -95.70
CA UNK H 173 -47.73 -37.19 -95.18
C UNK H 173 -49.23 -37.14 -95.18
N UNK H 174 -49.82 -36.62 -94.07
CA UNK H 174 -51.24 -36.37 -93.95
C UNK H 174 -51.42 -34.88 -93.92
N UNK H 175 -52.43 -34.37 -94.64
CA UNK H 175 -52.84 -32.98 -94.56
C UNK H 175 -54.30 -33.02 -94.24
N UNK H 176 -54.73 -32.28 -93.19
CA UNK H 176 -56.10 -32.34 -92.72
C UNK H 176 -56.68 -30.95 -92.74
N UNK H 177 -57.75 -30.74 -93.52
CA UNK H 177 -58.47 -29.48 -93.65
C UNK H 177 -59.67 -29.50 -92.73
N UNK H 178 -59.81 -28.51 -91.85
CA UNK H 178 -60.87 -28.50 -90.84
C UNK H 178 -61.81 -27.34 -91.11
N UNK H 179 -63.12 -27.65 -91.27
CA UNK H 179 -64.16 -26.67 -91.57
C UNK H 179 -65.35 -26.96 -90.67
N UNK H 180 -66.25 -25.98 -90.46
CA UNK H 180 -67.55 -26.24 -89.85
C UNK H 180 -68.47 -27.02 -90.77
N UNK H 181 -69.51 -27.70 -90.23
CA UNK H 181 -70.50 -28.38 -91.05
C UNK H 181 -71.19 -27.46 -92.06
N UNK H 182 -71.62 -26.26 -91.61
CA UNK H 182 -72.25 -25.25 -92.44
C UNK H 182 -71.38 -24.72 -93.58
N UNK H 183 -70.07 -24.47 -93.34
CA UNK H 183 -69.15 -24.12 -94.40
C UNK H 183 -68.89 -25.28 -95.35
N UNK H 184 -68.79 -26.53 -94.85
CA UNK H 184 -68.66 -27.67 -95.73
C UNK H 184 -69.86 -27.87 -96.67
N UNK H 185 -71.10 -27.71 -96.15
CA UNK H 185 -72.33 -27.84 -96.92
C UNK H 185 -72.56 -26.73 -97.93
N UNK H 186 -71.91 -25.56 -97.73
CA UNK H 186 -71.91 -24.44 -98.65
C UNK H 186 -71.31 -24.76 -100.02
N UNK H 187 -70.25 -25.58 -100.07
CA UNK H 187 -69.44 -25.75 -101.26
C UNK H 187 -69.51 -27.16 -101.81
N UNK H 188 -69.15 -27.35 -103.09
CA UNK H 188 -69.25 -28.65 -103.75
C UNK H 188 -67.91 -29.33 -103.99
N UNK H 189 -66.90 -28.64 -104.59
CA UNK H 189 -65.70 -29.31 -105.05
C UNK H 189 -64.58 -29.16 -104.05
N UNK H 190 -64.08 -30.29 -103.52
CA UNK H 190 -63.02 -30.31 -102.53
C UNK H 190 -61.82 -30.98 -103.15
N UNK H 191 -60.71 -30.23 -103.28
CA UNK H 191 -59.54 -30.67 -103.99
C UNK H 191 -58.27 -30.49 -103.17
N UNK H 192 -57.36 -31.47 -103.24
CA UNK H 192 -56.04 -31.43 -102.67
C UNK H 192 -55.05 -31.52 -103.82
N UNK H 193 -54.17 -30.50 -103.98
CA UNK H 193 -53.17 -30.43 -105.03
C UNK H 193 -51.79 -30.60 -104.42
N UNK H 194 -51.03 -31.59 -104.94
CA UNK H 194 -49.74 -32.00 -104.43
C UNK H 194 -48.66 -31.74 -105.45
N UNK H 195 -47.63 -30.98 -105.03
CA UNK H 195 -46.48 -30.66 -105.86
C UNK H 195 -45.26 -31.28 -105.22
N UNK H 196 -44.52 -32.11 -105.98
CA UNK H 196 -43.41 -32.88 -105.47
C UNK H 196 -42.48 -33.16 -106.63
N UNK H 197 -41.16 -33.34 -106.38
CA UNK H 197 -40.14 -33.56 -107.38
C UNK H 197 -40.31 -34.82 -108.24
N UNK H 198 -40.92 -35.89 -107.67
CA UNK H 198 -41.16 -37.12 -108.41
C UNK H 198 -42.35 -37.08 -109.33
N UNK H 199 -43.16 -36.01 -109.25
CA UNK H 199 -44.32 -35.82 -110.10
C UNK H 199 -43.93 -34.96 -111.30
N UNK H 200 -44.46 -35.26 -112.50
CA UNK H 200 -44.14 -34.49 -113.69
C UNK H 200 -44.87 -33.15 -113.77
N UNK H 201 -45.96 -33.00 -113.01
CA UNK H 201 -46.74 -31.79 -112.88
C UNK H 201 -47.50 -31.94 -111.57
N UNK H 202 -48.14 -30.95 -110.94
CA UNK H 202 -48.88 -31.16 -109.70
C UNK H 202 -50.08 -32.07 -109.86
N UNK H 203 -50.29 -32.98 -108.89
CA UNK H 203 -51.39 -33.94 -108.95
C UNK H 203 -52.50 -33.49 -108.05
N UNK H 204 -53.73 -33.44 -108.59
CA UNK H 204 -54.91 -33.00 -107.87
C UNK H 204 -55.80 -34.18 -107.62
N UNK H 205 -56.19 -34.40 -106.35
CA UNK H 205 -57.20 -35.37 -105.99
C UNK H 205 -58.41 -34.64 -105.48
N UNK H 206 -59.59 -34.96 -106.02
CA UNK H 206 -60.80 -34.24 -105.70
C UNK H 206 -62.01 -35.13 -105.60
N UNK H 207 -63.03 -34.62 -104.91
CA UNK H 207 -64.33 -35.23 -104.79
C UNK H 207 -65.37 -34.13 -104.84
N UNK H 208 -66.62 -34.48 -105.19
CA UNK H 208 -67.74 -33.57 -105.14
C UNK H 208 -68.53 -33.95 -103.92
N UNK H 209 -68.88 -32.99 -103.04
CA UNK H 209 -69.65 -33.28 -101.85
C UNK H 209 -71.06 -33.83 -102.12
N UNK H 210 -71.35 -35.07 -101.62
CA UNK H 210 -72.61 -35.76 -101.81
C UNK H 210 -72.53 -36.92 -102.76
N UNK H 211 -71.71 -36.77 -103.83
CA UNK H 211 -71.47 -37.78 -104.84
C UNK H 211 -70.56 -38.98 -104.40
N UNK I 1 -44.13 31.32 31.07
CA UNK I 1 -44.62 32.13 29.92
C UNK I 1 -43.59 32.06 28.84
N UNK I 2 -43.98 31.54 27.68
CA UNK I 2 -43.10 31.34 26.56
C UNK I 2 -42.94 32.66 25.79
N UNK I 3 -41.70 33.13 25.49
CA UNK I 3 -41.50 34.33 24.69
C UNK I 3 -40.15 34.31 23.99
N UNK I 4 -40.06 35.12 22.90
CA UNK I 4 -38.87 35.32 22.10
C UNK I 4 -38.75 36.81 21.96
N UNK I 5 -37.58 37.39 22.28
CA UNK I 5 -37.37 38.82 22.19
C UNK I 5 -36.17 39.09 21.30
N UNK I 6 -36.38 39.72 20.14
CA UNK I 6 -35.34 40.09 19.22
C UNK I 6 -34.67 41.42 19.53
N UNK I 7 -33.39 41.55 19.18
CA UNK I 7 -32.68 42.81 19.31
C UNK I 7 -31.60 42.88 18.25
N UNK I 8 -30.96 44.07 18.08
CA UNK I 8 -29.86 44.28 17.14
C UNK I 8 -30.26 44.86 15.81
N UNK I 9 -31.56 45.05 15.55
CA UNK I 9 -32.05 45.71 14.34
C UNK I 9 -31.77 47.18 14.31
N UNK I 10 -31.35 47.70 13.15
CA UNK I 10 -31.04 49.11 13.05
C UNK I 10 -30.79 49.51 11.64
N UNK I 11 -30.42 50.80 11.47
CA UNK I 11 -30.02 51.38 10.20
C UNK I 11 -28.59 51.05 9.88
N UNK I 12 -28.35 50.59 8.64
CA UNK I 12 -27.05 50.13 8.26
C UNK I 12 -26.83 50.52 6.79
N UNK I 13 -25.58 50.92 6.40
CA UNK I 13 -25.23 51.30 5.03
C UNK I 13 -25.38 50.10 4.07
N UNK I 14 -25.65 50.23 2.78
CA UNK I 14 -25.41 49.18 1.79
C UNK I 14 -24.01 48.58 1.83
N UNK I 15 -23.89 47.23 1.76
CA UNK I 15 -22.62 46.51 1.83
C UNK I 15 -22.09 46.28 3.23
N UNK I 16 -22.81 46.74 4.26
CA UNK I 16 -22.42 46.57 5.64
C UNK I 16 -22.96 45.29 6.26
N UNK I 17 -22.77 45.21 7.59
CA UNK I 17 -23.03 44.06 8.39
C UNK I 17 -23.77 44.46 9.64
N UNK I 18 -24.59 43.53 10.14
CA UNK I 18 -25.38 43.71 11.34
C UNK I 18 -25.57 42.35 11.97
N UNK I 19 -25.62 42.24 13.32
CA UNK I 19 -25.87 40.97 13.97
C UNK I 19 -27.14 41.08 14.78
N UNK I 20 -28.15 40.24 14.47
CA UNK I 20 -29.37 40.16 15.24
C UNK I 20 -29.21 39.13 16.31
N UNK I 21 -29.92 39.31 17.42
CA UNK I 21 -29.96 38.33 18.48
C UNK I 21 -31.39 38.15 18.91
N UNK I 22 -31.69 37.01 19.53
CA UNK I 22 -32.99 36.70 20.04
C UNK I 22 -32.80 36.00 21.36
N UNK I 23 -33.48 36.50 22.40
CA UNK I 23 -33.48 35.94 23.73
C UNK I 23 -34.71 35.09 23.93
N UNK I 24 -34.54 33.79 24.25
CA UNK I 24 -35.61 32.86 24.46
C UNK I 24 -35.83 32.57 25.93
N UNK I 25 -37.09 32.41 26.34
CA UNK I 25 -37.41 32.09 27.72
C UNK I 25 -38.73 31.38 27.82
N UNK I 26 -38.94 30.66 28.95
CA UNK I 26 -40.18 29.93 29.21
C UNK I 26 -40.28 28.56 28.63
N UNK I 27 -39.20 28.02 28.04
CA UNK I 27 -39.19 26.69 27.47
C UNK I 27 -37.77 26.18 27.43
N UNK I 28 -37.58 24.88 27.14
CA UNK I 28 -36.26 24.29 27.03
C UNK I 28 -35.69 24.54 25.64
N UNK I 29 -34.95 25.65 25.44
CA UNK I 29 -34.51 26.17 24.14
C UNK I 29 -33.76 25.14 23.29
N UNK I 30 -32.86 24.37 23.92
CA UNK I 30 -32.05 23.30 23.34
C UNK I 30 -32.82 22.24 22.60
N UNK I 31 -34.07 21.98 23.01
CA UNK I 31 -34.87 20.91 22.45
C UNK I 31 -35.69 21.36 21.24
N UNK I 32 -35.53 22.61 20.76
CA UNK I 32 -36.31 23.12 19.65
C UNK I 32 -35.45 23.54 18.49
N UNK I 33 -35.92 23.20 17.29
CA UNK I 33 -35.48 23.76 16.04
C UNK I 33 -35.91 25.23 15.92
N UNK I 34 -35.09 26.16 15.35
CA UNK I 34 -35.41 27.59 15.37
C UNK I 34 -35.19 28.23 14.00
N UNK I 35 -35.92 29.32 13.71
CA UNK I 35 -35.86 29.98 12.43
C UNK I 35 -35.76 31.48 12.58
N UNK I 36 -35.36 32.14 11.47
CA UNK I 36 -35.56 33.56 11.29
C UNK I 36 -36.44 33.74 10.07
N UNK I 37 -37.46 34.61 10.16
CA UNK I 37 -38.41 34.88 9.08
C UNK I 37 -38.50 36.38 8.96
N UNK I 38 -38.50 36.95 7.74
CA UNK I 38 -38.53 38.38 7.52
C UNK I 38 -39.76 38.81 6.76
N UNK I 39 -40.13 40.09 6.91
CA UNK I 39 -41.25 40.68 6.19
C UNK I 39 -41.00 42.16 5.94
N UNK I 40 -40.91 42.58 4.66
CA UNK I 40 -40.82 43.97 4.28
C UNK I 40 -42.18 44.68 4.46
N UNK I 41 -42.29 45.97 4.74
CA UNK I 41 -43.58 46.64 4.87
C UNK I 41 -44.55 46.48 3.70
N UNK I 42 -45.77 45.97 3.99
CA UNK I 42 -46.77 45.73 2.97
C UNK I 42 -46.53 44.51 2.10
N UNK I 43 -45.56 43.64 2.46
CA UNK I 43 -45.20 42.46 1.70
C UNK I 43 -45.37 41.20 2.53
N UNK I 44 -45.16 40.04 1.90
CA UNK I 44 -45.37 38.74 2.47
C UNK I 44 -44.24 38.28 3.38
N UNK I 45 -44.46 37.16 4.10
CA UNK I 45 -43.46 36.48 4.90
C UNK I 45 -42.42 35.75 4.06
N UNK I 46 -41.13 35.92 4.41
CA UNK I 46 -40.03 35.27 3.73
C UNK I 46 -39.13 34.55 4.73
N UNK I 47 -38.95 33.22 4.58
CA UNK I 47 -38.01 32.45 5.39
C UNK I 47 -36.57 32.79 5.13
N UNK I 48 -35.82 33.11 6.19
CA UNK I 48 -34.44 33.56 6.07
C UNK I 48 -33.52 32.41 6.29
N UNK I 49 -33.77 31.61 7.35
CA UNK I 49 -32.83 30.59 7.76
C UNK I 49 -33.41 29.70 8.84
N UNK I 50 -32.92 28.45 8.94
CA UNK I 50 -33.29 27.42 9.90
C UNK I 50 -32.05 26.86 10.58
N UNK I 51 -32.16 26.54 11.88
CA UNK I 51 -31.14 25.80 12.62
C UNK I 51 -31.75 24.68 13.44
N UNK I 52 -31.20 23.45 13.30
CA UNK I 52 -31.61 22.27 14.03
C UNK I 52 -31.14 22.30 15.48
N UNK I 53 -31.58 21.31 16.28
CA UNK I 53 -31.09 21.06 17.62
C UNK I 53 -29.59 20.70 17.65
N UNK I 54 -29.08 20.04 16.57
CA UNK I 54 -27.70 19.63 16.44
C UNK I 54 -26.87 20.73 15.79
N UNK I 55 -27.50 21.88 15.46
CA UNK I 55 -26.80 23.03 14.89
C UNK I 55 -26.57 22.95 13.41
N UNK I 56 -26.39 21.75 12.84
CA UNK I 56 -26.08 21.58 11.44
C UNK I 56 -26.95 20.52 10.75
N UNK I 57 -27.01 20.48 9.40
CA UNK I 57 -26.71 21.60 8.51
C UNK I 57 -27.64 22.75 8.77
N UNK I 58 -27.11 23.99 8.75
CA UNK I 58 -27.92 25.19 8.71
C UNK I 58 -28.54 25.29 7.34
N UNK I 59 -29.79 25.77 7.24
CA UNK I 59 -30.51 25.74 6.00
C UNK I 59 -30.82 27.16 5.63
N UNK I 60 -30.59 27.54 4.36
CA UNK I 60 -30.74 28.91 3.93
C UNK I 60 -31.30 28.86 2.53
N UNK I 61 -32.12 29.87 2.22
CA UNK I 61 -32.63 30.18 0.88
C UNK I 61 -31.56 30.88 0.01
N UNK I 62 -31.65 30.81 -1.34
CA UNK I 62 -30.69 31.39 -2.29
C UNK I 62 -30.55 32.90 -2.20
N UNK I 63 -31.62 33.62 -1.80
CA UNK I 63 -31.65 35.08 -1.61
C UNK I 63 -30.63 35.57 -0.57
N UNK I 64 -30.28 34.68 0.36
CA UNK I 64 -29.59 35.01 1.58
C UNK I 64 -28.34 34.15 1.81
N UNK I 65 -28.23 32.96 1.16
CA UNK I 65 -27.10 32.06 1.33
C UNK I 65 -25.73 32.66 1.00
N UNK I 66 -24.72 32.42 1.87
CA UNK I 66 -23.37 32.93 1.68
C UNK I 66 -23.15 34.28 2.30
N UNK I 67 -24.24 34.99 2.64
CA UNK I 67 -24.13 36.27 3.30
C UNK I 67 -24.62 36.25 4.73
N UNK I 68 -25.55 35.33 5.07
CA UNK I 68 -26.16 35.30 6.37
C UNK I 68 -25.81 34.01 7.05
N UNK I 69 -25.56 34.08 8.37
CA UNK I 69 -25.25 32.90 9.16
C UNK I 69 -26.10 32.86 10.42
N UNK I 70 -26.91 31.80 10.59
CA UNK I 70 -27.68 31.51 11.80
C UNK I 70 -26.84 30.72 12.78
N UNK I 71 -26.99 31.00 14.08
CA UNK I 71 -26.25 30.27 15.09
C UNK I 71 -27.04 30.27 16.37
N UNK I 72 -26.74 29.33 17.29
CA UNK I 72 -27.43 29.24 18.54
C UNK I 72 -26.44 29.01 19.65
N UNK I 73 -26.73 29.57 20.83
CA UNK I 73 -25.96 29.38 22.04
C UNK I 73 -26.96 28.94 23.08
N UNK I 74 -27.01 27.62 23.31
CA UNK I 74 -27.98 27.01 24.19
C UNK I 74 -27.80 27.35 25.66
N UNK I 75 -26.56 27.57 26.11
CA UNK I 75 -26.25 27.93 27.50
C UNK I 75 -26.76 29.32 27.84
N UNK I 76 -26.92 30.18 26.81
CA UNK I 76 -27.41 31.51 27.00
C UNK I 76 -28.89 31.63 26.63
N UNK I 77 -29.50 30.55 26.06
CA UNK I 77 -30.84 30.50 25.48
C UNK I 77 -31.02 31.49 24.33
N UNK I 78 -30.00 31.63 23.45
CA UNK I 78 -30.00 32.66 22.43
C UNK I 78 -29.88 32.12 21.03
N UNK I 79 -30.54 32.81 20.10
CA UNK I 79 -30.46 32.57 18.68
C UNK I 79 -29.86 33.82 18.06
N UNK I 80 -29.01 33.69 17.02
CA UNK I 80 -28.37 34.84 16.40
C UNK I 80 -28.52 34.78 14.90
N UNK I 81 -28.47 35.96 14.24
CA UNK I 81 -28.35 36.05 12.80
C UNK I 81 -27.29 37.05 12.44
N UNK I 82 -26.15 36.59 11.89
CA UNK I 82 -25.12 37.46 11.38
C UNK I 82 -25.42 37.74 9.93
N UNK I 83 -25.62 39.01 9.54
CA UNK I 83 -25.96 39.37 8.19
C UNK I 83 -24.85 40.23 7.63
N UNK I 84 -24.27 39.85 6.48
CA UNK I 84 -23.16 40.54 5.84
C UNK I 84 -23.56 40.96 4.44
N UNK I 85 -22.82 41.93 3.84
CA UNK I 85 -23.03 42.43 2.48
C UNK I 85 -24.49 42.82 2.20
N UNK I 86 -25.05 43.61 3.13
CA UNK I 86 -26.46 43.96 3.14
C UNK I 86 -26.90 44.84 1.96
N UNK I 87 -28.15 44.67 1.49
CA UNK I 87 -28.68 45.49 0.41
C UNK I 87 -30.11 45.89 0.72
N UNK I 88 -30.68 46.78 -0.12
CA UNK I 88 -32.02 47.30 0.01
C UNK I 88 -33.12 46.25 0.13
N UNK I 89 -32.95 45.09 -0.56
CA UNK I 89 -33.80 43.93 -0.49
C UNK I 89 -33.78 43.21 0.85
N UNK I 90 -32.80 43.51 1.74
CA UNK I 90 -32.75 42.92 3.06
C UNK I 90 -33.46 43.79 4.09
N UNK I 91 -33.93 45.01 3.74
CA UNK I 91 -34.74 45.87 4.61
C UNK I 91 -36.10 45.26 4.96
N UNK I 92 -36.33 44.94 6.25
CA UNK I 92 -37.51 44.22 6.67
C UNK I 92 -37.62 44.21 8.18
N UNK I 93 -38.78 43.81 8.74
CA UNK I 93 -38.86 43.36 10.12
C UNK I 93 -38.45 41.91 10.16
N UNK I 94 -37.54 41.53 11.08
CA UNK I 94 -37.01 40.18 11.18
C UNK I 94 -37.51 39.57 12.46
N UNK I 95 -38.15 38.39 12.37
CA UNK I 95 -38.78 37.69 13.45
C UNK I 95 -37.97 36.48 13.81
N UNK I 96 -37.79 36.24 15.12
CA UNK I 96 -37.25 35.03 15.69
C UNK I 96 -38.39 34.07 15.87
N UNK I 97 -38.25 32.84 15.36
CA UNK I 97 -39.35 31.92 15.33
C UNK I 97 -38.93 30.60 15.88
N UNK I 98 -39.75 30.05 16.78
CA UNK I 98 -39.56 28.71 17.26
C UNK I 98 -40.20 27.80 16.27
N UNK I 99 -39.51 26.68 15.99
CA UNK I 99 -40.09 25.59 15.27
C UNK I 99 -40.40 24.57 16.33
N UNK I 100 -41.62 24.19 16.42
CA UNK I 100 -42.11 23.20 17.37
C UNK I 100 -42.40 21.88 16.65
N UNK I 101 -42.63 20.72 17.33
CA UNK I 101 -42.74 19.41 16.65
C UNK I 101 -43.73 18.51 17.42
N UNK I 102 -44.33 17.47 16.79
CA UNK I 102 -45.29 16.58 17.44
C UNK I 102 -45.59 15.40 16.54
N UNK I 103 -46.43 14.42 16.99
CA UNK I 103 -46.86 13.23 16.24
C UNK I 103 -47.85 13.59 15.13
N UNK I 104 -48.33 14.83 15.26
CA UNK I 104 -49.20 15.51 14.38
C UNK I 104 -48.40 16.43 13.41
N UNK I 105 -47.50 17.33 13.75
CA UNK I 105 -46.75 18.02 12.71
C UNK I 105 -45.30 17.90 12.95
N UNK I 106 -44.51 17.53 11.94
CA UNK I 106 -43.12 17.37 12.24
C UNK I 106 -42.44 18.72 12.49
N UNK I 107 -43.07 19.78 11.95
CA UNK I 107 -42.59 21.11 12.12
C UNK I 107 -43.80 22.03 12.13
N UNK I 108 -43.75 23.12 12.89
CA UNK I 108 -44.82 24.11 12.90
C UNK I 108 -44.12 25.48 13.05
N UNK I 109 -44.84 26.64 13.06
CA UNK I 109 -44.31 27.87 13.60
C UNK I 109 -45.24 28.27 14.77
N UNK I 110 -44.95 28.09 16.10
CA UNK I 110 -45.93 28.37 17.18
C UNK I 110 -45.65 29.71 17.80
N UNK I 111 -44.37 30.01 17.92
CA UNK I 111 -43.94 31.12 18.68
C UNK I 111 -43.07 31.96 17.84
N UNK I 112 -43.47 33.22 17.76
CA UNK I 112 -42.80 34.24 17.02
C UNK I 112 -42.56 35.35 18.00
N UNK I 113 -41.40 36.00 17.90
CA UNK I 113 -41.16 37.23 18.64
C UNK I 113 -41.90 38.43 18.09
N UNK I 114 -41.67 39.60 18.69
CA UNK I 114 -42.29 40.83 18.24
C UNK I 114 -41.65 41.41 17.00
N UNK I 115 -40.38 41.03 16.72
CA UNK I 115 -39.66 41.44 15.55
C UNK I 115 -38.73 42.58 15.78
N UNK I 116 -37.67 42.64 14.95
CA UNK I 116 -36.71 43.72 15.00
C UNK I 116 -36.47 44.29 13.63
N UNK I 117 -36.48 45.64 13.49
CA UNK I 117 -36.46 46.30 12.19
C UNK I 117 -35.05 46.53 11.68
N UNK I 118 -34.76 46.07 10.45
CA UNK I 118 -33.48 46.28 9.80
C UNK I 118 -33.72 47.15 8.60
N UNK I 119 -32.90 48.22 8.46
CA UNK I 119 -33.03 49.17 7.36
C UNK I 119 -31.70 49.35 6.69
N UNK I 120 -31.59 48.97 5.40
CA UNK I 120 -30.35 49.09 4.66
C UNK I 120 -30.45 50.28 3.71
N UNK I 121 -29.73 51.38 4.04
CA UNK I 121 -29.83 52.63 3.30
C UNK I 121 -28.64 53.48 3.63
N UNK I 122 -28.27 54.42 2.73
CA UNK I 122 -27.19 55.36 2.94
C UNK I 122 -27.71 56.67 3.47
N UNK I 123 -29.05 56.78 3.62
CA UNK I 123 -29.70 57.90 4.26
C UNK I 123 -29.37 58.06 5.72
N UNK I 124 -29.31 59.32 6.19
CA UNK I 124 -28.97 59.64 7.56
C UNK I 124 -30.10 59.37 8.51
N UNK I 125 -29.75 58.98 9.76
CA UNK I 125 -30.67 59.03 10.89
C UNK I 125 -31.14 60.44 11.16
N UNK I 126 -32.46 60.67 11.21
CA UNK I 126 -33.00 62.00 11.38
C UNK I 126 -34.16 61.95 12.34
N UNK I 127 -34.15 62.82 13.38
CA UNK I 127 -35.26 62.94 14.31
C UNK I 127 -36.43 63.73 13.78
N UNK I 128 -37.67 63.46 14.21
CA UNK I 128 -38.84 64.15 13.70
C UNK I 128 -39.05 65.47 14.38
N UNK I 129 -39.82 66.31 13.70
CA UNK I 129 -40.39 67.52 14.25
C UNK I 129 -41.83 67.22 14.59
N UNK I 130 -42.30 67.62 15.80
CA UNK I 130 -43.63 67.26 16.28
C UNK I 130 -44.49 68.52 16.40
N UNK I 131 -45.55 68.63 15.59
CA UNK I 131 -46.38 69.82 15.48
C UNK I 131 -47.80 69.50 15.92
N UNK I 132 -48.55 70.36 16.62
CA UNK I 132 -49.92 70.08 17.00
C UNK I 132 -50.92 70.20 15.86
N UNK I 133 -51.94 69.33 15.88
CA UNK I 133 -53.14 69.45 15.08
C UNK I 133 -54.20 69.97 16.04
N UNK I 134 -54.24 71.31 16.22
CA UNK I 134 -55.06 71.96 17.22
C UNK I 134 -56.56 71.74 17.02
N UNK I 135 -57.38 71.45 18.04
CA UNK I 135 -58.82 71.31 17.89
C UNK I 135 -59.49 72.58 17.44
N UNK I 136 -60.42 72.46 16.47
CA UNK I 136 -61.18 73.57 15.93
C UNK I 136 -61.99 74.35 16.97
N UNK I 137 -62.12 75.68 16.79
CA UNK I 137 -62.90 76.52 17.68
C UNK I 137 -64.41 76.35 17.48
N UNK I 138 -64.79 75.79 16.31
CA UNK I 138 -66.16 75.55 15.92
C UNK I 138 -66.67 74.20 16.39
N UNK I 139 -65.94 73.54 17.32
CA UNK I 139 -66.31 72.26 17.91
C UNK I 139 -67.66 72.24 18.59
N UNK I 140 -68.58 71.39 18.07
CA UNK I 140 -69.97 71.33 18.47
C UNK I 140 -70.19 71.02 19.93
N UNK I 141 -71.00 71.84 20.64
CA UNK I 141 -71.30 71.64 22.06
C UNK I 141 -72.00 70.32 22.36
N UNK I 142 -71.44 69.49 23.27
CA UNK I 142 -71.96 68.15 23.54
C UNK I 142 -71.59 67.13 22.49
N UNK I 143 -70.79 67.56 21.49
CA UNK I 143 -70.35 66.73 20.39
C UNK I 143 -68.93 66.31 20.57
N UNK I 144 -68.33 65.87 19.45
CA UNK I 144 -67.05 65.20 19.46
C UNK I 144 -66.05 66.05 18.69
N UNK I 145 -64.87 66.31 19.29
CA UNK I 145 -63.83 67.18 18.77
C UNK I 145 -62.61 66.34 18.48
N UNK I 146 -61.85 66.66 17.41
CA UNK I 146 -60.67 65.92 17.03
C UNK I 146 -59.43 66.77 17.21
N UNK I 147 -58.34 66.15 17.68
CA UNK I 147 -57.06 66.79 17.81
C UNK I 147 -55.97 65.78 17.58
N UNK I 148 -54.71 66.22 17.44
CA UNK I 148 -53.66 65.27 17.17
C UNK I 148 -52.29 65.89 17.13
N UNK I 149 -51.31 65.10 16.65
CA UNK I 149 -49.92 65.51 16.48
C UNK I 149 -49.43 65.01 15.15
N UNK I 150 -48.74 65.89 14.39
CA UNK I 150 -48.07 65.57 13.15
C UNK I 150 -46.60 65.34 13.47
N UNK I 151 -46.07 64.16 13.12
CA UNK I 151 -44.71 63.74 13.36
C UNK I 151 -44.05 63.71 11.99
N UNK I 152 -43.23 64.73 11.68
CA UNK I 152 -42.76 64.97 10.32
C UNK I 152 -41.25 64.89 10.19
N UNK I 153 -40.80 64.32 9.06
CA UNK I 153 -39.44 64.34 8.56
C UNK I 153 -38.44 63.52 9.39
N UNK I 154 -38.67 62.19 9.51
CA UNK I 154 -37.80 61.31 10.27
C UNK I 154 -37.32 60.12 9.46
N UNK I 155 -36.17 59.55 9.85
CA UNK I 155 -35.69 58.34 9.24
C UNK I 155 -34.80 57.64 10.25
N UNK I 156 -34.70 56.31 10.32
CA UNK I 156 -35.61 55.34 9.72
C UNK I 156 -36.86 55.16 10.57
N UNK I 157 -37.76 54.22 10.21
CA UNK I 157 -38.82 53.74 11.07
C UNK I 157 -38.26 53.01 12.32
N UNK I 158 -38.94 52.89 13.47
CA UNK I 158 -40.31 53.28 13.70
C UNK I 158 -40.40 54.41 14.70
N UNK I 159 -41.55 55.11 14.74
CA UNK I 159 -41.89 56.02 15.82
C UNK I 159 -43.06 55.45 16.56
N UNK I 160 -43.12 55.70 17.88
CA UNK I 160 -44.29 55.34 18.68
C UNK I 160 -44.92 56.61 19.17
N UNK I 161 -46.26 56.64 19.26
CA UNK I 161 -46.99 57.78 19.77
C UNK I 161 -47.97 57.26 20.80
N UNK I 162 -47.98 57.84 22.01
CA UNK I 162 -48.97 57.55 23.02
C UNK I 162 -49.64 58.86 23.39
N UNK I 163 -50.78 58.83 24.11
CA UNK I 163 -51.45 60.06 24.51
C UNK I 163 -51.63 60.06 26.01
N UNK I 164 -51.24 61.18 26.64
CA UNK I 164 -51.28 61.41 28.07
C UNK I 164 -50.56 60.32 28.87
N UNK I 165 -49.38 59.90 28.38
CA UNK I 165 -48.53 58.87 28.97
C UNK I 165 -49.19 57.51 29.05
N UNK I 166 -49.98 57.15 28.00
CA UNK I 166 -50.70 55.90 27.90
C UNK I 166 -52.04 55.85 28.58
N UNK I 167 -52.45 56.94 29.25
CA UNK I 167 -53.76 57.04 29.88
C UNK I 167 -54.91 57.20 28.89
N UNK I 168 -54.68 57.92 27.78
CA UNK I 168 -55.68 58.12 26.76
C UNK I 168 -55.39 57.17 25.61
N UNK I 169 -56.25 56.14 25.45
CA UNK I 169 -56.11 55.14 24.40
C UNK I 169 -57.37 55.03 23.57
N UNK I 170 -58.52 55.44 24.11
CA UNK I 170 -59.81 55.34 23.44
C UNK I 170 -60.00 56.44 22.42
N UNK I 171 -60.43 56.09 21.19
CA UNK I 171 -60.64 57.05 20.10
C UNK I 171 -59.38 57.49 19.41
N UNK I 172 -58.24 56.86 19.73
CA UNK I 172 -56.93 57.17 19.20
C UNK I 172 -56.70 56.44 17.89
N UNK I 173 -56.26 57.17 16.84
CA UNK I 173 -55.85 56.59 15.58
C UNK I 173 -54.48 57.08 15.21
N UNK I 174 -53.47 56.20 15.29
CA UNK I 174 -52.09 56.51 14.89
C UNK I 174 -51.92 55.92 13.53
N UNK I 175 -51.82 56.78 12.49
CA UNK I 175 -51.80 56.36 11.10
C UNK I 175 -50.48 55.69 10.73
N UNK I 176 -50.37 54.65 9.89
CA UNK I 176 -49.09 54.21 9.35
C UNK I 176 -48.26 55.31 8.74
N UNK I 177 -46.93 55.23 8.88
CA UNK I 177 -46.02 56.16 8.26
C UNK I 177 -46.08 56.13 6.75
N UNK I 178 -45.98 57.31 6.11
CA UNK I 178 -45.95 57.40 4.67
C UNK I 178 -44.61 57.97 4.31
N UNK I 179 -43.97 57.35 3.31
CA UNK I 179 -42.70 57.80 2.78
C UNK I 179 -42.93 59.00 1.89
N UNK I 180 -42.35 60.16 2.23
CA UNK I 180 -42.49 61.37 1.43
C UNK I 180 -41.52 61.30 0.27
N UNK I 181 -41.69 62.18 -0.74
CA UNK I 181 -40.84 62.26 -1.92
C UNK I 181 -39.36 62.51 -1.63
N UNK I 182 -39.07 63.17 -0.50
CA UNK I 182 -37.74 63.41 0.03
C UNK I 182 -37.06 62.18 0.61
N UNK I 183 -37.79 61.06 0.84
CA UNK I 183 -37.25 59.85 1.46
C UNK I 183 -37.38 59.81 2.95
N UNK I 184 -37.98 60.85 3.53
CA UNK I 184 -38.23 60.96 4.95
C UNK I 184 -39.65 60.53 5.26
N UNK I 185 -39.88 59.90 6.43
CA UNK I 185 -41.20 59.48 6.85
C UNK I 185 -41.98 60.61 7.50
N UNK I 186 -43.32 60.52 7.42
CA UNK I 186 -44.22 61.45 8.08
C UNK I 186 -45.44 60.69 8.52
N UNK I 187 -46.04 61.12 9.64
CA UNK I 187 -47.08 60.35 10.28
C UNK I 187 -47.91 61.29 11.11
N UNK I 188 -49.22 61.00 11.27
CA UNK I 188 -50.08 61.76 12.17
C UNK I 188 -50.68 60.80 13.15
N UNK I 189 -50.88 61.26 14.40
CA UNK I 189 -51.62 60.54 15.41
C UNK I 189 -52.76 61.42 15.81
N UNK I 190 -54.01 60.93 15.78
CA UNK I 190 -55.18 61.72 16.11
C UNK I 190 -55.96 61.04 17.19
N UNK I 191 -56.81 61.82 17.89
CA UNK I 191 -57.71 61.30 18.87
C UNK I 191 -58.96 62.15 18.84
N UNK I 192 -60.14 61.54 19.00
CA UNK I 192 -61.40 62.25 19.13
C UNK I 192 -61.91 62.20 20.57
N UNK I 193 -62.25 63.37 21.16
CA UNK I 193 -62.61 63.50 22.57
C UNK I 193 -63.88 64.33 22.67
N UNK I 194 -64.64 64.43 23.76
CA UNK I 194 -65.81 65.32 23.80
C UNK I 194 -65.40 66.78 23.76
N UNK I 195 -66.17 67.65 23.08
CA UNK I 195 -65.86 69.07 22.97
C UNK I 195 -65.82 69.82 24.29
N UNK I 196 -66.55 69.31 25.30
CA UNK I 196 -66.57 69.83 26.66
C UNK I 196 -65.21 69.78 27.36
N UNK I 197 -64.45 68.70 27.11
CA UNK I 197 -63.17 68.45 27.76
C UNK I 197 -62.03 69.29 27.20
N UNK I 198 -62.22 69.99 26.06
CA UNK I 198 -61.19 70.81 25.45
C UNK I 198 -60.65 71.93 26.30
N UNK I 199 -61.49 72.56 27.14
CA UNK I 199 -61.02 73.55 28.09
C UNK I 199 -60.40 72.97 29.35
N UNK I 200 -60.99 71.91 29.90
CA UNK I 200 -60.56 71.33 31.17
C UNK I 200 -59.44 70.31 31.08
N UNK I 201 -59.53 69.34 30.15
CA UNK I 201 -58.58 68.24 30.04
C UNK I 201 -57.37 68.62 29.20
N UNK I 202 -56.18 68.30 29.72
CA UNK I 202 -54.91 68.58 29.05
C UNK I 202 -54.55 67.40 28.16
N UNK I 203 -54.19 67.66 26.87
CA UNK I 203 -53.85 66.63 25.91
C UNK I 203 -52.40 66.76 25.47
N UNK I 204 -51.59 65.71 25.70
CA UNK I 204 -50.18 65.66 25.37
C UNK I 204 -49.92 64.40 24.58
N UNK I 205 -49.27 64.53 23.40
CA UNK I 205 -48.82 63.37 22.63
C UNK I 205 -47.39 63.06 22.99
N UNK I 206 -47.10 61.80 23.32
CA UNK I 206 -45.77 61.38 23.73
C UNK I 206 -45.17 60.62 22.56
N UNK I 207 -44.24 61.28 21.84
CA UNK I 207 -43.65 60.77 20.61
C UNK I 207 -42.28 60.24 20.94
N UNK I 208 -41.96 59.00 20.53
CA UNK I 208 -40.64 58.45 20.72
C UNK I 208 -40.11 57.88 19.43
N UNK I 209 -39.01 58.46 18.92
CA UNK I 209 -38.26 57.96 17.80
C UNK I 209 -36.95 57.44 18.36
N UNK I 210 -36.96 56.17 18.81
CA UNK I 210 -35.76 55.52 19.34
C UNK I 210 -34.56 55.47 18.40
N UNK I 211 -34.62 55.24 17.09
CA UNK I 211 -33.45 55.27 16.23
C UNK I 211 -32.64 56.56 16.22
N UNK I 212 -33.24 57.74 16.53
CA UNK I 212 -32.50 58.99 16.58
C UNK I 212 -32.31 59.53 17.98
N UNK I 213 -32.82 58.81 19.01
CA UNK I 213 -32.82 59.24 20.40
C UNK I 213 -33.70 60.47 20.64
N UNK I 214 -34.87 60.54 19.97
CA UNK I 214 -35.72 61.72 20.05
C UNK I 214 -37.00 61.36 20.74
N UNK I 215 -37.15 61.88 21.98
CA UNK I 215 -38.32 61.73 22.80
C UNK I 215 -38.92 63.11 22.97
N UNK I 216 -40.19 63.32 22.56
CA UNK I 216 -40.80 64.64 22.56
C UNK I 216 -42.20 64.50 23.09
N UNK I 217 -42.57 65.36 24.06
CA UNK I 217 -43.91 65.43 24.58
C UNK I 217 -44.50 66.75 24.10
N UNK I 218 -45.57 66.71 23.28
CA UNK I 218 -46.12 67.93 22.73
C UNK I 218 -47.54 68.14 23.21
N UNK I 219 -47.80 69.28 23.87
CA UNK I 219 -49.13 69.68 24.30
C UNK I 219 -49.95 70.19 23.14
N UNK I 220 -51.21 69.74 23.04
CA UNK I 220 -52.12 70.13 21.97
C UNK I 220 -53.30 70.81 22.63
N UNK I 221 -53.50 72.11 22.33
CA UNK I 221 -54.52 72.94 22.94
C UNK I 221 -55.21 73.70 21.80
N UNK I 222 -56.39 74.31 22.00
CA UNK I 222 -57.02 75.20 21.03
C UNK I 222 -56.34 76.55 20.85
N UNK J 1 -40.49 24.61 -3.70
CA UNK J 1 -41.98 24.49 -3.80
C UNK J 1 -42.55 25.87 -3.73
N UNK J 2 -43.39 26.22 -4.70
CA UNK J 2 -44.05 27.50 -4.80
C UNK J 2 -45.44 27.25 -4.28
N UNK J 3 -45.97 28.16 -3.43
CA UNK J 3 -47.30 28.05 -2.89
C UNK J 3 -48.09 29.24 -3.37
N UNK J 4 -49.25 28.98 -3.99
CA UNK J 4 -50.07 30.03 -4.60
C UNK J 4 -51.39 30.06 -3.89
N UNK J 5 -51.74 31.20 -3.28
CA UNK J 5 -52.98 31.35 -2.56
C UNK J 5 -54.06 31.97 -3.41
N UNK J 6 -55.33 31.63 -3.12
CA UNK J 6 -56.46 32.24 -3.80
C UNK J 6 -57.67 32.36 -2.87
N UNK J 7 -58.47 33.43 -2.99
CA UNK J 7 -58.15 34.69 -3.67
C UNK J 7 -57.05 35.46 -2.96
N UNK J 8 -56.50 36.53 -3.58
CA UNK J 8 -55.50 37.41 -2.97
C UNK J 8 -56.13 38.33 -1.94
N UNK J 9 -57.42 38.62 -2.10
CA UNK J 9 -58.14 39.49 -1.18
C UNK J 9 -59.58 39.04 -1.21
N UNK J 10 -60.32 39.21 -0.09
CA UNK J 10 -61.76 39.02 -0.13
C UNK J 10 -62.41 39.75 1.02
N UNK J 11 -63.73 39.99 0.88
CA UNK J 11 -64.52 40.78 1.83
C UNK J 11 -65.79 40.02 2.15
N UNK J 12 -66.03 39.71 3.45
CA UNK J 12 -67.13 38.84 3.86
C UNK J 12 -67.72 39.25 5.19
N UNK J 13 -69.03 39.00 5.38
CA UNK J 13 -69.80 39.56 6.49
C UNK J 13 -69.61 38.75 7.76
N UNK J 14 -70.01 39.31 8.93
CA UNK J 14 -70.06 38.51 10.15
C UNK J 14 -71.09 37.40 10.08
N UNK J 15 -70.70 36.14 10.40
CA UNK J 15 -71.54 34.95 10.25
C UNK J 15 -71.34 34.18 8.98
N UNK J 16 -70.64 34.76 7.98
CA UNK J 16 -70.31 34.12 6.72
C UNK J 16 -69.30 32.99 6.87
N UNK J 17 -69.37 32.01 5.95
CA UNK J 17 -68.38 30.96 5.80
C UNK J 17 -67.39 31.34 4.72
N UNK J 18 -66.10 31.39 5.07
CA UNK J 18 -65.04 31.84 4.19
C UNK J 18 -64.09 30.71 3.93
N UNK J 19 -63.64 30.56 2.67
CA UNK J 19 -62.77 29.48 2.21
C UNK J 19 -61.59 30.09 1.48
N UNK J 20 -60.34 29.76 1.90
CA UNK J 20 -59.10 30.28 1.33
C UNK J 20 -58.26 29.12 0.86
N UNK J 21 -57.84 29.15 -0.42
CA UNK J 21 -57.20 28.03 -1.09
C UNK J 21 -55.73 28.27 -1.15
N UNK J 22 -54.94 27.19 -1.06
CA UNK J 22 -53.51 27.24 -1.18
C UNK J 22 -53.04 26.08 -2.04
N UNK J 23 -52.35 26.36 -3.17
CA UNK J 23 -51.96 25.36 -4.14
C UNK J 23 -50.46 25.24 -4.20
N UNK J 24 -49.93 24.02 -4.03
CA UNK J 24 -48.52 23.71 -4.09
C UNK J 24 -48.08 23.33 -5.50
N UNK J 25 -46.86 23.74 -5.89
CA UNK J 25 -46.29 23.41 -7.20
C UNK J 25 -45.85 21.97 -7.37
N UNK J 26 -45.63 21.28 -6.24
CA UNK J 26 -45.28 19.89 -6.18
C UNK J 26 -46.12 19.31 -5.07
N UNK J 27 -46.26 17.97 -5.04
CA UNK J 27 -46.89 17.24 -3.94
C UNK J 27 -46.13 17.41 -2.63
N UNK J 28 -46.84 17.80 -1.55
CA UNK J 28 -46.23 18.03 -0.24
C UNK J 28 -46.89 17.22 0.85
N UNK J 29 -47.68 16.19 0.48
CA UNK J 29 -48.43 15.36 1.42
C UNK J 29 -49.42 16.13 2.27
N UNK J 30 -49.25 16.17 3.61
CA UNK J 30 -50.05 17.02 4.48
C UNK J 30 -49.17 18.02 5.19
N UNK J 31 -47.93 18.27 4.71
CA UNK J 31 -46.98 19.12 5.37
C UNK J 31 -47.19 20.60 5.15
N UNK J 32 -48.40 21.09 5.49
CA UNK J 32 -48.79 22.46 5.32
C UNK J 32 -49.35 23.03 6.60
N UNK J 33 -48.94 24.25 6.95
CA UNK J 33 -49.46 24.98 8.08
C UNK J 33 -50.11 26.27 7.62
N UNK J 34 -51.08 26.77 8.41
CA UNK J 34 -51.81 28.01 8.16
C UNK J 34 -51.63 28.98 9.31
N UNK J 35 -51.46 30.28 8.98
CA UNK J 35 -51.16 31.36 9.91
C UNK J 35 -52.13 32.49 9.73
N UNK J 36 -52.37 33.23 10.83
CA UNK J 36 -53.13 34.46 10.82
C UNK J 36 -52.23 35.60 11.26
N UNK J 37 -52.13 36.69 10.48
CA UNK J 37 -51.39 37.88 10.85
C UNK J 37 -52.36 39.03 10.99
N UNK J 38 -52.45 39.60 12.20
CA UNK J 38 -53.16 40.81 12.51
C UNK J 38 -52.21 42.00 12.40
N UNK J 39 -52.65 43.19 12.02
CA UNK J 39 -51.76 44.32 11.79
C UNK J 39 -50.88 44.74 12.94
N UNK J 40 -49.57 44.93 12.67
CA UNK J 40 -48.59 45.30 13.69
C UNK J 40 -48.15 44.15 14.57
N UNK J 41 -48.58 42.91 14.27
CA UNK J 41 -48.33 41.75 15.09
C UNK J 41 -47.63 40.66 14.30
N UNK J 42 -46.86 39.78 14.92
CA UNK J 42 -46.35 38.60 14.23
C UNK J 42 -47.46 37.63 13.84
N UNK J 43 -47.33 36.77 12.84
CA UNK J 43 -48.28 35.71 12.58
C UNK J 43 -48.50 34.74 13.73
N UNK J 44 -49.71 34.17 13.79
CA UNK J 44 -50.11 33.21 14.78
C UNK J 44 -50.50 31.93 14.07
N UNK J 45 -49.98 30.76 14.51
CA UNK J 45 -50.39 29.49 13.96
C UNK J 45 -51.82 29.13 14.25
N UNK J 46 -52.53 28.69 13.20
CA UNK J 46 -53.89 28.24 13.33
C UNK J 46 -53.98 26.74 13.17
N UNK J 47 -53.34 26.20 12.12
CA UNK J 47 -53.52 24.83 11.71
C UNK J 47 -52.18 24.35 11.25
N UNK J 48 -51.85 23.09 11.60
CA UNK J 48 -50.64 22.43 11.22
C UNK J 48 -51.04 21.06 10.66
N UNK J 49 -50.16 20.35 9.90
CA UNK J 49 -50.49 19.06 9.26
C UNK J 49 -51.71 19.14 8.35
N UNK J 50 -51.90 20.30 7.68
CA UNK J 50 -53.03 20.57 6.83
C UNK J 50 -54.42 20.65 7.49
N UNK J 51 -54.67 19.95 8.62
CA UNK J 51 -56.00 19.83 9.21
C UNK J 51 -56.04 19.82 10.73
N UNK J 52 -54.90 19.77 11.41
CA UNK J 52 -54.92 19.69 12.86
C UNK J 52 -54.93 21.06 13.49
N UNK J 53 -55.92 21.32 14.36
CA UNK J 53 -56.14 22.58 15.03
C UNK J 53 -55.11 22.85 16.11
N UNK J 54 -54.36 23.97 16.01
CA UNK J 54 -53.44 24.43 17.04
C UNK J 54 -54.11 24.79 18.34
N UNK J 55 -53.44 24.51 19.48
CA UNK J 55 -53.93 24.87 20.80
C UNK J 55 -54.21 26.35 20.98
N UNK J 56 -55.37 26.68 21.59
CA UNK J 56 -55.83 28.05 21.77
C UNK J 56 -56.49 28.68 20.57
N UNK J 57 -56.63 27.94 19.44
CA UNK J 57 -57.28 28.46 18.26
C UNK J 57 -58.76 28.10 18.31
N UNK J 58 -59.73 28.99 18.12
CA UNK J 58 -61.14 28.64 18.10
C UNK J 58 -61.53 27.66 17.00
N UNK J 59 -62.57 26.84 17.21
CA UNK J 59 -62.98 25.76 16.33
C UNK J 59 -63.59 26.21 15.01
N UNK J 60 -63.85 27.52 14.85
CA UNK J 60 -64.33 28.07 13.60
C UNK J 60 -63.30 28.05 12.48
N UNK J 61 -62.00 27.95 12.83
CA UNK J 61 -60.91 27.78 11.90
C UNK J 61 -60.66 26.30 11.66
N UNK J 62 -60.65 25.85 10.39
CA UNK J 62 -60.36 24.46 10.08
C UNK J 62 -59.56 24.35 8.80
N UNK J 63 -58.78 23.26 8.66
CA UNK J 63 -57.99 23.02 7.46
C UNK J 63 -58.35 21.71 6.83
N UNK J 64 -58.11 21.61 5.52
CA UNK J 64 -58.37 20.39 4.76
C UNK J 64 -57.45 20.31 3.56
N UNK J 65 -57.34 19.12 2.96
CA UNK J 65 -56.54 18.89 1.75
C UNK J 65 -55.30 18.08 1.96
N UNK J 66 -54.72 17.63 0.85
CA UNK J 66 -53.52 16.82 0.82
C UNK J 66 -52.94 16.92 -0.57
N UNK J 67 -51.67 16.51 -0.76
CA UNK J 67 -51.04 16.52 -2.07
C UNK J 67 -50.63 17.90 -2.50
N UNK J 68 -51.44 18.55 -3.35
CA UNK J 68 -51.15 19.87 -3.89
C UNK J 68 -52.25 20.89 -3.65
N UNK J 69 -53.45 20.50 -3.16
CA UNK J 69 -54.56 21.42 -3.00
C UNK J 69 -55.00 21.42 -1.55
N UNK J 70 -54.99 22.62 -0.91
CA UNK J 70 -55.23 22.77 0.51
C UNK J 70 -56.13 23.94 0.74
N UNK J 71 -56.95 23.86 1.81
CA UNK J 71 -58.03 24.80 2.05
C UNK J 71 -58.06 25.18 3.52
N UNK J 72 -58.21 26.49 3.81
CA UNK J 72 -58.47 27.04 5.12
C UNK J 72 -59.89 27.54 5.13
N UNK J 73 -60.70 27.12 6.12
CA UNK J 73 -62.11 27.49 6.20
C UNK J 73 -62.36 28.18 7.51
N UNK J 74 -63.02 29.36 7.47
CA UNK J 74 -63.47 30.06 8.65
C UNK J 74 -64.97 29.98 8.62
N UNK J 75 -65.56 29.13 9.50
CA UNK J 75 -66.95 28.72 9.45
C UNK J 75 -68.02 29.77 9.69
N UNK J 76 -67.77 30.69 10.63
CA UNK J 76 -68.69 31.74 10.97
C UNK J 76 -67.84 32.93 11.38
N UNK J 77 -67.63 33.88 10.44
CA UNK J 77 -66.78 35.04 10.65
C UNK J 77 -67.16 35.95 11.80
N UNK J 78 -66.14 36.43 12.54
CA UNK J 78 -66.25 37.36 13.63
C UNK J 78 -65.52 38.65 13.24
N UNK J 79 -65.75 39.82 13.85
CA UNK J 79 -65.11 41.07 13.47
C UNK J 79 -63.60 41.06 13.63
N UNK J 80 -63.09 40.26 14.58
CA UNK J 80 -61.68 40.19 14.87
C UNK J 80 -60.94 39.25 13.91
N UNK J 81 -61.64 38.59 12.97
CA UNK J 81 -61.05 37.64 12.05
C UNK J 81 -60.49 38.35 10.82
N UNK J 82 -60.59 39.71 10.73
CA UNK J 82 -59.87 40.48 9.73
C UNK J 82 -58.35 40.31 9.91
N UNK J 83 -57.63 39.95 8.84
CA UNK J 83 -56.23 39.64 8.96
C UNK J 83 -55.72 39.28 7.59
N UNK J 84 -54.40 39.04 7.51
CA UNK J 84 -53.78 38.47 6.32
C UNK J 84 -53.40 37.04 6.67
N UNK J 85 -53.93 36.06 5.90
CA UNK J 85 -53.79 34.65 6.20
C UNK J 85 -52.77 34.03 5.26
N UNK J 86 -51.84 33.21 5.81
CA UNK J 86 -50.72 32.66 5.06
C UNK J 86 -50.71 31.17 5.20
N UNK J 87 -50.39 30.45 4.12
CA UNK J 87 -50.05 29.04 4.18
C UNK J 87 -48.54 28.87 4.00
N UNK J 88 -47.98 27.75 4.52
CA UNK J 88 -46.56 27.52 4.50
C UNK J 88 -46.29 26.04 4.53
N UNK J 89 -45.23 25.55 3.87
CA UNK J 89 -44.97 24.12 3.80
C UNK J 89 -43.67 23.73 4.47
N UNK J 90 -43.65 22.48 4.98
CA UNK J 90 -42.55 21.86 5.70
C UNK J 90 -42.08 20.56 5.03
N UNK J 91 -42.43 20.37 3.74
CA UNK J 91 -42.00 19.23 2.96
C UNK J 91 -40.51 19.30 2.64
N UNK J 92 -40.05 20.50 2.19
CA UNK J 92 -38.64 20.80 1.95
C UNK J 92 -38.16 21.58 3.14
N UNK J 93 -37.11 22.39 2.95
CA UNK J 93 -36.61 23.30 3.94
C UNK J 93 -37.00 24.76 3.66
N UNK J 94 -38.09 25.12 2.88
CA UNK J 94 -38.42 26.56 2.64
C UNK J 94 -39.78 26.89 2.00
N UNK J 95 -40.63 27.89 2.43
CA UNK J 95 -41.86 28.11 1.63
C UNK J 95 -43.03 28.85 2.28
N UNK J 96 -43.57 29.98 1.73
CA UNK J 96 -44.84 30.53 2.20
C UNK J 96 -45.63 30.91 0.97
N UNK J 97 -46.97 30.90 1.06
CA UNK J 97 -47.83 31.56 0.07
C UNK J 97 -47.77 33.07 0.12
N UNK J 98 -48.34 33.76 -0.90
CA UNK J 98 -48.25 35.22 -0.96
C UNK J 98 -49.16 35.94 0.03
N UNK J 99 -50.15 35.24 0.61
CA UNK J 99 -51.06 35.79 1.58
C UNK J 99 -52.41 36.11 1.00
N UNK J 100 -53.41 36.09 1.89
CA UNK J 100 -54.78 36.39 1.51
C UNK J 100 -55.31 37.39 2.51
N UNK J 101 -55.62 38.63 2.07
CA UNK J 101 -56.13 39.68 2.94
C UNK J 101 -57.63 39.55 3.10
N UNK J 102 -58.12 39.39 4.36
CA UNK J 102 -59.52 39.17 4.65
C UNK J 102 -60.07 40.41 5.32
N UNK J 103 -61.06 41.06 4.67
CA UNK J 103 -61.77 42.20 5.18
C UNK J 103 -63.11 41.75 5.73
N UNK J 104 -63.57 42.36 6.84
CA UNK J 104 -64.89 42.08 7.38
C UNK J 104 -65.89 43.08 6.84
N UNK J 105 -66.90 42.61 6.06
CA UNK J 105 -68.01 43.43 5.60
C UNK J 105 -68.86 43.98 6.71
N UNK J 106 -69.39 45.19 6.50
CA UNK J 106 -70.00 45.90 7.58
C UNK J 106 -71.08 46.78 7.00
N UNK J 107 -71.99 47.32 7.84
CA UNK J 107 -72.93 48.35 7.40
C UNK J 107 -72.21 49.63 7.02
N UNK J 108 -72.74 50.38 6.04
CA UNK J 108 -72.16 51.65 5.63
C UNK J 108 -72.14 52.66 6.77
N UNK J 109 -71.00 53.33 6.97
CA UNK J 109 -70.85 54.33 8.01
C UNK J 109 -70.14 55.50 7.39
N UNK J 110 -70.77 56.69 7.45
CA UNK J 110 -70.20 57.93 6.96
C UNK J 110 -69.00 58.40 7.78
N UNK J 111 -67.96 59.01 7.22
CA UNK J 111 -66.88 59.58 8.00
C UNK J 111 -67.27 60.86 8.69
N UNK J 112 -66.66 61.08 9.86
CA UNK J 112 -66.65 62.39 10.49
C UNK J 112 -65.42 63.11 9.97
N UNK J 113 -65.59 64.33 9.41
CA UNK J 113 -64.51 65.01 8.71
C UNK J 113 -64.03 66.22 9.48
N UNK J 114 -62.70 66.37 9.62
CA UNK J 114 -62.05 67.45 10.35
C UNK J 114 -60.89 67.96 9.51
N UNK J 115 -60.68 69.29 9.40
CA UNK J 115 -59.57 69.88 8.70
C UNK J 115 -58.71 70.63 9.72
N UNK J 116 -57.37 70.51 9.62
CA UNK J 116 -56.42 71.10 10.55
C UNK J 116 -55.51 72.05 9.77
N UNK J 117 -55.41 73.35 10.07
CA UNK J 117 -54.41 74.24 9.50
C UNK J 117 -53.00 73.90 9.98
N UNK J 118 -51.92 74.26 9.28
CA UNK J 118 -50.58 74.17 9.81
C UNK J 118 -50.39 74.99 11.06
N UNK J 119 -49.57 74.48 12.00
CA UNK J 119 -49.19 75.21 13.19
C UNK J 119 -48.27 76.37 12.90
N UNK J 120 -48.30 77.43 13.74
CA UNK J 120 -47.37 78.53 13.63
C UNK J 120 -45.92 78.13 13.74
N UNK J 121 -45.63 77.10 14.58
CA UNK J 121 -44.33 76.47 14.75
C UNK J 121 -43.77 75.89 13.46
N UNK J 122 -44.59 75.14 12.69
CA UNK J 122 -44.18 74.65 11.41
C UNK J 122 -43.94 75.73 10.36
N UNK J 123 -44.79 76.78 10.31
CA UNK J 123 -44.65 77.84 9.33
C UNK J 123 -43.35 78.64 9.44
N UNK J 124 -42.68 78.62 10.61
CA UNK J 124 -41.36 79.19 10.79
C UNK J 124 -40.26 78.42 10.06
N UNK J 125 -40.46 77.13 9.73
CA UNK J 125 -39.44 76.31 9.08
C UNK J 125 -39.52 76.38 7.56
N UNK J 126 -40.52 77.10 7.02
CA UNK J 126 -40.67 77.31 5.59
C UNK J 126 -41.65 76.41 4.87
N UNK J 127 -42.33 75.50 5.59
CA UNK J 127 -43.24 74.54 4.99
C UNK J 127 -44.55 74.57 5.75
N UNK J 128 -45.68 74.32 5.07
CA UNK J 128 -46.99 74.23 5.65
C UNK J 128 -47.62 72.89 5.31
N UNK J 129 -48.05 72.12 6.34
CA UNK J 129 -48.77 70.87 6.15
C UNK J 129 -50.19 71.06 6.58
N UNK J 130 -51.17 70.77 5.70
CA UNK J 130 -52.58 70.93 5.99
C UNK J 130 -53.20 69.55 6.04
N UNK J 131 -53.83 69.15 7.16
CA UNK J 131 -54.24 67.77 7.36
C UNK J 131 -55.75 67.69 7.34
N UNK J 132 -56.31 66.70 6.62
CA UNK J 132 -57.72 66.39 6.63
C UNK J 132 -57.88 65.00 7.20
N UNK J 133 -58.83 64.82 8.13
CA UNK J 133 -59.08 63.57 8.80
C UNK J 133 -60.48 63.13 8.47
N UNK J 134 -60.60 61.85 8.05
CA UNK J 134 -61.84 61.15 7.82
C UNK J 134 -61.88 60.09 8.89
N UNK J 135 -62.79 60.19 9.86
CA UNK J 135 -62.75 59.39 11.06
C UNK J 135 -63.88 58.38 11.10
N UNK J 136 -63.54 57.08 11.29
CA UNK J 136 -64.44 55.94 11.49
C UNK J 136 -65.49 55.64 10.41
N UNK J 137 -65.07 55.28 9.19
CA UNK J 137 -65.97 55.04 8.08
C UNK J 137 -65.91 53.65 7.47
N UNK J 138 -66.98 53.28 6.75
CA UNK J 138 -67.01 52.05 5.98
C UNK J 138 -67.94 52.26 4.79
N UNK J 139 -67.74 51.75 3.57
CA UNK J 139 -66.58 50.97 3.10
C UNK J 139 -65.33 51.81 3.01
N UNK J 140 -64.20 51.18 2.65
CA UNK J 140 -62.89 51.79 2.52
C UNK J 140 -62.77 52.86 1.43
N UNK J 141 -63.48 52.71 0.30
CA UNK J 141 -63.48 53.64 -0.82
C UNK J 141 -63.87 55.06 -0.43
N UNK J 142 -62.94 56.03 -0.59
CA UNK J 142 -63.21 57.40 -0.22
C UNK J 142 -62.42 58.26 -1.17
N UNK J 143 -63.02 59.35 -1.67
CA UNK J 143 -62.31 60.28 -2.52
C UNK J 143 -62.12 61.57 -1.76
N UNK J 144 -60.86 62.02 -1.61
CA UNK J 144 -60.50 63.21 -0.87
C UNK J 144 -59.87 64.19 -1.84
N UNK J 145 -60.47 65.38 -2.02
CA UNK J 145 -59.94 66.39 -2.91
C UNK J 145 -59.61 67.65 -2.12
N UNK J 146 -58.42 68.21 -2.37
CA UNK J 146 -58.02 69.47 -1.77
C UNK J 146 -58.29 70.60 -2.74
N UNK J 147 -58.77 71.73 -2.21
CA UNK J 147 -58.97 72.94 -2.96
C UNK J 147 -58.39 74.11 -2.20
N UNK J 148 -57.60 74.95 -2.91
CA UNK J 148 -56.98 76.13 -2.35
C UNK J 148 -57.47 77.28 -3.21
N UNK J 149 -58.25 78.23 -2.62
CA UNK J 149 -58.99 79.28 -3.32
C UNK J 149 -59.86 78.74 -4.47
N UNK J 150 -60.52 77.59 -4.19
CA UNK J 150 -61.34 76.80 -5.08
C UNK J 150 -60.61 76.15 -6.27
N UNK J 151 -59.27 76.18 -6.32
CA UNK J 151 -58.52 75.50 -7.34
C UNK J 151 -58.16 74.10 -6.91
N UNK J 152 -58.54 73.07 -7.70
CA UNK J 152 -58.24 71.68 -7.41
C UNK J 152 -56.75 71.40 -7.39
N UNK J 153 -56.27 70.71 -6.34
CA UNK J 153 -54.88 70.44 -6.14
C UNK J 153 -54.51 69.04 -6.61
N UNK J 154 -53.29 68.87 -7.14
CA UNK J 154 -52.86 67.60 -7.70
C UNK J 154 -51.38 67.42 -7.43
N UNK J 155 -50.99 66.21 -6.97
CA UNK J 155 -49.60 65.82 -6.80
C UNK J 155 -48.88 66.36 -5.59
N UNK J 156 -49.60 67.06 -4.69
CA UNK J 156 -49.03 67.69 -3.51
C UNK J 156 -49.68 67.17 -2.23
N UNK J 157 -50.40 66.05 -2.30
CA UNK J 157 -51.01 65.44 -1.13
C UNK J 157 -50.69 63.96 -1.06
N UNK J 158 -50.71 63.39 0.17
CA UNK J 158 -50.47 61.99 0.42
C UNK J 158 -51.48 61.51 1.43
N UNK J 159 -51.95 60.25 1.27
CA UNK J 159 -52.94 59.65 2.14
C UNK J 159 -52.35 58.53 2.97
N UNK J 160 -52.89 58.37 4.19
CA UNK J 160 -52.58 57.25 5.06
C UNK J 160 -53.88 56.71 5.61
N UNK J 161 -54.06 55.38 5.66
CA UNK J 161 -55.30 54.80 6.12
C UNK J 161 -54.98 53.81 7.21
N UNK J 162 -55.73 53.85 8.33
CA UNK J 162 -55.64 52.87 9.41
C UNK J 162 -56.12 51.52 8.95
N UNK J 163 -55.66 50.45 9.61
CA UNK J 163 -56.20 49.13 9.40
C UNK J 163 -57.56 49.05 10.05
N UNK J 164 -58.42 48.13 9.57
CA UNK J 164 -59.77 47.92 10.06
C UNK J 164 -59.88 47.84 11.57
N UNK J 165 -60.77 48.62 12.21
CA UNK J 165 -60.94 48.53 13.64
C UNK J 165 -61.43 47.12 14.02
N UNK J 166 -60.77 46.48 15.00
CA UNK J 166 -61.08 45.09 15.33
C UNK J 166 -62.44 44.93 16.01
N UNK J 167 -63.11 46.02 16.42
CA UNK J 167 -64.42 45.96 17.05
C UNK J 167 -65.49 46.52 16.13
N UNK J 168 -65.40 47.81 15.70
CA UNK J 168 -66.50 48.38 14.93
C UNK J 168 -66.32 48.14 13.44
N UNK J 169 -65.14 47.63 13.00
CA UNK J 169 -64.77 47.31 11.63
C UNK J 169 -64.68 48.52 10.70
N UNK J 170 -64.37 49.72 11.22
CA UNK J 170 -64.20 50.92 10.40
C UNK J 170 -62.77 51.22 10.03
N UNK J 171 -62.61 52.16 9.09
CA UNK J 171 -61.32 52.70 8.70
C UNK J 171 -61.30 54.16 9.06
N UNK J 172 -60.10 54.73 9.27
CA UNK J 172 -59.93 56.16 9.39
C UNK J 172 -58.85 56.52 8.41
N UNK J 173 -58.86 57.75 7.87
CA UNK J 173 -57.99 58.17 6.79
C UNK J 173 -57.46 59.56 7.06
N UNK J 174 -56.15 59.77 6.82
CA UNK J 174 -55.50 61.06 6.89
C UNK J 174 -55.12 61.44 5.49
N UNK J 175 -55.34 62.70 5.12
CA UNK J 175 -54.85 63.24 3.86
C UNK J 175 -54.07 64.46 4.24
N UNK J 176 -52.83 64.58 3.76
CA UNK J 176 -51.94 65.67 4.17
C UNK J 176 -51.49 66.41 2.93
N UNK J 177 -51.81 67.71 2.85
CA UNK J 177 -51.43 68.60 1.76
C UNK J 177 -50.19 69.36 2.16
N UNK J 178 -49.12 69.32 1.33
CA UNK J 178 -47.84 69.92 1.68
C UNK J 178 -47.53 71.06 0.73
N UNK J 179 -47.32 72.27 1.27
CA UNK J 179 -47.05 73.47 0.50
C UNK J 179 -45.88 74.20 1.15
N UNK J 180 -45.18 75.10 0.41
CA UNK J 180 -44.23 76.03 1.01
C UNK J 180 -44.93 77.09 1.84
N UNK J 181 -44.22 77.75 2.78
CA UNK J 181 -44.78 78.86 3.54
C UNK J 181 -45.28 80.01 2.66
N UNK J 182 -44.50 80.40 1.64
CA UNK J 182 -44.84 81.42 0.68
C UNK J 182 -46.08 81.12 -0.16
N UNK J 183 -46.24 79.88 -0.65
CA UNK J 183 -47.47 79.46 -1.32
C UNK J 183 -48.66 79.40 -0.37
N UNK J 184 -48.48 78.96 0.89
CA UNK J 184 -49.56 78.99 1.85
C UNK J 184 -50.06 80.41 2.16
N UNK J 185 -49.14 81.39 2.33
CA UNK J 185 -49.46 82.77 2.62
C UNK J 185 -50.09 83.52 1.45
N UNK J 186 -49.88 83.03 0.21
CA UNK J 186 -50.51 83.53 -1.00
C UNK J 186 -52.04 83.42 -1.00
N UNK J 187 -52.60 82.35 -0.42
CA UNK J 187 -54.01 82.02 -0.60
C UNK J 187 -54.77 82.07 0.72
N UNK J 188 -56.11 82.19 0.65
CA UNK J 188 -56.93 82.33 1.84
C UNK J 188 -57.75 81.09 2.18
N UNK J 189 -58.49 80.49 1.24
CA UNK J 189 -59.46 79.45 1.56
C UNK J 189 -58.88 78.08 1.32
N UNK J 190 -58.80 77.26 2.38
CA UNK J 190 -58.24 75.92 2.32
C UNK J 190 -59.35 74.96 2.63
N UNK J 191 -59.70 74.09 1.66
CA UNK J 191 -60.83 73.20 1.75
C UNK J 191 -60.45 71.77 1.42
N UNK J 192 -61.03 70.81 2.17
CA UNK J 192 -60.94 69.39 1.94
C UNK J 192 -62.34 68.90 1.66
N UNK J 193 -62.58 68.29 0.48
CA UNK J 193 -63.87 67.77 0.07
C UNK J 193 -63.81 66.25 0.03
N UNK J 194 -64.74 65.61 0.75
CA UNK J 194 -64.79 64.17 0.96
C UNK J 194 -66.04 63.59 0.33
N UNK J 195 -65.84 62.61 -0.57
CA UNK J 195 -66.94 61.89 -1.22
C UNK J 195 -66.88 60.45 -0.79
N UNK J 196 -67.99 59.92 -0.23
CA UNK J 196 -68.05 58.60 0.35
C UNK J 196 -69.48 58.14 0.26
N UNK J 197 -69.73 56.81 0.20
CA UNK J 197 -71.05 56.20 0.07
C UNK J 197 -72.02 56.49 1.21
N UNK J 198 -71.52 56.68 2.45
CA UNK J 198 -72.35 57.00 3.60
C UNK J 198 -72.79 58.44 3.67
N UNK J 199 -72.23 59.31 2.82
CA UNK J 199 -72.59 60.71 2.76
C UNK J 199 -73.65 60.93 1.69
N UNK J 200 -74.64 61.80 1.93
CA UNK J 200 -75.70 62.05 0.95
C UNK J 200 -75.25 62.95 -0.20
N UNK J 201 -74.15 63.69 -0.01
CA UNK J 201 -73.53 64.55 -1.01
C UNK J 201 -72.10 64.74 -0.53
N UNK J 202 -71.11 65.24 -1.27
CA UNK J 202 -69.76 65.44 -0.76
C UNK J 202 -69.69 66.46 0.36
N UNK J 203 -68.91 66.18 1.42
CA UNK J 203 -68.78 67.06 2.56
C UNK J 203 -67.50 67.82 2.48
N UNK J 204 -67.57 69.16 2.61
CA UNK J 204 -66.42 70.04 2.53
C UNK J 204 -66.12 70.59 3.90
N UNK J 205 -64.86 70.45 4.36
CA UNK J 205 -64.39 71.10 5.56
C UNK J 205 -63.37 72.12 5.16
N UNK J 206 -63.54 73.37 5.66
CA UNK J 206 -62.69 74.47 5.25
C UNK J 206 -62.37 75.42 6.38
N UNK J 207 -61.28 76.18 6.19
CA UNK J 207 -60.86 77.24 7.07
C UNK J 207 -60.35 78.37 6.20
N UNK J 208 -60.31 79.60 6.76
CA UNK J 208 -59.71 80.73 6.11
C UNK J 208 -58.38 80.96 6.81
N UNK J 209 -57.28 81.09 6.06
CA UNK J 209 -55.97 81.33 6.68
C UNK J 209 -55.86 82.64 7.46
N UNK J 210 -55.55 82.54 8.78
CA UNK J 210 -55.44 83.68 9.69
C UNK J 210 -56.57 83.77 10.67
N UNK J 211 -57.80 83.43 10.22
CA UNK J 211 -59.02 83.44 11.00
C UNK J 211 -59.15 82.26 12.03
N UNK K 1 74.18 20.28 -40.32
CA UNK K 1 73.45 21.32 -41.11
C UNK K 1 72.13 20.77 -41.50
N UNK K 2 71.05 21.41 -41.05
CA UNK K 2 69.71 20.97 -41.27
C UNK K 2 69.25 21.40 -42.68
N UNK K 3 68.71 20.48 -43.51
CA UNK K 3 68.19 20.85 -44.83
C UNK K 3 67.11 19.88 -45.30
N UNK K 4 66.27 20.35 -46.25
CA UNK K 4 65.20 19.62 -46.89
C UNK K 4 65.39 19.89 -48.37
N UNK K 5 65.47 18.83 -49.20
CA UNK K 5 65.65 19.00 -50.64
C UNK K 5 64.53 18.29 -51.36
N UNK K 6 63.66 19.05 -52.06
CA UNK K 6 62.58 18.50 -52.84
C UNK K 6 62.97 18.09 -54.25
N UNK K 7 62.28 17.07 -54.80
CA UNK K 7 62.47 16.67 -56.17
C UNK K 7 61.18 16.08 -56.70
N UNK K 8 61.11 15.82 -58.03
CA UNK K 8 59.96 15.22 -58.69
C UNK K 8 58.97 16.18 -59.31
N UNK K 9 59.18 17.49 -59.15
CA UNK K 9 58.37 18.52 -59.80
C UNK K 9 58.60 18.59 -61.28
N UNK K 10 57.51 18.75 -62.06
CA UNK K 10 57.65 18.82 -63.50
C UNK K 10 56.36 19.18 -64.15
N UNK K 11 56.39 19.19 -65.50
CA UNK K 11 55.24 19.42 -66.34
C UNK K 11 54.42 18.16 -66.50
N UNK K 12 53.11 18.29 -66.31
CA UNK K 12 52.25 17.14 -66.30
C UNK K 12 50.92 17.54 -66.94
N UNK K 13 50.27 16.64 -67.74
CA UNK K 13 48.98 16.91 -68.38
C UNK K 13 47.86 17.11 -67.34
N UNK K 14 46.78 17.85 -67.57
CA UNK K 14 45.55 17.75 -66.78
C UNK K 14 45.01 16.32 -66.61
N UNK K 15 44.60 15.95 -65.38
CA UNK K 15 44.12 14.60 -65.05
C UNK K 15 45.19 13.57 -64.80
N UNK K 16 46.47 13.96 -64.87
CA UNK K 16 47.58 13.08 -64.62
C UNK K 16 48.03 13.06 -63.18
N UNK K 17 49.17 12.40 -62.97
CA UNK K 17 49.73 12.08 -61.69
C UNK K 17 51.20 12.40 -61.67
N UNK K 18 51.70 12.76 -60.48
CA UNK K 18 53.09 13.09 -60.26
C UNK K 18 53.41 12.74 -58.82
N UNK K 19 54.65 12.28 -58.51
CA UNK K 19 55.03 11.98 -57.14
C UNK K 19 56.19 12.87 -56.77
N UNK K 20 56.01 13.71 -55.73
CA UNK K 20 57.09 14.53 -55.21
C UNK K 20 57.79 13.77 -54.11
N UNK K 21 59.09 14.06 -53.92
CA UNK K 21 59.84 13.49 -52.83
C UNK K 21 60.63 14.60 -52.19
N UNK K 22 61.04 14.39 -50.94
CA UNK K 22 61.83 15.32 -50.19
C UNK K 22 62.82 14.51 -49.40
N UNK K 23 64.11 14.88 -49.52
CA UNK K 23 65.21 14.27 -48.81
C UNK K 23 65.58 15.14 -47.62
N UNK K 24 65.52 14.58 -46.39
CA UNK K 24 65.83 15.27 -45.17
C UNK K 24 67.18 14.87 -44.62
N UNK K 25 67.92 15.84 -44.05
CA UNK K 25 69.21 15.56 -43.46
C UNK K 25 69.54 16.56 -42.39
N UNK K 26 70.47 16.19 -41.49
CA UNK K 26 70.92 17.06 -40.41
C UNK K 26 70.10 17.05 -39.16
N UNK K 27 69.11 16.16 -39.05
CA UNK K 27 68.28 16.07 -37.87
C UNK K 27 67.68 14.67 -37.81
N UNK K 28 67.05 14.32 -36.67
CA UNK K 28 66.41 13.02 -36.50
C UNK K 28 65.01 13.07 -37.10
N UNK K 29 64.85 12.72 -38.40
CA UNK K 29 63.64 12.88 -39.20
C UNK K 29 62.38 12.29 -38.55
N UNK K 30 62.51 11.08 -38.00
CA UNK K 30 61.48 10.31 -37.31
C UNK K 30 60.78 11.04 -36.19
N UNK K 31 61.49 11.97 -35.52
CA UNK K 31 60.97 12.65 -34.35
C UNK K 31 60.20 13.92 -34.71
N UNK K 32 60.01 14.23 -36.02
CA UNK K 32 59.34 15.45 -36.43
C UNK K 32 58.11 15.17 -37.24
N UNK K 33 57.06 15.95 -36.96
CA UNK K 33 55.89 16.13 -37.78
C UNK K 33 56.27 16.89 -39.08
N UNK K 34 55.71 16.56 -40.27
CA UNK K 34 56.15 17.17 -41.53
C UNK K 34 54.97 17.59 -42.38
N UNK K 35 55.17 18.60 -43.25
CA UNK K 35 54.13 19.14 -44.09
C UNK K 35 54.58 19.35 -45.52
N UNK K 36 53.59 19.51 -46.41
CA UNK K 36 53.82 20.08 -47.73
C UNK K 36 53.00 21.36 -47.80
N UNK K 37 53.60 22.45 -48.32
CA UNK K 37 52.95 23.75 -48.46
C UNK K 37 53.21 24.21 -49.88
N UNK K 38 52.22 24.77 -50.58
CA UNK K 38 52.37 25.20 -51.96
C UNK K 38 52.13 26.68 -52.12
N UNK K 39 52.68 27.25 -53.21
CA UNK K 39 52.50 28.64 -53.55
C UNK K 39 52.54 28.84 -55.05
N UNK K 40 51.42 29.31 -55.65
CA UNK K 40 51.36 29.67 -57.05
C UNK K 40 52.11 31.00 -57.31
N UNK K 41 52.70 31.29 -58.46
CA UNK K 41 53.37 32.57 -58.70
C UNK K 41 52.56 33.82 -58.43
N UNK K 42 53.08 34.71 -57.56
CA UNK K 42 52.39 35.94 -57.19
C UNK K 42 51.23 35.76 -56.22
N UNK K 43 51.07 34.56 -55.63
CA UNK K 43 49.98 34.23 -54.73
C UNK K 43 50.51 33.81 -53.37
N UNK K 44 49.59 33.58 -52.42
CA UNK K 44 49.88 33.28 -51.04
C UNK K 44 50.27 31.83 -50.81
N UNK K 45 50.73 31.53 -49.58
CA UNK K 45 51.02 30.19 -49.11
C UNK K 45 49.76 29.38 -48.85
N UNK K 46 49.72 28.12 -49.32
CA UNK K 46 48.60 27.22 -49.12
C UNK K 46 49.08 25.88 -48.56
N UNK K 47 48.58 25.48 -47.37
CA UNK K 47 48.86 24.17 -46.79
C UNK K 47 48.25 23.03 -47.58
N UNK K 48 49.09 22.03 -47.95
CA UNK K 48 48.65 20.94 -48.78
C UNK K 48 48.31 19.75 -47.93
N UNK K 49 49.17 19.42 -46.94
CA UNK K 49 49.02 18.20 -46.19
C UNK K 49 50.00 18.15 -45.04
N UNK K 50 49.65 17.39 -43.97
CA UNK K 50 50.41 17.15 -42.77
C UNK K 50 50.52 15.66 -42.49
N UNK K 51 51.69 15.21 -41.97
CA UNK K 51 51.89 13.87 -41.47
C UNK K 51 52.57 13.88 -40.11
N UNK K 52 51.98 13.16 -39.12
CA UNK K 52 52.51 13.01 -37.77
C UNK K 52 53.71 12.07 -37.73
N UNK K 53 54.36 11.95 -36.55
CA UNK K 53 55.39 10.98 -36.28
C UNK K 53 54.87 9.53 -36.35
N UNK K 54 53.57 9.31 -36.03
CA UNK K 54 52.93 8.00 -36.06
C UNK K 54 52.32 7.73 -37.44
N UNK K 55 52.48 8.67 -38.39
CA UNK K 55 52.01 8.50 -39.76
C UNK K 55 50.56 8.80 -39.97
N UNK K 56 49.70 8.58 -38.96
CA UNK K 56 48.27 8.76 -39.09
C UNK K 56 47.66 9.56 -37.93
N UNK K 57 46.42 10.09 -38.07
CA UNK K 57 45.75 10.38 -39.34
C UNK K 57 46.56 11.40 -40.13
N UNK K 58 46.66 11.19 -41.45
CA UNK K 58 47.16 12.20 -42.37
C UNK K 58 46.10 13.28 -42.47
N UNK K 59 46.50 14.55 -42.58
CA UNK K 59 45.57 15.65 -42.51
C UNK K 59 45.65 16.38 -43.83
N UNK K 60 44.51 16.70 -44.43
CA UNK K 60 44.45 17.30 -45.74
C UNK K 60 43.33 18.30 -45.75
N UNK K 61 43.53 19.38 -46.51
CA UNK K 61 42.52 20.38 -46.84
C UNK K 61 41.55 19.88 -47.93
N UNK K 62 40.32 20.44 -48.04
CA UNK K 62 39.28 20.03 -48.99
C UNK K 62 39.68 20.20 -50.46
N UNK K 63 40.54 21.19 -50.77
CA UNK K 63 41.06 21.48 -52.11
C UNK K 63 41.82 20.30 -52.72
N UNK K 64 42.37 19.45 -51.86
CA UNK K 64 43.35 18.46 -52.19
C UNK K 64 42.97 17.05 -51.70
N UNK K 65 42.07 16.91 -50.70
CA UNK K 65 41.68 15.62 -50.16
C UNK K 65 41.08 14.64 -51.16
N UNK K 66 41.52 13.36 -51.10
CA UNK K 66 41.05 12.31 -52.01
C UNK K 66 41.87 12.20 -53.26
N UNK K 67 42.69 13.23 -53.57
CA UNK K 67 43.55 13.18 -54.72
C UNK K 67 45.02 13.10 -54.35
N UNK K 68 45.41 13.61 -53.17
CA UNK K 68 46.80 13.70 -52.78
C UNK K 68 47.01 12.85 -51.56
N UNK K 69 48.17 12.18 -51.50
CA UNK K 69 48.54 11.34 -50.37
C UNK K 69 49.95 11.66 -49.91
N UNK K 70 50.11 12.09 -48.64
CA UNK K 70 51.40 12.30 -47.98
C UNK K 70 51.85 11.00 -47.33
N UNK K 71 53.17 10.73 -47.37
CA UNK K 71 53.71 9.55 -46.76
C UNK K 71 55.12 9.81 -46.33
N UNK K 72 55.66 8.99 -45.41
CA UNK K 72 57.02 9.15 -44.94
C UNK K 72 57.68 7.81 -44.85
N UNK K 73 59.00 7.77 -45.13
CA UNK K 73 59.82 6.61 -45.00
C UNK K 73 60.99 7.04 -44.14
N UNK K 74 60.91 6.71 -42.85
CA UNK K 74 61.87 7.14 -41.87
C UNK K 74 63.26 6.53 -42.04
N UNK K 75 63.35 5.28 -42.54
CA UNK K 75 64.62 4.59 -42.77
C UNK K 75 65.40 5.24 -43.89
N UNK K 76 64.70 5.95 -44.80
CA UNK K 76 65.34 6.61 -45.91
C UNK K 76 65.47 8.13 -45.64
N UNK K 77 64.89 8.63 -44.52
CA UNK K 77 64.76 10.04 -44.18
C UNK K 77 63.97 10.84 -45.23
N UNK K 78 62.89 10.27 -45.76
CA UNK K 78 62.19 10.86 -46.90
C UNK K 78 60.73 11.13 -46.61
N UNK K 79 60.23 12.22 -47.21
CA UNK K 79 58.84 12.59 -47.20
C UNK K 79 58.37 12.55 -48.65
N UNK K 80 57.13 12.12 -48.92
CA UNK K 80 56.62 12.02 -50.28
C UNK K 80 55.26 12.69 -50.40
N UNK K 81 54.92 13.14 -51.62
CA UNK K 81 53.58 13.56 -51.93
C UNK K 81 53.15 12.94 -53.24
N UNK K 82 52.18 12.01 -53.21
CA UNK K 82 51.60 11.45 -54.41
C UNK K 82 50.42 12.30 -54.79
N UNK K 83 50.42 12.90 -55.99
CA UNK K 83 49.35 13.78 -56.43
C UNK K 83 48.70 13.16 -57.65
N UNK K 84 47.37 12.96 -57.61
CA UNK K 84 46.60 12.34 -58.68
C UNK K 84 45.52 13.29 -59.16
N UNK K 85 44.98 13.06 -60.37
CA UNK K 85 43.89 13.85 -60.97
C UNK K 85 44.17 15.34 -60.97
N UNK K 86 45.39 15.71 -61.43
CA UNK K 86 45.90 17.06 -61.35
C UNK K 86 45.16 18.07 -62.22
N UNK K 87 45.06 19.34 -61.77
CA UNK K 87 44.43 20.39 -62.54
C UNK K 87 45.24 21.65 -62.47
N UNK K 88 44.84 22.68 -63.26
CA UNK K 88 45.50 23.96 -63.35
C UNK K 88 45.70 24.68 -62.03
N UNK K 89 44.75 24.52 -61.08
CA UNK K 89 44.79 25.00 -59.71
C UNK K 89 45.87 24.34 -58.85
N UNK K 90 46.46 23.21 -59.29
CA UNK K 90 47.52 22.56 -58.55
C UNK K 90 48.89 23.02 -59.04
N UNK K 91 48.99 23.85 -60.10
CA UNK K 91 50.25 24.46 -60.56
C UNK K 91 50.84 25.43 -59.54
N UNK K 92 52.04 25.11 -58.98
CA UNK K 92 52.62 25.87 -57.91
C UNK K 92 54.05 25.42 -57.65
N UNK K 93 54.82 26.20 -56.86
CA UNK K 93 56.02 25.68 -56.22
C UNK K 93 55.59 24.96 -54.95
N UNK K 94 56.07 23.72 -54.73
CA UNK K 94 55.69 22.91 -53.59
C UNK K 94 56.89 22.77 -52.69
N UNK K 95 56.72 23.13 -51.40
CA UNK K 95 57.76 23.14 -50.39
C UNK K 95 57.56 22.01 -49.42
N UNK K 96 58.65 21.33 -49.07
CA UNK K 96 58.73 20.37 -47.99
C UNK K 96 59.02 21.14 -46.73
N UNK K 97 58.23 20.90 -45.68
CA UNK K 97 58.32 21.71 -44.50
C UNK K 97 58.39 20.84 -43.28
N UNK K 98 59.36 21.14 -42.41
CA UNK K 98 59.42 20.50 -41.13
C UNK K 98 58.50 21.23 -40.22
N UNK K 99 57.77 20.46 -39.40
CA UNK K 99 57.03 20.99 -38.30
C UNK K 99 57.86 20.67 -37.09
N UNK K 100 58.23 21.66 -36.38
CA UNK K 100 59.04 21.53 -35.16
C UNK K 100 58.15 21.77 -33.93
N UNK K 101 58.58 21.47 -32.67
CA UNK K 101 57.69 21.53 -31.48
C UNK K 101 58.49 21.95 -30.25
N UNK K 102 57.85 22.48 -29.18
CA UNK K 102 58.54 22.92 -27.97
C UNK K 102 57.53 23.26 -26.88
N UNK K 103 57.97 23.64 -25.65
CA UNK K 103 57.13 24.04 -24.50
C UNK K 103 56.49 25.40 -24.72
N UNK K 104 57.05 26.08 -25.73
CA UNK K 104 56.66 27.33 -26.26
C UNK K 104 55.73 27.16 -27.50
N UNK K 105 55.98 26.41 -28.55
CA UNK K 105 54.96 26.27 -29.58
C UNK K 105 54.70 24.84 -29.85
N UNK K 106 53.43 24.41 -29.88
CA UNK K 106 53.25 22.99 -30.07
C UNK K 106 53.59 22.59 -31.51
N UNK K 107 53.53 23.58 -32.41
CA UNK K 107 53.85 23.39 -33.78
C UNK K 107 54.44 24.69 -34.30
N UNK K 108 55.39 24.61 -35.26
CA UNK K 108 55.94 25.80 -35.88
C UNK K 108 56.19 25.43 -37.35
N UNK K 109 56.69 26.32 -38.23
CA UNK K 109 57.31 25.92 -39.47
C UNK K 109 58.77 26.44 -39.43
N UNK K 110 59.87 25.67 -39.15
CA UNK K 110 61.22 26.22 -38.97
C UNK K 110 62.03 26.06 -40.24
N UNK K 111 61.80 24.91 -40.87
CA UNK K 111 62.64 24.50 -41.94
C UNK K 111 61.79 24.19 -43.11
N UNK K 112 62.13 24.88 -44.20
CA UNK K 112 61.48 24.76 -45.46
C UNK K 112 62.57 24.43 -46.44
N UNK K 113 62.28 23.55 -47.41
CA UNK K 113 63.16 23.36 -48.54
C UNK K 113 63.16 24.49 -49.53
N UNK K 114 63.92 24.32 -50.63
CA UNK K 114 63.98 25.33 -51.68
C UNK K 114 62.77 25.31 -52.58
N UNK K 115 62.04 24.18 -52.62
CA UNK K 115 60.83 24.04 -53.39
C UNK K 115 61.02 23.36 -54.71
N UNK K 116 59.95 22.72 -55.20
CA UNK K 116 59.95 22.06 -56.48
C UNK K 116 58.74 22.46 -57.29
N UNK K 117 58.93 22.82 -58.58
CA UNK K 117 57.88 23.41 -59.39
C UNK K 117 57.02 22.37 -60.09
N UNK K 118 55.69 22.45 -59.91
CA UNK K 118 54.75 21.56 -60.57
C UNK K 118 53.91 22.40 -61.51
N UNK K 119 53.78 21.95 -62.77
CA UNK K 119 53.03 22.67 -63.79
C UNK K 119 52.05 21.74 -64.44
N UNK K 120 50.73 22.01 -64.29
CA UNK K 120 49.69 21.19 -64.87
C UNK K 120 49.13 21.87 -66.10
N UNK K 121 49.46 21.36 -67.30
CA UNK K 121 49.10 21.99 -68.56
C UNK K 121 49.24 20.97 -69.66
N UNK K 122 48.50 21.17 -70.79
CA UNK K 122 48.58 20.32 -71.95
C UNK K 122 49.54 20.90 -72.98
N UNK K 123 50.12 22.08 -72.67
CA UNK K 123 51.16 22.70 -73.46
C UNK K 123 52.46 21.91 -73.50
N UNK K 124 53.16 21.97 -74.65
CA UNK K 124 54.39 21.25 -74.85
C UNK K 124 55.56 21.87 -74.13
N UNK K 125 56.51 21.03 -73.68
CA UNK K 125 57.85 21.46 -73.30
C UNK K 125 58.57 22.09 -74.47
N UNK K 126 59.07 23.33 -74.29
CA UNK K 126 59.70 24.05 -75.37
C UNK K 126 60.93 24.75 -74.86
N UNK K 127 62.09 24.58 -75.54
CA UNK K 127 63.32 25.27 -75.20
C UNK K 127 63.37 26.70 -75.68
N UNK K 128 64.08 27.62 -75.00
CA UNK K 128 64.13 29.00 -75.39
C UNK K 128 65.12 29.24 -76.49
N UNK K 129 64.93 30.37 -77.16
CA UNK K 129 65.90 30.97 -78.06
C UNK K 129 66.59 32.09 -77.32
N UNK K 130 67.94 32.17 -77.38
CA UNK K 130 68.71 33.13 -76.60
C UNK K 130 69.38 34.13 -77.53
N UNK K 131 68.97 35.42 -77.43
CA UNK K 131 69.41 36.47 -78.33
C UNK K 131 70.18 37.54 -77.56
N UNK K 132 71.24 38.16 -78.07
CA UNK K 132 71.96 39.20 -77.35
C UNK K 132 71.24 40.53 -77.34
N UNK K 133 71.36 41.27 -76.21
CA UNK K 133 71.02 42.67 -76.09
C UNK K 133 72.35 43.40 -76.15
N UNK K 134 72.83 43.68 -77.37
CA UNK K 134 74.17 44.20 -77.61
C UNK K 134 74.39 45.59 -77.00
N UNK K 135 75.51 45.90 -76.35
CA UNK K 135 75.79 47.23 -75.82
C UNK K 135 75.88 48.28 -76.90
N UNK K 136 75.23 49.44 -76.66
CA UNK K 136 75.23 50.58 -77.56
C UNK K 136 76.62 51.11 -77.92
N UNK K 137 76.80 51.59 -79.16
CA UNK K 137 78.06 52.17 -79.61
C UNK K 137 78.30 53.56 -79.03
N UNK K 138 77.21 54.21 -78.57
CA UNK K 138 77.20 55.54 -78.01
C UNK K 138 77.48 55.52 -76.51
N UNK K 139 77.97 54.39 -75.96
CA UNK K 139 78.32 54.23 -74.56
C UNK K 139 79.36 55.20 -74.06
N UNK K 140 78.97 56.03 -73.06
CA UNK K 140 79.75 57.14 -72.55
C UNK K 140 81.09 56.74 -71.97
N UNK K 141 82.19 57.41 -72.41
CA UNK K 141 83.55 57.13 -71.94
C UNK K 141 83.73 57.37 -70.45
N UNK K 142 84.21 56.35 -69.70
CA UNK K 142 84.30 56.42 -68.24
C UNK K 142 82.99 56.24 -67.53
N UNK K 143 81.91 55.97 -68.30
CA UNK K 143 80.57 55.77 -67.81
C UNK K 143 80.21 54.32 -67.79
N UNK K 144 78.89 54.09 -67.70
CA UNK K 144 78.34 52.77 -67.45
C UNK K 144 77.53 52.33 -68.65
N UNK K 145 77.79 51.10 -69.15
CA UNK K 145 77.19 50.55 -70.34
C UNK K 145 76.34 49.35 -69.93
N UNK K 146 75.20 49.12 -70.61
CA UNK K 146 74.31 48.02 -70.31
C UNK K 146 74.30 47.02 -71.44
N UNK K 147 74.24 45.72 -71.10
CA UNK K 147 74.13 44.66 -72.06
C UNK K 147 73.35 43.52 -71.44
N UNK K 148 72.94 42.53 -72.25
CA UNK K 148 72.13 41.46 -71.70
C UNK K 148 71.82 40.36 -72.68
N UNK K 149 70.91 39.47 -72.29
CA UNK K 149 70.42 38.38 -73.09
C UNK K 149 68.92 38.29 -72.95
N UNK K 150 68.21 38.13 -74.09
CA UNK K 150 66.79 37.88 -74.15
C UNK K 150 66.58 36.39 -74.32
N UNK K 151 65.82 35.78 -73.40
CA UNK K 151 65.52 34.36 -73.37
C UNK K 151 64.05 34.24 -73.73
N UNK K 152 63.75 33.83 -74.97
CA UNK K 152 62.42 33.96 -75.52
C UNK K 152 61.81 32.61 -75.89
N UNK K 153 60.49 32.48 -75.65
CA UNK K 153 59.61 31.43 -76.14
C UNK K 153 59.89 30.04 -75.53
N UNK K 154 59.76 29.91 -74.19
CA UNK K 154 59.99 28.65 -73.49
C UNK K 154 58.82 28.25 -72.62
N UNK K 155 58.69 26.93 -72.36
CA UNK K 155 57.70 26.45 -71.44
C UNK K 155 58.21 25.12 -70.89
N UNK K 156 57.93 24.72 -69.66
CA UNK K 156 57.43 25.53 -68.55
C UNK K 156 58.55 26.33 -67.90
N UNK K 157 58.28 27.05 -66.81
CA UNK K 157 59.29 27.61 -65.92
C UNK K 157 60.10 26.50 -65.22
N UNK K 158 61.34 26.66 -64.74
CA UNK K 158 62.06 27.92 -64.68
C UNK K 158 63.28 27.90 -65.58
N UNK K 159 63.83 29.08 -65.91
CA UNK K 159 65.14 29.20 -66.51
C UNK K 159 66.06 29.87 -65.53
N UNK K 160 67.35 29.51 -65.57
CA UNK K 160 68.36 30.20 -64.77
C UNK K 160 69.30 30.89 -65.73
N UNK K 161 69.80 32.08 -65.35
CA UNK K 161 70.76 32.82 -66.15
C UNK K 161 71.89 33.22 -65.23
N UNK K 162 73.15 32.92 -65.62
CA UNK K 162 74.32 33.40 -64.90
C UNK K 162 75.17 34.16 -65.90
N UNK K 163 76.16 34.94 -65.44
CA UNK K 163 77.03 35.67 -66.35
C UNK K 163 78.47 35.31 -66.09
N UNK K 164 79.19 34.97 -67.18
CA UNK K 164 80.58 34.54 -67.18
C UNK K 164 80.85 33.37 -66.24
N UNK K 165 79.93 32.37 -66.25
CA UNK K 165 79.97 31.17 -65.43
C UNK K 165 79.93 31.43 -63.94
N UNK K 166 79.13 32.44 -63.53
CA UNK K 166 78.96 32.85 -62.14
C UNK K 166 80.00 33.82 -61.61
N UNK K 167 81.00 34.19 -62.43
CA UNK K 167 82.00 35.17 -62.06
C UNK K 167 81.47 36.61 -62.03
N UNK K 168 80.55 36.95 -62.93
CA UNK K 168 79.96 38.28 -62.98
C UNK K 168 78.59 38.21 -62.32
N UNK K 169 78.46 38.81 -61.12
CA UNK K 169 77.22 38.84 -60.35
C UNK K 169 76.81 40.26 -60.01
N UNK K 170 77.77 41.20 -59.99
CA UNK K 170 77.51 42.58 -59.62
C UNK K 170 76.89 43.37 -60.77
N UNK K 171 75.80 44.12 -60.47
CA UNK K 171 75.09 44.91 -61.47
C UNK K 171 74.15 44.12 -62.36
N UNK K 172 73.96 42.82 -62.03
CA UNK K 172 73.14 41.90 -62.80
C UNK K 172 71.69 41.99 -62.35
N UNK K 173 70.76 42.12 -63.32
CA UNK K 173 69.33 42.08 -63.07
C UNK K 173 68.69 41.07 -63.98
N UNK K 174 68.24 39.94 -63.42
CA UNK K 174 67.53 38.90 -64.16
C UNK K 174 66.07 39.09 -63.85
N UNK K 175 65.29 39.56 -64.84
CA UNK K 175 63.91 39.95 -64.65
C UNK K 175 63.01 38.74 -64.45
N UNK K 176 61.95 38.72 -63.62
CA UNK K 176 60.95 37.65 -63.64
C UNK K 176 60.40 37.35 -65.02
N UNK K 177 60.09 36.08 -65.30
CA UNK K 177 59.46 35.69 -66.54
C UNK K 177 58.07 36.27 -66.70
N UNK K 178 57.73 36.66 -67.94
CA UNK K 178 56.42 37.18 -68.24
C UNK K 178 55.79 36.23 -69.21
N UNK K 179 54.53 35.85 -68.95
CA UNK K 179 53.77 35.00 -69.83
C UNK K 179 53.29 35.79 -71.02
N UNK K 180 53.70 35.41 -72.24
CA UNK K 180 53.29 36.07 -73.45
C UNK K 180 51.90 35.61 -73.82
N UNK K 181 51.22 36.30 -74.77
CA UNK K 181 49.88 35.98 -75.24
C UNK K 181 49.77 34.60 -75.87
N UNK K 182 50.88 34.07 -76.41
CA UNK K 182 51.00 32.72 -76.95
C UNK K 182 51.04 31.63 -75.90
N UNK K 183 51.22 31.96 -74.60
CA UNK K 183 51.34 30.98 -73.52
C UNK K 183 52.76 30.55 -73.24
N UNK K 184 53.72 31.13 -73.97
CA UNK K 184 55.12 30.87 -73.79
C UNK K 184 55.75 31.95 -72.93
N UNK K 185 56.76 31.60 -72.11
CA UNK K 185 57.45 32.56 -71.27
C UNK K 185 58.55 33.28 -72.02
N UNK K 186 58.88 34.50 -71.55
CA UNK K 186 59.97 35.29 -72.08
C UNK K 186 60.57 36.08 -70.96
N UNK K 187 61.88 36.32 -71.03
CA UNK K 187 62.62 36.86 -69.92
C UNK K 187 63.86 37.52 -70.43
N UNK K 188 64.34 38.60 -69.77
CA UNK K 188 65.62 39.22 -70.12
C UNK K 188 66.48 39.19 -68.90
N UNK K 189 67.80 39.03 -69.10
CA UNK K 189 68.79 39.19 -68.04
C UNK K 189 69.72 40.27 -68.50
N UNK K 190 69.96 41.31 -67.68
CA UNK K 190 70.80 42.43 -68.04
C UNK K 190 71.88 42.61 -67.02
N UNK K 191 72.97 43.30 -67.42
CA UNK K 191 74.04 43.65 -66.53
C UNK K 191 74.59 44.98 -66.98
N UNK K 192 74.96 45.86 -66.03
CA UNK K 192 75.63 47.11 -66.33
C UNK K 192 77.10 47.04 -65.93
N UNK K 193 78.03 47.40 -66.85
CA UNK K 193 79.47 47.25 -66.67
C UNK K 193 80.13 48.56 -67.08
N UNK K 194 81.39 48.89 -66.79
CA UNK K 194 82.00 50.11 -67.30
C UNK K 194 82.17 50.09 -68.81
N UNK K 195 81.98 51.23 -69.49
CA UNK K 195 82.11 51.31 -70.94
C UNK K 195 83.50 50.96 -71.48
N UNK K 196 84.54 51.14 -70.65
CA UNK K 196 85.92 50.79 -70.93
C UNK K 196 86.14 49.31 -71.18
N UNK K 197 85.42 48.45 -70.42
CA UNK K 197 85.57 47.01 -70.46
C UNK K 197 84.91 46.36 -71.66
N UNK K 198 84.07 47.10 -72.43
CA UNK K 198 83.37 46.57 -73.60
C UNK K 198 84.26 46.02 -74.69
N UNK K 199 85.44 46.63 -74.92
CA UNK K 199 86.41 46.07 -75.86
C UNK K 199 87.23 44.93 -75.32
N UNK K 200 87.69 45.04 -74.05
CA UNK K 200 88.59 44.07 -73.45
C UNK K 200 87.92 42.86 -72.82
N UNK K 201 86.87 43.05 -72.00
CA UNK K 201 86.23 41.98 -71.26
C UNK K 201 85.16 41.27 -72.08
N UNK K 202 85.20 39.93 -72.06
CA UNK K 202 84.26 39.09 -72.78
C UNK K 202 83.06 38.82 -71.90
N UNK K 203 81.81 39.01 -72.42
CA UNK K 203 80.59 38.81 -71.68
C UNK K 203 79.77 37.68 -72.29
N UNK K 204 79.49 36.64 -71.49
CA UNK K 204 78.75 35.46 -71.91
C UNK K 204 77.64 35.23 -70.90
N UNK K 205 76.38 35.08 -71.37
CA UNK K 205 75.27 34.70 -70.52
C UNK K 205 75.08 33.19 -70.58
N UNK K 206 75.00 32.54 -69.42
CA UNK K 206 74.87 31.11 -69.34
C UNK K 206 73.44 30.80 -68.98
N UNK K 207 72.64 30.36 -69.97
CA UNK K 207 71.21 30.16 -69.83
C UNK K 207 70.98 28.67 -69.68
N UNK K 208 70.20 28.26 -68.65
CA UNK K 208 69.84 26.87 -68.48
C UNK K 208 68.36 26.72 -68.28
N UNK K 209 67.69 26.04 -69.22
CA UNK K 209 66.31 25.63 -69.12
C UNK K 209 66.31 24.14 -68.93
N UNK K 210 66.41 23.70 -67.66
CA UNK K 210 66.39 22.29 -67.32
C UNK K 210 65.15 21.51 -67.75
N UNK K 211 63.90 21.99 -67.70
CA UNK K 211 62.75 21.24 -68.17
C UNK K 211 62.80 20.80 -69.64
N UNK K 212 63.53 21.49 -70.54
CA UNK K 212 63.65 21.08 -71.93
C UNK K 212 65.01 20.53 -72.30
N UNK K 213 65.95 20.46 -71.32
CA UNK K 213 67.33 20.06 -71.54
C UNK K 213 68.11 21.04 -72.42
N UNK K 214 67.87 22.36 -72.24
CA UNK K 214 68.47 23.37 -73.09
C UNK K 214 69.42 24.20 -72.29
N UNK K 215 70.73 24.01 -72.56
CA UNK K 215 71.81 24.75 -71.96
C UNK K 215 72.47 25.54 -73.07
N UNK K 216 72.54 26.88 -72.96
CA UNK K 216 73.03 27.73 -74.04
C UNK K 216 73.92 28.78 -73.43
N UNK K 217 75.13 28.96 -73.99
CA UNK K 217 76.03 30.00 -73.60
C UNK K 217 76.07 30.99 -74.75
N UNK K 218 75.63 32.25 -74.53
CA UNK K 218 75.57 33.23 -75.60
C UNK K 218 76.51 34.40 -75.32
N UNK K 219 77.46 34.65 -76.23
CA UNK K 219 78.35 35.78 -76.16
C UNK K 219 77.65 37.06 -76.57
N UNK K 220 77.84 38.14 -75.79
CA UNK K 220 77.23 39.43 -76.06
C UNK K 220 78.36 40.42 -76.27
N UNK K 221 78.44 41.00 -77.49
CA UNK K 221 79.50 41.89 -77.89
C UNK K 221 78.85 43.08 -78.58
N UNK K 222 79.53 44.21 -78.78
CA UNK K 222 79.04 45.34 -79.58
C UNK K 222 78.97 45.09 -81.08
N UNK L 1 39.41 27.91 -39.95
CA UNK L 1 39.75 29.28 -39.43
C UNK L 1 40.31 30.07 -40.56
N UNK L 2 39.75 31.27 -40.78
CA UNK L 2 40.15 32.19 -41.81
C UNK L 2 41.01 33.20 -41.11
N UNK L 3 42.16 33.58 -41.69
CA UNK L 3 43.05 34.56 -41.13
C UNK L 3 43.12 35.72 -42.11
N UNK L 4 42.85 36.94 -41.60
CA UNK L 4 42.77 38.13 -42.44
C UNK L 4 43.84 39.09 -41.99
N UNK L 5 44.78 39.44 -42.89
CA UNK L 5 45.86 40.35 -42.56
C UNK L 5 45.55 41.76 -42.96
N UNK L 6 46.13 42.73 -42.23
CA UNK L 6 45.98 44.13 -42.59
C UNK L 6 47.24 44.93 -42.22
N UNK L 7 47.62 45.93 -43.02
CA UNK L 7 47.19 46.17 -44.39
C UNK L 7 47.68 45.09 -45.35
N UNK L 8 47.19 45.06 -46.60
CA UNK L 8 47.66 44.13 -47.64
C UNK L 8 49.01 44.52 -48.19
N UNK L 9 49.34 45.83 -48.11
CA UNK L 9 50.60 46.33 -48.60
C UNK L 9 50.92 47.55 -47.76
N UNK L 10 52.20 47.86 -47.53
CA UNK L 10 52.57 49.13 -46.96
C UNK L 10 54.00 49.49 -47.29
N UNK L 11 54.32 50.78 -47.16
CA UNK L 11 55.63 51.34 -47.54
C UNK L 11 56.15 52.20 -46.42
N UNK L 12 57.35 51.89 -45.86
CA UNK L 12 57.85 52.54 -44.67
C UNK L 12 59.37 52.70 -44.71
N UNK L 13 59.88 53.77 -44.06
CA UNK L 13 61.26 54.18 -44.20
C UNK L 13 62.20 53.39 -43.31
N UNK L 14 63.53 53.46 -43.56
CA UNK L 14 64.50 52.87 -42.62
C UNK L 14 64.48 53.60 -41.27
N UNK L 15 64.37 52.84 -40.16
CA UNK L 15 64.21 53.39 -38.81
C UNK L 15 62.79 53.50 -38.32
N UNK L 16 61.80 53.35 -39.21
CA UNK L 16 60.39 53.36 -38.88
C UNK L 16 59.95 52.13 -38.07
N UNK L 17 58.89 52.32 -37.26
CA UNK L 17 58.21 51.23 -36.58
C UNK L 17 56.99 50.81 -37.37
N UNK L 18 56.93 49.52 -37.74
CA UNK L 18 55.90 48.97 -38.61
C UNK L 18 55.10 47.96 -37.84
N UNK L 19 53.77 47.97 -38.01
CA UNK L 19 52.83 47.11 -37.29
C UNK L 19 51.95 46.42 -38.32
N UNK L 20 51.87 45.07 -38.31
CA UNK L 20 51.08 44.26 -39.24
C UNK L 20 50.11 43.40 -38.45
N UNK L 21 48.81 43.49 -38.78
CA UNK L 21 47.74 42.91 -38.00
C UNK L 21 47.28 41.64 -38.66
N UNK L 22 46.87 40.65 -37.85
CA UNK L 22 46.34 39.41 -38.33
C UNK L 22 45.13 39.03 -37.49
N UNK L 23 43.95 38.88 -38.11
CA UNK L 23 42.70 38.65 -37.41
C UNK L 23 42.15 37.27 -37.75
N UNK L 24 41.86 36.46 -36.71
CA UNK L 24 41.31 35.14 -36.84
C UNK L 24 39.79 35.16 -36.80
N UNK L 25 39.14 34.28 -37.59
CA UNK L 25 37.69 34.16 -37.64
C UNK L 25 37.06 33.50 -36.43
N UNK L 26 37.87 32.74 -35.68
CA UNK L 26 37.50 32.09 -34.44
C UNK L 26 38.64 32.32 -33.50
N UNK L 27 38.41 32.15 -32.19
CA UNK L 27 39.45 32.16 -31.17
C UNK L 27 40.46 31.04 -31.36
N UNK L 28 41.77 31.38 -31.37
CA UNK L 28 42.83 30.43 -31.58
C UNK L 28 43.85 30.45 -30.46
N UNK L 29 43.52 31.08 -29.32
CA UNK L 29 44.43 31.22 -28.18
C UNK L 29 45.70 31.99 -28.49
N UNK L 30 46.89 31.37 -28.40
CA UNK L 30 48.14 31.97 -28.83
C UNK L 30 48.76 31.14 -29.94
N UNK L 31 47.98 30.25 -30.60
CA UNK L 31 48.50 29.33 -31.60
C UNK L 31 48.70 29.94 -32.97
N UNK L 32 49.50 31.03 -33.03
CA UNK L 32 49.78 31.74 -34.25
C UNK L 32 51.27 31.91 -34.44
N UNK L 33 51.76 31.70 -35.66
CA UNK L 33 53.12 31.93 -36.04
C UNK L 33 53.20 32.96 -37.15
N UNK L 34 54.34 33.68 -37.22
CA UNK L 34 54.62 34.70 -38.23
C UNK L 34 55.86 34.34 -39.03
N UNK L 35 55.80 34.60 -40.35
CA UNK L 35 56.81 34.23 -41.32
C UNK L 35 57.21 35.42 -42.14
N UNK L 36 58.46 35.41 -42.62
CA UNK L 36 58.98 36.38 -43.57
C UNK L 36 59.37 35.66 -44.84
N UNK L 37 58.87 36.10 -46.02
CA UNK L 37 59.26 35.56 -47.31
C UNK L 37 59.95 36.65 -48.10
N UNK L 38 61.23 36.41 -48.44
CA UNK L 38 62.01 37.22 -49.34
C UNK L 38 61.90 36.67 -50.76
N UNK L 39 61.96 37.47 -51.81
CA UNK L 39 61.74 37.00 -53.17
C UNK L 39 62.62 35.87 -53.65
N UNK L 40 62.03 34.83 -54.26
CA UNK L 40 62.74 33.66 -54.74
C UNK L 40 63.16 32.69 -53.65
N UNK L 41 62.72 32.91 -52.40
CA UNK L 41 63.15 32.13 -51.25
C UNK L 41 61.94 31.54 -50.54
N UNK L 42 62.07 30.42 -49.83
CA UNK L 42 61.00 29.94 -48.96
C UNK L 42 60.76 30.88 -47.78
N UNK L 43 59.60 30.92 -47.14
CA UNK L 43 59.40 31.63 -45.91
C UNK L 43 60.30 31.21 -44.75
N UNK L 44 60.60 32.16 -43.86
CA UNK L 44 61.42 31.96 -42.69
C UNK L 44 60.59 32.28 -41.48
N UNK L 45 60.55 31.39 -40.46
CA UNK L 45 59.88 31.66 -39.21
C UNK L 45 60.50 32.79 -38.41
N UNK L 46 59.64 33.71 -37.94
CA UNK L 46 60.08 34.79 -37.10
C UNK L 46 59.62 34.60 -35.69
N UNK L 47 58.32 34.27 -35.51
CA UNK L 47 57.69 34.27 -34.21
C UNK L 47 56.74 33.11 -34.21
N UNK L 48 56.67 32.41 -33.06
CA UNK L 48 55.79 31.31 -32.84
C UNK L 48 55.08 31.57 -31.51
N UNK L 49 53.95 30.88 -31.20
CA UNK L 49 53.16 31.12 -29.97
C UNK L 49 52.71 32.57 -29.83
N UNK L 50 52.42 33.24 -30.96
CA UNK L 50 52.04 34.63 -31.02
C UNK L 50 53.10 35.67 -30.58
N UNK L 51 54.06 35.33 -29.69
CA UNK L 51 54.98 36.31 -29.11
C UNK L 51 56.39 35.80 -28.88
N UNK L 52 56.67 34.51 -29.06
CA UNK L 52 57.99 33.99 -28.78
C UNK L 52 58.88 34.09 -29.99
N UNK L 53 60.04 34.73 -29.82
CA UNK L 53 61.03 34.98 -30.86
C UNK L 53 61.77 33.70 -31.26
N UNK L 54 61.71 33.31 -32.55
CA UNK L 54 62.49 32.21 -33.09
C UNK L 54 63.99 32.44 -33.06
N UNK L 55 64.76 31.36 -32.83
CA UNK L 55 66.21 31.41 -32.84
C UNK L 55 66.80 31.93 -34.14
N UNK L 56 67.79 32.84 -34.03
CA UNK L 56 68.42 33.49 -35.17
C UNK L 56 67.66 34.66 -35.74
N UNK L 57 66.50 35.03 -35.16
CA UNK L 57 65.73 36.16 -35.65
C UNK L 57 66.13 37.41 -34.87
N UNK L 58 66.47 38.55 -35.45
CA UNK L 58 66.79 39.76 -34.72
C UNK L 58 65.67 40.27 -33.84
N UNK L 59 66.00 40.97 -32.73
CA UNK L 59 65.06 41.41 -31.72
C UNK L 59 64.14 42.54 -32.15
N UNK L 60 64.38 43.14 -33.34
CA UNK L 60 63.49 44.14 -33.89
C UNK L 60 62.14 43.59 -34.33
N UNK L 61 62.04 42.26 -34.56
CA UNK L 61 60.81 41.57 -34.85
C UNK L 61 60.16 41.10 -33.56
N UNK L 62 58.89 41.43 -33.31
CA UNK L 62 58.19 40.99 -32.12
C UNK L 62 56.75 40.69 -32.43
N UNK L 63 56.11 39.79 -31.65
CA UNK L 63 54.72 39.45 -31.82
C UNK L 63 53.93 39.71 -30.56
N UNK L 64 52.62 39.93 -30.71
CA UNK L 64 51.73 40.17 -29.59
C UNK L 64 50.32 39.75 -29.96
N UNK L 65 49.45 39.59 -28.95
CA UNK L 65 48.05 39.26 -29.14
C UNK L 65 47.67 37.87 -28.69
N UNK L 66 46.35 37.65 -28.59
CA UNK L 66 45.78 36.39 -28.18
C UNK L 66 44.33 36.38 -28.64
N UNK L 67 43.68 35.20 -28.65
CA UNK L 67 42.27 35.10 -29.01
C UNK L 67 42.07 35.19 -30.50
N UNK L 68 41.68 36.38 -31.01
CA UNK L 68 41.41 36.60 -32.41
C UNK L 68 42.20 37.74 -33.03
N UNK L 69 42.93 38.56 -32.24
CA UNK L 69 43.64 39.72 -32.77
C UNK L 69 45.10 39.60 -32.44
N UNK L 70 45.97 39.63 -33.48
CA UNK L 70 47.39 39.38 -33.36
C UNK L 70 48.16 40.37 -34.18
N UNK L 71 49.36 40.71 -33.70
CA UNK L 71 50.14 41.82 -34.26
C UNK L 71 51.59 41.40 -34.39
N UNK L 72 52.20 41.73 -35.55
CA UNK L 72 53.63 41.62 -35.81
C UNK L 72 54.20 43.02 -35.87
N UNK L 73 55.25 43.30 -35.10
CA UNK L 73 55.84 44.63 -35.04
C UNK L 73 57.29 44.54 -35.43
N UNK L 74 57.73 45.42 -36.36
CA UNK L 74 59.13 45.56 -36.73
C UNK L 74 59.53 46.92 -36.22
N UNK L 75 60.34 46.94 -35.13
CA UNK L 75 60.62 48.13 -34.34
C UNK L 75 61.41 49.24 -34.99
N UNK L 76 62.42 48.89 -35.80
CA UNK L 76 63.26 49.84 -36.49
C UNK L 76 63.65 49.20 -37.80
N UNK L 77 62.94 49.54 -38.90
CA UNK L 77 63.13 48.96 -40.22
C UNK L 77 64.53 49.09 -40.80
N UNK L 78 65.01 48.00 -41.43
CA UNK L 78 66.27 47.93 -42.14
C UNK L 78 65.98 47.69 -43.62
N UNK L 79 66.88 47.95 -44.58
CA UNK L 79 66.62 47.78 -46.01
C UNK L 79 66.32 46.35 -46.39
N UNK L 80 66.85 45.36 -45.65
CA UNK L 80 66.66 43.98 -45.95
C UNK L 80 65.33 43.43 -45.41
N UNK L 81 64.52 44.26 -44.72
CA UNK L 81 63.28 43.83 -44.13
C UNK L 81 62.14 43.93 -45.13
N UNK L 82 62.39 44.37 -46.40
CA UNK L 82 61.43 44.23 -47.48
C UNK L 82 61.09 42.76 -47.73
N UNK L 83 59.80 42.40 -47.74
CA UNK L 83 59.41 41.02 -47.84
C UNK L 83 57.91 40.95 -47.84
N UNK L 84 57.37 39.74 -48.02
CA UNK L 84 55.96 39.48 -47.81
C UNK L 84 55.83 38.70 -46.53
N UNK L 85 55.06 39.22 -45.56
CA UNK L 85 54.95 38.67 -44.22
C UNK L 85 53.63 37.95 -44.05
N UNK L 86 53.66 36.74 -43.47
CA UNK L 86 52.50 35.86 -43.38
C UNK L 86 52.28 35.46 -41.95
N UNK L 87 51.02 35.40 -41.52
CA UNK L 87 50.65 34.75 -40.28
C UNK L 87 49.98 33.41 -40.56
N UNK L 88 50.03 32.47 -39.60
CA UNK L 88 49.52 31.13 -39.80
C UNK L 88 49.12 30.56 -38.46
N UNK L 89 48.06 29.72 -38.40
CA UNK L 89 47.60 29.19 -37.14
C UNK L 89 47.73 27.67 -37.05
N UNK L 90 47.90 27.21 -35.79
CA UNK L 90 48.08 25.82 -35.41
C UNK L 90 47.02 25.35 -34.43
N UNK L 91 45.89 26.07 -34.31
CA UNK L 91 44.77 25.71 -33.47
C UNK L 91 44.03 24.49 -34.02
N UNK L 92 43.77 24.49 -35.34
CA UNK L 92 43.18 23.37 -36.06
C UNK L 92 44.31 22.69 -36.78
N UNK L 93 43.99 21.98 -37.88
CA UNK L 93 44.97 21.37 -38.74
C UNK L 93 45.17 22.16 -40.06
N UNK L 94 44.87 23.50 -40.19
CA UNK L 94 45.08 24.20 -41.50
C UNK L 94 44.98 25.74 -41.50
N UNK L 95 45.87 26.58 -42.15
CA UNK L 95 45.57 28.03 -42.12
C UNK L 95 46.70 29.04 -42.38
N UNK L 96 46.62 29.96 -43.37
CA UNK L 96 47.57 31.07 -43.46
C UNK L 96 46.75 32.31 -43.77
N UNK L 97 47.24 33.50 -43.36
CA UNK L 97 46.75 34.78 -43.88
C UNK L 97 47.13 35.03 -45.32
N UNK L 98 46.53 36.07 -45.95
CA UNK L 98 46.78 36.33 -47.37
C UNK L 98 48.13 36.97 -47.65
N UNK L 99 48.81 37.49 -46.62
CA UNK L 99 50.12 38.11 -46.75
C UNK L 99 50.07 39.60 -46.74
N UNK L 100 51.19 40.20 -46.30
CA UNK L 100 51.34 41.64 -46.25
C UNK L 100 52.65 41.99 -46.89
N UNK L 101 52.63 42.69 -48.04
CA UNK L 101 53.84 43.09 -48.77
C UNK L 101 54.42 44.36 -48.18
N UNK L 102 55.68 44.32 -47.72
CA UNK L 102 56.33 45.44 -47.06
C UNK L 102 57.40 45.98 -47.98
N UNK L 103 57.25 47.24 -48.40
CA UNK L 103 58.21 47.96 -49.21
C UNK L 103 59.03 48.89 -48.32
N UNK L 104 60.33 49.04 -48.60
CA UNK L 104 61.17 49.98 -47.88
C UNK L 104 61.20 51.31 -48.62
N UNK L 105 60.69 52.39 -47.99
CA UNK L 105 60.80 53.75 -48.51
C UNK L 105 62.22 54.24 -48.62
N UNK L 106 62.47 55.06 -49.65
CA UNK L 106 63.81 55.39 -50.01
C UNK L 106 63.81 56.78 -50.61
N UNK L 107 64.98 57.42 -50.74
CA UNK L 107 65.11 58.66 -51.50
C UNK L 107 64.85 58.43 -52.97
N UNK L 108 64.27 59.43 -53.67
CA UNK L 108 64.01 59.33 -55.09
C UNK L 108 65.28 59.13 -55.90
N UNK L 109 65.28 58.17 -56.84
CA UNK L 109 66.42 57.88 -57.67
C UNK L 109 65.90 57.73 -59.08
N UNK L 110 66.43 58.54 -60.01
CA UNK L 110 66.09 58.48 -61.41
C UNK L 110 66.58 57.20 -62.09
N UNK L 111 65.89 56.59 -63.05
CA UNK L 111 66.42 55.46 -63.79
C UNK L 111 67.46 55.85 -64.80
N UNK L 112 68.42 54.93 -65.01
CA UNK L 112 69.29 54.98 -66.17
C UNK L 112 68.61 54.22 -67.28
N UNK L 113 68.42 54.85 -68.47
CA UNK L 113 67.59 54.27 -69.52
C UNK L 113 68.44 53.83 -70.69
N UNK L 114 68.20 52.60 -71.20
CA UNK L 114 68.92 51.99 -72.30
C UNK L 114 67.90 51.35 -73.24
N UNK L 115 68.06 51.50 -74.58
CA UNK L 115 67.20 50.87 -75.56
C UNK L 115 68.05 49.90 -76.36
N UNK L 116 67.53 48.68 -76.65
CA UNK L 116 68.22 47.63 -77.35
C UNK L 116 67.45 47.29 -78.63
N UNK L 117 67.99 47.39 -79.84
CA UNK L 117 67.38 46.88 -81.06
C UNK L 117 67.30 45.37 -81.07
N UNK L 118 66.41 44.70 -81.82
CA UNK L 118 66.46 43.27 -82.06
C UNK L 118 67.76 42.84 -82.71
N UNK L 119 68.25 41.65 -82.33
CA UNK L 119 69.40 41.04 -82.95
C UNK L 119 69.12 40.57 -84.36
N UNK L 120 70.15 40.54 -85.23
CA UNK L 120 70.01 39.97 -86.57
C UNK L 120 69.58 38.53 -86.58
N UNK L 121 70.04 37.74 -85.57
CA UNK L 121 69.65 36.36 -85.33
C UNK L 121 68.15 36.18 -85.13
N UNK L 122 67.52 37.03 -84.30
CA UNK L 122 66.08 37.01 -84.12
C UNK L 122 65.31 37.40 -85.37
N UNK L 123 65.76 38.42 -86.12
CA UNK L 123 65.05 38.88 -87.31
C UNK L 123 64.94 37.85 -88.43
N UNK L 124 65.81 36.82 -88.44
CA UNK L 124 65.70 35.68 -89.32
C UNK L 124 64.52 34.77 -89.02
N UNK L 125 63.97 34.78 -87.78
CA UNK L 125 62.87 33.91 -87.39
C UNK L 125 61.51 34.54 -87.65
N UNK L 126 61.49 35.81 -88.12
CA UNK L 126 60.25 36.50 -88.48
C UNK L 126 59.69 37.44 -87.45
N UNK L 127 60.36 37.60 -86.29
CA UNK L 127 59.85 38.43 -85.21
C UNK L 127 60.96 39.35 -84.76
N UNK L 128 60.62 40.56 -84.28
CA UNK L 128 61.54 41.53 -83.74
C UNK L 128 61.11 41.91 -82.33
N UNK L 129 62.00 41.76 -81.33
CA UNK L 129 61.77 42.20 -79.97
C UNK L 129 62.64 43.40 -79.68
N UNK L 130 62.06 44.52 -79.25
CA UNK L 130 62.80 45.74 -78.96
C UNK L 130 62.72 45.97 -77.46
N UNK L 131 63.85 46.06 -76.74
CA UNK L 131 63.84 46.05 -75.28
C UNK L 131 64.27 47.41 -74.77
N UNK L 132 63.56 47.95 -73.78
CA UNK L 132 63.92 49.16 -73.08
C UNK L 132 64.17 48.78 -71.64
N UNK L 133 65.27 49.28 -71.06
CA UNK L 133 65.69 48.98 -69.71
C UNK L 133 65.70 50.28 -68.93
N UNK L 134 65.06 50.25 -67.75
CA UNK L 134 65.07 51.30 -66.76
C UNK L 134 65.82 50.72 -65.59
N UNK L 135 67.02 51.23 -65.28
CA UNK L 135 67.93 50.57 -64.37
C UNK L 135 68.08 51.37 -63.08
N UNK L 136 67.84 50.71 -61.91
CA UNK L 136 68.05 51.19 -60.55
C UNK L 136 67.30 52.46 -60.13
N UNK L 137 65.95 52.43 -60.07
CA UNK L 137 65.15 53.60 -59.76
C UNK L 137 64.25 53.45 -58.54
N UNK L 138 63.82 54.60 -57.98
CA UNK L 138 62.85 54.62 -56.92
C UNK L 138 62.07 55.94 -57.02
N UNK L 139 60.76 56.08 -56.76
CA UNK L 139 59.81 55.03 -56.43
C UNK L 139 59.53 54.12 -57.59
N UNK L 140 58.71 53.07 -57.37
CA UNK L 140 58.32 52.07 -58.35
C UNK L 140 57.53 52.58 -59.55
N UNK L 141 56.67 53.60 -59.36
CA UNK L 141 55.85 54.21 -60.39
C UNK L 141 56.66 54.74 -61.58
N UNK L 142 56.45 54.17 -62.78
CA UNK L 142 57.19 54.58 -63.94
C UNK L 142 56.27 54.39 -65.13
N UNK L 143 56.25 55.36 -66.06
CA UNK L 143 55.46 55.23 -67.27
C UNK L 143 56.41 55.06 -68.43
N UNK L 144 56.26 53.98 -69.21
CA UNK L 144 57.11 53.66 -70.33
C UNK L 144 56.24 53.64 -71.58
N UNK L 145 56.53 54.52 -72.55
CA UNK L 145 55.79 54.58 -73.80
C UNK L 145 56.70 54.27 -74.96
N UNK L 146 56.25 53.41 -75.88
CA UNK L 146 56.96 53.11 -77.10
C UNK L 146 56.42 53.96 -78.23
N UNK L 147 57.33 54.46 -79.08
CA UNK L 147 56.96 55.18 -80.28
C UNK L 147 57.75 54.64 -81.45
N UNK L 148 57.05 54.36 -82.57
CA UNK L 148 57.66 53.87 -83.79
C UNK L 148 57.29 54.87 -84.86
N UNK L 149 58.28 55.57 -85.45
CA UNK L 149 58.11 56.74 -86.33
C UNK L 149 57.19 57.82 -85.73
N UNK L 150 57.39 58.05 -84.42
CA UNK L 150 56.63 58.94 -83.55
C UNK L 150 55.16 58.56 -83.32
N UNK L 151 54.71 57.37 -83.74
CA UNK L 151 53.37 56.90 -83.46
C UNK L 151 53.34 56.11 -82.17
N UNK L 152 52.50 56.51 -81.20
CA UNK L 152 52.34 55.83 -79.92
C UNK L 152 51.84 54.40 -80.10
N UNK L 153 52.50 53.44 -79.42
CA UNK L 153 52.19 52.04 -79.54
C UNK L 153 51.32 51.57 -78.39
N UNK L 154 50.41 50.62 -78.66
CA UNK L 154 49.47 50.13 -77.66
C UNK L 154 49.24 48.67 -77.88
N UNK L 155 49.26 47.88 -76.77
CA UNK L 155 48.89 46.46 -76.78
C UNK L 155 49.92 45.50 -77.33
N UNK L 156 51.12 45.98 -77.66
CA UNK L 156 52.19 45.20 -78.25
C UNK L 156 53.45 45.21 -77.40
N UNK L 157 53.35 45.63 -76.13
CA UNK L 157 54.48 45.63 -75.21
C UNK L 157 54.10 44.99 -73.89
N UNK L 158 55.11 44.45 -73.18
CA UNK L 158 54.94 43.83 -71.88
C UNK L 158 56.08 44.27 -70.99
N UNK L 159 55.79 44.47 -69.69
CA UNK L 159 56.75 44.92 -68.71
C UNK L 159 57.07 43.84 -67.70
N UNK L 160 58.32 43.86 -67.22
CA UNK L 160 58.77 43.02 -66.12
C UNK L 160 59.56 43.88 -65.17
N UNK L 161 59.35 43.73 -63.85
CA UNK L 161 60.01 44.56 -62.87
C UNK L 161 60.70 43.66 -61.87
N UNK L 162 61.97 43.96 -61.54
CA UNK L 162 62.71 43.26 -60.48
C UNK L 162 62.12 43.56 -59.13
N UNK L 163 62.34 42.66 -58.15
CA UNK L 163 62.00 42.95 -56.78
C UNK L 163 63.00 43.93 -56.22
N UNK L 164 62.61 44.67 -55.16
CA UNK L 164 63.43 45.67 -54.52
C UNK L 164 64.85 45.21 -54.19
N UNK L 165 65.89 45.98 -54.58
CA UNK L 165 67.23 45.60 -54.23
C UNK L 165 67.41 45.59 -52.72
N UNK L 166 67.97 44.50 -52.16
CA UNK L 166 68.04 44.36 -50.70
C UNK L 166 69.05 45.32 -50.06
N UNK L 167 69.89 46.01 -50.84
CA UNK L 167 70.85 46.96 -50.33
C UNK L 167 70.46 48.38 -50.68
N UNK L 168 70.33 48.74 -51.98
CA UNK L 168 70.09 50.14 -52.31
C UNK L 168 68.60 50.47 -52.35
N UNK L 169 67.73 49.44 -52.27
CA UNK L 169 66.27 49.53 -52.27
C UNK L 169 65.67 50.02 -53.57
N UNK L 170 66.33 49.84 -54.73
CA UNK L 170 65.80 50.25 -56.02
C UNK L 170 65.09 49.14 -56.77
N UNK L 171 64.38 49.53 -57.85
CA UNK L 171 63.76 48.64 -58.78
C UNK L 171 64.43 48.81 -60.12
N UNK L 172 64.38 47.78 -60.98
CA UNK L 172 64.77 47.90 -62.36
C UNK L 172 63.61 47.35 -63.15
N UNK L 173 63.41 47.83 -64.38
CA UNK L 173 62.25 47.51 -65.20
C UNK L 173 62.65 47.25 -66.63
N UNK L 174 62.08 46.19 -67.23
CA UNK L 174 62.25 45.87 -68.63
C UNK L 174 60.92 46.10 -69.30
N UNK L 175 60.93 46.72 -70.48
CA UNK L 175 59.76 46.85 -71.31
C UNK L 175 60.15 46.27 -72.65
N UNK L 176 59.34 45.34 -73.19
CA UNK L 176 59.70 44.63 -74.41
C UNK L 176 58.60 44.82 -75.42
N UNK L 177 58.92 45.44 -76.57
CA UNK L 177 58.00 45.68 -77.68
C UNK L 177 58.17 44.59 -78.70
N UNK L 178 57.07 43.91 -79.08
CA UNK L 178 57.13 42.75 -79.97
C UNK L 178 56.43 43.07 -81.27
N UNK L 179 57.13 42.94 -82.41
CA UNK L 179 56.62 43.24 -83.73
C UNK L 179 57.03 42.12 -84.66
N UNK L 180 56.35 41.94 -85.82
CA UNK L 180 56.82 41.08 -86.89
C UNK L 180 58.06 41.65 -87.58
N UNK L 181 58.85 40.82 -88.27
CA UNK L 181 59.98 41.30 -89.05
C UNK L 181 59.59 42.33 -90.12
N UNK L 182 58.50 42.06 -90.87
CA UNK L 182 57.96 42.95 -91.88
C UNK L 182 57.49 44.31 -91.35
N UNK L 183 56.80 44.35 -90.19
CA UNK L 183 56.47 45.60 -89.54
C UNK L 183 57.69 46.34 -89.01
N UNK L 184 58.69 45.63 -88.46
CA UNK L 184 59.92 46.27 -88.04
C UNK L 184 60.70 46.93 -89.20
N UNK L 185 60.79 46.25 -90.36
CA UNK L 185 61.48 46.74 -91.54
C UNK L 185 60.76 47.90 -92.23
N UNK L 186 59.44 48.05 -92.00
CA UNK L 186 58.63 49.17 -92.46
C UNK L 186 59.08 50.52 -91.93
N UNK L 187 59.53 50.59 -90.66
CA UNK L 187 59.73 51.86 -89.98
C UNK L 187 61.19 52.09 -89.61
N UNK L 188 61.57 53.36 -89.35
CA UNK L 188 62.95 53.70 -89.08
C UNK L 188 63.22 54.04 -87.61
N UNK L 189 62.44 54.93 -86.96
CA UNK L 189 62.81 55.46 -85.66
C UNK L 189 62.08 54.71 -84.56
N UNK L 190 62.85 54.07 -83.66
CA UNK L 190 62.31 53.29 -82.56
C UNK L 190 62.71 53.97 -81.28
N UNK L 191 61.72 54.44 -80.51
CA UNK L 191 61.95 55.24 -79.32
C UNK L 191 61.19 54.69 -78.12
N UNK L 192 61.84 54.74 -76.94
CA UNK L 192 61.27 54.42 -75.66
C UNK L 192 61.34 55.69 -74.82
N UNK L 193 60.17 56.19 -74.35
CA UNK L 193 60.06 57.38 -73.54
C UNK L 193 59.66 57.01 -72.13
N UNK L 194 60.46 57.45 -71.14
CA UNK L 194 60.33 57.10 -69.74
C UNK L 194 60.00 58.32 -68.92
N UNK L 195 58.90 58.26 -68.17
CA UNK L 195 58.46 59.32 -67.28
C UNK L 195 58.50 58.80 -65.87
N UNK L 196 59.23 59.49 -64.97
CA UNK L 196 59.48 59.04 -63.62
C UNK L 196 59.73 60.26 -62.77
N UNK L 197 59.45 60.21 -61.45
CA UNK L 197 59.59 61.32 -60.51
C UNK L 197 61.01 61.85 -60.35
N UNK L 198 62.03 61.00 -60.50
CA UNK L 198 63.43 61.43 -60.40
C UNK L 198 63.96 62.12 -61.62
N UNK L 199 63.21 62.10 -62.73
CA UNK L 199 63.59 62.77 -63.97
C UNK L 199 62.98 64.15 -64.01
N UNK L 200 63.70 65.17 -64.52
CA UNK L 200 63.18 66.52 -64.59
C UNK L 200 62.19 66.74 -65.73
N UNK L 201 62.20 65.84 -66.73
CA UNK L 201 61.28 65.81 -67.85
C UNK L 201 61.34 64.39 -68.39
N UNK L 202 60.46 63.87 -69.25
CA UNK L 202 60.57 62.50 -69.75
C UNK L 202 61.82 62.26 -70.59
N UNK L 203 62.48 61.12 -70.39
CA UNK L 203 63.71 60.79 -71.10
C UNK L 203 63.42 59.82 -72.20
N UNK L 204 63.87 60.15 -73.42
CA UNK L 204 63.64 59.32 -74.60
C UNK L 204 64.94 58.69 -75.02
N UNK L 205 64.95 57.36 -75.18
CA UNK L 205 66.06 56.64 -75.77
C UNK L 205 65.62 56.08 -77.09
N UNK L 206 66.41 56.34 -78.15
CA UNK L 206 66.03 55.95 -79.49
C UNK L 206 67.20 55.48 -80.31
N UNK L 207 66.87 54.73 -81.38
CA UNK L 207 67.80 54.27 -82.38
C UNK L 207 67.10 54.36 -83.72
N UNK L 208 67.89 54.40 -84.81
CA UNK L 208 67.38 54.34 -86.16
C UNK L 208 67.66 52.94 -86.66
N UNK L 209 66.67 52.23 -87.20
CA UNK L 209 66.88 50.88 -87.73
C UNK L 209 67.88 50.79 -88.88
N UNK L 210 68.98 50.02 -88.69
CA UNK L 210 70.05 49.85 -89.67
C UNK L 210 71.33 50.55 -89.29
N UNK L 211 71.21 51.74 -88.68
CA UNK L 211 72.31 52.57 -88.23
C UNK L 211 73.02 52.06 -86.93
N ASP M 1 12.34 43.37 31.69
CA ASP M 1 11.06 42.64 31.51
C ASP M 1 10.44 42.26 32.85
N LEU M 2 9.93 43.26 33.54
CA LEU M 2 9.08 43.05 34.71
C LEU M 2 7.62 42.81 34.31
N ASP M 3 7.34 42.59 33.03
CA ASP M 3 6.00 42.60 32.46
C ASP M 3 5.67 41.25 31.84
N THR M 4 6.18 40.18 32.44
CA THR M 4 6.05 38.82 31.93
C THR M 4 5.31 37.89 32.89
N HIS M 5 4.80 38.41 33.99
CA HIS M 5 4.09 37.61 34.99
C HIS M 5 2.82 38.34 35.41
N PHE M 6 2.08 38.82 34.43
CA PHE M 6 0.73 39.29 34.69
C PHE M 6 -0.24 38.15 34.96
N THR M 7 0.22 36.91 34.87
CA THR M 7 -0.50 35.79 35.45
C THR M 7 -0.89 36.11 36.88
N GLN M 8 0.10 36.40 37.72
CA GLN M 8 -0.20 36.76 39.11
C GLN M 8 -0.70 38.20 39.21
N TYR M 9 0.06 39.12 38.62
CA TYR M 9 -0.07 40.54 38.96
C TYR M 9 -1.48 41.05 38.71
N LYS M 10 -1.96 40.94 37.47
CA LYS M 10 -3.30 41.42 37.15
C LYS M 10 -4.36 40.69 37.95
N LEU M 11 -4.16 39.39 38.17
CA LEU M 11 -5.23 38.49 38.51
C LEU M 11 -5.26 38.13 39.98
N ALA M 12 -4.17 38.34 40.70
CA ALA M 12 -4.10 38.08 42.13
C ALA M 12 -4.13 39.39 42.90
N ARG M 13 -4.66 39.34 44.11
CA ARG M 13 -4.81 40.48 44.99
C ARG M 13 -3.99 40.27 46.26
N PRO M 14 -3.69 41.34 47.01
CA PRO M 14 -2.97 41.14 48.27
C PRO M 14 -3.85 40.52 49.33
N TYR M 15 -3.65 39.24 49.59
CA TYR M 15 -4.54 38.55 50.50
C TYR M 15 -4.29 39.03 51.94
N ILE M 16 -5.32 38.91 52.77
CA ILE M 16 -5.22 39.20 54.19
C ILE M 16 -5.66 38.01 55.01
N ALA M 17 -4.83 37.64 55.99
CA ALA M 17 -5.05 36.47 56.82
C ALA M 17 -4.72 36.83 58.25
N ASP M 18 -4.70 35.82 59.12
CA ASP M 18 -4.59 36.00 60.56
C ASP M 18 -3.17 35.76 61.01
N CYS M 19 -2.43 36.84 61.22
CA CYS M 19 -1.08 36.73 61.75
C CYS M 19 -1.14 36.21 63.19
N PRO M 20 -0.18 35.38 63.61
CA PRO M 20 -0.33 34.72 64.91
C PRO M 20 0.07 35.52 66.15
N ASN M 21 1.09 36.36 66.04
CA ASN M 21 1.56 37.15 67.18
C ASN M 21 1.87 38.56 66.69
N CYS M 22 0.86 39.16 66.07
CA CYS M 22 0.95 40.40 65.32
C CYS M 22 1.25 41.57 66.23
N GLY M 23 2.46 41.62 66.76
CA GLY M 23 2.86 42.65 67.68
C GLY M 23 2.32 42.38 69.07
N HIS M 24 1.02 42.59 69.25
CA HIS M 24 0.36 42.22 70.49
C HIS M 24 0.08 40.73 70.51
N SER M 25 -0.78 40.29 69.60
CA SER M 25 -1.39 38.98 69.60
C SER M 25 -1.91 38.73 68.19
N ARG M 26 -2.82 37.78 68.05
CA ARG M 26 -3.33 37.41 66.74
C ARG M 26 -4.18 38.53 66.14
N CYS M 27 -3.58 39.31 65.24
CA CYS M 27 -4.36 40.24 64.42
C CYS M 27 -4.74 39.56 63.11
N ASP M 28 -5.23 40.35 62.17
CA ASP M 28 -5.38 39.95 60.78
C ASP M 28 -4.53 40.89 59.95
N SER M 29 -3.27 40.49 59.69
CA SER M 29 -2.39 41.32 58.90
C SER M 29 -2.48 40.96 57.43
N PRO M 30 -2.36 41.91 56.51
CA PRO M 30 -2.22 41.54 55.09
C PRO M 30 -0.91 40.83 54.81
N ILE M 31 0.10 40.98 55.67
CA ILE M 31 1.41 40.39 55.45
C ILE M 31 1.52 39.11 56.27
N ALA M 32 0.39 38.48 56.55
CA ALA M 32 0.36 37.25 57.33
C ALA M 32 1.26 36.20 56.71
N ILE M 33 2.20 35.71 57.50
CA ILE M 33 3.28 34.88 57.02
C ILE M 33 2.85 33.42 57.04
N GLU M 34 2.88 32.80 55.87
CA GLU M 34 2.76 31.37 55.72
C GLU M 34 4.01 30.89 55.00
N GLU M 35 4.21 29.57 54.99
CA GLU M 35 5.24 28.87 54.22
C GLU M 35 6.60 29.56 54.33
N VAL M 36 7.11 29.54 55.53
CA VAL M 36 8.50 29.88 55.77
C VAL M 36 9.36 28.70 55.33
N ARG M 37 10.44 28.98 54.63
CA ARG M 37 11.29 27.96 54.04
C ARG M 37 12.76 28.28 54.33
N GLY M 38 13.23 27.85 55.50
CA GLY M 38 14.62 27.98 55.85
C GLY M 38 15.35 26.70 55.49
N ASP M 39 15.10 26.26 54.27
CA ASP M 39 15.52 24.94 53.81
C ASP M 39 16.72 25.01 52.89
N ALA M 40 17.08 26.19 52.40
CA ALA M 40 18.27 26.37 51.59
C ALA M 40 19.47 26.55 52.49
N HIS M 41 20.59 27.01 51.92
CA HIS M 41 21.87 27.08 52.60
C HIS M 41 22.47 28.48 52.66
N ALA M 42 22.06 29.40 51.79
CA ALA M 42 22.83 30.60 51.50
C ALA M 42 22.46 31.77 52.40
N GLY M 43 22.02 31.50 53.62
CA GLY M 43 21.52 32.58 54.45
C GLY M 43 20.17 33.10 54.04
N VAL M 44 19.47 32.42 53.14
CA VAL M 44 18.29 32.93 52.47
C VAL M 44 17.06 32.20 52.94
N ILE M 45 15.95 32.92 53.02
CA ILE M 45 14.63 32.33 53.19
C ILE M 45 13.72 32.91 52.14
N ARG M 46 12.94 32.03 51.53
CA ARG M 46 11.80 32.41 50.72
C ARG M 46 10.56 32.40 51.61
N ILE M 47 9.81 33.49 51.57
CA ILE M 47 8.65 33.69 52.42
C ILE M 47 7.47 34.03 51.51
N GLN M 48 6.26 33.69 51.98
CA GLN M 48 5.04 34.23 51.38
C GLN M 48 4.33 35.07 52.42
N THR M 49 4.20 36.36 52.13
CA THR M 49 3.17 37.17 52.73
C THR M 49 1.86 36.85 52.05
N SER M 50 0.76 37.05 52.77
CA SER M 50 -0.52 37.09 52.11
C SER M 50 -0.67 38.36 51.28
N ALA M 51 0.17 39.36 51.54
CA ALA M 51 0.18 40.57 50.74
C ALA M 51 0.96 40.35 49.45
N MET M 52 0.46 40.94 48.38
CA MET M 52 1.02 40.86 47.04
C MET M 52 1.65 42.22 46.77
N PHE M 53 2.91 42.35 47.15
CA PHE M 53 3.70 43.49 46.71
C PHE M 53 4.27 43.18 45.34
N GLY M 54 4.90 44.18 44.73
CA GLY M 54 5.37 44.05 43.37
C GLY M 54 4.96 45.24 42.55
N LEU M 55 4.37 45.00 41.37
CA LEU M 55 3.75 46.10 40.65
C LEU M 55 2.60 46.65 41.50
N LYS M 56 2.03 47.75 41.02
CA LYS M 56 0.88 48.34 41.68
C LYS M 56 -0.34 47.49 41.38
N THR M 57 -1.52 48.03 41.69
CA THR M 57 -2.75 47.43 41.23
C THR M 57 -2.72 47.19 39.73
N ASP M 58 -2.14 48.12 38.97
CA ASP M 58 -2.29 48.10 37.52
C ASP M 58 -1.08 47.60 36.74
N GLY M 59 0.05 48.31 36.74
CA GLY M 59 1.10 47.99 35.78
C GLY M 59 2.56 48.33 35.98
N VAL M 60 3.01 48.88 37.11
CA VAL M 60 4.31 49.54 37.14
C VAL M 60 5.11 49.16 38.39
N ASP M 61 6.42 48.97 38.19
CA ASP M 61 7.42 49.09 39.25
C ASP M 61 7.28 48.07 40.39
N LEU M 62 7.87 46.89 40.16
CA LEU M 62 8.07 45.86 41.18
C LEU M 62 8.35 46.42 42.57
N ALA M 63 9.12 47.49 42.66
CA ALA M 63 9.55 48.03 43.94
C ALA M 63 8.47 48.87 44.63
N TYR M 64 7.21 48.78 44.23
CA TYR M 64 6.10 49.36 44.97
C TYR M 64 5.42 48.28 45.79
N MET M 65 4.34 48.66 46.47
CA MET M 65 3.89 47.95 47.66
C MET M 65 2.37 48.01 47.72
N SER M 66 1.72 46.88 47.47
CA SER M 66 0.28 46.75 47.53
C SER M 66 -0.09 45.70 48.57
N PHE M 67 -0.59 46.16 49.72
CA PHE M 67 -1.28 45.31 50.68
C PHE M 67 -2.74 45.69 50.71
N MET M 68 -3.50 44.97 51.53
CA MET M 68 -4.92 45.24 51.72
C MET M 68 -5.12 46.10 52.95
N ASN M 69 -5.79 47.23 52.78
CA ASN M 69 -6.29 48.06 53.86
C ASN M 69 -7.77 48.22 53.61
N GLY M 70 -8.58 47.75 54.56
CA GLY M 70 -10.01 47.66 54.33
C GLY M 70 -10.32 46.41 53.51
N LYS M 71 -11.40 46.49 52.74
CA LYS M 71 -11.57 45.61 51.60
C LYS M 71 -10.61 45.93 50.47
N THR M 72 -9.90 47.06 50.55
CA THR M 72 -9.21 47.67 49.43
C THR M 72 -7.72 47.40 49.50
N GLN M 73 -7.08 47.49 48.34
CA GLN M 73 -5.64 47.47 48.26
C GLN M 73 -5.05 48.79 48.76
N LYS M 74 -3.73 48.86 48.77
CA LYS M 74 -3.04 50.15 48.88
C LYS M 74 -1.71 50.00 48.14
N SER M 75 -1.72 50.30 46.85
CA SER M 75 -0.57 50.06 45.97
C SER M 75 0.33 51.29 45.98
N ILE M 76 1.27 51.29 46.90
CA ILE M 76 2.14 52.44 47.17
C ILE M 76 3.57 51.94 47.36
N LYS M 77 4.47 52.82 47.81
CA LYS M 77 5.90 52.52 47.85
C LYS M 77 6.27 51.58 48.99
N ILE M 78 7.36 50.84 48.78
CA ILE M 78 7.85 49.77 49.65
C ILE M 78 8.68 50.29 50.82
N ASP M 79 8.65 51.61 51.04
CA ASP M 79 9.72 52.37 51.66
C ASP M 79 10.55 51.70 52.76
N ASN M 80 9.90 51.02 53.71
CA ASN M 80 10.56 50.58 54.93
C ASN M 80 10.18 49.14 55.30
N LEU M 81 10.30 48.24 54.34
CA LEU M 81 10.15 46.82 54.62
C LEU M 81 11.14 46.39 55.70
N HIS M 82 10.72 45.45 56.54
CA HIS M 82 11.63 44.76 57.45
C HIS M 82 11.19 43.31 57.60
N VAL M 83 11.92 42.40 56.96
CA VAL M 83 12.00 41.03 57.43
C VAL M 83 13.04 40.99 58.54
N ARG M 84 12.80 40.15 59.53
CA ARG M 84 13.86 39.94 60.50
C ARG M 84 13.60 38.66 61.28
N THR M 85 14.63 38.25 62.00
CA THR M 85 14.72 37.05 62.78
C THR M 85 15.45 37.47 64.04
N SER M 86 16.17 36.55 64.67
CA SER M 86 17.12 36.87 65.73
C SER M 86 17.90 38.16 65.46
N ALA M 87 18.26 38.43 64.22
CA ALA M 87 18.76 39.72 63.79
C ALA M 87 17.93 40.23 62.61
N PRO M 88 18.09 41.50 62.25
CA PRO M 88 17.45 41.98 61.03
C PRO M 88 18.03 41.32 59.80
N CYS M 89 17.13 40.83 58.95
CA CYS M 89 17.51 40.16 57.72
C CYS M 89 17.91 41.18 56.67
N SER M 90 18.25 40.66 55.50
CA SER M 90 18.47 41.46 54.31
C SER M 90 17.52 40.96 53.24
N LEU M 91 16.69 41.87 52.72
CA LEU M 91 15.89 41.58 51.55
C LEU M 91 16.78 41.13 50.42
N VAL M 92 16.25 40.22 49.59
CA VAL M 92 16.89 39.81 48.34
C VAL M 92 16.06 40.25 47.14
N SER M 93 14.79 39.88 47.13
CA SER M 93 13.89 40.32 46.07
C SER M 93 12.48 39.89 46.41
N HIS M 94 11.52 40.64 45.89
CA HIS M 94 10.11 40.31 46.00
C HIS M 94 9.52 40.10 44.62
N HIS M 95 8.53 39.20 44.55
CA HIS M 95 7.74 39.00 43.34
C HIS M 95 6.43 38.36 43.75
N GLY M 96 5.33 39.06 43.50
CA GLY M 96 4.02 38.49 43.77
C GLY M 96 3.69 38.58 45.24
N TYR M 97 3.21 37.49 45.80
CA TYR M 97 3.00 37.36 47.24
C TYR M 97 4.29 37.14 48.01
N TYR M 98 5.40 36.99 47.31
CA TYR M 98 6.53 36.22 47.80
C TYR M 98 7.77 37.09 47.85
N ILE M 99 8.53 36.92 48.92
CA ILE M 99 9.77 37.65 49.12
C ILE M 99 10.89 36.67 49.42
N LEU M 100 12.07 36.96 48.90
CA LEU M 100 13.30 36.29 49.27
C LEU M 100 14.15 37.26 50.06
N ALA M 101 14.74 36.77 51.15
CA ALA M 101 15.51 37.62 52.04
C ALA M 101 16.62 36.82 52.67
N GLN M 102 17.79 37.43 52.76
CA GLN M 102 18.93 36.79 53.38
C GLN M 102 18.85 37.02 54.88
N CYS M 103 18.63 35.94 55.63
CA CYS M 103 18.47 35.97 57.08
C CYS M 103 19.56 35.17 57.77
N PRO M 104 19.87 35.48 59.03
CA PRO M 104 20.62 34.56 59.84
C PRO M 104 19.71 33.51 60.43
N PRO M 105 20.26 32.55 61.17
CA PRO M 105 19.42 31.61 61.90
C PRO M 105 18.55 32.33 62.91
N GLY M 106 17.43 31.70 63.22
CA GLY M 106 16.50 32.26 64.18
C GLY M 106 15.43 31.27 64.55
N ASP M 107 15.08 31.24 65.83
CA ASP M 107 13.99 30.39 66.27
C ASP M 107 12.68 30.75 65.60
N THR M 108 12.51 32.02 65.25
CA THR M 108 11.28 32.53 64.68
C THR M 108 11.56 33.20 63.34
N VAL M 109 10.51 33.77 62.78
CA VAL M 109 10.61 34.70 61.66
C VAL M 109 9.64 35.82 61.94
N THR M 110 10.07 37.04 61.63
CA THR M 110 9.39 38.24 62.08
C THR M 110 9.49 39.27 60.96
N VAL M 111 8.34 39.60 60.37
CA VAL M 111 8.27 40.37 59.14
C VAL M 111 7.51 41.66 59.41
N GLY M 112 7.81 42.69 58.63
CA GLY M 112 7.03 43.90 58.75
C GLY M 112 7.56 45.07 57.96
N PHE M 113 6.64 45.82 57.37
CA PHE M 113 6.96 47.08 56.72
C PHE M 113 6.56 48.22 57.64
N HIS M 114 6.57 49.44 57.11
CA HIS M 114 6.04 50.60 57.81
C HIS M 114 5.24 51.39 56.79
N ASP M 115 3.92 51.34 56.93
CA ASP M 115 3.06 52.14 56.07
C ASP M 115 3.38 53.62 56.22
N GLY M 116 3.76 54.06 57.41
CA GLY M 116 4.05 55.44 57.70
C GLY M 116 3.31 55.99 58.89
N PRO M 117 2.02 55.67 59.03
CA PRO M 117 1.33 55.98 60.29
C PRO M 117 1.50 54.92 61.35
N ASN M 118 1.88 53.70 60.97
CA ASN M 118 1.86 52.59 61.90
C ASN M 118 2.95 51.59 61.53
N ARG M 119 3.42 50.84 62.52
CA ARG M 119 4.43 49.83 62.27
C ARG M 119 3.85 48.70 61.45
N HIS M 120 2.83 48.02 61.99
CA HIS M 120 1.98 47.14 61.18
C HIS M 120 2.79 45.96 60.62
N THR M 121 3.30 45.15 61.52
CA THR M 121 4.21 44.06 61.24
C THR M 121 3.49 42.73 61.38
N CYS M 122 4.20 41.65 61.08
CA CYS M 122 3.70 40.30 61.33
C CYS M 122 4.82 39.34 61.59
N THR M 123 4.57 38.40 62.49
CA THR M 123 5.61 37.57 63.07
C THR M 123 5.08 36.15 63.17
N VAL M 124 6.00 35.19 63.26
CA VAL M 124 5.64 33.78 63.15
C VAL M 124 6.76 32.94 63.72
N ALA M 125 6.42 31.73 64.14
CA ALA M 125 7.40 30.72 64.52
C ALA M 125 7.87 29.96 63.30
N HIS M 126 9.17 29.74 63.22
CA HIS M 126 9.73 28.78 62.29
C HIS M 126 11.19 28.49 62.63
N LYS M 127 11.53 27.22 62.75
CA LYS M 127 12.89 26.82 63.02
C LYS M 127 13.73 27.12 61.79
N VAL M 128 14.74 27.98 61.96
CA VAL M 128 15.63 28.38 60.89
C VAL M 128 17.05 28.02 61.27
N GLU M 129 17.81 27.57 60.26
CA GLU M 129 19.24 27.42 60.38
C GLU M 129 19.86 27.71 59.03
N PHE M 130 21.18 27.90 59.04
CA PHE M 130 21.94 27.96 57.80
C PHE M 130 23.25 27.23 57.99
N ARG M 131 23.20 25.94 57.74
CA ARG M 131 24.38 25.20 57.39
C ARG M 131 24.80 25.59 55.98
N PRO M 132 26.05 26.00 55.75
CA PRO M 132 26.57 25.96 54.39
C PRO M 132 26.87 24.55 53.99
N VAL M 133 26.80 24.30 52.69
CA VAL M 133 27.20 23.00 52.17
C VAL M 133 28.70 22.86 52.31
N GLY M 134 29.12 21.79 52.94
CA GLY M 134 30.52 21.54 53.23
C GLY M 134 30.62 20.88 54.57
N ARG M 135 31.78 20.28 54.81
CA ARG M 135 32.04 19.64 56.09
C ARG M 135 32.35 20.65 57.18
N GLU M 136 32.36 21.96 56.86
CA GLU M 136 32.44 23.00 57.87
C GLU M 136 31.04 23.43 58.27
N LYS M 137 30.80 23.46 59.57
CA LYS M 137 29.52 23.89 60.12
C LYS M 137 29.64 25.34 60.59
N TYR M 138 29.69 26.24 59.62
CA TYR M 138 29.69 27.66 59.95
C TYR M 138 28.34 28.07 60.52
N ARG M 139 28.25 29.35 60.85
CA ARG M 139 26.99 30.01 61.15
C ARG M 139 26.64 31.07 60.12
N HIS M 140 27.48 31.26 59.10
CA HIS M 140 27.36 32.43 58.25
C HIS M 140 28.26 32.29 57.03
N PRO M 141 27.91 32.81 55.86
CA PRO M 141 28.78 32.66 54.70
C PRO M 141 29.97 33.61 54.76
N PRO M 142 31.17 33.15 54.45
CA PRO M 142 32.33 34.05 54.44
C PRO M 142 32.46 34.81 53.13
N GLU M 143 33.54 35.57 53.04
CA GLU M 143 33.90 36.29 51.82
C GLU M 143 34.68 35.45 50.84
N HIS M 144 35.33 34.39 51.32
CA HIS M 144 36.26 33.61 50.52
C HIS M 144 35.99 32.15 50.74
N GLY M 145 36.89 31.30 50.26
CA GLY M 145 36.72 29.87 50.31
C GLY M 145 36.31 29.31 48.97
N VAL M 146 36.23 27.99 48.94
CA VAL M 146 35.90 27.27 47.71
C VAL M 146 34.42 27.44 47.40
N GLU M 147 34.09 27.34 46.12
CA GLU M 147 32.70 27.26 45.68
C GLU M 147 32.33 25.80 45.45
N LEU M 148 31.12 25.45 45.82
CA LEU M 148 30.65 24.07 45.70
C LEU M 148 29.14 24.07 45.73
N PRO M 149 28.50 22.99 45.29
CA PRO M 149 27.11 23.07 44.87
C PRO M 149 26.09 23.20 45.98
N CYS M 150 25.77 24.43 46.36
CA CYS M 150 24.75 24.66 47.37
C CYS M 150 23.36 24.69 46.75
N ASN M 151 22.37 24.72 47.63
CA ASN M 151 20.97 24.91 47.27
C ASN M 151 20.54 26.29 47.74
N ARG M 152 19.80 26.98 46.87
CA ARG M 152 19.63 28.41 47.03
C ARG M 152 18.54 28.86 46.07
N TYR M 153 17.92 29.98 46.41
CA TYR M 153 16.87 30.57 45.60
C TYR M 153 17.40 31.70 44.74
N THR M 154 16.68 32.00 43.67
CA THR M 154 17.15 32.93 42.67
C THR M 154 16.87 34.36 43.10
N HIS M 155 17.49 35.29 42.39
CA HIS M 155 17.11 36.68 42.50
C HIS M 155 15.88 37.00 41.68
N LYS M 156 15.57 36.19 40.67
CA LYS M 156 14.81 36.66 39.53
C LYS M 156 13.35 36.24 39.61
N ARG M 157 12.60 36.68 38.60
CA ARG M 157 11.17 36.48 38.47
C ARG M 157 10.80 35.64 37.25
N ALA M 158 11.61 35.67 36.19
CA ALA M 158 11.30 35.00 34.93
C ALA M 158 11.42 33.50 35.19
N ASP M 159 10.37 32.96 35.81
CA ASP M 159 10.47 31.70 36.53
C ASP M 159 9.17 30.95 36.39
N GLN M 160 9.29 29.67 36.03
CA GLN M 160 8.14 28.81 35.81
C GLN M 160 8.34 27.42 36.37
N GLY M 161 9.50 27.14 36.99
CA GLY M 161 9.86 25.78 37.37
C GLY M 161 8.82 25.08 38.22
N HIS M 162 8.00 25.83 38.95
CA HIS M 162 6.84 25.29 39.61
C HIS M 162 5.73 26.33 39.57
N TYR M 163 4.53 25.87 39.91
CA TYR M 163 3.40 26.76 40.07
C TYR M 163 2.49 26.19 41.14
N VAL M 164 1.98 27.08 41.97
CA VAL M 164 1.05 26.70 43.02
C VAL M 164 -0.35 27.11 42.59
N GLU M 165 -1.33 26.32 43.03
CA GLU M 165 -2.71 26.66 42.79
C GLU M 165 -3.03 27.98 43.45
N MET M 166 -3.66 28.89 42.71
CA MET M 166 -4.16 30.13 43.28
C MET M 166 -5.55 30.41 42.69
N HIS M 167 -6.56 29.81 43.28
CA HIS M 167 -7.95 30.06 42.90
C HIS M 167 -8.53 31.12 43.82
N GLN M 168 -9.85 31.25 43.81
CA GLN M 168 -10.51 32.46 44.26
C GLN M 168 -10.33 32.66 45.74
N PRO M 169 -10.70 33.82 46.25
CA PRO M 169 -11.00 33.93 47.66
C PRO M 169 -12.42 33.48 47.94
N GLY M 170 -12.61 32.98 49.15
CA GLY M 170 -13.94 32.93 49.71
C GLY M 170 -14.39 34.33 50.06
N LEU M 171 -15.54 34.39 50.71
CA LEU M 171 -16.01 35.68 51.21
C LEU M 171 -15.07 36.19 52.29
N VAL M 172 -15.36 37.41 52.75
CA VAL M 172 -14.70 37.96 53.92
C VAL M 172 -15.72 38.77 54.69
N ALA M 173 -15.47 38.95 55.97
CA ALA M 173 -16.31 39.79 56.80
C ALA M 173 -16.03 41.25 56.53
N ASP M 174 -17.08 42.07 56.58
CA ASP M 174 -16.87 43.53 56.63
C ASP M 174 -18.13 44.13 57.25
N HIS M 175 -18.07 44.34 58.57
CA HIS M 175 -19.19 44.93 59.28
C HIS M 175 -19.23 46.44 59.19
N SER M 176 -18.25 47.06 58.53
CA SER M 176 -18.41 48.44 58.12
C SER M 176 -19.60 48.59 57.18
N LEU M 177 -19.92 47.53 56.44
CA LEU M 177 -21.10 47.55 55.59
C LEU M 177 -22.36 47.74 56.41
N LEU M 178 -22.56 46.90 57.41
CA LEU M 178 -23.84 46.82 58.11
C LEU M 178 -24.03 48.06 58.97
N SER M 179 -24.41 49.14 58.31
CA SER M 179 -24.80 50.37 58.99
C SER M 179 -26.24 50.22 59.46
N ILE M 180 -26.88 51.31 59.85
CA ILE M 180 -28.26 51.31 60.33
C ILE M 180 -29.06 52.29 59.47
N HIS M 181 -30.23 51.84 59.01
CA HIS M 181 -31.21 52.66 58.30
C HIS M 181 -32.18 53.33 59.28
N SER M 182 -31.61 53.94 60.32
CA SER M 182 -32.28 54.73 61.34
C SER M 182 -33.21 53.92 62.27
N ALA M 183 -33.62 52.72 61.85
CA ALA M 183 -34.10 51.69 62.78
C ALA M 183 -33.67 50.28 62.39
N LYS M 184 -33.28 50.05 61.15
CA LYS M 184 -32.99 48.73 60.61
C LYS M 184 -31.52 48.68 60.25
N VAL M 185 -30.96 47.48 60.27
CA VAL M 185 -29.55 47.32 59.93
C VAL M 185 -29.41 47.34 58.42
N LYS M 186 -28.47 48.15 57.94
CA LYS M 186 -28.36 48.58 56.56
C LYS M 186 -27.03 48.08 56.00
N ILE M 187 -27.11 47.19 55.04
CA ILE M 187 -25.94 46.73 54.32
C ILE M 187 -25.74 47.61 53.10
N THR M 188 -24.49 47.71 52.66
CA THR M 188 -24.15 48.39 51.41
C THR M 188 -23.25 47.48 50.59
N VAL M 189 -22.67 48.01 49.52
CA VAL M 189 -21.82 47.22 48.62
C VAL M 189 -20.58 48.02 48.27
N PRO M 190 -19.45 47.34 48.00
CA PRO M 190 -18.24 48.06 47.57
C PRO M 190 -18.41 48.84 46.28
N SER M 191 -18.68 48.11 45.19
CA SER M 191 -18.72 48.67 43.84
C SER M 191 -19.78 47.98 43.02
N GLY M 192 -20.82 47.46 43.68
CA GLY M 192 -21.67 46.46 43.09
C GLY M 192 -21.22 45.04 43.34
N ALA M 193 -20.27 44.84 44.25
CA ALA M 193 -19.82 43.49 44.56
C ALA M 193 -20.96 42.68 45.18
N GLN M 194 -20.71 41.40 45.35
CA GLN M 194 -21.73 40.43 45.68
C GLN M 194 -21.71 40.19 47.18
N VAL M 195 -22.74 40.70 47.87
CA VAL M 195 -22.80 40.69 49.33
C VAL M 195 -23.83 39.65 49.75
N LYS M 196 -23.38 38.69 50.54
CA LYS M 196 -24.12 37.47 50.85
C LYS M 196 -24.74 37.65 52.23
N TYR M 197 -26.08 37.76 52.29
CA TYR M 197 -26.74 38.41 53.41
C TYR M 197 -28.03 37.74 53.87
N TYR M 198 -28.24 37.75 55.19
CA TYR M 198 -29.44 37.38 55.97
C TYR M 198 -29.04 37.64 57.40
N CYS M 199 -30.01 37.55 58.32
CA CYS M 199 -29.74 37.73 59.74
C CYS M 199 -30.32 36.53 60.47
N LYS M 200 -30.10 36.46 61.78
CA LYS M 200 -30.66 35.35 62.54
C LYS M 200 -32.18 35.32 62.41
N CYS M 201 -32.80 36.50 62.34
CA CYS M 201 -34.23 36.57 62.11
C CYS M 201 -34.51 36.13 60.67
N PRO M 202 -35.77 35.99 60.29
CA PRO M 202 -36.09 35.79 58.86
C PRO M 202 -36.24 37.07 58.03
N ASP M 203 -35.32 37.28 57.10
CA ASP M 203 -35.34 38.35 56.08
C ASP M 203 -34.67 37.78 54.81
N VAL M 204 -34.14 38.67 53.94
CA VAL M 204 -33.51 38.25 52.68
C VAL M 204 -32.45 37.18 52.95
N ARG M 205 -32.54 36.04 52.23
CA ARG M 205 -31.79 34.86 52.64
C ARG M 205 -30.52 34.57 51.86
N GLU M 206 -30.38 35.00 50.60
CA GLU M 206 -29.09 34.84 49.93
C GLU M 206 -28.26 36.11 50.05
N GLY M 207 -28.69 37.15 49.35
CA GLY M 207 -27.94 38.38 49.21
C GLY M 207 -27.07 38.26 47.98
N ILE M 208 -27.57 38.73 46.85
CA ILE M 208 -26.74 39.01 45.68
C ILE M 208 -27.30 40.31 45.13
N THR M 209 -26.77 41.44 45.61
CA THR M 209 -27.55 42.67 45.58
C THR M 209 -26.64 43.89 45.54
N SER M 210 -27.27 45.03 45.28
CA SER M 210 -26.75 46.33 45.64
C SER M 210 -27.04 46.54 47.12
N SER M 211 -26.92 47.79 47.59
CA SER M 211 -27.19 48.10 48.99
C SER M 211 -28.61 47.75 49.38
N ASP M 212 -28.77 46.72 50.20
CA ASP M 212 -30.05 46.35 50.77
C ASP M 212 -30.24 46.97 52.14
N HIS M 213 -31.47 46.92 52.60
CA HIS M 213 -31.84 47.13 53.99
C HIS M 213 -32.12 45.77 54.62
N THR M 214 -32.64 45.79 55.83
CA THR M 214 -33.04 44.58 56.54
C THR M 214 -34.37 44.84 57.21
N THR M 215 -35.43 44.23 56.69
CA THR M 215 -36.74 44.44 57.28
C THR M 215 -36.80 43.93 58.70
N THR M 216 -36.30 42.71 58.94
CA THR M 216 -36.62 42.00 60.17
C THR M 216 -35.68 42.34 61.34
N CYS M 217 -34.42 41.92 61.24
CA CYS M 217 -33.51 42.14 62.35
C CYS M 217 -33.07 43.60 62.41
N THR M 218 -32.49 43.95 63.56
CA THR M 218 -32.04 45.30 63.86
C THR M 218 -30.57 45.34 64.25
N ASP M 219 -30.09 44.34 64.98
CA ASP M 219 -28.75 44.38 65.52
C ASP M 219 -27.74 44.04 64.45
N VAL M 220 -26.68 44.82 64.39
CA VAL M 220 -25.57 44.56 63.49
C VAL M 220 -24.93 43.21 63.79
N LYS M 221 -25.01 42.76 65.03
CA LYS M 221 -24.27 41.60 65.52
C LYS M 221 -24.97 40.28 65.25
N GLN M 222 -25.98 40.26 64.39
CA GLN M 222 -26.69 39.03 64.09
C GLN M 222 -26.96 38.92 62.61
N CYS M 223 -26.02 39.36 61.78
CA CYS M 223 -26.24 39.45 60.34
C CYS M 223 -24.98 39.05 59.59
N ARG M 224 -25.17 38.82 58.29
CA ARG M 224 -24.15 38.23 57.42
C ARG M 224 -23.51 39.33 56.58
N ALA M 225 -22.47 39.95 57.12
CA ALA M 225 -21.69 40.94 56.38
C ALA M 225 -20.63 40.18 55.59
N TYR M 226 -20.90 39.93 54.32
CA TYR M 226 -20.04 39.10 53.48
C TYR M 226 -19.68 39.85 52.21
N LEU M 227 -18.54 39.46 51.62
CA LEU M 227 -18.03 40.06 50.39
C LEU M 227 -17.55 38.95 49.46
N ILE M 228 -18.46 38.47 48.62
CA ILE M 228 -18.05 37.65 47.48
C ILE M 228 -17.55 38.64 46.44
N ASP M 229 -16.23 38.81 46.38
CA ASP M 229 -15.57 39.81 45.56
C ASP M 229 -14.52 39.16 44.70
N ASN M 230 -14.92 38.09 44.02
CA ASN M 230 -13.98 37.24 43.31
C ASN M 230 -13.66 37.76 41.92
N LYS M 231 -13.28 39.03 41.84
CA LYS M 231 -12.71 39.59 40.62
C LYS M 231 -11.20 39.36 40.54
N LYS M 232 -10.57 39.01 41.65
CA LYS M 232 -9.15 38.71 41.69
C LYS M 232 -8.91 37.52 42.59
N TRP M 233 -8.19 36.52 42.09
CA TRP M 233 -7.93 35.31 42.85
C TRP M 233 -6.95 35.59 43.98
N VAL M 234 -6.62 34.55 44.75
CA VAL M 234 -5.73 34.67 45.90
C VAL M 234 -4.80 33.46 45.95
N TYR M 235 -3.84 33.56 46.87
CA TYR M 235 -3.12 32.39 47.30
C TYR M 235 -4.03 31.53 48.18
N ASN M 236 -3.82 30.22 48.09
CA ASN M 236 -4.68 29.27 48.79
C ASN M 236 -4.09 28.99 50.17
N SER M 237 -4.06 30.06 50.96
CA SER M 237 -3.57 29.99 52.33
C SER M 237 -4.44 29.05 53.15
N GLY M 238 -3.82 28.40 54.12
CA GLY M 238 -4.59 27.72 55.13
C GLY M 238 -5.45 28.68 55.93
N ARG M 239 -5.04 29.94 56.01
CA ARG M 239 -5.80 30.96 56.71
C ARG M 239 -6.77 31.69 55.79
N LEU M 240 -7.24 31.02 54.76
CA LEU M 240 -8.28 31.44 53.85
C LEU M 240 -9.56 30.65 54.11
N PRO M 241 -10.73 31.29 54.11
CA PRO M 241 -11.96 30.51 53.99
C PRO M 241 -12.24 30.17 52.55
N ARG M 242 -12.64 28.92 52.32
CA ARG M 242 -12.91 28.42 50.99
C ARG M 242 -13.96 29.27 50.28
N GLY M 243 -13.73 29.52 49.00
CA GLY M 243 -14.80 29.95 48.13
C GLY M 243 -15.62 28.74 47.77
N GLU M 244 -16.78 28.61 48.41
CA GLU M 244 -17.51 27.35 48.42
C GLU M 244 -18.00 26.93 47.04
N GLY M 245 -18.07 27.86 46.10
CA GLY M 245 -18.73 27.57 44.84
C GLY M 245 -17.97 26.56 44.01
N ASP M 246 -16.66 26.75 43.86
CA ASP M 246 -15.95 26.08 42.79
C ASP M 246 -14.45 26.22 43.01
N THR M 247 -13.72 25.30 42.39
CA THR M 247 -12.28 25.46 42.13
C THR M 247 -12.11 26.29 40.87
N PHE M 248 -12.18 27.62 41.02
CA PHE M 248 -11.86 28.45 39.86
C PHE M 248 -10.41 28.26 39.43
N LYS M 249 -10.12 28.72 38.22
CA LYS M 249 -8.80 28.75 37.62
C LYS M 249 -7.92 29.73 38.38
N GLY M 250 -6.69 29.90 37.92
CA GLY M 250 -5.68 30.70 38.56
C GLY M 250 -4.45 29.93 38.97
N LYS M 251 -4.06 28.95 38.17
CA LYS M 251 -2.74 28.35 38.34
C LYS M 251 -1.67 29.41 38.13
N LEU M 252 -0.79 29.57 39.11
CA LEU M 252 0.14 30.68 39.12
C LEU M 252 1.49 30.23 39.63
N HIS M 253 2.54 30.70 38.95
CA HIS M 253 3.90 30.24 39.13
C HIS M 253 4.42 30.54 40.52
N VAL M 254 5.63 30.07 40.78
CA VAL M 254 6.46 30.54 41.88
C VAL M 254 7.68 31.21 41.28
N PRO M 255 8.06 32.41 41.71
CA PRO M 255 9.34 32.98 41.26
C PRO M 255 10.56 32.26 41.78
N PHE M 256 10.63 32.15 43.10
CA PHE M 256 11.88 31.81 43.77
C PHE M 256 11.99 30.30 43.84
N VAL M 257 12.42 29.74 42.72
CA VAL M 257 12.65 28.30 42.62
C VAL M 257 13.94 28.04 43.38
N PRO M 258 14.09 26.90 44.05
CA PRO M 258 15.41 26.51 44.54
C PRO M 258 16.27 26.03 43.40
N VAL M 259 17.44 26.63 43.27
CA VAL M 259 18.34 26.38 42.14
C VAL M 259 19.69 25.92 42.66
N LYS M 260 20.47 25.37 41.75
CA LYS M 260 21.78 24.79 42.06
C LYS M 260 22.85 25.84 41.87
N ALA M 261 22.73 26.89 42.66
CA ALA M 261 23.81 27.86 42.73
C ALA M 261 25.00 27.24 43.42
N LYS M 262 26.19 27.68 43.02
CA LYS M 262 27.40 27.40 43.76
C LYS M 262 27.59 28.58 44.70
N CYS M 263 27.20 28.40 45.94
CA CYS M 263 27.43 29.44 46.92
C CYS M 263 28.92 29.70 47.03
N ILE M 264 29.26 30.98 47.13
CA ILE M 264 30.51 31.33 47.76
C ILE M 264 30.46 30.65 49.12
N ALA M 265 31.48 29.90 49.47
CA ALA M 265 31.27 28.88 50.49
C ALA M 265 32.49 28.72 51.37
N THR M 266 32.47 27.66 52.15
CA THR M 266 33.28 27.54 53.35
C THR M 266 34.68 27.07 52.98
N LEU M 267 35.55 27.13 53.96
CA LEU M 267 36.92 26.63 53.86
C LEU M 267 37.48 26.68 55.27
N ALA M 268 38.11 25.62 55.68
CA ALA M 268 38.70 25.55 56.99
C ALA M 268 40.21 25.72 56.91
N PRO M 269 40.84 26.35 57.91
CA PRO M 269 42.28 26.59 57.83
C PRO M 269 43.08 25.32 57.64
N GLU M 270 44.19 25.45 56.95
CA GLU M 270 44.95 24.28 56.55
C GLU M 270 45.45 23.53 57.78
N PRO M 271 45.68 22.23 57.66
CA PRO M 271 46.22 21.46 58.79
C PRO M 271 47.72 21.64 58.93
N LEU M 272 48.22 21.21 60.07
CA LEU M 272 49.66 21.12 60.34
C LEU M 272 50.03 19.66 60.24
N VAL M 273 50.63 19.28 59.13
CA VAL M 273 51.02 17.89 58.94
C VAL M 273 52.30 17.63 59.71
N GLU M 274 52.31 16.53 60.44
CA GLU M 274 53.46 16.12 61.23
C GLU M 274 53.68 14.65 61.01
N HIS M 275 54.91 14.29 60.71
CA HIS M 275 55.26 12.91 60.44
C HIS M 275 55.49 12.13 61.72
N LYS M 276 55.07 10.87 61.71
CA LYS M 276 55.60 9.85 62.59
C LYS M 276 55.62 8.53 61.83
N HIS M 277 56.09 7.49 62.50
CA HIS M 277 56.20 6.16 61.91
C HIS M 277 54.82 5.60 61.61
N ARG M 278 54.44 5.61 60.34
CA ARG M 278 53.14 5.10 59.89
C ARG M 278 52.01 5.76 60.66
N THR M 279 52.19 7.02 61.02
CA THR M 279 51.25 7.71 61.87
C THR M 279 51.30 9.19 61.56
N LEU M 280 50.13 9.78 61.34
CA LEU M 280 49.99 11.22 61.17
C LEU M 280 49.55 11.83 62.48
N ILE M 281 50.49 12.44 63.21
CA ILE M 281 50.08 13.45 64.15
C ILE M 281 49.65 14.66 63.35
N LEU M 282 48.56 15.27 63.78
CA LEU M 282 48.04 16.45 63.11
C LEU M 282 47.58 17.40 64.21
N HIS M 283 48.42 18.37 64.55
CA HIS M 283 47.95 19.50 65.31
C HIS M 283 47.00 20.30 64.43
N LEU M 284 45.80 20.55 64.92
CA LEU M 284 44.73 21.06 64.08
C LEU M 284 43.97 22.14 64.82
N HIS M 285 43.48 23.10 64.05
CA HIS M 285 43.04 24.36 64.60
C HIS M 285 42.05 25.02 63.64
N PRO M 286 40.78 24.69 63.74
CA PRO M 286 39.80 25.23 62.79
C PRO M 286 39.25 26.58 63.18
N ASP M 287 38.43 27.12 62.28
CA ASP M 287 37.63 28.32 62.53
C ASP M 287 36.30 27.97 63.16
N HIS M 288 35.69 26.90 62.69
CA HIS M 288 34.34 26.51 63.05
C HIS M 288 34.30 24.99 63.14
N PRO M 289 33.19 24.41 63.61
CA PRO M 289 33.13 22.94 63.68
C PRO M 289 33.26 22.32 62.29
N THR M 290 34.31 21.53 62.13
CA THR M 290 34.67 20.92 60.87
C THR M 290 34.55 19.42 60.99
N LEU M 291 33.79 18.80 60.09
CA LEU M 291 33.70 17.35 60.04
C LEU M 291 34.92 16.82 59.31
N LEU M 292 35.85 16.26 60.06
CA LEU M 292 36.95 15.55 59.48
C LEU M 292 36.60 14.09 59.29
N THR M 293 37.16 13.48 58.26
CA THR M 293 36.99 12.05 58.09
C THR M 293 38.01 11.50 57.11
N THR M 294 38.21 10.19 57.19
CA THR M 294 39.27 9.51 56.48
C THR M 294 38.78 8.18 55.95
N ARG M 295 39.64 7.50 55.19
CA ARG M 295 39.34 6.18 54.63
C ARG M 295 40.65 5.41 54.50
N SER M 296 40.94 4.54 55.46
CA SER M 296 42.12 3.69 55.30
C SER M 296 41.85 2.76 54.13
N LEU M 297 42.60 2.96 53.05
CA LEU M 297 42.26 2.40 51.76
C LEU M 297 42.43 0.90 51.66
N GLY M 298 42.81 0.21 52.72
CA GLY M 298 42.68 -1.22 52.69
C GLY M 298 41.25 -1.63 52.47
N SER M 299 41.07 -2.90 52.08
CA SER M 299 39.73 -3.44 52.05
C SER M 299 39.10 -3.42 53.44
N ASP M 300 39.93 -3.38 54.48
CA ASP M 300 39.50 -2.85 55.77
C ASP M 300 39.44 -1.33 55.66
N ALA M 301 38.23 -0.79 55.61
CA ALA M 301 38.08 0.65 55.46
C ALA M 301 38.61 1.40 56.67
N ASN M 302 38.12 1.02 57.86
CA ASN M 302 38.39 1.69 59.12
C ASN M 302 38.33 3.22 59.02
N PRO M 303 37.18 3.77 58.68
CA PRO M 303 37.04 5.22 58.61
C PRO M 303 36.83 5.82 59.99
N THR M 304 36.85 7.15 60.01
CA THR M 304 36.66 7.94 61.21
C THR M 304 35.88 9.19 60.84
N ARG M 305 35.05 9.64 61.78
CA ARG M 305 34.33 10.89 61.63
C ARG M 305 34.37 11.60 62.97
N GLN M 306 34.65 12.90 62.94
CA GLN M 306 34.44 13.71 64.14
C GLN M 306 34.39 15.18 63.74
N TRP M 307 33.29 15.84 64.09
CA TRP M 307 33.26 17.28 64.03
C TRP M 307 34.30 17.85 64.97
N ILE M 308 35.13 18.74 64.45
CA ILE M 308 36.17 19.38 65.23
C ILE M 308 35.90 20.87 65.19
N GLU M 309 35.60 21.43 66.36
CA GLU M 309 35.58 22.86 66.57
C GLU M 309 36.64 23.32 67.54
N ARG M 310 36.95 22.50 68.50
CA ARG M 310 38.02 22.81 69.42
C ARG M 310 39.34 22.35 68.81
N PRO M 311 40.37 23.17 68.80
CA PRO M 311 41.66 22.74 68.23
C PRO M 311 42.19 21.52 68.95
N THR M 312 42.67 20.56 68.17
CA THR M 312 42.98 19.25 68.69
C THR M 312 44.11 18.63 67.89
N THR M 313 45.11 18.14 68.60
CA THR M 313 46.10 17.26 68.00
C THR M 313 45.51 15.85 67.94
N VAL M 314 45.39 15.31 66.74
CA VAL M 314 44.79 14.01 66.52
C VAL M 314 45.83 13.05 66.00
N ASN M 315 45.41 11.81 65.74
CA ASN M 315 46.32 10.79 65.27
C ASN M 315 45.58 9.87 64.31
N PHE M 316 46.34 9.26 63.41
CA PHE M 316 45.79 8.38 62.40
C PHE M 316 46.81 7.29 62.12
N THR M 317 46.47 6.06 62.46
CA THR M 317 47.34 4.94 62.13
C THR M 317 47.27 4.69 60.65
N VAL M 318 48.15 5.31 59.89
CA VAL M 318 48.19 5.07 58.45
C VAL M 318 48.84 3.72 58.22
N THR M 319 48.36 3.05 57.19
CA THR M 319 48.82 1.73 56.81
C THR M 319 49.88 1.83 55.74
N GLY M 320 50.23 0.70 55.16
CA GLY M 320 51.25 0.70 54.13
C GLY M 320 50.76 1.30 52.83
N GLU M 321 49.53 0.97 52.43
CA GLU M 321 49.09 1.31 51.08
C GLU M 321 48.60 2.75 50.97
N GLY M 322 48.00 3.30 52.02
CA GLY M 322 47.68 4.71 52.01
C GLY M 322 46.47 5.02 52.86
N LEU M 323 46.31 6.33 53.12
CA LEU M 323 45.15 6.90 53.77
C LEU M 323 44.79 8.18 53.05
N GLU M 324 43.55 8.63 53.21
CA GLU M 324 43.15 9.93 52.71
C GLU M 324 42.50 10.72 53.84
N TYR M 325 42.44 12.03 53.62
CA TYR M 325 42.30 13.00 54.70
C TYR M 325 41.53 14.20 54.18
N THR M 326 40.48 14.61 54.90
CA THR M 326 39.47 15.52 54.39
C THR M 326 39.23 16.67 55.37
N TRP M 327 40.06 17.69 55.31
CA TRP M 327 39.97 18.82 56.23
C TRP M 327 38.81 19.71 55.82
N GLY M 328 37.62 19.28 56.18
CA GLY M 328 36.48 20.05 55.76
C GLY M 328 36.32 19.93 54.27
N ASN M 329 35.56 20.88 53.70
CA ASN M 329 35.39 20.90 52.25
C ASN M 329 36.65 21.30 51.51
N HIS M 330 37.73 21.61 52.21
CA HIS M 330 39.04 21.58 51.59
C HIS M 330 39.22 20.23 50.90
N PRO M 331 39.90 20.15 49.76
CA PRO M 331 39.90 18.90 49.00
C PRO M 331 40.52 17.76 49.77
N PRO M 332 40.22 16.53 49.37
CA PRO M 332 40.78 15.38 50.08
C PRO M 332 42.26 15.22 49.79
N LYS M 333 43.04 15.02 50.84
CA LYS M 333 44.45 14.71 50.71
C LYS M 333 44.63 13.20 50.67
N ARG M 334 45.88 12.79 50.45
CA ARG M 334 46.25 11.39 50.36
C ARG M 334 47.68 11.29 50.86
N VAL M 335 48.08 10.10 51.33
CA VAL M 335 49.37 9.97 51.99
C VAL M 335 49.97 8.57 51.80
N TRP M 336 51.22 8.51 51.33
CA TRP M 336 52.02 7.30 51.39
C TRP M 336 52.67 7.27 52.76
N ALA M 337 52.31 6.26 53.54
CA ALA M 337 53.06 5.91 54.74
C ALA M 337 53.51 4.48 54.52
N GLN M 338 54.67 4.37 53.90
CA GLN M 338 55.45 3.15 54.02
C GLN M 338 56.20 3.25 55.33
N GLU M 339 57.22 2.42 55.50
CA GLU M 339 58.04 2.41 56.68
C GLU M 339 58.55 3.77 57.08
N SER M 340 58.93 3.90 58.34
CA SER M 340 59.95 4.86 58.71
C SER M 340 60.83 4.35 59.85
N GLY M 341 60.70 3.09 60.23
CA GLY M 341 61.41 2.49 61.34
C GLY M 341 62.70 1.83 60.96
N GLU M 342 63.19 2.08 59.75
CA GLU M 342 64.54 1.74 59.32
C GLU M 342 64.78 0.24 59.15
N ASP N 1 -0.92 15.88 -0.28
CA ASP N 1 0.42 16.50 -0.09
C ASP N 1 1.53 15.61 -0.65
N LEU N 2 1.60 15.54 -1.98
CA LEU N 2 2.74 14.97 -2.67
C LEU N 2 3.88 15.96 -2.83
N ASP N 3 3.80 17.11 -2.16
CA ASP N 3 4.67 18.26 -2.41
C ASP N 3 5.46 18.62 -1.15
N THR N 4 5.84 17.60 -0.38
CA THR N 4 6.53 17.75 0.90
C THR N 4 7.91 17.11 0.91
N HIS N 5 8.37 16.58 -0.22
CA HIS N 5 9.68 15.93 -0.31
C HIS N 5 10.39 16.39 -1.56
N PHE N 6 10.40 17.71 -1.76
CA PHE N 6 11.26 18.29 -2.76
C PHE N 6 12.72 18.28 -2.35
N THR N 7 13.01 17.81 -1.13
CA THR N 7 14.37 17.42 -0.77
C THR N 7 14.95 16.51 -1.84
N GLN N 8 14.29 15.38 -2.11
CA GLN N 8 14.76 14.48 -3.15
C GLN N 8 14.40 15.01 -4.52
N TYR N 9 13.12 15.33 -4.72
CA TYR N 9 12.55 15.47 -6.06
C TYR N 9 13.30 16.52 -6.88
N LYS N 10 13.34 17.76 -6.39
CA LYS N 10 14.01 18.82 -7.12
C LYS N 10 15.49 18.51 -7.31
N LEU N 11 16.10 17.91 -6.29
CA LEU N 11 17.54 17.96 -6.14
C LEU N 11 18.23 16.67 -6.54
N ALA N 12 17.49 15.57 -6.63
CA ALA N 12 18.02 14.29 -7.08
C ALA N 12 17.56 13.99 -8.50
N ARG N 13 18.39 13.25 -9.22
CA ARG N 13 18.17 12.87 -10.60
C ARG N 13 18.04 11.37 -10.71
N PRO N 14 17.45 10.85 -11.81
CA PRO N 14 17.40 9.39 -11.98
C PRO N 14 18.75 8.81 -12.30
N TYR N 15 19.39 8.19 -11.32
CA TYR N 15 20.74 7.71 -11.54
C TYR N 15 20.73 6.52 -12.49
N ILE N 16 21.86 6.32 -13.17
CA ILE N 16 22.07 5.17 -14.03
C ILE N 16 23.32 4.42 -13.63
N ALA N 17 23.19 3.11 -13.47
CA ALA N 17 24.27 2.24 -13.01
C ALA N 17 24.25 0.97 -13.84
N ASP N 18 25.06 0.01 -13.43
CA ASP N 18 25.33 -1.19 -14.21
C ASP N 18 24.50 -2.36 -13.69
N CYS N 19 23.41 -2.63 -14.39
CA CYS N 19 22.58 -3.77 -14.04
C CYS N 19 23.36 -5.06 -14.32
N PRO N 20 23.21 -6.11 -13.48
CA PRO N 20 24.09 -7.27 -13.63
C PRO N 20 23.73 -8.30 -14.70
N ASN N 21 22.45 -8.53 -14.94
CA ASN N 21 22.01 -9.50 -15.94
C ASN N 21 20.85 -8.91 -16.72
N CYS N 22 21.11 -7.74 -17.29
CA CYS N 22 20.12 -6.85 -17.89
C CYS N 22 19.54 -7.47 -19.15
N GLY N 23 18.74 -8.51 -18.97
CA GLY N 23 18.16 -9.23 -20.09
C GLY N 23 19.16 -10.16 -20.72
N HIS N 24 20.11 -9.60 -21.46
CA HIS N 24 21.22 -10.38 -21.99
C HIS N 24 22.26 -10.62 -20.90
N SER N 25 22.87 -9.54 -20.45
CA SER N 25 24.06 -9.56 -19.64
C SER N 25 24.15 -8.19 -18.97
N ARG N 26 25.34 -7.84 -18.49
CA ARG N 26 25.53 -6.60 -17.76
C ARG N 26 25.39 -5.40 -18.69
N CYS N 27 24.22 -4.75 -18.67
CA CYS N 27 24.06 -3.46 -19.33
C CYS N 27 24.31 -2.36 -18.31
N ASP N 28 23.95 -1.13 -18.69
CA ASP N 28 23.86 0.00 -17.77
C ASP N 28 22.41 0.48 -17.83
N SER N 29 21.59 -0.04 -16.91
CA SER N 29 20.19 0.37 -16.88
C SER N 29 20.00 1.53 -15.92
N PRO N 30 19.10 2.47 -16.22
CA PRO N 30 18.74 3.47 -15.20
C PRO N 30 18.03 2.87 -14.02
N ILE N 31 17.44 1.69 -14.16
CA ILE N 31 16.68 1.07 -13.09
C ILE N 31 17.55 0.01 -12.41
N ALA N 32 18.85 0.20 -12.46
CA ALA N 32 19.78 -0.73 -11.86
C ALA N 32 19.47 -0.93 -10.39
N ILE N 33 19.26 -2.18 -10.02
CA ILE N 33 18.72 -2.54 -8.71
C ILE N 33 19.86 -2.69 -7.71
N GLU N 34 19.80 -1.90 -6.66
CA GLU N 34 20.63 -2.06 -5.49
C GLU N 34 19.70 -2.22 -4.30
N GLU N 35 20.26 -2.64 -3.17
CA GLU N 35 19.59 -2.69 -1.86
C GLU N 35 18.20 -3.31 -1.95
N VAL N 36 18.19 -4.56 -2.30
CA VAL N 36 17.00 -5.38 -2.17
C VAL N 36 16.85 -5.74 -0.72
N ARG N 37 15.62 -5.64 -0.20
CA ARG N 37 15.34 -5.85 1.22
C ARG N 37 14.12 -6.75 1.37
N GLY N 38 14.35 -8.05 1.35
CA GLY N 38 13.31 -9.02 1.60
C GLY N 38 13.34 -9.41 3.06
N ASP N 39 13.39 -8.38 3.90
CA ASP N 39 13.62 -8.53 5.32
C ASP N 39 12.36 -8.36 6.15
N ALA N 40 11.30 -7.86 5.56
CA ALA N 40 10.01 -7.73 6.24
C ALA N 40 9.27 -9.06 6.12
N HIS N 41 7.97 -9.03 6.44
CA HIS N 41 7.15 -10.23 6.55
C HIS N 41 5.94 -10.24 5.62
N ALA N 42 5.49 -9.09 5.14
CA ALA N 42 4.15 -8.94 4.60
C ALA N 42 4.07 -9.22 3.11
N GLY N 43 4.95 -10.07 2.59
CA GLY N 43 5.01 -10.23 1.15
C GLY N 43 5.64 -9.08 0.41
N VAL N 44 6.27 -8.15 1.13
CA VAL N 44 6.70 -6.87 0.59
C VAL N 44 8.21 -6.82 0.49
N ILE N 45 8.69 -6.14 -0.55
CA ILE N 45 10.09 -5.76 -0.64
C ILE N 45 10.16 -4.28 -0.96
N ARG N 46 11.05 -3.61 -0.26
CA ARG N 46 11.48 -2.27 -0.61
C ARG N 46 12.71 -2.38 -1.48
N ILE N 47 12.70 -1.69 -2.61
CA ILE N 47 13.76 -1.74 -3.61
C ILE N 47 14.20 -0.33 -3.89
N GLN N 48 15.47 -0.17 -4.29
CA GLN N 48 15.93 1.06 -4.90
C GLN N 48 16.35 0.77 -6.34
N THR N 49 15.66 1.40 -7.27
CA THR N 49 16.21 1.62 -8.59
C THR N 49 17.19 2.78 -8.49
N SER N 50 18.16 2.78 -9.40
CA SER N 50 18.92 3.99 -9.61
C SER N 50 18.08 5.06 -10.30
N ALA N 51 16.97 4.67 -10.90
CA ALA N 51 16.05 5.62 -11.50
C ALA N 51 15.15 6.23 -10.43
N MET N 52 14.89 7.52 -10.59
CA MET N 52 14.08 8.32 -9.69
C MET N 52 12.76 8.55 -10.41
N PHE N 53 11.81 7.63 -10.23
CA PHE N 53 10.45 7.87 -10.64
C PHE N 53 9.75 8.65 -9.53
N GLY N 54 8.53 9.08 -9.82
CA GLY N 54 7.80 9.93 -8.90
C GLY N 54 7.21 11.12 -9.62
N LEU N 55 7.42 12.31 -9.10
CA LEU N 55 7.08 13.50 -9.88
C LEU N 55 7.93 13.52 -11.15
N LYS N 56 7.63 14.47 -12.00
CA LYS N 56 8.41 14.65 -13.23
C LYS N 56 9.73 15.31 -12.86
N THR N 57 10.44 15.80 -13.88
CA THR N 57 11.59 16.65 -13.64
C THR N 57 11.23 17.82 -12.73
N ASP N 58 10.02 18.38 -12.91
CA ASP N 58 9.70 19.64 -12.27
C ASP N 58 8.79 19.55 -11.05
N GLY N 59 7.52 19.15 -11.20
CA GLY N 59 6.58 19.33 -10.10
C GLY N 59 5.31 18.52 -9.92
N VAL N 60 5.02 17.50 -10.73
CA VAL N 60 3.66 16.96 -10.79
C VAL N 60 3.64 15.44 -10.77
N ASP N 61 2.67 14.88 -10.03
CA ASP N 61 2.17 13.53 -10.25
C ASP N 61 3.17 12.42 -10.01
N LEU N 62 3.30 12.02 -8.74
CA LEU N 62 4.02 10.81 -8.31
C LEU N 62 3.94 9.66 -9.30
N ALA N 63 2.78 9.46 -9.91
CA ALA N 63 2.56 8.32 -10.79
C ALA N 63 3.15 8.49 -12.19
N TYR N 64 4.07 9.45 -12.40
CA TYR N 64 4.84 9.54 -13.62
C TYR N 64 6.22 8.95 -13.39
N MET N 65 7.06 9.03 -14.42
CA MET N 65 8.17 8.09 -14.57
C MET N 65 9.34 8.83 -15.23
N SER N 66 10.38 9.09 -14.44
CA SER N 66 11.59 9.74 -14.91
C SER N 66 12.77 8.81 -14.70
N PHE N 67 13.27 8.23 -15.78
CA PHE N 67 14.57 7.57 -15.81
C PHE N 67 15.51 8.38 -16.69
N MET N 68 16.75 7.91 -16.77
CA MET N 68 17.76 8.54 -17.59
C MET N 68 17.83 7.83 -18.94
N ASN N 69 17.68 8.60 -20.01
CA ASN N 69 17.96 8.16 -21.37
C ASN N 69 18.95 9.16 -21.94
N GLY N 70 20.13 8.68 -22.31
CA GLY N 70 21.22 9.56 -22.66
C GLY N 70 21.89 10.09 -21.40
N LYS N 71 22.43 11.30 -21.51
CA LYS N 71 22.69 12.11 -20.33
C LYS N 71 21.41 12.63 -19.70
N THR N 72 20.27 12.48 -20.38
CA THR N 72 19.05 13.21 -20.08
C THR N 72 18.06 12.33 -19.34
N GLN N 73 17.15 12.98 -18.63
CA GLN N 73 16.01 12.31 -18.04
C GLN N 73 15.00 11.93 -19.11
N LYS N 74 13.94 11.26 -18.68
CA LYS N 74 12.73 11.14 -19.50
C LYS N 74 11.54 11.03 -18.54
N SER N 75 10.98 12.19 -18.18
CA SER N 75 9.95 12.27 -17.15
C SER N 75 8.59 12.10 -17.81
N ILE N 76 8.14 10.86 -17.88
CA ILE N 76 6.92 10.49 -18.61
C ILE N 76 6.13 9.48 -17.76
N LYS N 77 5.11 8.87 -18.34
CA LYS N 77 4.17 8.04 -17.58
C LYS N 77 4.74 6.68 -17.22
N ILE N 78 4.25 6.12 -16.12
CA ILE N 78 4.73 4.89 -15.49
C ILE N 78 4.16 3.63 -16.14
N ASP N 79 3.53 3.78 -17.31
CA ASP N 79 2.48 2.92 -17.81
C ASP N 79 2.56 1.43 -17.48
N ASN N 80 3.73 0.81 -17.62
CA ASN N 80 3.84 -0.66 -17.60
C ASN N 80 5.03 -1.11 -16.76
N LEU N 81 5.13 -0.61 -15.54
CA LEU N 81 6.11 -1.12 -14.60
C LEU N 81 5.91 -2.62 -14.38
N HIS N 82 7.02 -3.32 -14.18
CA HIS N 82 6.98 -4.70 -13.71
C HIS N 82 8.16 -4.96 -12.78
N VAL N 83 7.89 -5.02 -11.49
CA VAL N 83 8.72 -5.79 -10.58
C VAL N 83 8.28 -7.24 -10.68
N ARG N 84 9.24 -8.15 -10.55
CA ARG N 84 8.85 -9.54 -10.45
C ARG N 84 9.98 -10.36 -9.88
N THR N 85 9.63 -11.58 -9.50
CA THR N 85 10.47 -12.57 -8.88
C THR N 85 10.06 -13.87 -9.52
N SER N 86 10.20 -14.99 -8.81
CA SER N 86 9.62 -16.26 -9.21
C SER N 86 8.23 -16.12 -9.83
N ALA N 87 7.42 -15.21 -9.33
CA ALA N 87 6.19 -14.79 -9.96
C ALA N 87 6.18 -13.29 -10.13
N PRO N 88 5.25 -12.74 -10.92
CA PRO N 88 5.10 -11.29 -10.98
C PRO N 88 4.63 -10.73 -9.65
N CYS N 89 5.32 -9.69 -9.21
CA CYS N 89 5.01 -9.05 -7.95
C CYS N 89 3.81 -8.12 -8.13
N SER N 90 3.46 -7.46 -7.04
CA SER N 90 2.48 -6.39 -7.04
C SER N 90 3.15 -5.14 -6.49
N LEU N 91 3.14 -4.08 -7.29
CA LEU N 91 3.56 -2.77 -6.81
C LEU N 91 2.75 -2.39 -5.58
N VAL N 92 3.40 -1.67 -4.67
CA VAL N 92 2.73 -1.06 -3.52
C VAL N 92 2.76 0.46 -3.62
N SER N 93 3.95 1.03 -3.79
CA SER N 93 4.06 2.46 -3.99
C SER N 93 5.50 2.78 -4.33
N HIS N 94 5.68 3.89 -5.05
CA HIS N 94 6.99 4.43 -5.36
C HIS N 94 7.13 5.83 -4.76
N HIS N 95 8.36 6.16 -4.38
CA HIS N 95 8.70 7.51 -3.96
C HIS N 95 10.20 7.68 -4.12
N GLY N 96 10.60 8.62 -4.97
CA GLY N 96 12.01 8.91 -5.14
C GLY N 96 12.67 7.89 -6.02
N TYR N 97 13.83 7.41 -5.59
CA TYR N 97 14.50 6.29 -6.24
C TYR N 97 13.87 4.95 -5.94
N TYR N 98 12.86 4.93 -5.07
CA TYR N 98 12.57 3.77 -4.26
C TYR N 98 11.15 3.30 -4.52
N ILE N 99 10.98 1.99 -4.60
CA ILE N 99 9.68 1.38 -4.81
C ILE N 99 9.45 0.31 -3.75
N LEU N 100 8.21 0.22 -3.30
CA LEU N 100 7.73 -0.87 -2.47
C LEU N 100 6.79 -1.72 -3.31
N ALA N 101 6.94 -3.04 -3.20
CA ALA N 101 6.16 -3.95 -4.01
C ALA N 101 5.94 -5.23 -3.25
N GLN N 102 4.73 -5.76 -3.34
CA GLN N 102 4.38 -7.01 -2.69
C GLN N 102 4.79 -8.15 -3.61
N CYS N 103 5.79 -8.92 -3.18
CA CYS N 103 6.35 -10.02 -3.94
C CYS N 103 6.15 -11.35 -3.21
N PRO N 104 6.14 -12.46 -3.94
CA PRO N 104 6.31 -13.74 -3.29
C PRO N 104 7.79 -14.03 -3.06
N PRO N 105 8.11 -15.15 -2.44
CA PRO N 105 9.51 -15.55 -2.35
C PRO N 105 10.11 -15.77 -3.72
N GLY N 106 11.42 -15.61 -3.78
CA GLY N 106 12.13 -15.81 -5.02
C GLY N 106 13.63 -15.81 -4.80
N ASP N 107 14.31 -16.69 -5.52
CA ASP N 107 15.76 -16.73 -5.44
C ASP N 107 16.38 -15.41 -5.90
N THR N 108 15.71 -14.72 -6.82
CA THR N 108 16.20 -13.50 -7.43
C THR N 108 15.19 -12.38 -7.23
N VAL N 109 15.53 -11.23 -7.81
CA VAL N 109 14.59 -10.13 -8.00
C VAL N 109 14.81 -9.59 -9.39
N THR N 110 13.71 -9.26 -10.06
CA THR N 110 13.73 -8.99 -11.50
C THR N 110 12.74 -7.86 -11.75
N VAL N 111 13.27 -6.72 -12.17
CA VAL N 111 12.51 -5.47 -12.25
C VAL N 111 12.49 -4.99 -13.69
N GLY N 112 11.45 -4.25 -14.04
CA GLY N 112 11.43 -3.66 -15.35
C GLY N 112 10.13 -2.98 -15.72
N PHE N 113 10.24 -1.85 -16.39
CA PHE N 113 9.11 -1.16 -16.97
C PHE N 113 9.09 -1.44 -18.47
N HIS N 114 8.24 -0.71 -19.18
CA HIS N 114 8.23 -0.73 -20.63
C HIS N 114 8.11 0.72 -21.10
N ASP N 115 9.21 1.26 -21.62
CA ASP N 115 9.17 2.60 -22.19
C ASP N 115 8.16 2.68 -23.32
N GLY N 116 8.00 1.61 -24.09
CA GLY N 116 7.10 1.56 -25.22
C GLY N 116 7.77 1.08 -26.49
N PRO N 117 8.98 1.55 -26.79
CA PRO N 117 9.74 0.94 -27.88
C PRO N 117 10.53 -0.29 -27.46
N ASN N 118 10.78 -0.48 -26.17
CA ASN N 118 11.69 -1.51 -25.71
C ASN N 118 11.26 -1.99 -24.34
N ARG N 119 11.64 -3.24 -24.02
CA ARG N 119 11.31 -3.79 -22.71
C ARG N 119 12.13 -3.10 -21.64
N HIS N 120 13.46 -3.18 -21.73
CA HIS N 120 14.34 -2.31 -20.97
C HIS N 120 14.18 -2.53 -19.46
N THR N 121 14.51 -3.75 -19.05
CA THR N 121 14.31 -4.25 -17.69
C THR N 121 15.64 -4.32 -16.97
N CYS N 122 15.59 -4.71 -15.69
CA CYS N 122 16.79 -4.97 -14.92
C CYS N 122 16.52 -6.01 -13.85
N THR N 123 17.52 -6.85 -13.62
CA THR N 123 17.35 -8.05 -12.83
C THR N 123 18.56 -8.23 -11.94
N VAL N 124 18.39 -9.00 -10.87
CA VAL N 124 19.42 -9.07 -9.82
C VAL N 124 19.18 -10.32 -8.99
N ALA N 125 20.24 -10.78 -8.35
CA ALA N 125 20.15 -11.84 -7.35
C ALA N 125 19.82 -11.26 -5.99
N HIS N 126 18.90 -11.92 -5.29
CA HIS N 126 18.70 -11.66 -3.87
C HIS N 126 17.83 -12.75 -3.27
N LYS N 127 18.31 -13.33 -2.18
CA LYS N 127 17.55 -14.34 -1.47
C LYS N 127 16.34 -13.69 -0.83
N VAL N 128 15.15 -14.13 -1.22
CA VAL N 128 13.90 -13.59 -0.71
C VAL N 128 13.11 -14.72 -0.06
N GLU N 129 12.45 -14.38 1.05
CA GLU N 129 11.46 -15.25 1.66
C GLU N 129 10.39 -14.37 2.29
N PHE N 130 9.27 -15.00 2.62
CA PHE N 130 8.26 -14.35 3.44
C PHE N 130 7.70 -15.35 4.42
N ARG N 131 8.36 -15.43 5.55
CA ARG N 131 7.73 -15.92 6.76
C ARG N 131 6.76 -14.87 7.26
N PRO N 132 5.50 -15.21 7.50
CA PRO N 132 4.68 -14.36 8.36
C PRO N 132 5.09 -14.54 9.81
N VAL N 133 4.87 -13.49 10.58
CA VAL N 133 5.12 -13.58 12.00
C VAL N 133 4.06 -14.49 12.61
N GLY N 134 4.52 -15.49 13.33
CA GLY N 134 3.65 -16.49 13.92
C GLY N 134 4.36 -17.83 13.87
N ARG N 135 3.87 -18.75 14.66
CA ARG N 135 4.41 -20.09 14.68
C ARG N 135 3.96 -20.91 13.47
N GLU N 136 3.15 -20.33 12.58
CA GLU N 136 2.84 -20.95 11.30
C GLU N 136 3.81 -20.46 10.25
N LYS N 137 4.39 -21.41 9.52
CA LYS N 137 5.32 -21.10 8.44
C LYS N 137 4.59 -21.20 7.12
N TYR N 138 3.75 -20.20 6.86
CA TYR N 138 3.08 -20.12 5.57
C TYR N 138 4.08 -19.81 4.47
N ARG N 139 3.56 -19.72 3.26
CA ARG N 139 4.27 -19.18 2.12
C ARG N 139 3.63 -17.89 1.62
N HIS N 140 2.56 -17.42 2.26
CA HIS N 140 1.75 -16.37 1.67
C HIS N 140 0.74 -15.86 2.70
N PRO N 141 0.36 -14.58 2.69
CA PRO N 141 -0.60 -14.10 3.69
C PRO N 141 -2.01 -14.52 3.33
N PRO N 142 -2.81 -14.99 4.31
CA PRO N 142 -4.18 -15.35 4.01
C PRO N 142 -5.12 -14.14 4.07
N GLU N 143 -6.42 -14.42 3.91
CA GLU N 143 -7.46 -13.43 4.03
C GLU N 143 -7.92 -13.22 5.46
N HIS N 144 -7.70 -14.21 6.32
CA HIS N 144 -8.25 -14.21 7.67
C HIS N 144 -7.16 -14.62 8.64
N GLY N 145 -7.54 -14.88 9.88
CA GLY N 145 -6.61 -15.19 10.94
C GLY N 145 -6.41 -14.01 11.86
N VAL N 146 -5.64 -14.26 12.90
CA VAL N 146 -5.38 -13.26 13.92
C VAL N 146 -4.42 -12.21 13.38
N GLU N 147 -4.51 -11.01 13.93
CA GLU N 147 -3.53 -9.97 13.69
C GLU N 147 -2.53 -9.95 14.82
N LEU N 148 -1.26 -9.72 14.48
CA LEU N 148 -0.20 -9.72 15.48
C LEU N 148 1.00 -8.99 14.88
N PRO N 149 1.94 -8.56 15.72
CA PRO N 149 2.85 -7.48 15.33
C PRO N 149 3.92 -7.86 14.33
N CYS N 150 3.61 -7.71 13.05
CA CYS N 150 4.58 -7.96 12.00
C CYS N 150 5.47 -6.74 11.75
N ASN N 151 6.49 -6.96 10.95
CA ASN N 151 7.36 -5.91 10.44
C ASN N 151 7.08 -5.73 8.96
N ARG N 152 7.01 -4.48 8.53
CA ARG N 152 6.41 -4.17 7.24
C ARG N 152 6.71 -2.71 6.93
N TYR N 153 6.69 -2.39 5.64
CA TYR N 153 6.93 -1.05 5.16
C TYR N 153 5.63 -0.34 4.85
N THR N 154 5.70 0.99 4.85
CA THR N 154 4.50 1.80 4.73
C THR N 154 4.08 1.95 3.29
N HIS N 155 2.86 2.44 3.11
CA HIS N 155 2.43 2.89 1.80
C HIS N 155 2.95 4.27 1.47
N LYS N 156 3.32 5.05 2.47
CA LYS N 156 3.30 6.49 2.35
C LYS N 156 4.68 7.07 2.10
N ARG N 157 4.71 8.38 1.95
CA ARG N 157 5.89 9.18 1.63
C ARG N 157 6.25 10.16 2.73
N ALA N 158 5.27 10.64 3.50
CA ALA N 158 5.48 11.68 4.52
C ALA N 158 6.30 11.03 5.63
N ASP N 159 7.59 10.91 5.39
CA ASP N 159 8.43 9.96 6.09
C ASP N 159 9.82 10.55 6.28
N GLN N 160 10.30 10.48 7.51
CA GLN N 160 11.58 11.04 7.88
C GLN N 160 12.36 10.12 8.81
N GLY N 161 11.82 8.95 9.18
CA GLY N 161 12.41 8.12 10.22
C GLY N 161 13.86 7.78 9.99
N HIS N 162 14.31 7.78 8.74
CA HIS N 162 15.72 7.68 8.43
C HIS N 162 16.01 8.54 7.20
N TYR N 163 17.29 8.75 6.97
CA TYR N 163 17.73 9.41 5.76
C TYR N 163 19.08 8.86 5.38
N VAL N 164 19.27 8.64 4.09
CA VAL N 164 20.52 8.15 3.54
C VAL N 164 21.24 9.31 2.90
N GLU N 165 22.57 9.26 2.96
CA GLU N 165 23.39 10.24 2.28
C GLU N 165 23.13 10.18 0.79
N MET N 166 22.88 11.34 0.18
CA MET N 166 22.78 11.42 -1.28
C MET N 166 23.50 12.68 -1.74
N HIS N 167 24.82 12.56 -1.92
CA HIS N 167 25.62 13.64 -2.45
C HIS N 167 25.79 13.43 -3.95
N GLN N 168 26.76 14.14 -4.55
CA GLN N 168 26.73 14.41 -5.97
C GLN N 168 26.96 13.14 -6.75
N PRO N 169 26.78 13.19 -8.06
CA PRO N 169 27.39 12.20 -8.93
C PRO N 169 28.82 12.58 -9.22
N GLY N 170 29.63 11.55 -9.47
CA GLY N 170 30.86 11.76 -10.17
C GLY N 170 30.55 12.03 -11.63
N LEU N 171 31.61 12.09 -12.42
CA LEU N 171 31.44 12.24 -13.84
C LEU N 171 30.77 11.00 -14.41
N VAL N 172 30.47 11.06 -15.71
CA VAL N 172 30.03 9.89 -16.46
C VAL N 172 30.62 9.98 -17.85
N ALA N 173 30.72 8.83 -18.50
CA ALA N 173 31.19 8.78 -19.88
C ALA N 173 30.09 9.23 -20.81
N ASP N 174 30.47 9.92 -21.89
CA ASP N 174 29.53 10.13 -22.99
C ASP N 174 30.36 10.40 -24.25
N HIS N 175 30.62 9.34 -25.00
CA HIS N 175 31.40 9.47 -26.22
C HIS N 175 30.57 9.91 -27.41
N SER N 176 29.27 10.13 -27.23
CA SER N 176 28.50 10.89 -28.20
C SER N 176 29.05 12.30 -28.33
N LEU N 177 29.64 12.82 -27.25
CA LEU N 177 30.28 14.12 -27.31
C LEU N 177 31.41 14.13 -28.32
N LEU N 178 32.34 13.20 -28.20
CA LEU N 178 33.60 13.25 -28.93
C LEU N 178 33.35 12.94 -30.40
N SER N 179 32.83 13.94 -31.10
CA SER N 179 32.68 13.88 -32.54
C SER N 179 34.04 14.18 -33.18
N ILE N 180 34.05 14.46 -34.48
CA ILE N 180 35.28 14.76 -35.22
C ILE N 180 35.10 16.12 -35.89
N HIS N 181 36.11 16.97 -35.76
CA HIS N 181 36.19 18.27 -36.45
C HIS N 181 36.88 18.11 -37.81
N SER N 182 36.43 17.11 -38.56
CA SER N 182 36.85 16.80 -39.93
C SER N 182 38.30 16.31 -40.06
N ALA N 183 39.16 16.56 -39.07
CA ALA N 183 40.37 15.79 -38.85
C ALA N 183 40.69 15.55 -37.39
N LYS N 184 40.13 16.32 -36.47
CA LYS N 184 40.45 16.29 -35.06
C LYS N 184 39.22 15.83 -34.29
N VAL N 185 39.45 15.25 -33.13
CA VAL N 185 38.34 14.77 -32.32
C VAL N 185 37.74 15.95 -31.57
N LYS N 186 36.42 16.05 -31.64
CA LYS N 186 35.67 17.25 -31.30
C LYS N 186 34.73 16.93 -30.15
N ILE N 187 34.97 17.54 -29.01
CA ILE N 187 34.10 17.41 -27.86
C ILE N 187 33.07 18.54 -27.93
N THR N 188 31.90 18.30 -27.34
CA THR N 188 30.88 19.33 -27.17
C THR N 188 30.43 19.33 -25.73
N VAL N 189 29.34 20.04 -25.43
CA VAL N 189 28.83 20.16 -24.06
C VAL N 189 27.31 20.02 -24.07
N PRO N 190 26.73 19.50 -22.97
CA PRO N 190 25.27 19.42 -22.90
C PRO N 190 24.56 20.78 -22.98
N SER N 191 24.82 21.62 -21.99
CA SER N 191 24.13 22.88 -21.83
C SER N 191 25.08 23.95 -21.29
N GLY N 192 26.37 23.79 -21.56
CA GLY N 192 27.39 24.48 -20.81
C GLY N 192 27.89 23.69 -19.63
N ALA N 193 27.56 22.40 -19.53
CA ALA N 193 28.04 21.59 -18.43
C ALA N 193 29.56 21.46 -18.50
N GLN N 194 30.11 20.87 -17.45
CA GLN N 194 31.55 20.88 -17.21
C GLN N 194 32.14 19.57 -17.72
N VAL N 195 32.86 19.64 -18.83
CA VAL N 195 33.38 18.47 -19.52
C VAL N 195 34.88 18.39 -19.27
N LYS N 196 35.30 17.26 -18.70
CA LYS N 196 36.64 17.09 -18.15
C LYS N 196 37.46 16.31 -19.18
N TYR N 197 38.46 16.96 -19.78
CA TYR N 197 38.96 16.54 -21.09
C TYR N 197 40.48 16.65 -21.24
N TYR N 198 41.05 15.67 -21.95
CA TYR N 198 42.43 15.55 -22.46
C TYR N 198 42.44 14.21 -23.19
N CYS N 199 43.52 13.92 -23.90
CA CYS N 199 43.66 12.65 -24.61
C CYS N 199 45.00 12.06 -24.22
N LYS N 200 45.27 10.84 -24.69
CA LYS N 200 46.56 10.23 -24.36
C LYS N 200 47.71 11.10 -24.84
N CYS N 201 47.54 11.76 -25.99
CA CYS N 201 48.52 12.70 -26.47
C CYS N 201 48.52 13.92 -25.55
N PRO N 202 49.46 14.85 -25.74
CA PRO N 202 49.37 16.14 -25.02
C PRO N 202 48.53 17.21 -25.72
N ASP N 203 47.40 17.57 -25.10
CA ASP N 203 46.52 18.68 -25.49
C ASP N 203 45.91 19.25 -24.21
N VAL N 204 44.74 19.91 -24.31
CA VAL N 204 44.09 20.54 -23.14
C VAL N 204 43.92 19.52 -22.02
N ARG N 205 44.39 19.87 -20.80
CA ARG N 205 44.59 18.86 -19.76
C ARG N 205 43.51 18.79 -18.70
N GLU N 206 42.78 19.86 -18.40
CA GLU N 206 41.65 19.73 -17.48
C GLU N 206 40.34 19.52 -18.23
N GLY N 207 39.89 20.57 -18.90
CA GLY N 207 38.59 20.60 -19.54
C GLY N 207 37.60 21.15 -18.55
N ILE N 208 37.36 22.46 -18.57
CA ILE N 208 36.22 23.08 -17.94
C ILE N 208 35.75 24.13 -18.94
N THR N 209 34.89 23.74 -19.87
CA THR N 209 34.81 24.46 -21.13
C THR N 209 33.42 24.34 -21.74
N SER N 210 33.21 25.14 -22.78
CA SER N 210 32.20 24.90 -23.79
C SER N 210 32.77 23.88 -24.77
N SER N 211 32.16 23.75 -25.95
CA SER N 211 32.63 22.80 -26.94
C SER N 211 34.05 23.11 -27.39
N ASP N 212 34.99 22.26 -27.00
CA ASP N 212 36.37 22.35 -27.44
C ASP N 212 36.62 21.46 -28.65
N HIS N 213 37.75 21.70 -29.29
CA HIS N 213 38.34 20.79 -30.24
C HIS N 213 39.50 20.08 -29.55
N THR N 214 40.29 19.35 -30.34
CA THR N 214 41.48 18.66 -29.83
C THR N 214 42.58 18.85 -30.86
N THR N 215 43.57 19.67 -30.52
CA THR N 215 44.65 19.90 -31.46
C THR N 215 45.43 18.61 -31.73
N THR N 216 45.78 17.88 -30.68
CA THR N 216 46.81 16.84 -30.81
C THR N 216 46.26 15.49 -31.27
N CYS N 217 45.47 14.83 -30.43
CA CYS N 217 44.99 13.50 -30.77
C CYS N 217 43.89 13.59 -31.82
N THR N 218 43.60 12.43 -32.42
CA THR N 218 42.60 12.28 -33.46
C THR N 218 41.57 11.23 -33.14
N ASP N 219 41.97 10.14 -32.50
CA ASP N 219 41.08 9.02 -32.28
C ASP N 219 40.15 9.31 -31.12
N VAL N 220 38.87 9.01 -31.33
CA VAL N 220 37.88 9.13 -30.29
C VAL N 220 38.21 8.23 -29.11
N LYS N 221 38.91 7.12 -29.36
CA LYS N 221 39.11 6.07 -28.38
C LYS N 221 40.29 6.31 -27.45
N GLN N 222 40.82 7.53 -27.41
CA GLN N 222 41.95 7.84 -26.55
C GLN N 222 41.76 9.18 -25.87
N CYS N 223 40.52 9.49 -25.49
CA CYS N 223 40.19 10.80 -24.97
C CYS N 223 39.20 10.69 -23.83
N ARG N 224 39.06 11.81 -23.10
CA ARG N 224 38.32 11.87 -21.84
C ARG N 224 36.96 12.51 -22.09
N ALA N 225 35.98 11.69 -22.46
CA ALA N 225 34.59 12.15 -22.60
C ALA N 225 33.93 12.07 -21.23
N TYR N 226 33.89 13.19 -20.53
CA TYR N 226 33.41 13.25 -19.16
C TYR N 226 32.32 14.30 -19.04
N LEU N 227 31.46 14.11 -18.02
CA LEU N 227 30.35 15.02 -17.73
C LEU N 227 30.31 15.27 -16.24
N ILE N 228 31.00 16.30 -15.79
CA ILE N 228 30.77 16.84 -14.45
C ILE N 228 29.51 17.69 -14.57
N ASP N 229 28.38 17.11 -14.19
CA ASP N 229 27.06 17.70 -14.36
C ASP N 229 26.33 17.72 -13.03
N ASN N 230 27.01 18.22 -12.01
CA ASN N 230 26.52 18.12 -10.65
C ASN N 230 25.55 19.24 -10.30
N LYS N 231 24.54 19.42 -11.13
CA LYS N 231 23.41 20.27 -10.79
C LYS N 231 22.34 19.52 -10.02
N LYS N 232 22.39 18.19 -10.02
CA LYS N 232 21.46 17.37 -9.26
C LYS N 232 22.21 16.21 -8.65
N TRP N 233 22.03 16.01 -7.34
CA TRP N 233 22.73 14.96 -6.62
C TRP N 233 22.17 13.60 -7.02
N VAL N 234 22.72 12.54 -6.42
CA VAL N 234 22.33 11.17 -6.71
C VAL N 234 22.28 10.36 -5.43
N TYR N 235 21.78 9.13 -5.58
CA TYR N 235 21.99 8.12 -4.57
C TYR N 235 23.44 7.65 -4.63
N ASN N 236 23.98 7.30 -3.47
CA ASN N 236 25.37 6.92 -3.35
C ASN N 236 25.51 5.42 -3.56
N SER N 237 25.15 5.01 -4.76
CA SER N 237 25.23 3.61 -5.17
C SER N 237 26.68 3.15 -5.12
N GLY N 238 26.85 1.87 -4.82
CA GLY N 238 28.15 1.25 -5.04
C GLY N 238 28.54 1.27 -6.50
N ARG N 239 27.57 1.31 -7.40
CA ARG N 239 27.81 1.36 -8.83
C ARG N 239 27.87 2.79 -9.34
N LEU N 240 28.29 3.72 -8.50
CA LEU N 240 28.58 5.10 -8.80
C LEU N 240 30.08 5.34 -8.77
N PRO N 241 30.64 6.09 -9.71
CA PRO N 241 31.99 6.62 -9.50
C PRO N 241 31.93 7.88 -8.65
N ARG N 242 32.86 7.96 -7.70
CA ARG N 242 32.92 9.08 -6.77
C ARG N 242 33.05 10.39 -7.52
N GLY N 243 32.33 11.40 -7.03
CA GLY N 243 32.65 12.76 -7.37
C GLY N 243 33.84 13.18 -6.54
N GLU N 244 35.01 13.22 -7.17
CA GLU N 244 36.27 13.27 -6.44
C GLU N 244 36.44 14.55 -5.64
N GLY N 245 35.69 15.59 -5.97
CA GLY N 245 35.97 16.89 -5.40
C GLY N 245 35.67 16.96 -3.91
N ASP N 246 34.51 16.45 -3.51
CA ASP N 246 33.98 16.81 -2.20
C ASP N 246 32.81 15.91 -1.86
N THR N 247 32.54 15.82 -0.56
CA THR N 247 31.27 15.34 -0.02
C THR N 247 30.27 16.51 -0.04
N PHE N 248 29.65 16.74 -1.20
CA PHE N 248 28.59 17.74 -1.21
C PHE N 248 27.43 17.31 -0.31
N LYS N 249 26.58 18.28 -0.01
CA LYS N 249 25.35 18.11 0.76
C LYS N 249 24.37 17.28 -0.06
N GLY N 250 23.18 17.08 0.48
CA GLY N 250 22.15 16.23 -0.10
C GLY N 250 21.75 15.07 0.79
N LYS N 251 21.72 15.30 2.10
CA LYS N 251 21.08 14.35 3.00
C LYS N 251 19.62 14.24 2.66
N LEU N 252 19.15 13.02 2.39
CA LEU N 252 17.82 12.81 1.84
C LEU N 252 17.18 11.60 2.47
N HIS N 253 15.90 11.74 2.80
CA HIS N 253 15.15 10.79 3.60
C HIS N 253 15.02 9.44 2.90
N VAL N 254 14.42 8.50 3.61
CA VAL N 254 13.86 7.29 3.02
C VAL N 254 12.35 7.34 3.23
N PRO N 255 11.54 7.08 2.21
CA PRO N 255 10.10 6.94 2.43
C PRO N 255 9.71 5.71 3.23
N PHE N 256 10.13 4.56 2.72
CA PHE N 256 9.56 3.29 3.15
C PHE N 256 10.31 2.81 4.36
N VAL N 257 9.93 3.37 5.51
CA VAL N 257 10.51 2.99 6.79
C VAL N 257 9.89 1.64 7.13
N PRO N 258 10.61 0.74 7.79
CA PRO N 258 9.95 -0.44 8.35
C PRO N 258 9.18 -0.05 9.60
N VAL N 259 7.89 -0.38 9.62
CA VAL N 259 6.99 0.02 10.68
C VAL N 259 6.35 -1.20 11.30
N LYS N 260 5.76 -0.98 12.48
CA LYS N 260 5.17 -2.04 13.27
C LYS N 260 3.69 -2.16 12.93
N ALA N 261 3.46 -2.51 11.67
CA ALA N 261 2.12 -2.87 11.26
C ALA N 261 1.74 -4.19 11.89
N LYS N 262 0.45 -4.35 12.16
CA LYS N 262 -0.09 -5.65 12.49
C LYS N 262 -0.59 -6.24 11.19
N CYS N 263 0.21 -7.11 10.59
CA CYS N 263 -0.24 -7.79 9.39
C CYS N 263 -1.50 -8.56 9.69
N ILE N 264 -2.43 -8.50 8.74
CA ILE N 264 -3.40 -9.57 8.63
C ILE N 264 -2.55 -10.84 8.53
N ALA N 265 -2.83 -11.82 9.36
CA ALA N 265 -1.79 -12.81 9.60
C ALA N 265 -2.38 -14.20 9.78
N THR N 266 -1.52 -15.10 10.25
CA THR N 266 -1.72 -16.52 10.11
C THR N 266 -2.66 -17.04 11.17
N LEU N 267 -3.07 -18.29 10.99
CA LEU N 267 -3.88 -19.01 11.94
C LEU N 267 -3.91 -20.45 11.46
N ALA N 268 -3.69 -21.37 12.34
CA ALA N 268 -3.69 -22.77 12.01
C ALA N 268 -4.99 -23.43 12.47
N PRO N 269 -5.51 -24.42 11.75
CA PRO N 269 -6.78 -25.03 12.12
C PRO N 269 -6.76 -25.59 13.53
N GLU N 270 -7.92 -25.56 14.17
CA GLU N 270 -8.00 -25.89 15.57
C GLU N 270 -7.59 -27.34 15.79
N PRO N 271 -7.09 -27.68 16.97
CA PRO N 271 -6.74 -29.07 17.25
C PRO N 271 -7.96 -29.91 17.61
N LEU N 272 -7.75 -31.21 17.61
CA LEU N 272 -8.74 -32.18 18.09
C LEU N 272 -8.25 -32.64 19.45
N VAL N 273 -8.87 -32.12 20.50
CA VAL N 273 -8.47 -32.51 21.83
C VAL N 273 -9.08 -33.85 22.16
N GLU N 274 -8.26 -34.74 22.72
CA GLU N 274 -8.68 -36.07 23.09
C GLU N 274 -8.11 -36.35 24.47
N HIS N 275 -8.96 -36.83 25.36
CA HIS N 275 -8.57 -37.12 26.72
C HIS N 275 -7.92 -38.48 26.83
N LYS N 276 -6.91 -38.57 27.69
CA LYS N 276 -6.49 -39.82 28.29
C LYS N 276 -6.02 -39.53 29.71
N HIS N 277 -5.60 -40.57 30.41
CA HIS N 277 -5.16 -40.47 31.79
C HIS N 277 -3.87 -39.67 31.85
N ARG N 278 -3.98 -38.42 32.29
CA ARG N 278 -2.83 -37.52 32.43
C ARG N 278 -2.07 -37.41 31.12
N THR N 279 -2.79 -37.49 30.01
CA THR N 279 -2.17 -37.54 28.71
C THR N 279 -3.12 -36.95 27.68
N LEU N 280 -2.60 -36.03 26.88
CA LEU N 280 -3.33 -35.46 25.76
C LEU N 280 -2.91 -36.18 24.49
N ILE N 281 -3.73 -37.11 24.02
CA ILE N 281 -3.68 -37.43 22.61
C ILE N 281 -4.25 -36.25 21.87
N LEU N 282 -3.60 -35.90 20.77
CA LEU N 282 -4.06 -34.80 19.92
C LEU N 282 -3.87 -35.24 18.48
N HIS N 283 -4.95 -35.71 17.87
CA HIS N 283 -4.95 -35.81 16.42
C HIS N 283 -4.93 -34.41 15.85
N LEU N 284 -3.98 -34.15 14.96
CA LEU N 284 -3.70 -32.78 14.55
C LEU N 284 -3.46 -32.75 13.06
N HIS N 285 -3.85 -31.63 12.47
CA HIS N 285 -4.02 -31.55 11.04
C HIS N 285 -3.92 -30.10 10.58
N PRO N 286 -2.72 -29.62 10.32
CA PRO N 286 -2.55 -28.21 9.97
C PRO N 286 -2.74 -27.90 8.50
N ASP N 287 -2.67 -26.63 8.17
CA ASP N 287 -2.63 -26.13 6.81
C ASP N 287 -1.22 -26.05 6.30
N HIS N 288 -0.30 -25.62 7.15
CA HIS N 288 1.07 -25.33 6.79
C HIS N 288 1.96 -25.76 7.93
N PRO N 289 3.28 -25.73 7.78
CA PRO N 289 4.15 -26.11 8.89
C PRO N 289 3.95 -25.18 10.08
N THR N 290 3.53 -25.78 11.19
CA THR N 290 3.17 -25.06 12.41
C THR N 290 4.13 -25.47 13.51
N LEU N 291 4.77 -24.49 14.14
CA LEU N 291 5.62 -24.77 15.29
C LEU N 291 4.73 -24.91 16.50
N LEU N 292 4.55 -26.14 16.95
CA LEU N 292 3.90 -26.39 18.21
C LEU N 292 4.92 -26.42 19.32
N THR N 293 4.49 -26.00 20.51
CA THR N 293 5.35 -26.13 21.67
C THR N 293 4.55 -25.97 22.94
N THR N 294 5.13 -26.45 24.04
CA THR N 294 4.45 -26.58 25.32
C THR N 294 5.40 -26.22 26.45
N ARG N 295 4.86 -26.20 27.67
CA ARG N 295 5.63 -25.90 28.87
C ARG N 295 5.01 -26.65 30.04
N SER N 296 5.55 -27.80 30.40
CA SER N 296 5.06 -28.46 31.59
C SER N 296 5.41 -27.60 32.78
N LEU N 297 4.37 -27.05 33.41
CA LEU N 297 4.54 -25.94 34.33
C LEU N 297 5.19 -26.30 35.64
N GLY N 298 5.60 -27.53 35.84
CA GLY N 298 6.47 -27.81 36.96
C GLY N 298 7.75 -27.00 36.85
N SER N 299 8.45 -26.90 37.97
CA SER N 299 9.79 -26.33 37.93
C SER N 299 10.69 -27.15 37.02
N ASP N 300 10.36 -28.42 36.81
CA ASP N 300 10.80 -29.14 35.62
C ASP N 300 9.98 -28.64 34.45
N ALA N 301 10.61 -27.87 33.58
CA ALA N 301 9.89 -27.30 32.45
C ALA N 301 9.47 -28.39 31.47
N ASN N 302 10.42 -29.22 31.04
CA ASN N 302 10.24 -30.24 30.01
C ASN N 302 9.43 -29.74 28.81
N PRO N 303 9.91 -28.74 28.09
CA PRO N 303 9.20 -28.26 26.91
C PRO N 303 9.46 -29.14 25.71
N THR N 304 8.73 -28.84 24.65
CA THR N 304 8.82 -29.55 23.38
C THR N 304 8.64 -28.54 22.26
N ARG N 305 9.32 -28.77 21.16
CA ARG N 305 9.16 -27.98 19.94
C ARG N 305 9.15 -28.94 18.77
N GLN N 306 8.23 -28.73 17.84
CA GLN N 306 8.32 -29.41 16.56
C GLN N 306 7.44 -28.71 15.55
N TRP N 307 8.04 -28.28 14.45
CA TRP N 307 7.25 -27.86 13.31
C TRP N 307 6.43 -29.03 12.81
N ILE N 308 5.14 -28.80 12.64
CA ILE N 308 4.23 -29.81 12.16
C ILE N 308 3.61 -29.28 10.88
N GLU N 309 3.90 -29.95 9.78
CA GLU N 309 3.21 -29.75 8.51
C GLU N 309 2.45 -30.99 8.10
N ARG N 310 2.95 -32.14 8.42
CA ARG N 310 2.25 -33.37 8.15
C ARG N 310 1.28 -33.65 9.29
N PRO N 311 0.01 -33.96 9.02
CA PRO N 311 -0.92 -34.25 10.11
C PRO N 311 -0.44 -35.41 10.95
N THR N 312 -0.54 -35.24 12.26
CA THR N 312 0.10 -36.16 13.18
C THR N 312 -0.69 -36.21 14.48
N THR N 313 -0.97 -37.43 14.92
CA THR N 313 -1.45 -37.65 16.27
C THR N 313 -0.25 -37.66 17.20
N VAL N 314 -0.24 -36.73 18.16
CA VAL N 314 0.88 -36.57 19.07
C VAL N 314 0.42 -36.90 20.49
N ASN N 315 1.34 -36.78 21.43
CA ASN N 315 1.05 -37.09 22.82
C ASN N 315 1.82 -36.16 23.72
N PHE N 316 1.28 -35.95 24.91
CA PHE N 316 1.88 -35.05 25.90
C PHE N 316 1.58 -35.60 27.27
N THR N 317 2.62 -36.02 27.98
CA THR N 317 2.46 -36.47 29.35
C THR N 317 2.19 -35.25 30.21
N VAL N 318 0.93 -34.93 30.40
CA VAL N 318 0.58 -33.83 31.28
C VAL N 318 0.73 -34.29 32.72
N THR N 319 1.15 -33.36 33.55
CA THR N 319 1.40 -33.60 34.96
C THR N 319 0.17 -33.23 35.77
N GLY N 320 0.34 -33.21 37.09
CA GLY N 320 -0.77 -32.88 37.95
C GLY N 320 -1.13 -31.40 37.89
N GLU N 321 -0.12 -30.53 37.88
CA GLU N 321 -0.38 -29.11 38.07
C GLU N 321 -0.83 -28.42 36.80
N GLY N 322 -0.33 -28.84 35.64
CA GLY N 322 -0.86 -28.33 34.40
C GLY N 322 0.18 -28.35 33.29
N LEU N 323 -0.33 -28.15 32.08
CA LEU N 323 0.47 -27.97 30.87
C LEU N 323 -0.18 -26.87 30.05
N GLU N 324 0.59 -26.26 29.16
CA GLU N 324 0.03 -25.33 28.18
C GLU N 324 0.45 -25.74 26.79
N TYR N 325 -0.28 -25.21 25.81
CA TYR N 325 -0.36 -25.78 24.48
C TYR N 325 -0.58 -24.67 23.47
N THR N 326 0.24 -24.64 22.42
CA THR N 326 0.36 -23.47 21.54
C THR N 326 0.23 -23.88 20.08
N TRP N 327 -1.00 -24.01 19.61
CA TRP N 327 -1.25 -24.44 18.23
C TRP N 327 -0.96 -23.29 17.28
N GLY N 328 0.31 -23.09 17.01
CA GLY N 328 0.64 -21.99 16.16
C GLY N 328 0.36 -20.69 16.90
N ASN N 329 0.25 -19.61 16.13
CA ASN N 329 -0.08 -18.32 16.71
C ASN N 329 -1.51 -18.24 17.21
N HIS N 330 -2.30 -19.29 17.04
CA HIS N 330 -3.49 -19.45 17.85
C HIS N 330 -3.11 -19.31 19.32
N PRO N 331 -3.95 -18.74 20.17
CA PRO N 331 -3.51 -18.40 21.52
C PRO N 331 -3.13 -19.64 22.31
N PRO N 332 -2.35 -19.47 23.37
CA PRO N 332 -1.94 -20.62 24.17
C PRO N 332 -3.08 -21.16 25.00
N LYS N 333 -3.25 -22.48 24.95
CA LYS N 333 -4.22 -23.16 25.78
C LYS N 333 -3.55 -23.59 27.08
N ARG N 334 -4.36 -24.15 27.98
CA ARG N 334 -3.91 -24.60 29.28
C ARG N 334 -4.81 -25.76 29.66
N VAL N 335 -4.33 -26.64 30.53
CA VAL N 335 -5.05 -27.88 30.82
C VAL N 335 -4.81 -28.37 32.25
N TRP N 336 -5.90 -28.63 32.99
CA TRP N 336 -5.84 -29.38 34.24
C TRP N 336 -5.89 -30.85 33.85
N ALA N 337 -4.82 -31.56 34.16
CA ALA N 337 -4.83 -33.01 34.17
C ALA N 337 -4.48 -33.41 35.58
N GLN N 338 -5.51 -33.51 36.40
CA GLN N 338 -5.40 -34.32 37.60
C GLN N 338 -5.64 -35.76 37.19
N GLU N 339 -5.92 -36.60 38.16
CA GLU N 339 -6.17 -38.01 37.92
C GLU N 339 -7.20 -38.26 36.83
N SER N 340 -7.17 -39.46 36.28
CA SER N 340 -8.37 -40.04 35.73
C SER N 340 -8.40 -41.56 35.93
N GLY N 341 -7.50 -42.12 36.72
CA GLY N 341 -7.37 -43.54 36.93
C GLY N 341 -8.13 -44.05 38.13
N GLU N 342 -9.02 -43.23 38.68
CA GLU N 342 -10.03 -43.65 39.65
C GLU N 342 -9.45 -44.00 41.03
N ASP O 1 26.57 -8.08 -40.32
CA ASP O 1 26.45 -9.24 -41.23
C ASP O 1 25.40 -10.22 -40.73
N LEU O 2 24.14 -9.82 -40.84
CA LEU O 2 23.02 -10.73 -40.66
C LEU O 2 22.70 -11.52 -41.92
N ASP O 3 23.57 -11.46 -42.93
CA ASP O 3 23.30 -11.93 -44.27
C ASP O 3 24.27 -13.03 -44.67
N THR O 4 24.66 -13.85 -43.70
CA THR O 4 25.65 -14.90 -43.88
C THR O 4 25.10 -16.30 -43.61
N HIS O 5 23.79 -16.43 -43.36
CA HIS O 5 23.17 -17.71 -43.08
C HIS O 5 21.87 -17.83 -43.86
N PHE O 6 21.95 -17.49 -45.14
CA PHE O 6 20.86 -17.82 -46.04
C PHE O 6 20.78 -19.29 -46.36
N THR O 7 21.70 -20.09 -45.84
CA THR O 7 21.53 -21.53 -45.77
C THR O 7 20.17 -21.85 -45.16
N GLN O 8 19.91 -21.38 -43.95
CA GLN O 8 18.61 -21.62 -43.33
C GLN O 8 17.57 -20.68 -43.90
N TYR O 9 17.86 -19.39 -43.91
CA TYR O 9 16.84 -18.36 -44.06
C TYR O 9 16.04 -18.54 -45.35
N LYS O 10 16.72 -18.50 -46.48
CA LYS O 10 16.04 -18.64 -47.77
C LYS O 10 15.34 -19.98 -47.87
N LEU O 11 15.96 -21.02 -47.33
CA LEU O 11 15.65 -22.38 -47.73
C LEU O 11 14.80 -23.13 -46.72
N ALA O 12 14.73 -22.64 -45.48
CA ALA O 12 13.89 -23.22 -44.44
C ALA O 12 12.67 -22.35 -44.21
N ARG O 13 11.59 -23.00 -43.79
CA ARG O 13 10.31 -22.37 -43.54
C ARG O 13 9.94 -22.52 -42.07
N PRO O 14 9.01 -21.69 -41.55
CA PRO O 14 8.58 -21.87 -40.17
C PRO O 14 7.73 -23.11 -39.99
N TYR O 15 8.31 -24.16 -39.44
CA TYR O 15 7.58 -25.41 -39.35
C TYR O 15 6.47 -25.30 -38.33
N ILE O 16 5.43 -26.13 -38.50
CA ILE O 16 4.34 -26.24 -37.54
C ILE O 16 4.16 -27.67 -37.10
N ALA O 17 4.09 -27.86 -35.79
CA ALA O 17 4.00 -29.18 -35.18
C ALA O 17 2.98 -29.13 -34.06
N ASP O 18 2.91 -30.21 -33.28
CA ASP O 18 1.86 -30.42 -32.31
C ASP O 18 2.38 -30.07 -30.91
N CYS O 19 2.03 -28.89 -30.45
CA CYS O 19 2.38 -28.49 -29.10
C CYS O 19 1.62 -29.35 -28.09
N PRO O 20 2.23 -29.72 -26.96
CA PRO O 20 1.59 -30.71 -26.08
C PRO O 20 0.51 -30.20 -25.14
N ASN O 21 0.65 -29.00 -24.62
CA ASN O 21 -0.32 -28.43 -23.69
C ASN O 21 -0.56 -26.96 -24.06
N CYS O 22 -0.94 -26.77 -25.31
CA CYS O 22 -1.01 -25.48 -25.96
C CYS O 22 -2.11 -24.62 -25.37
N GLY O 23 -1.89 -24.16 -24.14
CA GLY O 23 -2.88 -23.36 -23.45
C GLY O 23 -3.97 -24.25 -22.88
N HIS O 24 -4.85 -24.73 -23.75
CA HIS O 24 -5.85 -25.71 -23.35
C HIS O 24 -5.22 -27.10 -23.26
N SER O 25 -4.80 -27.60 -24.40
CA SER O 25 -4.42 -28.98 -24.60
C SER O 25 -3.57 -29.03 -25.85
N ARG O 26 -3.42 -30.22 -26.42
CA ARG O 26 -2.56 -30.40 -27.59
C ARG O 26 -3.14 -29.70 -28.81
N CYS O 27 -2.62 -28.51 -29.13
CA CYS O 27 -2.92 -27.86 -30.40
C CYS O 27 -1.84 -28.24 -31.41
N ASP O 28 -1.83 -27.54 -32.54
CA ASP O 28 -0.73 -27.56 -33.49
C ASP O 28 -0.22 -26.13 -33.59
N SER O 29 0.79 -25.80 -32.76
CA SER O 29 1.35 -24.45 -32.79
C SER O 29 2.52 -24.39 -33.76
N PRO O 30 2.73 -23.29 -34.46
CA PRO O 30 3.99 -23.12 -35.20
C PRO O 30 5.20 -23.00 -34.31
N ILE O 31 5.01 -22.66 -33.04
CA ILE O 31 6.12 -22.47 -32.12
C ILE O 31 6.26 -23.72 -31.25
N ALA O 32 5.83 -24.86 -31.78
CA ALA O 32 5.91 -26.12 -31.04
C ALA O 32 7.33 -26.39 -30.60
N ILE O 33 7.50 -26.59 -29.30
CA ILE O 33 8.80 -26.63 -28.66
C ILE O 33 9.33 -28.04 -28.69
N GLU O 34 10.48 -28.22 -29.32
CA GLU O 34 11.27 -29.44 -29.24
C GLU O 34 12.64 -29.03 -28.71
N GLU O 35 13.42 -30.04 -28.32
CA GLU O 35 14.84 -29.92 -27.94
C GLU O 35 15.08 -28.74 -27.00
N VAL O 36 14.50 -28.85 -25.83
CA VAL O 36 14.84 -27.97 -24.74
C VAL O 36 16.18 -28.43 -24.17
N ARG O 37 17.06 -27.47 -23.89
CA ARG O 37 18.43 -27.77 -23.47
C ARG O 37 18.78 -26.89 -22.28
N GLY O 38 18.42 -27.36 -21.08
CA GLY O 38 18.80 -26.69 -19.85
C GLY O 38 20.07 -27.31 -19.31
N ASP O 39 21.02 -27.45 -20.21
CA ASP O 39 22.23 -28.21 -19.97
C ASP O 39 23.44 -27.33 -19.71
N ALA O 40 23.34 -26.04 -19.98
CA ALA O 40 24.40 -25.09 -19.69
C ALA O 40 24.27 -24.62 -18.25
N HIS O 41 24.99 -23.56 -17.90
CA HIS O 41 25.11 -23.09 -16.54
C HIS O 41 24.64 -21.66 -16.32
N ALA O 42 24.57 -20.84 -17.36
CA ALA O 42 24.53 -19.39 -17.23
C ALA O 42 23.11 -18.85 -17.11
N GLY O 43 22.18 -19.63 -16.59
CA GLY O 43 20.80 -19.20 -16.61
C GLY O 43 20.14 -19.28 -17.97
N VAL O 44 20.80 -19.93 -18.94
CA VAL O 44 20.41 -19.86 -20.34
C VAL O 44 19.85 -21.20 -20.78
N ILE O 45 18.87 -21.14 -21.68
CA ILE O 45 18.40 -22.30 -22.42
C ILE O 45 18.38 -21.95 -23.88
N ARG O 46 18.88 -22.88 -24.69
CA ARG O 46 18.69 -22.87 -26.12
C ARG O 46 17.46 -23.72 -26.44
N ILE O 47 16.56 -23.15 -27.22
CA ILE O 47 15.28 -23.78 -27.56
C ILE O 47 15.16 -23.80 -29.07
N GLN O 48 14.41 -24.77 -29.59
CA GLN O 48 13.94 -24.73 -30.96
C GLN O 48 12.42 -24.66 -30.96
N THR O 49 11.91 -23.57 -31.49
CA THR O 49 10.55 -23.55 -32.00
C THR O 49 10.56 -24.25 -33.35
N SER O 50 9.40 -24.81 -33.71
CA SER O 50 9.21 -25.18 -35.09
C SER O 50 9.06 -23.96 -35.98
N ALA O 51 8.77 -22.80 -35.40
CA ALA O 51 8.71 -21.56 -36.14
C ALA O 51 10.11 -21.01 -36.37
N MET O 52 10.30 -20.46 -37.55
CA MET O 52 11.56 -19.88 -38.01
C MET O 52 11.35 -18.37 -37.99
N PHE O 53 11.64 -17.76 -36.84
CA PHE O 53 11.75 -16.32 -36.77
C PHE O 53 13.15 -15.91 -37.20
N GLY O 54 13.37 -14.62 -37.33
CA GLY O 54 14.63 -14.12 -37.86
C GLY O 54 14.38 -13.08 -38.92
N LEU O 55 15.02 -13.23 -40.08
CA LEU O 55 14.65 -12.40 -41.20
C LEU O 55 13.21 -12.71 -41.60
N LYS O 56 12.69 -11.94 -42.54
CA LYS O 56 11.36 -12.17 -43.04
C LYS O 56 11.40 -13.38 -43.98
N THR O 57 10.32 -13.56 -44.74
CA THR O 57 10.35 -14.53 -45.83
C THR O 57 11.54 -14.29 -46.75
N ASP O 58 11.87 -13.02 -47.00
CA ASP O 58 12.83 -12.70 -48.06
C ASP O 58 14.23 -12.32 -47.59
N GLY O 59 14.41 -11.20 -46.90
CA GLY O 59 15.77 -10.70 -46.71
C GLY O 59 16.19 -9.78 -45.58
N VAL O 60 15.32 -9.41 -44.62
CA VAL O 60 15.60 -8.26 -43.76
C VAL O 60 15.32 -8.55 -42.30
N ASP O 61 16.21 -8.04 -41.43
CA ASP O 61 15.90 -7.78 -40.03
C ASP O 61 15.57 -9.00 -39.18
N LEU O 62 16.62 -9.66 -38.68
CA LEU O 62 16.56 -10.71 -37.66
C LEU O 62 15.43 -10.50 -36.66
N ALA O 63 15.19 -9.26 -36.23
CA ALA O 63 14.22 -8.98 -35.19
C ALA O 63 12.77 -8.98 -35.68
N TYR O 64 12.48 -9.55 -36.84
CA TYR O 64 11.12 -9.79 -37.28
C TYR O 64 10.77 -11.26 -37.03
N MET O 65 9.57 -11.64 -37.45
CA MET O 65 8.88 -12.78 -36.86
C MET O 65 8.05 -13.46 -37.93
N SER O 66 8.49 -14.64 -38.36
CA SER O 66 7.80 -15.45 -39.35
C SER O 66 7.43 -16.79 -38.74
N PHE O 67 6.15 -16.97 -38.43
CA PHE O 67 5.58 -18.28 -38.15
C PHE O 67 4.63 -18.66 -39.27
N MET O 68 4.06 -19.85 -39.14
CA MET O 68 3.09 -20.36 -40.10
C MET O 68 1.68 -20.08 -39.59
N ASN O 69 0.90 -19.40 -40.42
CA ASN O 69 -0.54 -19.27 -40.22
C ASN O 69 -1.19 -19.76 -41.51
N GLY O 70 -2.01 -20.80 -41.39
CA GLY O 70 -2.50 -21.49 -42.56
C GLY O 70 -1.44 -22.44 -43.09
N LYS O 71 -1.48 -22.66 -44.39
CA LYS O 71 -0.31 -23.16 -45.10
C LYS O 71 0.79 -22.11 -45.20
N THR O 72 0.50 -20.86 -44.86
CA THR O 72 1.31 -19.71 -45.20
C THR O 72 2.14 -19.24 -44.01
N GLN O 73 3.21 -18.54 -44.33
CA GLN O 73 4.00 -17.85 -43.32
C GLN O 73 3.25 -16.62 -42.82
N LYS O 74 3.86 -15.93 -41.86
CA LYS O 74 3.46 -14.56 -41.53
C LYS O 74 4.70 -13.85 -41.01
N SER O 75 5.45 -13.23 -41.93
CA SER O 75 6.76 -12.65 -41.62
C SER O 75 6.55 -11.20 -41.19
N ILE O 76 6.38 -11.01 -39.89
CA ILE O 76 6.02 -9.72 -39.31
C ILE O 76 6.85 -9.51 -38.04
N LYS O 77 6.54 -8.48 -37.26
CA LYS O 77 7.37 -8.07 -36.14
C LYS O 77 7.24 -9.00 -34.93
N ILE O 78 8.31 -9.04 -34.13
CA ILE O 78 8.49 -9.96 -33.01
C ILE O 78 7.82 -9.46 -31.73
N ASP O 79 6.97 -8.44 -31.86
CA ASP O 79 6.67 -7.46 -30.81
C ASP O 79 6.67 -7.95 -29.36
N ASN O 80 6.03 -9.10 -29.09
CA ASN O 80 5.73 -9.50 -27.70
C ASN O 80 6.02 -10.98 -27.48
N LEU O 81 7.22 -11.40 -27.85
CA LEU O 81 7.68 -12.74 -27.49
C LEU O 81 7.65 -12.93 -25.99
N HIS O 82 7.34 -14.16 -25.56
CA HIS O 82 7.51 -14.57 -24.17
C HIS O 82 7.94 -16.02 -24.12
N VAL O 83 9.22 -16.25 -23.84
CA VAL O 83 9.64 -17.49 -23.21
C VAL O 83 9.40 -17.35 -21.72
N ARG O 84 9.02 -18.44 -21.07
CA ARG O 84 8.97 -18.40 -19.62
C ARG O 84 8.97 -19.81 -19.07
N THR O 85 9.18 -19.86 -17.76
CA THR O 85 9.31 -21.05 -16.95
C THR O 85 8.57 -20.70 -15.67
N SER O 86 8.96 -21.32 -14.55
CA SER O 86 8.53 -20.89 -13.22
C SER O 86 8.42 -19.37 -13.08
N ALA O 87 9.34 -18.63 -13.69
CA ALA O 87 9.22 -17.19 -13.85
C ALA O 87 9.36 -16.83 -15.32
N PRO O 88 9.04 -15.59 -15.68
CA PRO O 88 9.33 -15.14 -17.04
C PRO O 88 10.83 -15.08 -17.31
N CYS O 89 11.22 -15.66 -18.43
CA CYS O 89 12.61 -15.70 -18.82
C CYS O 89 13.01 -14.36 -19.42
N SER O 90 14.27 -14.30 -19.84
CA SER O 90 14.79 -13.18 -20.62
C SER O 90 15.33 -13.74 -21.92
N LEU O 91 14.81 -13.23 -23.02
CA LEU O 91 15.38 -13.53 -24.33
C LEU O 91 16.85 -13.16 -24.35
N VAL O 92 17.64 -13.94 -25.10
CA VAL O 92 19.04 -13.62 -25.38
C VAL O 92 19.24 -13.30 -26.85
N SER O 93 18.81 -14.20 -27.72
CA SER O 93 18.87 -13.96 -29.16
C SER O 93 18.16 -15.08 -29.87
N HIS O 94 17.66 -14.76 -31.07
CA HIS O 94 17.06 -15.74 -31.95
C HIS O 94 17.85 -15.81 -33.25
N HIS O 95 17.87 -17.00 -33.85
CA HIS O 95 18.42 -17.20 -35.18
C HIS O 95 17.83 -18.47 -35.75
N GLY O 96 17.10 -18.34 -36.85
CA GLY O 96 16.55 -19.50 -37.52
C GLY O 96 15.31 -20.00 -36.80
N TYR O 97 15.25 -21.30 -36.59
CA TYR O 97 14.20 -21.91 -35.77
C TYR O 97 14.42 -21.70 -34.29
N TYR O 98 15.54 -21.10 -33.90
CA TYR O 98 16.15 -21.36 -32.61
C TYR O 98 16.28 -20.06 -31.84
N ILE O 99 16.00 -20.14 -30.54
CA ILE O 99 16.09 -19.00 -29.65
C ILE O 99 16.94 -19.39 -28.45
N LEU O 100 17.74 -18.44 -27.98
CA LEU O 100 18.43 -18.52 -26.72
C LEU O 100 17.80 -17.53 -25.76
N ALA O 101 17.59 -17.97 -24.53
CA ALA O 101 16.90 -17.14 -23.54
C ALA O 101 17.43 -17.48 -22.16
N GLN O 102 17.63 -16.43 -21.37
CA GLN O 102 18.09 -16.60 -20.00
C GLN O 102 16.88 -16.88 -19.11
N CYS O 103 16.80 -18.09 -18.58
CA CYS O 103 15.70 -18.56 -17.75
C CYS O 103 16.17 -18.90 -16.36
N PRO O 104 15.29 -18.86 -15.37
CA PRO O 104 15.57 -19.50 -14.11
C PRO O 104 15.25 -20.98 -14.18
N PRO O 105 15.49 -21.72 -13.11
CA PRO O 105 15.06 -23.11 -13.07
C PRO O 105 13.55 -23.20 -13.18
N GLY O 106 13.10 -24.36 -13.66
CA GLY O 106 11.69 -24.59 -13.81
C GLY O 106 11.42 -26.04 -14.17
N ASP O 107 10.36 -26.58 -13.58
CA ASP O 107 9.95 -27.93 -13.92
C ASP O 107 9.59 -28.06 -15.38
N THR O 108 9.09 -26.99 -15.99
CA THR O 108 8.62 -26.97 -17.36
C THR O 108 9.35 -25.90 -18.16
N VAL O 109 8.93 -25.77 -19.41
CA VAL O 109 9.27 -24.63 -20.24
C VAL O 109 8.02 -24.22 -20.98
N THR O 110 7.82 -22.92 -21.09
CA THR O 110 6.54 -22.37 -21.53
C THR O 110 6.85 -21.14 -22.39
N VAL O 111 6.52 -21.24 -23.67
CA VAL O 111 6.94 -20.29 -24.69
C VAL O 111 5.71 -19.65 -25.30
N GLY O 112 5.87 -18.43 -25.79
CA GLY O 112 4.77 -17.82 -26.51
C GLY O 112 4.99 -16.38 -26.87
N PHE O 113 4.56 -16.01 -28.07
CA PHE O 113 4.52 -14.62 -28.51
C PHE O 113 3.08 -14.12 -28.41
N HIS O 114 2.83 -12.95 -28.98
CA HIS O 114 1.49 -12.42 -29.12
C HIS O 114 1.38 -11.86 -30.52
N ASP O 115 0.66 -12.57 -31.40
CA ASP O 115 0.41 -12.06 -32.74
C ASP O 115 -0.29 -10.71 -32.70
N GLY O 116 -1.16 -10.52 -31.71
CA GLY O 116 -1.93 -9.31 -31.57
C GLY O 116 -3.42 -9.55 -31.42
N PRO O 117 -4.00 -10.45 -32.22
CA PRO O 117 -5.38 -10.87 -31.95
C PRO O 117 -5.48 -11.98 -30.93
N ASN O 118 -4.40 -12.72 -30.67
CA ASN O 118 -4.47 -13.91 -29.85
C ASN O 118 -3.17 -14.12 -29.12
N ARG O 119 -3.24 -14.82 -27.99
CA ARG O 119 -2.04 -15.10 -27.22
C ARG O 119 -1.16 -16.10 -27.97
N HIS O 120 -1.70 -17.29 -28.24
CA HIS O 120 -1.09 -18.19 -29.21
C HIS O 120 0.32 -18.63 -28.78
N THR O 121 0.35 -19.32 -27.65
CA THR O 121 1.56 -19.73 -26.96
C THR O 121 1.80 -21.22 -27.14
N CYS O 122 2.92 -21.70 -26.62
CA CYS O 122 3.19 -23.13 -26.57
C CYS O 122 4.07 -23.47 -25.38
N THR O 123 3.79 -24.64 -24.80
CA THR O 123 4.33 -25.00 -23.51
C THR O 123 4.73 -26.47 -23.56
N VAL O 124 5.63 -26.84 -22.65
CA VAL O 124 6.25 -28.16 -22.71
C VAL O 124 6.84 -28.50 -21.36
N ALA O 125 7.01 -29.79 -21.10
CA ALA O 125 7.75 -30.27 -19.96
C ALA O 125 9.23 -30.34 -20.26
N HIS O 126 10.04 -29.90 -19.32
CA HIS O 126 11.47 -30.17 -19.34
C HIS O 126 12.09 -29.81 -18.01
N LYS O 127 12.83 -30.76 -17.43
CA LYS O 127 13.53 -30.52 -16.19
C LYS O 127 14.65 -29.51 -16.43
N VAL O 128 14.58 -28.38 -15.75
CA VAL O 128 15.55 -27.31 -15.89
C VAL O 128 16.19 -27.05 -14.53
N GLU O 129 17.49 -26.77 -14.56
CA GLU O 129 18.20 -26.26 -13.39
C GLU O 129 19.30 -25.34 -13.89
N PHE O 130 19.85 -24.56 -12.96
CA PHE O 130 21.06 -23.80 -13.23
C PHE O 130 21.95 -23.84 -12.01
N ARG O 131 22.77 -24.86 -11.98
CA ARG O 131 23.98 -24.83 -11.20
C ARG O 131 24.97 -23.91 -11.89
N PRO O 132 25.53 -22.91 -11.21
CA PRO O 132 26.76 -22.31 -11.72
C PRO O 132 27.93 -23.23 -11.49
N VAL O 133 28.93 -23.10 -12.34
CA VAL O 133 30.15 -23.86 -12.15
C VAL O 133 30.87 -23.30 -10.93
N GLY O 134 31.19 -24.17 -10.01
CA GLY O 134 31.81 -23.79 -8.76
C GLY O 134 31.27 -24.68 -7.67
N ARG O 135 31.98 -24.71 -6.56
CA ARG O 135 31.55 -25.48 -5.41
C ARG O 135 30.42 -24.79 -4.65
N GLU O 136 29.96 -23.63 -5.10
CA GLU O 136 28.77 -22.99 -4.58
C GLU O 136 27.57 -23.41 -5.42
N LYS O 137 26.53 -23.87 -4.75
CA LYS O 137 25.29 -24.26 -5.41
C LYS O 137 24.27 -23.14 -5.27
N TYR O 138 24.50 -22.09 -6.05
CA TYR O 138 23.55 -21.00 -6.10
C TYR O 138 22.27 -21.46 -6.79
N ARG O 139 21.33 -20.53 -6.89
CA ARG O 139 20.15 -20.65 -7.73
C ARG O 139 20.15 -19.64 -8.86
N HIS O 140 21.17 -18.80 -8.96
CA HIS O 140 21.11 -17.64 -9.83
C HIS O 140 22.48 -16.98 -9.94
N PRO O 141 22.85 -16.38 -11.07
CA PRO O 141 24.18 -15.77 -11.17
C PRO O 141 24.22 -14.44 -10.45
N PRO O 142 25.28 -14.16 -9.69
CA PRO O 142 25.38 -12.86 -9.01
C PRO O 142 25.97 -11.79 -9.92
N GLU O 143 26.18 -10.61 -9.34
CA GLU O 143 26.83 -9.50 -10.02
C GLU O 143 28.34 -9.55 -9.92
N HIS O 144 28.87 -10.27 -8.93
CA HIS O 144 30.30 -10.24 -8.63
C HIS O 144 30.77 -11.66 -8.41
N GLY O 145 31.99 -11.81 -7.91
CA GLY O 145 32.60 -13.10 -7.73
C GLY O 145 33.63 -13.38 -8.80
N VAL O 146 34.30 -14.51 -8.63
CA VAL O 146 35.36 -14.91 -9.54
C VAL O 146 34.76 -15.39 -10.85
N GLU O 147 35.53 -15.27 -11.93
CA GLU O 147 35.20 -15.86 -13.20
C GLU O 147 35.94 -17.18 -13.35
N LEU O 148 35.27 -18.17 -13.92
CA LEU O 148 35.84 -19.49 -14.08
C LEU O 148 35.06 -20.22 -15.17
N PRO O 149 35.61 -21.30 -15.71
CA PRO O 149 35.17 -21.77 -17.03
C PRO O 149 33.82 -22.46 -17.06
N CYS O 150 32.77 -21.69 -17.28
CA CYS O 150 31.44 -22.25 -17.41
C CYS O 150 31.17 -22.72 -18.83
N ASN O 151 30.05 -23.42 -18.98
CA ASN O 151 29.51 -23.82 -20.27
C ASN O 151 28.26 -22.99 -20.54
N ARG O 152 28.14 -22.52 -21.78
CA ARG O 152 27.20 -21.46 -22.08
C ARG O 152 27.10 -21.32 -23.59
N TYR O 153 25.98 -20.78 -24.03
CA TYR O 153 25.72 -20.56 -25.44
C TYR O 153 26.00 -19.11 -25.83
N THR O 154 26.23 -18.91 -27.12
CA THR O 154 26.69 -17.63 -27.61
C THR O 154 25.51 -16.68 -27.81
N HIS O 155 25.84 -15.42 -27.99
CA HIS O 155 24.86 -14.46 -28.46
C HIS O 155 24.64 -14.55 -29.96
N LYS O 156 25.62 -15.08 -30.69
CA LYS O 156 25.79 -14.74 -32.08
C LYS O 156 25.23 -15.79 -33.02
N ARG O 157 25.34 -15.50 -34.30
CA ARG O 157 24.83 -16.30 -35.40
C ARG O 157 25.93 -16.82 -36.32
N ALA O 158 27.06 -16.11 -36.43
CA ALA O 158 28.13 -16.46 -37.35
C ALA O 158 28.78 -17.74 -36.81
N ASP O 159 28.11 -18.86 -37.06
CA ASP O 159 28.30 -20.06 -36.28
C ASP O 159 28.15 -21.27 -37.18
N GLN O 160 29.12 -22.17 -37.09
CA GLN O 160 29.16 -23.37 -37.91
C GLN O 160 29.59 -24.59 -37.13
N GLY O 161 29.87 -24.46 -35.82
CA GLY O 161 30.49 -25.53 -35.05
C GLY O 161 29.74 -26.85 -35.11
N HIS O 162 28.44 -26.81 -35.38
CA HIS O 162 27.67 -28.00 -35.69
C HIS O 162 26.63 -27.66 -36.72
N TYR O 163 26.03 -28.70 -37.28
CA TYR O 163 24.90 -28.52 -38.18
C TYR O 163 24.01 -29.74 -38.03
N VAL O 164 22.71 -29.48 -38.03
CA VAL O 164 21.70 -30.53 -37.93
C VAL O 164 21.11 -30.73 -39.32
N GLU O 165 20.73 -31.97 -39.60
CA GLU O 165 20.04 -32.28 -40.83
C GLU O 165 18.72 -31.51 -40.87
N MET O 166 18.46 -30.85 -42.00
CA MET O 166 17.18 -30.21 -42.23
C MET O 166 16.76 -30.46 -43.68
N HIS O 167 16.16 -31.62 -43.92
CA HIS O 167 15.61 -31.95 -45.23
C HIS O 167 14.12 -31.59 -45.24
N GLN O 168 13.40 -32.12 -46.24
CA GLN O 168 12.16 -31.54 -46.65
C GLN O 168 11.11 -31.71 -45.59
N PRO O 169 9.96 -31.07 -45.75
CA PRO O 169 8.76 -31.52 -45.06
C PRO O 169 8.11 -32.65 -45.82
N GLY O 170 7.42 -33.49 -45.08
CA GLY O 170 6.40 -34.32 -45.67
C GLY O 170 5.21 -33.46 -46.02
N LEU O 171 4.15 -34.14 -46.45
CA LEU O 171 2.92 -33.44 -46.71
C LEU O 171 2.36 -32.86 -45.42
N VAL O 172 1.27 -32.12 -45.56
CA VAL O 172 0.48 -31.68 -44.41
C VAL O 172 -0.98 -31.71 -44.81
N ALA O 173 -1.84 -31.79 -43.81
CA ALA O 173 -3.27 -31.74 -44.04
C ALA O 173 -3.70 -30.30 -44.31
N ASP O 174 -4.68 -30.12 -45.18
CA ASP O 174 -5.36 -28.83 -45.28
C ASP O 174 -6.74 -29.09 -45.89
N HIS O 175 -7.74 -29.26 -45.03
CA HIS O 175 -9.08 -29.51 -45.49
C HIS O 175 -9.83 -28.24 -45.85
N SER O 176 -9.19 -27.07 -45.70
CA SER O 176 -9.71 -25.88 -46.35
C SER O 176 -9.72 -26.04 -47.86
N LEU O 177 -8.81 -26.87 -48.39
CA LEU O 177 -8.80 -27.18 -49.80
C LEU O 177 -10.10 -27.84 -50.23
N LEU O 178 -10.47 -28.92 -49.55
CA LEU O 178 -11.54 -29.80 -50.01
C LEU O 178 -12.89 -29.10 -49.82
N SER O 179 -13.17 -28.18 -50.74
CA SER O 179 -14.47 -27.53 -50.81
C SER O 179 -15.43 -28.48 -51.52
N ILE O 180 -16.59 -27.97 -51.94
CA ILE O 180 -17.60 -28.76 -52.63
C ILE O 180 -17.90 -28.09 -53.96
N HIS O 181 -17.93 -28.89 -55.03
CA HIS O 181 -18.34 -28.45 -56.37
C HIS O 181 -19.84 -28.62 -56.56
N SER O 182 -20.61 -28.15 -55.58
CA SER O 182 -22.06 -28.11 -55.55
C SER O 182 -22.75 -29.47 -55.46
N ALA O 183 -22.05 -30.56 -55.80
CA ALA O 183 -22.40 -31.91 -55.35
C ALA O 183 -21.19 -32.76 -55.03
N LYS O 184 -20.00 -32.42 -55.52
CA LYS O 184 -18.81 -33.23 -55.41
C LYS O 184 -17.79 -32.49 -54.56
N VAL O 185 -16.91 -33.22 -53.91
CA VAL O 185 -15.89 -32.60 -53.09
C VAL O 185 -14.78 -32.08 -53.97
N LYS O 186 -14.40 -30.83 -53.74
CA LYS O 186 -13.60 -30.03 -54.66
C LYS O 186 -12.31 -29.65 -53.97
N ILE O 187 -11.21 -30.16 -54.48
CA ILE O 187 -9.88 -29.79 -54.01
C ILE O 187 -9.40 -28.61 -54.83
N THR O 188 -8.52 -27.80 -54.23
CA THR O 188 -7.83 -26.73 -54.94
C THR O 188 -6.34 -26.84 -54.65
N VAL O 189 -5.58 -25.81 -55.02
CA VAL O 189 -4.13 -25.81 -54.85
C VAL O 189 -3.68 -24.45 -54.32
N PRO O 190 -2.57 -24.43 -53.54
CA PRO O 190 -2.05 -23.12 -53.08
C PRO O 190 -1.64 -22.19 -54.21
N SER O 191 -0.63 -22.61 -54.97
CA SER O 191 -0.01 -21.78 -55.99
C SER O 191 0.40 -22.62 -57.19
N GLY O 192 -0.30 -23.73 -57.40
CA GLY O 192 0.20 -24.81 -58.23
C GLY O 192 0.99 -25.85 -57.46
N ALA O 193 0.93 -25.83 -56.13
CA ALA O 193 1.63 -26.83 -55.35
C ALA O 193 1.05 -28.22 -55.62
N GLN O 194 1.72 -29.21 -55.08
CA GLN O 194 1.48 -30.61 -55.42
C GLN O 194 0.57 -31.22 -54.38
N VAL O 195 -0.68 -31.47 -54.77
CA VAL O 195 -1.72 -31.92 -53.85
C VAL O 195 -1.98 -33.39 -54.13
N LYS O 196 -1.82 -34.21 -53.10
CA LYS O 196 -1.77 -35.66 -53.21
C LYS O 196 -3.14 -36.20 -52.78
N TYR O 197 -3.89 -36.77 -53.74
CA TYR O 197 -5.34 -36.85 -53.62
C TYR O 197 -5.95 -38.15 -54.14
N TYR O 198 -6.99 -38.61 -53.42
CA TYR O 198 -7.93 -39.71 -53.72
C TYR O 198 -8.87 -39.71 -52.52
N CYS O 199 -9.93 -40.50 -52.61
CA CYS O 199 -10.89 -40.63 -51.51
C CYS O 199 -11.07 -42.11 -51.24
N LYS O 200 -11.83 -42.44 -50.19
CA LYS O 200 -12.07 -43.85 -49.89
C LYS O 200 -12.71 -44.56 -51.08
N CYS O 201 -13.59 -43.85 -51.81
CA CYS O 201 -14.17 -44.40 -53.02
C CYS O 201 -13.07 -44.48 -54.08
N PRO O 202 -13.36 -45.08 -55.23
CA PRO O 202 -12.41 -45.00 -56.37
C PRO O 202 -12.57 -43.77 -57.26
N ASP O 203 -11.57 -42.89 -57.24
CA ASP O 203 -11.42 -41.72 -58.11
C ASP O 203 -9.92 -41.52 -58.37
N VAL O 204 -9.51 -40.28 -58.72
CA VAL O 204 -8.09 -39.98 -59.01
C VAL O 204 -7.20 -40.43 -57.86
N ARG O 205 -6.16 -41.22 -58.18
CA ARG O 205 -5.46 -41.99 -57.14
C ARG O 205 -4.14 -41.39 -56.66
N GLU O 206 -3.41 -40.62 -57.47
CA GLU O 206 -2.23 -39.95 -56.94
C GLU O 206 -2.56 -38.53 -56.49
N GLY O 207 -2.82 -37.67 -57.47
CA GLY O 207 -2.98 -36.25 -57.24
C GLY O 207 -1.63 -35.59 -57.40
N ILE O 208 -1.33 -35.10 -58.60
CA ILE O 208 -0.25 -34.15 -58.82
C ILE O 208 -0.82 -33.17 -59.82
N THR O 209 -1.47 -32.12 -59.34
CA THR O 209 -2.48 -31.45 -60.16
C THR O 209 -2.62 -30.00 -59.75
N SER O 210 -3.35 -29.27 -60.60
CA SER O 210 -4.02 -28.04 -60.22
C SER O 210 -5.31 -28.41 -59.51
N SER O 211 -6.22 -27.45 -59.35
CA SER O 211 -7.49 -27.72 -58.69
C SER O 211 -8.29 -28.79 -59.41
N ASP O 212 -8.41 -29.96 -58.78
CA ASP O 212 -9.24 -31.04 -59.28
C ASP O 212 -10.62 -31.00 -58.63
N HIS O 213 -11.52 -31.76 -59.22
CA HIS O 213 -12.77 -32.14 -58.61
C HIS O 213 -12.65 -33.59 -58.15
N THR O 214 -13.78 -34.17 -57.73
CA THR O 214 -13.83 -35.57 -57.33
C THR O 214 -15.09 -36.17 -57.91
N THR O 215 -14.94 -37.03 -58.90
CA THR O 215 -16.11 -37.63 -59.52
C THR O 215 -16.87 -38.50 -58.51
N THR O 216 -16.15 -39.34 -57.78
CA THR O 216 -16.81 -40.44 -57.06
C THR O 216 -17.33 -40.05 -55.68
N CYS O 217 -16.42 -39.77 -54.74
CA CYS O 217 -16.86 -39.47 -53.38
C CYS O 217 -17.45 -38.07 -53.31
N THR O 218 -18.14 -37.82 -52.21
CA THR O 218 -18.83 -36.57 -51.92
C THR O 218 -18.40 -35.95 -50.60
N ASP O 219 -18.16 -36.77 -49.60
CA ASP O 219 -17.89 -36.26 -48.26
C ASP O 219 -16.46 -35.76 -48.16
N VAL O 220 -16.30 -34.58 -47.58
CA VAL O 220 -14.98 -34.03 -47.31
C VAL O 220 -14.19 -34.93 -46.39
N LYS O 221 -14.86 -35.70 -45.54
CA LYS O 221 -14.23 -36.45 -44.46
C LYS O 221 -13.70 -37.81 -44.90
N GLN O 222 -13.58 -38.06 -46.20
CA GLN O 222 -13.10 -39.34 -46.68
C GLN O 222 -12.14 -39.14 -47.84
N CYS O 223 -11.33 -38.09 -47.77
CA CYS O 223 -10.48 -37.70 -48.89
C CYS O 223 -9.11 -37.23 -48.39
N ARG O 224 -8.18 -37.15 -49.34
CA ARG O 224 -6.77 -36.91 -49.07
C ARG O 224 -6.44 -35.46 -49.36
N ALA O 225 -6.62 -34.59 -48.36
CA ALA O 225 -6.22 -33.19 -48.46
C ALA O 225 -4.76 -33.09 -48.06
N TYR O 226 -3.87 -33.08 -49.04
CA TYR O 226 -2.43 -33.12 -48.81
C TYR O 226 -1.76 -31.97 -49.53
N LEU O 227 -0.59 -31.59 -49.01
CA LEU O 227 0.22 -30.49 -49.56
C LEU O 227 1.67 -30.94 -49.61
N ILE O 228 2.07 -31.52 -50.73
CA ILE O 228 3.48 -31.69 -51.03
C ILE O 228 3.96 -30.33 -51.53
N ASP O 229 4.55 -29.55 -50.64
CA ASP O 229 4.93 -28.16 -50.89
C ASP O 229 6.39 -27.97 -50.56
N ASN O 230 7.23 -28.86 -51.10
CA ASN O 230 8.63 -28.93 -50.72
C ASN O 230 9.48 -27.94 -51.49
N LYS O 231 9.07 -26.68 -51.51
CA LYS O 231 9.92 -25.60 -51.99
C LYS O 231 10.84 -25.05 -50.92
N LYS O 232 10.56 -25.36 -49.64
CA LYS O 232 11.39 -24.95 -48.54
C LYS O 232 11.48 -26.10 -47.54
N TRP O 233 12.71 -26.43 -47.16
CA TRP O 233 12.94 -27.54 -46.24
C TRP O 233 12.48 -27.16 -44.84
N VAL O 234 12.64 -28.09 -43.90
CA VAL O 234 12.23 -27.90 -42.51
C VAL O 234 13.27 -28.48 -41.57
N TYR O 235 13.05 -28.21 -40.28
CA TYR O 235 13.72 -28.98 -39.25
C TYR O 235 13.10 -30.36 -39.18
N ASN O 236 13.94 -31.34 -38.84
CA ASN O 236 13.52 -32.73 -38.82
C ASN O 236 12.98 -33.08 -37.44
N SER O 237 11.90 -32.39 -37.09
CA SER O 237 11.23 -32.61 -35.83
C SER O 237 10.71 -34.03 -35.74
N GLY O 238 10.67 -34.56 -34.53
CA GLY O 238 9.94 -35.79 -34.29
C GLY O 238 8.46 -35.62 -34.58
N ARG O 239 7.95 -34.39 -34.47
CA ARG O 239 6.56 -34.10 -34.76
C ARG O 239 6.35 -33.68 -36.21
N LEU O 240 7.19 -34.18 -37.10
CA LEU O 240 7.08 -34.06 -38.54
C LEU O 240 6.67 -35.39 -39.14
N PRO O 241 5.77 -35.42 -40.12
CA PRO O 241 5.64 -36.62 -40.96
C PRO O 241 6.70 -36.62 -42.05
N ARG O 242 7.30 -37.79 -42.25
CA ARG O 242 8.36 -37.96 -43.23
C ARG O 242 7.90 -37.54 -44.60
N GLY O 243 8.77 -36.86 -45.33
CA GLY O 243 8.62 -36.77 -46.77
C GLY O 243 9.10 -38.06 -47.37
N GLU O 244 8.14 -38.90 -47.78
CA GLU O 244 8.43 -40.29 -48.06
C GLU O 244 9.36 -40.48 -49.24
N GLY O 245 9.51 -39.46 -50.09
CA GLY O 245 10.22 -39.67 -51.35
C GLY O 245 11.70 -39.92 -51.15
N ASP O 246 12.34 -39.10 -50.32
CA ASP O 246 13.79 -39.01 -50.38
C ASP O 246 14.31 -38.25 -49.17
N THR O 247 15.58 -38.50 -48.86
CA THR O 247 16.39 -37.62 -48.02
C THR O 247 16.92 -36.48 -48.88
N PHE O 248 16.11 -35.45 -49.08
CA PHE O 248 16.63 -34.28 -49.77
C PHE O 248 17.74 -33.63 -48.96
N LYS O 249 18.50 -32.76 -49.63
CA LYS O 249 19.56 -31.95 -49.07
C LYS O 249 18.95 -30.92 -48.11
N GLY O 250 19.80 -30.07 -47.55
CA GLY O 250 19.42 -29.10 -46.54
C GLY O 250 20.14 -29.29 -45.23
N LYS O 251 21.41 -29.69 -45.27
CA LYS O 251 22.26 -29.62 -44.10
C LYS O 251 22.39 -28.17 -43.66
N LEU O 252 22.05 -27.90 -42.40
CA LEU O 252 21.92 -26.53 -41.92
C LEU O 252 22.47 -26.42 -40.51
N HIS O 253 23.22 -25.33 -40.29
CA HIS O 253 24.01 -25.13 -39.09
C HIS O 253 23.14 -25.02 -37.85
N VAL O 254 23.80 -24.92 -36.70
CA VAL O 254 23.19 -24.45 -35.47
C VAL O 254 23.87 -23.14 -35.10
N PRO O 255 23.13 -22.08 -34.77
CA PRO O 255 23.78 -20.87 -34.24
C PRO O 255 24.40 -21.05 -32.87
N PHE O 256 23.57 -21.48 -31.93
CA PHE O 256 23.89 -21.36 -30.52
C PHE O 256 24.68 -22.59 -30.10
N VAL O 257 25.96 -22.54 -30.42
CA VAL O 257 26.89 -23.59 -30.04
C VAL O 257 27.15 -23.43 -28.55
N PRO O 258 27.34 -24.50 -27.79
CA PRO O 258 27.84 -24.33 -26.43
C PRO O 258 29.32 -24.01 -26.46
N VAL O 259 29.68 -22.90 -25.80
CA VAL O 259 31.03 -22.37 -25.84
C VAL O 259 31.58 -22.27 -24.43
N LYS O 260 32.89 -22.10 -24.35
CA LYS O 260 33.61 -22.06 -23.09
C LYS O 260 33.74 -20.61 -22.63
N ALA O 261 32.58 -20.02 -22.39
CA ALA O 261 32.56 -18.72 -21.75
C ALA O 261 32.99 -18.87 -20.30
N LYS O 262 33.63 -17.83 -19.79
CA LYS O 262 33.85 -17.70 -18.36
C LYS O 262 32.69 -16.89 -17.83
N CYS O 263 31.71 -17.59 -17.26
CA CYS O 263 30.60 -16.89 -16.65
C CYS O 263 31.13 -15.99 -15.54
N ILE O 264 30.56 -14.79 -15.48
CA ILE O 264 30.55 -14.09 -14.21
C ILE O 264 29.94 -15.06 -13.23
N ALA O 265 30.60 -15.31 -12.11
CA ALA O 265 30.29 -16.54 -11.40
C ALA O 265 30.37 -16.36 -9.90
N THR O 266 30.36 -17.48 -9.19
CA THR O 266 29.99 -17.53 -7.80
C THR O 266 31.18 -17.16 -6.93
N LEU O 267 30.89 -16.97 -5.65
CA LEU O 267 31.89 -16.72 -4.64
C LEU O 267 31.18 -16.80 -3.31
N ALA O 268 31.74 -17.50 -2.38
CA ALA O 268 31.15 -17.66 -1.07
C ALA O 268 31.87 -16.78 -0.06
N PRO O 269 31.16 -16.24 0.93
CA PRO O 269 31.80 -15.34 1.90
C PRO O 269 32.98 -15.97 2.60
N GLU O 270 33.95 -15.14 2.93
CA GLU O 270 35.21 -15.64 3.44
C GLU O 270 34.98 -16.37 4.76
N PRO O 271 35.86 -17.32 5.10
CA PRO O 271 35.73 -18.03 6.37
C PRO O 271 36.29 -17.21 7.52
N LEU O 272 35.95 -17.66 8.73
CA LEU O 272 36.52 -17.13 9.96
C LEU O 272 37.53 -18.14 10.45
N VAL O 273 38.80 -17.86 10.22
CA VAL O 273 39.84 -18.78 10.64
C VAL O 273 40.07 -18.61 12.13
N GLU O 274 40.14 -19.73 12.83
CA GLU O 274 40.36 -19.75 14.27
C GLU O 274 41.39 -20.82 14.55
N HIS O 275 42.40 -20.45 15.33
CA HIS O 275 43.47 -21.36 15.67
C HIS O 275 43.10 -22.27 16.84
N LYS O 276 43.54 -23.51 16.75
CA LYS O 276 43.72 -24.36 17.92
C LYS O 276 44.94 -25.24 17.68
N HIS O 277 45.24 -26.07 18.66
CA HIS O 277 46.40 -26.96 18.61
C HIS O 277 46.21 -28.00 17.52
N ARG O 278 46.91 -27.80 16.39
CA ARG O 278 46.84 -28.72 15.26
C ARG O 278 45.41 -28.93 14.81
N THR O 279 44.60 -27.88 14.94
CA THR O 279 43.17 -27.99 14.68
C THR O 279 42.65 -26.65 14.23
N LEU O 280 41.92 -26.64 13.12
CA LEU O 280 41.23 -25.46 12.62
C LEU O 280 39.78 -25.53 13.06
N ILE O 281 39.43 -24.79 14.10
CA ILE O 281 38.04 -24.40 14.23
C ILE O 281 37.77 -23.37 13.16
N LEU O 282 36.61 -23.51 12.53
CA LEU O 282 36.19 -22.57 11.50
C LEU O 282 34.71 -22.31 11.69
N HIS O 283 34.39 -21.20 12.35
CA HIS O 283 33.04 -20.69 12.28
C HIS O 283 32.78 -20.23 10.86
N LEU O 284 31.71 -20.72 10.26
CA LEU O 284 31.51 -20.56 8.84
C LEU O 284 30.06 -20.24 8.56
N HIS O 285 29.86 -19.45 7.53
CA HIS O 285 28.61 -18.77 7.32
C HIS O 285 28.43 -18.40 5.86
N PRO O 286 27.91 -19.31 5.04
CA PRO O 286 27.81 -19.05 3.61
C PRO O 286 26.57 -18.30 3.20
N ASP O 287 26.51 -17.98 1.91
CA ASP O 287 25.32 -17.43 1.27
C ASP O 287 24.41 -18.52 0.76
N HIS O 288 25.00 -19.58 0.22
CA HIS O 288 24.28 -20.63 -0.46
C HIS O 288 24.97 -21.95 -0.14
N PRO O 289 24.41 -23.09 -0.52
CA PRO O 289 25.08 -24.37 -0.25
C PRO O 289 26.42 -24.43 -0.94
N THR O 290 27.47 -24.55 -0.14
CA THR O 290 28.85 -24.52 -0.59
C THR O 290 29.49 -25.87 -0.31
N LEU O 291 30.06 -26.49 -1.35
CA LEU O 291 30.80 -27.73 -1.16
C LEU O 291 32.18 -27.38 -0.65
N LEU O 292 32.41 -27.63 0.62
CA LEU O 292 33.74 -27.53 1.19
C LEU O 292 34.43 -28.87 1.08
N THR O 293 35.76 -28.81 0.93
CA THR O 293 36.53 -30.04 0.97
C THR O 293 38.00 -29.73 1.17
N THR O 294 38.73 -30.76 1.61
CA THR O 294 40.10 -30.62 2.06
C THR O 294 40.92 -31.83 1.60
N ARG O 295 42.22 -31.76 1.87
CA ARG O 295 43.14 -32.84 1.52
C ARG O 295 44.28 -32.84 2.53
N SER O 296 44.21 -33.70 3.54
CA SER O 296 45.34 -33.81 4.46
C SER O 296 46.51 -34.37 3.67
N LEU O 297 47.52 -33.55 3.47
CA LEU O 297 48.55 -33.81 2.48
C LEU O 297 49.48 -34.94 2.83
N GLY O 298 49.28 -35.64 3.92
CA GLY O 298 49.99 -36.89 4.09
C GLY O 298 49.64 -37.85 2.98
N SER O 299 50.47 -38.87 2.83
CA SER O 299 50.11 -39.96 1.94
C SER O 299 48.83 -40.63 2.39
N ASP O 300 48.49 -40.50 3.67
CA ASP O 300 47.10 -40.62 4.10
C ASP O 300 46.37 -39.36 3.69
N ALA O 301 45.52 -39.46 2.69
CA ALA O 301 44.81 -38.29 2.20
C ALA O 301 43.83 -37.76 3.23
N ASN O 302 42.96 -38.64 3.73
CA ASN O 302 41.86 -38.31 4.64
C ASN O 302 41.11 -37.05 4.22
N PRO O 303 40.50 -37.02 3.05
CA PRO O 303 39.72 -35.86 2.64
C PRO O 303 38.35 -35.85 3.28
N THR O 304 37.66 -34.74 3.05
CA THR O 304 36.31 -34.51 3.55
C THR O 304 35.54 -33.73 2.51
N ARG O 305 34.24 -34.00 2.44
CA ARG O 305 33.34 -33.28 1.57
C ARG O 305 32.05 -33.03 2.34
N GLN O 306 31.54 -31.82 2.28
CA GLN O 306 30.19 -31.58 2.76
C GLN O 306 29.68 -30.27 2.19
N TRP O 307 28.55 -30.33 1.49
CA TRP O 307 27.83 -29.13 1.15
C TRP O 307 27.40 -28.43 2.42
N ILE O 308 27.70 -27.15 2.53
CA ILE O 308 27.34 -26.34 3.67
C ILE O 308 26.46 -25.22 3.17
N GLU O 309 25.21 -25.22 3.60
CA GLU O 309 24.31 -24.10 3.45
C GLU O 309 23.92 -23.49 4.78
N ARG O 310 23.82 -24.29 5.79
CA ARG O 310 23.56 -23.80 7.12
C ARG O 310 24.87 -23.39 7.77
N PRO O 311 24.96 -22.20 8.36
CA PRO O 311 26.22 -21.80 9.00
C PRO O 311 26.60 -22.77 10.10
N THR O 312 27.89 -23.12 10.10
CA THR O 312 28.36 -24.22 10.93
C THR O 312 29.79 -23.97 11.34
N THR O 313 30.06 -24.11 12.63
CA THR O 313 31.41 -24.20 13.13
C THR O 313 31.88 -25.64 12.93
N VAL O 314 32.95 -25.81 12.16
CA VAL O 314 33.48 -27.12 11.82
C VAL O 314 34.86 -27.28 12.42
N ASN O 315 35.47 -28.43 12.18
CA ASN O 315 36.78 -28.73 12.73
C ASN O 315 37.56 -29.57 11.73
N PHE O 316 38.88 -29.46 11.81
CA PHE O 316 39.78 -30.17 10.91
C PHE O 316 41.04 -30.51 11.68
N THR O 317 41.27 -31.79 11.90
CA THR O 317 42.51 -32.23 12.53
C THR O 317 43.63 -32.04 11.54
N VAL O 318 44.27 -30.90 11.57
CA VAL O 318 45.42 -30.68 10.71
C VAL O 318 46.61 -31.43 11.27
N THR O 319 47.43 -31.93 10.38
CA THR O 319 48.61 -32.71 10.72
C THR O 319 49.83 -31.80 10.76
N GLY O 320 51.00 -32.42 10.85
CA GLY O 320 52.22 -31.65 10.92
C GLY O 320 52.58 -31.01 9.60
N GLU O 321 52.42 -31.75 8.50
CA GLU O 321 52.96 -31.29 7.22
C GLU O 321 52.06 -30.29 6.53
N GLY O 322 50.74 -30.41 6.67
CA GLY O 322 49.86 -29.39 6.16
C GLY O 322 48.50 -29.94 5.79
N LEU O 323 47.57 -29.00 5.59
CA LEU O 323 46.25 -29.26 5.06
C LEU O 323 45.91 -28.15 4.08
N GLU O 324 44.95 -28.41 3.19
CA GLU O 324 44.43 -27.37 2.33
C GLU O 324 42.91 -27.34 2.45
N TYR O 325 42.35 -26.21 2.02
CA TYR O 325 41.03 -25.78 2.42
C TYR O 325 40.39 -24.99 1.29
N THR O 326 39.16 -25.35 0.94
CA THR O 326 38.54 -24.92 -0.32
C THR O 326 37.14 -24.37 -0.07
N TRP O 327 37.07 -23.09 0.31
CA TRP O 327 35.80 -22.45 0.63
C TRP O 327 35.05 -22.15 -0.65
N GLY O 328 34.44 -23.17 -1.20
CA GLY O 328 33.76 -22.94 -2.46
C GLY O 328 34.79 -22.70 -3.54
N ASN O 329 34.32 -22.11 -4.64
CA ASN O 329 35.23 -21.76 -5.72
C ASN O 329 36.17 -20.62 -5.37
N HIS O 330 36.05 -20.05 -4.18
CA HIS O 330 37.16 -19.28 -3.62
C HIS O 330 38.41 -20.13 -3.68
N PRO O 331 39.59 -19.55 -3.92
CA PRO O 331 40.76 -20.37 -4.19
C PRO O 331 41.13 -21.25 -3.01
N PRO O 332 41.90 -22.31 -3.25
CA PRO O 332 42.28 -23.21 -2.16
C PRO O 332 43.30 -22.55 -1.25
N LYS O 333 43.05 -22.65 0.05
CA LYS O 333 43.99 -22.20 1.06
C LYS O 333 44.90 -23.36 1.45
N ARG O 334 45.87 -23.06 2.30
CA ARG O 334 46.84 -24.03 2.77
C ARG O 334 47.26 -23.57 4.15
N VAL O 335 47.73 -24.51 4.98
CA VAL O 335 47.98 -24.20 6.38
C VAL O 335 49.13 -25.02 6.96
N TRP O 336 50.11 -24.34 7.58
CA TRP O 336 51.09 -25.01 8.43
C TRP O 336 50.47 -25.10 9.81
N ALA O 337 50.27 -26.34 10.25
CA ALA O 337 49.99 -26.62 11.65
C ALA O 337 51.11 -27.53 12.11
N GLN O 338 52.18 -26.90 12.57
CA GLN O 338 53.09 -27.59 13.45
C GLN O 338 52.50 -27.52 14.84
N GLU O 339 53.32 -27.77 15.84
CA GLU O 339 52.91 -27.74 17.23
C GLU O 339 52.17 -26.47 17.61
N SER O 340 51.42 -26.54 18.68
CA SER O 340 51.16 -25.36 19.50
C SER O 340 51.06 -25.70 20.97
N GLY O 341 51.39 -26.92 21.38
CA GLY O 341 51.27 -27.40 22.73
C GLY O 341 52.51 -27.23 23.55
N GLU O 342 53.47 -26.45 23.06
CA GLU O 342 54.61 -25.97 23.83
C GLU O 342 55.63 -27.06 24.18
N ASP P 1 -24.24 -24.30 -29.63
CA ASP P 1 -25.29 -24.08 -28.61
C ASP P 1 -24.71 -23.44 -27.35
N LEU P 2 -24.36 -22.17 -27.47
CA LEU P 2 -24.05 -21.34 -26.31
C LEU P 2 -25.30 -20.76 -25.66
N ASP P 3 -26.48 -21.23 -26.06
CA ASP P 3 -27.75 -20.60 -25.73
C ASP P 3 -28.64 -21.56 -24.95
N THR P 4 -28.02 -22.38 -24.11
CA THR P 4 -28.70 -23.43 -23.35
C THR P 4 -28.58 -23.24 -21.85
N HIS P 5 -27.98 -22.15 -21.38
CA HIS P 5 -27.79 -21.88 -19.96
C HIS P 5 -28.16 -20.44 -19.67
N PHE P 6 -29.31 -20.02 -20.19
CA PHE P 6 -29.89 -18.76 -19.76
C PHE P 6 -30.47 -18.84 -18.36
N THR P 7 -30.43 -20.01 -17.73
CA THR P 7 -30.61 -20.11 -16.29
C THR P 7 -29.71 -19.10 -15.59
N GLN P 8 -28.40 -19.19 -15.80
CA GLN P 8 -27.48 -18.24 -15.20
C GLN P 8 -27.52 -16.91 -15.93
N TYR P 9 -27.35 -16.97 -17.26
CA TYR P 9 -26.96 -15.79 -18.02
C TYR P 9 -27.96 -14.65 -17.86
N LYS P 10 -29.23 -14.90 -18.21
CA LYS P 10 -30.24 -13.86 -18.10
C LYS P 10 -30.42 -13.41 -16.67
N LEU P 11 -30.32 -14.34 -15.73
CA LEU P 11 -30.87 -14.16 -14.40
C LEU P 11 -29.83 -13.83 -13.35
N ALA P 12 -28.55 -14.10 -13.63
CA ALA P 12 -27.45 -13.77 -12.73
C ALA P 12 -26.69 -12.55 -13.25
N ARG P 13 -26.12 -11.81 -12.32
CA ARG P 13 -25.37 -10.60 -12.60
C ARG P 13 -23.92 -10.77 -12.17
N PRO P 14 -23.00 -9.93 -12.68
CA PRO P 14 -21.61 -10.04 -12.21
C PRO P 14 -21.46 -9.51 -10.81
N TYR P 15 -21.32 -10.41 -9.84
CA TYR P 15 -21.29 -9.98 -8.46
C TYR P 15 -19.99 -9.27 -8.16
N ILE P 16 -20.01 -8.39 -7.15
CA ILE P 16 -18.82 -7.71 -6.67
C ILE P 16 -18.65 -7.95 -5.18
N ALA P 17 -17.44 -8.36 -4.79
CA ALA P 17 -17.12 -8.70 -3.42
C ALA P 17 -15.76 -8.11 -3.07
N ASP P 18 -15.25 -8.50 -1.91
CA ASP P 18 -14.06 -7.88 -1.33
C ASP P 18 -12.85 -8.77 -1.58
N CYS P 19 -12.07 -8.40 -2.58
CA CYS P 19 -10.83 -9.11 -2.86
C CYS P 19 -9.85 -8.88 -1.70
N PRO P 20 -9.04 -9.89 -1.34
CA PRO P 20 -8.24 -9.76 -0.11
C PRO P 20 -6.94 -8.98 -0.22
N ASN P 21 -6.24 -9.08 -1.34
CA ASN P 21 -4.96 -8.39 -1.53
C ASN P 21 -4.93 -7.81 -2.93
N CYS P 22 -5.94 -7.00 -3.22
CA CYS P 22 -6.28 -6.50 -4.54
C CYS P 22 -5.22 -5.52 -5.03
N GLY P 23 -4.04 -6.05 -5.35
CA GLY P 23 -2.93 -5.23 -5.79
C GLY P 23 -2.27 -4.56 -4.62
N HIS P 24 -2.92 -3.54 -4.06
CA HIS P 24 -2.45 -2.91 -2.84
C HIS P 24 -2.84 -3.76 -1.63
N SER P 25 -4.14 -3.87 -1.40
CA SER P 25 -4.71 -4.38 -0.19
C SER P 25 -6.15 -4.77 -0.50
N ARG P 26 -6.97 -4.91 0.51
CA ARG P 26 -8.35 -5.35 0.33
C ARG P 26 -9.17 -4.29 -0.38
N CYS P 27 -9.38 -4.47 -1.68
CA CYS P 27 -10.34 -3.65 -2.42
C CYS P 27 -11.67 -4.38 -2.45
N ASP P 28 -12.58 -3.89 -3.28
CA ASP P 28 -13.80 -4.61 -3.66
C ASP P 28 -13.74 -4.80 -5.17
N SER P 29 -13.22 -5.95 -5.59
CA SER P 29 -13.13 -6.23 -7.02
C SER P 29 -14.36 -6.98 -7.49
N PRO P 30 -14.86 -6.75 -8.70
CA PRO P 30 -15.88 -7.63 -9.26
C PRO P 30 -15.38 -9.04 -9.51
N ILE P 31 -14.08 -9.23 -9.62
CA ILE P 31 -13.50 -10.54 -9.92
C ILE P 31 -12.99 -11.18 -8.64
N ALA P 32 -13.60 -10.79 -7.52
CA ALA P 32 -13.20 -11.32 -6.22
C ALA P 32 -13.26 -12.84 -6.22
N ILE P 33 -12.14 -13.46 -5.88
CA ILE P 33 -11.94 -14.89 -6.05
C ILE P 33 -12.42 -15.60 -4.81
N GLU P 34 -13.38 -16.50 -5.00
CA GLU P 34 -13.79 -17.46 -4.00
C GLU P 34 -13.63 -18.85 -4.62
N GLU P 35 -13.69 -19.87 -3.77
CA GLU P 35 -13.74 -21.28 -4.17
C GLU P 35 -12.69 -21.62 -5.23
N VAL P 36 -11.45 -21.49 -4.82
CA VAL P 36 -10.35 -22.03 -5.59
C VAL P 36 -10.31 -23.52 -5.37
N ARG P 37 -10.13 -24.28 -6.46
CA ARG P 37 -10.18 -25.73 -6.42
C ARG P 37 -9.00 -26.31 -7.18
N GLY P 38 -7.88 -26.46 -6.48
CA GLY P 38 -6.70 -27.10 -7.03
C GLY P 38 -6.71 -28.56 -6.65
N ASP P 39 -7.86 -29.18 -6.87
CA ASP P 39 -8.14 -30.51 -6.37
C ASP P 39 -8.08 -31.57 -7.46
N ALA P 40 -8.04 -31.16 -8.73
CA ALA P 40 -7.89 -32.07 -9.84
C ALA P 40 -6.41 -32.36 -10.05
N HIS P 41 -6.07 -32.95 -11.19
CA HIS P 41 -4.74 -33.44 -11.48
C HIS P 41 -4.10 -32.83 -12.72
N ALA P 42 -4.89 -32.27 -13.64
CA ALA P 42 -4.44 -32.03 -15.00
C ALA P 42 -3.81 -30.68 -15.19
N GLY P 43 -3.20 -30.12 -14.16
CA GLY P 43 -2.73 -28.75 -14.26
C GLY P 43 -3.81 -27.71 -14.21
N VAL P 44 -5.05 -28.10 -13.88
CA VAL P 44 -6.22 -27.26 -14.05
C VAL P 44 -6.75 -26.82 -12.70
N ILE P 45 -7.28 -25.60 -12.66
CA ILE P 45 -8.07 -25.12 -11.54
C ILE P 45 -9.36 -24.55 -12.07
N ARG P 46 -10.45 -24.91 -11.41
CA ARG P 46 -11.73 -24.25 -11.58
C ARG P 46 -11.83 -23.15 -10.53
N ILE P 47 -12.18 -21.95 -10.97
CA ILE P 47 -12.24 -20.77 -10.12
C ILE P 47 -13.62 -20.16 -10.30
N GLN P 48 -14.08 -19.46 -9.26
CA GLN P 48 -15.21 -18.56 -9.38
C GLN P 48 -14.75 -17.14 -9.10
N THR P 49 -14.86 -16.29 -10.11
CA THR P 49 -14.94 -14.87 -9.89
C THR P 49 -16.34 -14.54 -9.41
N SER P 50 -16.44 -13.45 -8.66
CA SER P 50 -17.76 -12.88 -8.45
C SER P 50 -18.28 -12.22 -9.71
N ALA P 51 -17.41 -11.96 -10.68
CA ALA P 51 -17.83 -11.44 -11.96
C ALA P 51 -18.35 -12.56 -12.85
N MET P 52 -19.40 -12.25 -13.60
CA MET P 52 -20.07 -13.16 -14.51
C MET P 52 -19.68 -12.73 -15.91
N PHE P 53 -18.57 -13.28 -16.40
CA PHE P 53 -18.23 -13.15 -17.80
C PHE P 53 -18.97 -14.23 -18.57
N GLY P 54 -18.89 -14.18 -19.89
CA GLY P 54 -19.65 -15.08 -20.74
C GLY P 54 -20.35 -14.31 -21.83
N LEU P 55 -21.65 -14.56 -22.00
CA LEU P 55 -22.42 -13.69 -22.87
C LEU P 55 -22.42 -12.28 -22.29
N LYS P 56 -22.99 -11.36 -23.05
CA LYS P 56 -23.11 -9.99 -22.59
C LYS P 56 -24.24 -9.92 -21.58
N THR P 57 -24.68 -8.70 -21.25
CA THR P 57 -25.90 -8.53 -20.48
C THR P 57 -27.06 -9.28 -21.12
N ASP P 58 -27.12 -9.29 -22.46
CA ASP P 58 -28.33 -9.76 -23.13
C ASP P 58 -28.23 -11.16 -23.74
N GLY P 59 -27.40 -11.37 -24.78
CA GLY P 59 -27.53 -12.59 -25.54
C GLY P 59 -26.40 -13.20 -26.36
N VAL P 60 -25.18 -12.67 -26.38
CA VAL P 60 -24.23 -13.01 -27.43
C VAL P 60 -22.83 -13.29 -26.88
N ASP P 61 -22.19 -14.31 -27.45
CA ASP P 61 -20.73 -14.45 -27.44
C ASP P 61 -20.11 -14.63 -26.06
N LEU P 62 -20.08 -15.89 -25.60
CA LEU P 62 -19.33 -16.34 -24.44
C LEU P 62 -18.02 -15.60 -24.23
N ALA P 63 -17.30 -15.31 -25.31
CA ALA P 63 -15.98 -14.72 -25.21
C ALA P 63 -16.00 -13.21 -24.95
N TYR P 64 -17.12 -12.64 -24.50
CA TYR P 64 -17.16 -11.27 -24.02
C TYR P 64 -17.14 -11.28 -22.49
N MET P 65 -17.26 -10.10 -21.91
CA MET P 65 -16.74 -9.85 -20.57
C MET P 65 -17.63 -8.84 -19.87
N SER P 66 -18.41 -9.31 -18.90
CA SER P 66 -19.30 -8.48 -18.10
C SER P 66 -18.90 -8.57 -16.64
N PHE P 67 -18.26 -7.52 -16.12
CA PHE P 67 -18.09 -7.31 -14.69
C PHE P 67 -18.93 -6.12 -14.27
N MET P 68 -18.90 -5.84 -12.97
CA MET P 68 -19.61 -4.70 -12.40
C MET P 68 -18.66 -3.52 -12.28
N ASN P 69 -19.05 -2.40 -12.86
CA ASN P 69 -18.42 -1.11 -12.65
C ASN P 69 -19.52 -0.16 -12.20
N GLY P 70 -19.40 0.37 -10.99
CA GLY P 70 -20.48 1.11 -10.38
C GLY P 70 -21.49 0.13 -9.78
N LYS P 71 -22.73 0.57 -9.74
CA LYS P 71 -23.84 -0.36 -9.63
C LYS P 71 -24.05 -1.17 -10.91
N THR P 72 -23.38 -0.81 -11.99
CA THR P 72 -23.70 -1.24 -13.34
C THR P 72 -22.74 -2.32 -13.81
N GLN P 73 -23.20 -3.10 -14.78
CA GLN P 73 -22.36 -4.04 -15.48
C GLN P 73 -21.42 -3.31 -16.42
N LYS P 74 -20.56 -4.08 -17.09
CA LYS P 74 -19.85 -3.58 -18.27
C LYS P 74 -19.58 -4.78 -19.17
N SER P 75 -20.53 -5.06 -20.06
CA SER P 75 -20.52 -6.28 -20.88
C SER P 75 -19.77 -5.98 -22.16
N ILE P 76 -18.45 -6.22 -22.13
CA ILE P 76 -17.53 -5.87 -23.21
C ILE P 76 -16.56 -7.02 -23.41
N LYS P 77 -15.52 -6.81 -24.22
CA LYS P 77 -14.63 -7.88 -24.66
C LYS P 77 -13.67 -8.32 -23.56
N ILE P 78 -13.25 -9.59 -23.65
CA ILE P 78 -12.45 -10.30 -22.65
C ILE P 78 -10.95 -10.01 -22.80
N ASP P 79 -10.61 -9.00 -23.61
CA ASP P 79 -9.34 -8.91 -24.33
C ASP P 79 -8.09 -9.46 -23.65
N ASN P 80 -7.88 -9.17 -22.36
CA ASN P 80 -6.58 -9.41 -21.71
C ASN P 80 -6.77 -10.02 -20.33
N LEU P 81 -7.55 -11.08 -20.24
CA LEU P 81 -7.64 -11.85 -19.02
C LEU P 81 -6.27 -12.36 -18.60
N HIS P 82 -6.03 -12.42 -17.29
CA HIS P 82 -4.87 -13.12 -16.75
C HIS P 82 -5.25 -13.79 -15.43
N VAL P 83 -5.41 -15.10 -15.45
CA VAL P 83 -5.21 -15.91 -14.27
C VAL P 83 -3.72 -16.15 -14.14
N ARG P 84 -3.23 -16.21 -12.92
CA ARG P 84 -1.86 -16.64 -12.74
C ARG P 84 -1.62 -17.08 -11.31
N THR P 85 -0.49 -17.72 -11.13
CA THR P 85 -0.02 -18.29 -9.88
C THR P 85 1.47 -17.99 -9.87
N SER P 86 2.27 -18.83 -9.22
CA SER P 86 3.72 -18.79 -9.34
C SER P 86 4.20 -18.49 -10.75
N ALA P 87 3.52 -18.99 -11.76
CA ALA P 87 3.70 -18.59 -13.14
C ALA P 87 2.37 -18.17 -13.73
N PRO P 88 2.38 -17.54 -14.91
CA PRO P 88 1.12 -17.27 -15.60
C PRO P 88 0.44 -18.56 -16.04
N CYS P 89 -0.84 -18.66 -15.72
CA CYS P 89 -1.64 -19.82 -16.06
C CYS P 89 -2.03 -19.76 -17.53
N SER P 90 -2.78 -20.78 -17.94
CA SER P 90 -3.43 -20.81 -19.24
C SER P 90 -4.92 -20.97 -19.01
N LEU P 91 -5.70 -20.04 -19.54
CA LEU P 91 -7.14 -20.17 -19.56
C LEU P 91 -7.52 -21.48 -20.26
N VAL P 92 -8.62 -22.09 -19.80
CA VAL P 92 -9.22 -23.23 -20.46
C VAL P 92 -10.59 -22.88 -21.02
N SER P 93 -11.46 -22.35 -20.18
CA SER P 93 -12.77 -21.89 -20.63
C SER P 93 -13.46 -21.17 -19.49
N HIS P 94 -14.35 -20.26 -19.85
CA HIS P 94 -15.20 -19.58 -18.90
C HIS P 94 -16.67 -19.88 -19.20
N HIS P 95 -17.47 -19.91 -18.13
CA HIS P 95 -18.92 -20.02 -18.26
C HIS P 95 -19.54 -19.50 -16.98
N GLY P 96 -20.32 -18.43 -17.10
CA GLY P 96 -21.02 -17.90 -15.93
C GLY P 96 -20.09 -17.08 -15.08
N TYR P 97 -20.14 -17.31 -13.78
CA TYR P 97 -19.19 -16.72 -12.84
C TYR P 97 -17.83 -17.38 -12.88
N TYR P 98 -17.68 -18.44 -13.65
CA TYR P 98 -16.71 -19.48 -13.37
C TYR P 98 -15.75 -19.63 -14.54
N ILE P 99 -14.48 -19.82 -14.21
CA ILE P 99 -13.44 -20.01 -15.20
C ILE P 99 -12.66 -21.26 -14.86
N LEU P 100 -12.26 -21.99 -15.90
CA LEU P 100 -11.30 -23.08 -15.80
C LEU P 100 -10.01 -22.63 -16.47
N ALA P 101 -8.89 -22.93 -15.83
CA ALA P 101 -7.60 -22.48 -16.32
C ALA P 101 -6.55 -23.48 -15.93
N GLN P 102 -5.64 -23.75 -16.86
CA GLN P 102 -4.54 -24.66 -16.61
C GLN P 102 -3.41 -23.88 -15.94
N CYS P 103 -3.16 -24.20 -14.68
CA CYS P 103 -2.14 -23.53 -13.87
C CYS P 103 -1.06 -24.50 -13.45
N PRO P 104 0.14 -23.99 -13.15
CA PRO P 104 1.11 -24.79 -12.42
C PRO P 104 0.82 -24.72 -10.93
N PRO P 105 1.59 -25.44 -10.11
CA PRO P 105 1.47 -25.27 -8.67
C PRO P 105 1.80 -23.86 -8.25
N GLY P 106 1.24 -23.48 -7.11
CA GLY P 106 1.47 -22.16 -6.57
C GLY P 106 0.91 -22.03 -5.18
N ASP P 107 1.66 -21.34 -4.32
CA ASP P 107 1.19 -21.09 -2.98
C ASP P 107 -0.10 -20.29 -2.98
N THR P 108 -0.28 -19.44 -3.98
CA THR P 108 -1.42 -18.54 -4.08
C THR P 108 -2.16 -18.77 -5.40
N VAL P 109 -3.18 -17.94 -5.60
CA VAL P 109 -3.81 -17.79 -6.89
C VAL P 109 -4.05 -16.31 -7.10
N THR P 110 -3.82 -15.86 -8.33
CA THR P 110 -3.74 -14.44 -8.64
C THR P 110 -4.37 -14.22 -9.99
N VAL P 111 -5.50 -13.51 -10.01
CA VAL P 111 -6.36 -13.40 -11.17
C VAL P 111 -6.44 -11.94 -11.59
N GLY P 112 -6.70 -11.71 -12.87
CA GLY P 112 -6.91 -10.35 -13.32
C GLY P 112 -7.02 -10.18 -14.80
N PHE P 113 -7.93 -9.33 -15.23
CA PHE P 113 -8.03 -8.91 -16.61
C PHE P 113 -7.42 -7.53 -16.76
N HIS P 114 -7.63 -6.90 -17.90
CA HIS P 114 -7.25 -5.51 -18.12
C HIS P 114 -8.42 -4.85 -18.85
N ASP P 115 -9.16 -4.01 -18.13
CA ASP P 115 -10.23 -3.25 -18.74
C ASP P 115 -9.70 -2.38 -19.87
N GLY P 116 -8.48 -1.87 -19.72
CA GLY P 116 -7.87 -1.00 -20.70
C GLY P 116 -7.35 0.29 -20.10
N PRO P 117 -8.11 0.94 -19.21
CA PRO P 117 -7.54 2.06 -18.45
C PRO P 117 -6.78 1.62 -17.21
N ASN P 118 -7.01 0.41 -16.72
CA ASN P 118 -6.48 0.00 -15.43
C ASN P 118 -6.23 -1.49 -15.43
N ARG P 119 -5.30 -1.92 -14.58
CA ARG P 119 -4.99 -3.34 -14.47
C ARG P 119 -6.15 -4.07 -13.82
N HIS P 120 -6.49 -3.70 -12.59
CA HIS P 120 -7.77 -4.09 -11.99
C HIS P 120 -7.87 -5.61 -11.83
N THR P 121 -6.97 -6.13 -11.00
CA THR P 121 -6.77 -7.56 -10.80
C THR P 121 -7.32 -7.97 -9.44
N CYS P 122 -7.27 -9.27 -9.17
CA CYS P 122 -7.60 -9.77 -7.84
C CYS P 122 -6.82 -11.05 -7.54
N THR P 123 -6.44 -11.18 -6.29
CA THR P 123 -5.48 -12.17 -5.87
C THR P 123 -5.94 -12.78 -4.56
N VAL P 124 -5.43 -13.99 -4.26
CA VAL P 124 -5.95 -14.76 -3.15
C VAL P 124 -4.94 -15.82 -2.76
N ALA P 125 -5.02 -16.29 -1.53
CA ALA P 125 -4.27 -17.43 -1.07
C ALA P 125 -5.01 -18.72 -1.38
N HIS P 126 -4.28 -19.71 -1.87
CA HIS P 126 -4.77 -21.07 -1.94
C HIS P 126 -3.64 -22.03 -2.24
N LYS P 127 -3.53 -23.07 -1.41
CA LYS P 127 -2.52 -24.09 -1.63
C LYS P 127 -2.87 -24.88 -2.88
N VAL P 128 -1.98 -24.85 -3.86
CA VAL P 128 -2.18 -25.52 -5.13
C VAL P 128 -1.05 -26.52 -5.34
N GLU P 129 -1.40 -27.67 -5.91
CA GLU P 129 -0.42 -28.62 -6.40
C GLU P 129 -1.02 -29.32 -7.61
N PHE P 130 -0.15 -30.00 -8.35
CA PHE P 130 -0.60 -30.90 -9.40
C PHE P 130 0.26 -32.15 -9.39
N ARG P 131 -0.16 -33.10 -8.58
CA ARG P 131 0.22 -34.47 -8.80
C ARG P 131 -0.54 -35.00 -10.01
N PRO P 132 0.14 -35.58 -10.99
CA PRO P 132 -0.58 -36.44 -11.93
C PRO P 132 -0.90 -37.76 -11.27
N VAL P 133 -1.97 -38.38 -11.75
CA VAL P 133 -2.30 -39.71 -11.28
C VAL P 133 -1.28 -40.68 -11.81
N GLY P 134 -0.69 -41.44 -10.90
CA GLY P 134 0.37 -42.37 -11.23
C GLY P 134 1.37 -42.38 -10.10
N ARG P 135 2.18 -43.41 -10.08
CA ARG P 135 3.23 -43.53 -9.08
C ARG P 135 4.40 -42.61 -9.38
N GLU P 136 4.36 -41.84 -10.46
CA GLU P 136 5.34 -40.80 -10.72
C GLU P 136 4.83 -39.48 -10.16
N LYS P 137 5.66 -38.81 -9.39
CA LYS P 137 5.33 -37.52 -8.82
C LYS P 137 6.00 -36.42 -9.65
N TYR P 138 5.43 -36.20 -10.83
CA TYR P 138 5.88 -35.10 -11.66
C TYR P 138 5.52 -33.77 -11.02
N ARG P 139 5.90 -32.70 -11.72
CA ARG P 139 5.44 -31.36 -11.45
C ARG P 139 4.60 -30.81 -12.59
N HIS P 140 4.38 -31.58 -13.65
CA HIS P 140 3.82 -31.02 -14.87
C HIS P 140 3.46 -32.15 -15.83
N PRO P 141 2.41 -32.02 -16.66
CA PRO P 141 2.06 -33.10 -17.56
C PRO P 141 2.99 -33.17 -18.74
N PRO P 142 3.45 -34.35 -19.15
CA PRO P 142 4.31 -34.44 -20.33
C PRO P 142 3.51 -34.50 -21.63
N GLU P 143 4.23 -34.69 -22.73
CA GLU P 143 3.65 -34.88 -24.04
C GLU P 143 3.27 -36.32 -24.32
N HIS P 144 3.89 -37.27 -23.62
CA HIS P 144 3.75 -38.68 -23.93
C HIS P 144 3.52 -39.43 -22.64
N GLY P 145 3.59 -40.75 -22.70
CA GLY P 145 3.31 -41.61 -21.57
C GLY P 145 1.95 -42.25 -21.69
N VAL P 146 1.68 -43.11 -20.73
CA VAL P 146 0.44 -43.88 -20.72
C VAL P 146 -0.71 -42.96 -20.31
N GLU P 147 -1.91 -43.30 -20.75
CA GLU P 147 -3.14 -42.67 -20.28
C GLU P 147 -3.76 -43.53 -19.20
N LEU P 148 -4.30 -42.88 -18.18
CA LEU P 148 -4.89 -43.58 -17.05
C LEU P 148 -5.82 -42.63 -16.33
N PRO P 149 -6.72 -43.14 -15.49
CA PRO P 149 -7.91 -42.38 -15.12
C PRO P 149 -7.68 -41.23 -14.16
N CYS P 150 -7.42 -40.06 -14.69
CA CYS P 150 -7.26 -38.88 -13.86
C CYS P 150 -8.61 -38.23 -13.56
N ASN P 151 -8.56 -37.26 -12.64
CA ASN P 151 -9.67 -36.40 -12.32
C ASN P 151 -9.40 -35.01 -12.86
N ARG P 152 -10.41 -34.40 -13.46
CA ARG P 152 -10.19 -33.25 -14.31
C ARG P 152 -11.54 -32.64 -14.63
N TYR P 153 -11.51 -31.36 -14.96
CA TYR P 153 -12.71 -30.61 -15.32
C TYR P 153 -12.85 -30.49 -16.82
N THR P 154 -14.08 -30.24 -17.25
CA THR P 154 -14.40 -30.27 -18.66
C THR P 154 -14.05 -28.95 -19.33
N HIS P 155 -14.04 -28.98 -20.66
CA HIS P 155 -13.99 -27.75 -21.41
C HIS P 155 -15.35 -27.07 -21.50
N LYS P 156 -16.43 -27.82 -21.31
CA LYS P 156 -17.71 -27.46 -21.89
C LYS P 156 -18.64 -26.81 -20.86
N ARG P 157 -19.80 -26.43 -21.36
CA ARG P 157 -20.85 -25.73 -20.63
C ARG P 157 -22.12 -26.54 -20.49
N ALA P 158 -22.42 -27.41 -21.45
CA ALA P 158 -23.67 -28.16 -21.49
C ALA P 158 -23.62 -29.17 -20.34
N ASP P 159 -23.90 -28.66 -19.15
CA ASP P 159 -23.47 -29.29 -17.91
C ASP P 159 -24.51 -29.06 -16.84
N GLN P 160 -24.90 -30.14 -16.19
CA GLN P 160 -25.93 -30.11 -15.16
C GLN P 160 -25.58 -30.99 -13.97
N GLY P 161 -24.41 -31.66 -13.98
CA GLY P 161 -24.10 -32.67 -12.98
C GLY P 161 -24.21 -32.19 -11.54
N HIS P 162 -24.07 -30.89 -11.33
CA HIS P 162 -24.38 -30.28 -10.04
C HIS P 162 -24.96 -28.90 -10.28
N TYR P 163 -25.52 -28.34 -9.22
CA TYR P 163 -25.98 -26.97 -9.25
C TYR P 163 -25.84 -26.39 -7.86
N VAL P 164 -25.39 -25.15 -7.81
CA VAL P 164 -25.22 -24.43 -6.56
C VAL P 164 -26.37 -23.45 -6.42
N GLU P 165 -26.78 -23.22 -5.19
CA GLU P 165 -27.79 -22.20 -4.90
C GLU P 165 -27.29 -20.86 -5.35
N MET P 166 -28.11 -20.12 -6.08
CA MET P 166 -27.82 -18.74 -6.43
C MET P 166 -29.09 -17.90 -6.30
N HIS P 167 -29.38 -17.47 -5.09
CA HIS P 167 -30.51 -16.59 -4.83
C HIS P 167 -30.00 -15.15 -4.82
N GLN P 168 -30.83 -14.24 -4.31
CA GLN P 168 -30.73 -12.84 -4.63
C GLN P 168 -29.45 -12.25 -4.07
N PRO P 169 -29.13 -11.03 -4.46
CA PRO P 169 -28.22 -10.23 -3.65
C PRO P 169 -28.98 -9.56 -2.52
N GLY P 170 -28.25 -9.31 -1.44
CA GLY P 170 -28.68 -8.32 -0.50
C GLY P 170 -28.48 -6.95 -1.10
N LEU P 171 -28.70 -5.94 -0.27
CA LEU P 171 -28.43 -4.58 -0.70
C LEU P 171 -26.94 -4.40 -0.94
N VAL P 172 -26.58 -3.21 -1.43
CA VAL P 172 -25.20 -2.79 -1.51
C VAL P 172 -25.15 -1.30 -1.21
N ALA P 173 -23.97 -0.85 -0.79
CA ALA P 173 -23.76 0.56 -0.54
C ALA P 173 -23.57 1.29 -1.86
N ASP P 174 -24.06 2.52 -1.94
CA ASP P 174 -23.68 3.40 -3.03
C ASP P 174 -23.90 4.84 -2.56
N HIS P 175 -22.84 5.44 -2.04
CA HIS P 175 -22.92 6.82 -1.57
C HIS P 175 -22.77 7.84 -2.66
N SER P 176 -22.58 7.39 -3.91
CA SER P 176 -22.78 8.30 -5.04
C SER P 176 -24.22 8.78 -5.09
N LEU P 177 -25.15 7.97 -4.58
CA LEU P 177 -26.54 8.39 -4.48
C LEU P 177 -26.69 9.62 -3.60
N LEU P 178 -26.17 9.55 -2.39
CA LEU P 178 -26.46 10.54 -1.36
C LEU P 178 -25.75 11.85 -1.70
N SER P 179 -26.32 12.56 -2.65
CA SER P 179 -25.86 13.91 -2.98
C SER P 179 -26.44 14.88 -1.95
N ILE P 180 -26.39 16.17 -2.23
CA ILE P 180 -26.89 17.21 -1.34
C ILE P 180 -27.91 18.05 -2.11
N HIS P 181 -29.06 18.29 -1.48
CA HIS P 181 -30.10 19.20 -2.00
C HIS P 181 -29.86 20.63 -1.51
N SER P 182 -28.62 21.09 -1.66
CA SER P 182 -28.15 22.44 -1.36
C SER P 182 -28.15 22.81 0.13
N ALA P 183 -28.90 22.09 0.96
CA ALA P 183 -28.66 22.03 2.40
C ALA P 183 -28.89 20.66 3.00
N LYS P 184 -29.63 19.78 2.33
CA LYS P 184 -30.05 18.49 2.85
C LYS P 184 -29.41 17.40 2.02
N VAL P 185 -29.22 16.24 2.62
CA VAL P 185 -28.62 15.13 1.90
C VAL P 185 -29.68 14.48 1.02
N LYS P 186 -29.31 14.27 -0.24
CA LYS P 186 -30.23 13.97 -1.32
C LYS P 186 -29.90 12.60 -1.88
N ILE P 187 -30.81 11.67 -1.72
CA ILE P 187 -30.68 10.34 -2.31
C ILE P 187 -31.35 10.37 -3.68
N THR P 188 -30.88 9.49 -4.56
CA THR P 188 -31.52 9.27 -5.85
C THR P 188 -31.71 7.77 -6.06
N VAL P 189 -32.08 7.37 -7.28
CA VAL P 189 -32.34 5.96 -7.58
C VAL P 189 -31.71 5.61 -8.91
N PRO P 190 -31.31 4.33 -9.09
CA PRO P 190 -30.76 3.92 -10.39
C PRO P 190 -31.73 4.07 -11.55
N SER P 191 -32.83 3.32 -11.48
CA SER P 191 -33.80 3.22 -12.57
C SER P 191 -35.21 3.10 -12.02
N GLY P 192 -35.44 3.63 -10.81
CA GLY P 192 -36.57 3.25 -10.01
C GLY P 192 -36.31 2.09 -9.09
N ALA P 193 -35.04 1.70 -8.90
CA ALA P 193 -34.73 0.62 -7.99
C ALA P 193 -35.10 1.01 -6.56
N GLN P 194 -35.00 0.03 -5.67
CA GLN P 194 -35.54 0.13 -4.33
C GLN P 194 -34.41 0.52 -3.38
N VAL P 195 -34.46 1.77 -2.90
CA VAL P 195 -33.40 2.35 -2.10
C VAL P 195 -33.88 2.44 -0.66
N LYS P 196 -33.13 1.80 0.23
CA LYS P 196 -33.55 1.55 1.61
C LYS P 196 -32.87 2.58 2.50
N TYR P 197 -33.66 3.50 3.07
CA TYR P 197 -33.12 4.79 3.49
C TYR P 197 -33.69 5.30 4.83
N TYR P 198 -32.82 5.95 5.61
CA TYR P 198 -33.05 6.73 6.84
C TYR P 198 -31.65 7.20 7.23
N CYS P 199 -31.58 8.09 8.22
CA CYS P 199 -30.30 8.58 8.71
C CYS P 199 -30.30 8.41 10.22
N LYS P 200 -29.17 8.71 10.86
CA LYS P 200 -29.11 8.59 12.32
C LYS P 200 -30.17 9.45 12.97
N CYS P 201 -30.45 10.63 12.39
CA CYS P 201 -31.50 11.47 12.87
C CYS P 201 -32.84 10.80 12.55
N PRO P 202 -33.96 11.34 13.04
CA PRO P 202 -35.28 10.86 12.59
C PRO P 202 -35.81 11.52 11.30
N ASP P 203 -35.91 10.74 10.23
CA ASP P 203 -36.53 11.10 8.96
C ASP P 203 -37.16 9.82 8.38
N VAL P 204 -37.35 9.76 7.05
CA VAL P 204 -37.99 8.60 6.38
C VAL P 204 -37.27 7.31 6.79
N ARG P 205 -38.03 6.32 7.26
CA ARG P 205 -37.44 5.19 7.98
C ARG P 205 -37.26 3.91 7.18
N GLU P 206 -38.06 3.64 6.14
CA GLU P 206 -37.78 2.48 5.30
C GLU P 206 -36.98 2.87 4.07
N GLY P 207 -37.63 3.60 3.17
CA GLY P 207 -37.08 3.91 1.87
C GLY P 207 -37.49 2.83 0.91
N ILE P 208 -38.60 3.03 0.20
CA ILE P 208 -38.93 2.26 -0.99
C ILE P 208 -39.49 3.30 -1.95
N THR P 209 -38.62 3.92 -2.74
CA THR P 209 -38.95 5.24 -3.27
C THR P 209 -38.23 5.49 -4.59
N SER P 210 -38.66 6.57 -5.24
CA SER P 210 -37.85 7.28 -6.22
C SER P 210 -36.88 8.17 -5.46
N SER P 211 -36.26 9.12 -6.15
CA SER P 211 -35.32 10.03 -5.51
C SER P 211 -35.98 10.83 -4.40
N ASP P 212 -35.60 10.54 -3.16
CA ASP P 212 -36.05 11.29 -2.00
C ASP P 212 -35.02 12.35 -1.63
N HIS P 213 -35.46 13.26 -0.78
CA HIS P 213 -34.60 14.15 -0.04
C HIS P 213 -34.50 13.64 1.40
N THR P 214 -33.91 14.44 2.27
CA THR P 214 -33.80 14.11 3.69
C THR P 214 -34.09 15.38 4.48
N THR P 215 -35.25 15.43 5.12
CA THR P 215 -35.59 16.61 5.89
C THR P 215 -34.62 16.82 7.04
N THR P 216 -34.31 15.77 7.80
CA THR P 216 -33.68 15.95 9.11
C THR P 216 -32.15 16.04 9.03
N CYS P 217 -31.49 14.94 8.69
CA CYS P 217 -30.04 14.94 8.70
C CYS P 217 -29.49 15.70 7.50
N THR P 218 -28.21 16.02 7.57
CA THR P 218 -27.48 16.77 6.56
C THR P 218 -26.26 16.05 6.05
N ASP P 219 -25.55 15.34 6.93
CA ASP P 219 -24.29 14.74 6.56
C ASP P 219 -24.52 13.47 5.77
N VAL P 220 -23.77 13.33 4.68
CA VAL P 220 -23.80 12.11 3.88
C VAL P 220 -23.37 10.91 4.71
N LYS P 221 -22.53 11.13 5.72
CA LYS P 221 -21.87 10.06 6.44
C LYS P 221 -22.71 9.48 7.57
N GLN P 222 -24.01 9.76 7.60
CA GLN P 222 -24.88 9.24 8.66
C GLN P 222 -26.19 8.78 8.09
N CYS P 223 -26.16 8.18 6.90
CA CYS P 223 -27.37 7.83 6.16
C CYS P 223 -27.21 6.49 5.48
N ARG P 224 -28.36 5.95 5.04
CA ARG P 224 -28.47 4.58 4.53
C ARG P 224 -28.54 4.63 3.02
N ALA P 225 -27.37 4.61 2.37
CA ALA P 225 -27.29 4.51 0.92
C ALA P 225 -27.33 3.04 0.54
N TYR P 226 -28.51 2.55 0.18
CA TYR P 226 -28.74 1.13 -0.07
C TYR P 226 -29.36 0.95 -1.44
N LEU P 227 -29.15 -0.25 -2.00
CA LEU P 227 -29.67 -0.62 -3.32
C LEU P 227 -30.24 -2.03 -3.22
N ILE P 228 -31.53 -2.13 -2.91
CA ILE P 228 -32.27 -3.37 -3.12
C ILE P 228 -32.59 -3.41 -4.60
N ASP P 229 -31.77 -4.12 -5.37
CA ASP P 229 -31.83 -4.15 -6.82
C ASP P 229 -31.92 -5.59 -7.30
N ASN P 230 -32.85 -6.33 -6.71
CA ASN P 230 -32.92 -7.77 -6.91
C ASN P 230 -33.70 -8.13 -8.17
N LYS P 231 -33.33 -7.53 -9.29
CA LYS P 231 -33.81 -7.97 -10.59
C LYS P 231 -32.96 -9.08 -11.17
N LYS P 232 -31.76 -9.29 -10.63
CA LYS P 232 -30.89 -10.37 -11.06
C LYS P 232 -30.23 -10.99 -9.84
N TRP P 233 -30.30 -12.31 -9.75
CA TRP P 233 -29.75 -13.02 -8.61
C TRP P 233 -28.22 -13.00 -8.66
N VAL P 234 -27.59 -13.63 -7.67
CA VAL P 234 -26.13 -13.66 -7.57
C VAL P 234 -25.68 -15.05 -7.11
N TYR P 235 -24.36 -15.23 -7.14
CA TYR P 235 -23.76 -16.32 -6.40
C TYR P 235 -23.79 -16.01 -4.93
N ASN P 236 -23.92 -17.06 -4.13
CA ASN P 236 -24.07 -16.92 -2.69
C ASN P 236 -22.69 -16.95 -2.04
N SER P 237 -21.92 -15.94 -2.40
CA SER P 237 -20.57 -15.77 -1.86
C SER P 237 -20.64 -15.56 -0.36
N GLY P 238 -19.60 -16.02 0.34
CA GLY P 238 -19.42 -15.63 1.71
C GLY P 238 -19.22 -14.13 1.84
N ARG P 239 -18.71 -13.49 0.80
CA ARG P 239 -18.50 -12.06 0.80
C ARG P 239 -19.70 -11.31 0.24
N LEU P 240 -20.90 -11.87 0.40
CA LEU P 240 -22.17 -11.27 0.10
C LEU P 240 -22.90 -10.92 1.39
N PRO P 241 -23.55 -9.76 1.49
CA PRO P 241 -24.53 -9.57 2.55
C PRO P 241 -25.86 -10.19 2.17
N ARG P 242 -26.47 -10.88 3.13
CA ARG P 242 -27.72 -11.57 2.90
C ARG P 242 -28.80 -10.60 2.42
N GLY P 243 -29.60 -11.06 1.46
CA GLY P 243 -30.86 -10.43 1.20
C GLY P 243 -31.84 -10.89 2.24
N GLU P 244 -32.11 -10.02 3.21
CA GLU P 244 -32.74 -10.42 4.45
C GLU P 244 -34.16 -10.93 4.25
N GLY P 245 -34.79 -10.60 3.12
CA GLY P 245 -36.20 -10.88 2.99
C GLY P 245 -36.52 -12.36 2.91
N ASP P 246 -35.77 -13.09 2.09
CA ASP P 246 -36.23 -14.40 1.67
C ASP P 246 -35.10 -15.16 0.99
N THR P 247 -35.24 -16.48 0.97
CA THR P 247 -34.51 -17.35 0.06
C THR P 247 -35.23 -17.37 -1.28
N PHE P 248 -34.97 -16.36 -2.11
CA PHE P 248 -35.52 -16.42 -3.46
C PHE P 248 -34.96 -17.61 -4.22
N LYS P 249 -35.64 -17.94 -5.33
CA LYS P 249 -35.25 -18.98 -6.27
C LYS P 249 -33.97 -18.54 -6.99
N GLY P 250 -33.52 -19.37 -7.92
CA GLY P 250 -32.27 -19.20 -8.63
C GLY P 250 -31.29 -20.34 -8.43
N LYS P 251 -31.80 -21.56 -8.33
CA LYS P 251 -30.94 -22.73 -8.43
C LYS P 251 -30.27 -22.75 -9.79
N LEU P 252 -28.95 -22.81 -9.80
CA LEU P 252 -28.18 -22.62 -11.01
C LEU P 252 -26.99 -23.58 -11.06
N HIS P 253 -26.79 -24.15 -12.24
CA HIS P 253 -25.86 -25.25 -12.44
C HIS P 253 -24.42 -24.84 -12.18
N VAL P 254 -23.54 -25.81 -12.26
CA VAL P 254 -22.11 -25.58 -12.41
C VAL P 254 -21.70 -26.11 -13.77
N PRO P 255 -20.95 -25.36 -14.58
CA PRO P 255 -20.39 -25.93 -15.81
C PRO P 255 -19.34 -26.99 -15.59
N PHE P 256 -18.30 -26.60 -14.85
CA PHE P 256 -17.06 -27.35 -14.84
C PHE P 256 -17.16 -28.43 -13.78
N VAL P 257 -17.82 -29.51 -14.17
CA VAL P 257 -17.97 -30.68 -13.31
C VAL P 257 -16.62 -31.38 -13.32
N PRO P 258 -16.19 -32.00 -12.22
CA PRO P 258 -15.03 -32.89 -12.30
C PRO P 258 -15.43 -34.19 -12.96
N VAL P 259 -14.70 -34.56 -14.02
CA VAL P 259 -15.03 -35.70 -14.84
C VAL P 259 -13.85 -36.66 -14.87
N LYS P 260 -14.13 -37.88 -15.32
CA LYS P 260 -13.16 -38.96 -15.35
C LYS P 260 -12.47 -38.98 -16.70
N ALA P 261 -11.78 -37.89 -16.98
CA ALA P 261 -10.90 -37.86 -18.13
C ALA P 261 -9.72 -38.77 -17.88
N LYS P 262 -9.21 -39.35 -18.96
CA LYS P 262 -7.92 -40.02 -18.94
C LYS P 262 -6.92 -38.98 -19.36
N CYS P 263 -6.24 -38.37 -18.40
CA CYS P 263 -5.19 -37.43 -18.73
C CYS P 263 -4.13 -38.13 -19.56
N ILE P 264 -3.65 -37.43 -20.58
CA ILE P 264 -2.32 -37.72 -21.07
C ILE P 264 -1.43 -37.64 -19.85
N ALA P 265 -0.63 -38.67 -19.60
CA ALA P 265 -0.14 -38.84 -18.24
C ALA P 265 1.28 -39.37 -18.24
N THR P 266 1.71 -39.78 -17.05
CA THR P 266 3.10 -39.93 -16.72
C THR P 266 3.64 -41.25 -17.23
N LEU P 267 4.95 -41.38 -17.16
CA LEU P 267 5.65 -42.60 -17.49
C LEU P 267 7.08 -42.39 -17.06
N ALA P 268 7.64 -43.34 -16.38
CA ALA P 268 9.00 -43.26 -15.90
C ALA P 268 9.92 -44.11 -16.77
N PRO P 269 11.17 -43.69 -16.99
CA PRO P 269 12.06 -44.45 -17.88
C PRO P 269 12.23 -45.89 -17.43
N GLU P 270 12.43 -46.76 -18.42
CA GLU P 270 12.43 -48.18 -18.15
C GLU P 270 13.57 -48.54 -17.20
N PRO P 271 13.43 -49.62 -16.44
CA PRO P 271 14.51 -50.05 -15.56
C PRO P 271 15.59 -50.81 -16.31
N LEU P 272 16.71 -50.98 -15.63
CA LEU P 272 17.80 -51.83 -16.10
C LEU P 272 17.75 -53.10 -15.27
N VAL P 273 17.23 -54.15 -15.87
CA VAL P 273 17.12 -55.41 -15.16
C VAL P 273 18.48 -56.09 -15.18
N GLU P 274 18.88 -56.58 -14.01
CA GLU P 274 20.14 -57.27 -13.84
C GLU P 274 19.88 -58.51 -13.01
N HIS P 275 20.39 -59.64 -13.47
CA HIS P 275 20.20 -60.89 -12.80
C HIS P 275 21.20 -61.09 -11.68
N LYS P 276 20.74 -61.70 -10.59
CA LYS P 276 21.59 -62.39 -9.65
C LYS P 276 20.82 -63.59 -9.12
N HIS P 277 21.47 -64.35 -8.25
CA HIS P 277 20.90 -65.55 -7.67
C HIS P 277 19.72 -65.20 -6.77
N ARG P 278 18.52 -65.43 -7.28
CA ARG P 278 17.28 -65.15 -6.55
C ARG P 278 17.25 -63.70 -6.08
N THR P 279 17.82 -62.81 -6.88
CA THR P 279 17.98 -61.42 -6.48
C THR P 279 17.99 -60.57 -7.73
N LEU P 280 17.17 -59.52 -7.72
CA LEU P 280 17.17 -58.51 -8.77
C LEU P 280 17.99 -57.33 -8.30
N ILE P 281 19.21 -57.21 -8.79
CA ILE P 281 19.83 -55.90 -8.83
C ILE P 281 19.13 -55.12 -9.91
N LEU P 282 18.86 -53.86 -9.61
CA LEU P 282 18.20 -52.97 -10.56
C LEU P 282 18.88 -51.62 -10.44
N HIS P 283 19.82 -51.35 -11.34
CA HIS P 283 20.26 -49.99 -11.53
C HIS P 283 19.12 -49.19 -12.12
N LEU P 284 18.78 -48.08 -11.48
CA LEU P 284 17.54 -47.39 -11.79
C LEU P 284 17.78 -45.90 -11.81
N HIS P 285 17.04 -45.24 -12.68
CA HIS P 285 17.36 -43.88 -13.08
C HIS P 285 16.11 -43.18 -13.59
N PRO P 286 15.33 -42.58 -12.72
CA PRO P 286 14.07 -41.97 -13.14
C PRO P 286 14.21 -40.54 -13.64
N ASP P 287 13.09 -40.00 -14.12
CA ASP P 287 12.96 -38.60 -14.47
C ASP P 287 12.53 -37.77 -13.28
N HIS P 288 11.64 -38.31 -12.47
CA HIS P 288 11.00 -37.60 -11.38
C HIS P 288 10.82 -38.58 -10.22
N PRO P 289 10.40 -38.12 -9.05
CA PRO P 289 10.19 -39.05 -7.95
C PRO P 289 9.12 -40.08 -8.30
N THR P 290 9.54 -41.34 -8.30
CA THR P 290 8.72 -42.47 -8.70
C THR P 290 8.51 -43.38 -7.51
N LEU P 291 7.24 -43.67 -7.19
CA LEU P 291 6.95 -44.63 -6.14
C LEU P 291 7.07 -46.02 -6.72
N LEU P 292 8.15 -46.70 -6.36
CA LEU P 292 8.30 -48.10 -6.67
C LEU P 292 7.71 -48.94 -5.56
N THR P 293 7.19 -50.11 -5.93
CA THR P 293 6.75 -51.05 -4.93
C THR P 293 6.57 -52.42 -5.53
N THR P 294 6.55 -53.43 -4.64
CA THR P 294 6.58 -54.82 -5.03
C THR P 294 5.67 -55.63 -4.12
N ARG P 295 5.54 -56.93 -4.44
CA ARG P 295 4.73 -57.85 -3.67
C ARG P 295 5.33 -59.24 -3.79
N SER P 296 6.11 -59.65 -2.80
CA SER P 296 6.61 -61.02 -2.83
C SER P 296 5.41 -61.95 -2.65
N LEU P 297 5.09 -62.69 -3.71
CA LEU P 297 3.81 -63.35 -3.84
C LEU P 297 3.62 -64.51 -2.91
N GLY P 298 4.56 -64.83 -2.03
CA GLY P 298 4.25 -65.74 -0.97
C GLY P 298 3.12 -65.22 -0.12
N SER P 299 2.51 -66.11 0.65
CA SER P 299 1.56 -65.67 1.65
C SER P 299 2.22 -64.73 2.65
N ASP P 300 3.55 -64.82 2.79
CA ASP P 300 4.34 -63.71 3.29
C ASP P 300 4.44 -62.68 2.18
N ALA P 301 3.73 -61.57 2.33
CA ALA P 301 3.72 -60.55 1.30
C ALA P 301 5.09 -59.90 1.16
N ASN P 302 5.63 -59.41 2.27
CA ASN P 302 6.87 -58.64 2.34
C ASN P 302 6.98 -57.59 1.23
N PRO P 303 6.07 -56.62 1.19
CA PRO P 303 6.15 -55.57 0.18
C PRO P 303 7.16 -54.50 0.58
N THR P 304 7.38 -53.59 -0.37
CA THR P 304 8.29 -52.48 -0.20
C THR P 304 7.71 -51.28 -0.92
N ARG P 305 7.97 -50.10 -0.38
CA ARG P 305 7.59 -48.85 -1.00
C ARG P 305 8.74 -47.88 -0.82
N GLN P 306 9.09 -47.17 -1.89
CA GLN P 306 9.98 -46.03 -1.74
C GLN P 306 9.87 -45.15 -2.98
N TRP P 307 9.54 -43.88 -2.75
CA TRP P 307 9.69 -42.89 -3.79
C TRP P 307 11.15 -42.79 -4.19
N ILE P 308 11.42 -42.89 -5.47
CA ILE P 308 12.76 -42.79 -6.01
C ILE P 308 12.78 -41.63 -6.96
N GLU P 309 13.55 -40.61 -6.60
CA GLU P 309 13.92 -39.53 -7.50
C GLU P 309 15.40 -39.51 -7.81
N ARG P 310 16.20 -39.89 -6.88
CA ARG P 310 17.62 -40.00 -7.10
C ARG P 310 17.93 -41.36 -7.70
N PRO P 311 18.69 -41.44 -8.79
CA PRO P 311 19.00 -42.75 -9.36
C PRO P 311 19.71 -43.65 -8.37
N THR P 312 19.27 -44.89 -8.33
CA THR P 312 19.67 -45.79 -7.26
C THR P 312 19.68 -47.23 -7.76
N THR P 313 20.78 -47.92 -7.51
CA THR P 313 20.82 -49.35 -7.66
C THR P 313 20.20 -49.98 -6.42
N VAL P 314 19.12 -50.73 -6.61
CA VAL P 314 18.38 -51.34 -5.51
C VAL P 314 18.49 -52.85 -5.59
N ASN P 315 17.85 -53.53 -4.65
CA ASN P 315 17.91 -54.98 -4.59
C ASN P 315 16.57 -55.51 -4.09
N PHE P 316 16.28 -56.74 -4.50
CA PHE P 316 15.03 -57.39 -4.14
C PHE P 316 15.30 -58.88 -4.00
N THR P 317 15.17 -59.39 -2.78
CA THR P 317 15.30 -60.82 -2.56
C THR P 317 14.08 -61.50 -3.12
N VAL P 318 14.16 -61.91 -4.37
CA VAL P 318 13.06 -62.65 -4.98
C VAL P 318 13.08 -64.06 -4.44
N THR P 319 11.89 -64.62 -4.28
CA THR P 319 11.69 -65.95 -3.75
C THR P 319 11.56 -66.94 -4.89
N GLY P 320 11.17 -68.16 -4.56
CA GLY P 320 11.04 -69.19 -5.57
C GLY P 320 9.83 -68.97 -6.45
N GLU P 321 8.70 -68.58 -5.85
CA GLU P 321 7.45 -68.58 -6.59
C GLU P 321 7.28 -67.34 -7.46
N GLY P 322 7.77 -66.19 -7.01
CA GLY P 322 7.77 -65.03 -7.87
C GLY P 322 7.71 -63.74 -7.09
N LEU P 323 7.99 -62.65 -7.81
CA LEU P 323 7.84 -61.29 -7.32
C LEU P 323 7.25 -60.46 -8.45
N GLU P 324 6.66 -59.33 -8.11
CA GLU P 324 6.22 -58.37 -9.12
C GLU P 324 6.79 -56.99 -8.78
N TYR P 325 6.79 -56.14 -9.80
CA TYR P 325 7.66 -54.98 -9.86
C TYR P 325 6.95 -53.88 -10.63
N THR P 326 6.91 -52.68 -10.05
CA THR P 326 6.02 -51.60 -10.50
C THR P 326 6.77 -50.30 -10.68
N TRP P 327 7.41 -50.14 -11.84
CA TRP P 327 8.22 -48.96 -12.11
C TRP P 327 7.30 -47.78 -12.42
N GLY P 328 6.77 -47.21 -11.37
CA GLY P 328 5.85 -46.13 -11.61
C GLY P 328 4.58 -46.68 -12.23
N ASN P 329 3.82 -45.78 -12.86
CA ASN P 329 2.62 -46.20 -13.55
C ASN P 329 2.90 -46.99 -14.81
N HIS P 330 4.16 -47.19 -15.17
CA HIS P 330 4.51 -48.25 -16.09
C HIS P 330 3.91 -49.56 -15.57
N PRO P 331 3.45 -50.47 -16.42
CA PRO P 331 2.68 -51.60 -15.94
C PRO P 331 3.49 -52.48 -15.01
N PRO P 332 2.82 -53.30 -14.20
CA PRO P 332 3.55 -54.16 -13.27
C PRO P 332 4.22 -55.31 -14.00
N LYS P 333 5.49 -55.52 -13.67
CA LYS P 333 6.24 -56.65 -14.16
C LYS P 333 6.10 -57.83 -13.21
N ARG P 334 6.66 -58.96 -13.61
CA ARG P 334 6.62 -60.18 -12.83
C ARG P 334 7.88 -60.95 -13.16
N VAL P 335 8.31 -61.83 -12.25
CA VAL P 335 9.61 -62.48 -12.41
C VAL P 335 9.63 -63.88 -11.79
N TRP P 336 10.06 -64.87 -12.59
CA TRP P 336 10.43 -66.18 -12.06
C TRP P 336 11.87 -66.08 -11.62
N ALA P 337 12.09 -66.25 -10.33
CA ALA P 337 13.42 -66.50 -9.79
C ALA P 337 13.33 -67.85 -9.11
N GLN P 338 13.57 -68.89 -9.89
CA GLN P 338 13.98 -70.15 -9.32
C GLN P 338 15.46 -70.05 -9.06
N GLU P 339 16.11 -71.18 -8.86
CA GLU P 339 17.53 -71.26 -8.60
C GLU P 339 18.36 -70.48 -9.60
N SER P 340 19.57 -70.15 -9.21
CA SER P 340 20.65 -69.99 -10.18
C SER P 340 21.98 -70.44 -9.61
N GLY P 341 22.01 -71.10 -8.45
CA GLY P 341 23.21 -71.51 -7.77
C GLY P 341 23.64 -72.91 -8.10
N GLU P 342 23.06 -73.51 -9.14
CA GLU P 342 23.54 -74.74 -9.76
C GLU P 342 23.34 -75.98 -8.89
#